data_6O7U
#
_entry.id   6O7U
#
_cell.length_a   1.0
_cell.length_b   1.0
_cell.length_c   1.0
_cell.angle_alpha   90.00
_cell.angle_beta   90.00
_cell.angle_gamma   90.00
#
_symmetry.space_group_name_H-M   'P 1'
#
loop_
_entity.id
_entity.type
_entity.pdbx_description
1 polymer 'V-type proton ATPase subunit a, Golgi isoform'
2 polymer 'V0 assembly protein 1'
3 polymer "V-type proton ATPase subunit c''"
4 polymer 'V-type proton ATPase subunit d'
5 polymer 'V-type proton ATPase subunit e'
6 polymer 'Putative protein YPR170W-B'
7 polymer 'V-type proton ATPase subunit c'
8 polymer "V-type proton ATPase subunit c'"
#
loop_
_entity_poly.entity_id
_entity_poly.type
_entity_poly.pdbx_seq_one_letter_code
_entity_poly.pdbx_strand_id
1 'polypeptide(L)'
;MNQEEAIFRSADMTYVQLYIPLEVIREVTFLLGKMSVFMVMDLNKDLTAFQRGYVNQLRRFDEVERMVGFLNEVVEKHAA
ETWKYILHIDDEGNDIAQPDMADLINTMEPLSLENVNDMVKEITDCESRARQLDESLDSLRSKLNDLLEQRQVIFECSKF
IEVNPGIAGRATNPEIEQEERDVDEFRMTPDDISETLSDAFSFDDETPQDRGALGNDLTRNQSVEDLSFLEQGYQHRYMI
TGSIRRTKVDILNRILWRLLRGNLIFQNFPIEEPLLEGKEKVEKDCFIIFTHGETLLKKVKRVIDSLNGKIVSLNTRSSE
LVDTLNRQIDDLQRILDTTEQTLHTELLVIHDQLPVWSAMTKREKYVYTTLNKFQQESQGLIAEGWVPSTELIHLQDSLK
DYIETLGSEYSTVFNVILTNKLPPTYHRTNKFTQAFQSIVDAYGIATYKEINAGLATVVTFPFMFAIMFGDMGHGFILFL
MALFLVLNERKFGAMHRDEIFDMAFTGRYVLLLMGAFSVYTGLLYNDIFSKSMTIFKSGWQWPSTFRKGESIEAKKTGVY
PFGLDFAWHGTDNGLLFSNSYKMKLSILMGYAHMTYSFMFSYINYRAKNSKVDIIGNFIPGLVFMQSIFGYLSWAIVYKW
SKDWIKDDKPAPGLLNMLINMFLAPGTIDDQLYSGQAKLQVVLLLAALVCVPWLLLYKPLTLRRLNKNGGGGRPHGYQSV
GNIEHEEQIAQQRHSAEGFQGMIISDVASVADSINESVGGGEQGPFNFGDVMIHQVIHTIEFCLNCISHTASYLRLWALS
LAHAQLSSVLWDMTISNAFSSKNSGSPLAVMKVVFLFAMWFVLTVCILVFMEGTSAMLHALRLHWVEAMSKFFEGEGYAY
EPFSFRAIIEDYKDHDGDYKDHDIDYKDDDDK
;
a
2 'polypeptide(L)'
;MVFGQLYALFIFTLSCCISKTVQADSSKESSSFISFDKESNWDTISTISSTADVISSVDSAIAVFEFDNFSLLDNLMIDE
EYPFFNRFFANDVSLTVHDDSPLNISQSLSPIMEQFTVDELPESASDLLYEYSLDDKSIVLFKFTSDAYDLKKLDEFIDS
CLSFLEDKSGDNLTVVINSLGWAFEDEDGDDEYATEETLSHHDNNKGKEGDDDILSSIWTEGLLMCLIVSALLLFILIVA
LSWISNLDITYGALEKSTNPIKKNN
;
b
3 'polypeptide(L)'
;MNKESKDDDMSLGKFSFSHFLYYLVLIVVIVYGLYKLFTGHGSDINFGKFLLRTSPYMWANLGIALCVGLSVVGAAWGIF
ITGSSMIGAGVRAPRITTKNLISIIFCEVVAIYGLIIAIVFSSKLTVATAENMYSKSNLYTGYSLFWAGITVGASNLICG
IAVGITGATAAISDAADSALFVKILVIEIFGSILGLLGLIVGLLMAGKASEFQ
;
c
4 'polypeptide(L)'
;MEGVYFNIDNGFIEGVVRGYRNGLLSNNQYINLTQCDTLEDLKLQLSSTDYGNFLSSVSSESLTTSLIQEYASSKLYHEF
NYIRDQSSGSTRKFMDYITYGYMIDNVALMITGTIHDRDKGEILQRCHPLGWFDTLPTLSVATDLESLYETVLVDTPLAP
YFKNCFDTAEELDDMNIEIIRNKLYKAYLEDFYNFVTEEIPEPAKECMQTLLGFEADRRSINIALNSLQSSDIDPDLKSD
LLPNIGKLYPLATFHLAQAQDFEGVRAALANVYEYRGFLETGNLEDHFYQLEMELCRDAFTQQFAISTVWAWMKSKEQEV
RNITWIAECIAQNQRERINNYISVY
;
d
5 'polypeptide(L)' MSSFYTVVGVFIVVSAMSVLFWIMAPKNNQAVWRSTVILTLAMMFLMWAITFLCQLHPLVAPRRSDLRPEFAE e
6 'polypeptide(L)'
;MRPVVSTGKAWCCTVLSAFGVVILSVIAHLFNTNHESFVGSINDPEDGPAVAHTVYLAALVYLVFFVFCGFQVYLARRKP
SIELR
;
f
7 'polypeptide(L)'
;MTELCPVYAPFFGAIGCASAIIFTSLGAAYGTAKSGVGICATCVLRPDLLFKNIVPVIMAGIIAIYGLVVSVLVCYSLGQ
KQALYTGFIQLGAGLSVGLSGLAAGFAIGIVGDAGVRGSSQQPRLFVGMILILIFAEVLGLYGLIVALLLNSRATQDVVC
;
g,h,i,j,k,l,m,n
8 'polypeptide(L)'
;MSTQLASNIYAPLYAPFFGFAGCAAAMVLSCLGAAIGTAKSGIGIAGIGTFKPELIMKSLIPVVMSGILAIYGLVVAVLI
AGNLSPTEDYTLFNGFMHLSCGLCVGFACLSSGYAIGMVGDVGVRKYMHQPRLFVGIVLILIFSEVLGLYGMIVALILNT
RGSE
;
o
#
# COMPACT_ATOMS: atom_id res chain seq x y z
N GLU A 4 20.30 7.21 54.80
CA GLU A 4 20.57 6.21 53.78
C GLU A 4 20.56 6.82 52.39
N GLU A 5 21.04 6.05 51.41
CA GLU A 5 20.84 6.33 50.01
C GLU A 5 19.91 5.28 49.41
N ALA A 6 19.28 5.62 48.30
CA ALA A 6 18.23 4.79 47.72
C ALA A 6 18.46 4.63 46.23
N ILE A 7 19.67 4.27 45.83
CA ILE A 7 19.97 4.13 44.41
C ILE A 7 19.97 2.65 44.04
N PHE A 8 20.06 1.76 45.04
CA PHE A 8 19.96 0.34 44.74
C PHE A 8 18.51 -0.15 44.83
N ARG A 9 17.80 0.28 45.87
CA ARG A 9 16.37 0.03 45.99
C ARG A 9 15.70 1.35 46.31
N SER A 10 14.37 1.33 46.42
CA SER A 10 13.64 2.56 46.69
C SER A 10 13.79 2.98 48.14
N ALA A 11 13.37 4.22 48.42
CA ALA A 11 13.38 4.72 49.79
C ALA A 11 12.18 4.19 50.56
N ASP A 12 12.24 4.34 51.88
CA ASP A 12 11.25 3.71 52.76
C ASP A 12 10.11 4.68 53.05
N MET A 13 8.94 4.40 52.48
CA MET A 13 7.76 5.26 52.61
C MET A 13 6.87 4.79 53.76
N THR A 14 6.07 5.72 54.31
CA THR A 14 5.41 5.47 55.59
C THR A 14 3.88 5.61 55.62
N TYR A 15 3.31 6.47 54.77
CA TYR A 15 1.87 6.80 54.73
C TYR A 15 1.40 7.35 56.08
N VAL A 16 1.87 8.56 56.37
CA VAL A 16 1.47 9.26 57.58
C VAL A 16 0.10 9.88 57.42
N GLN A 17 -0.50 10.32 58.52
CA GLN A 17 -1.83 10.90 58.55
C GLN A 17 -1.79 12.17 59.38
N LEU A 18 -2.05 13.31 58.74
CA LEU A 18 -2.10 14.57 59.46
C LEU A 18 -3.53 14.91 59.85
N TYR A 19 -3.67 15.89 60.74
CA TYR A 19 -4.98 16.45 61.07
C TYR A 19 -4.79 17.95 61.21
N ILE A 20 -5.21 18.70 60.19
CA ILE A 20 -5.00 20.14 60.13
C ILE A 20 -6.29 20.82 60.58
N PRO A 21 -6.26 21.64 61.63
CA PRO A 21 -7.46 22.41 62.00
C PRO A 21 -7.76 23.54 61.01
N LEU A 22 -8.93 24.17 61.14
CA LEU A 22 -9.31 25.22 60.20
C LEU A 22 -8.69 26.57 60.56
N GLU A 23 -8.10 26.70 61.75
CA GLU A 23 -7.50 27.98 62.12
C GLU A 23 -6.14 28.16 61.45
N VAL A 24 -5.40 27.07 61.26
CA VAL A 24 -4.01 27.10 60.81
C VAL A 24 -3.86 26.42 59.44
N ILE A 25 -4.91 26.44 58.63
CA ILE A 25 -4.99 25.52 57.50
C ILE A 25 -4.14 25.98 56.32
N ARG A 26 -4.22 27.27 55.98
CA ARG A 26 -3.46 27.80 54.87
C ARG A 26 -1.97 27.83 55.20
N GLU A 27 -1.64 28.08 56.46
CA GLU A 27 -0.26 28.12 56.90
C GLU A 27 0.40 26.74 56.85
N VAL A 28 -0.31 25.70 57.28
CA VAL A 28 0.23 24.35 57.21
C VAL A 28 0.35 23.89 55.76
N THR A 29 -0.62 24.28 54.91
CA THR A 29 -0.55 23.87 53.51
C THR A 29 0.61 24.56 52.77
N PHE A 30 0.81 25.85 53.01
CA PHE A 30 1.98 26.55 52.46
C PHE A 30 3.28 26.12 53.11
N LEU A 31 3.26 25.55 54.32
CA LEU A 31 4.49 24.97 54.86
C LEU A 31 4.83 23.66 54.16
N LEU A 32 3.84 22.78 53.98
CA LEU A 32 4.06 21.52 53.27
C LEU A 32 4.42 21.73 51.82
N GLY A 33 3.95 22.83 51.20
CA GLY A 33 4.40 23.17 49.86
C GLY A 33 5.86 23.57 49.77
N LYS A 34 6.41 24.14 50.83
CA LYS A 34 7.82 24.52 50.83
C LYS A 34 8.73 23.41 51.32
N MET A 35 8.21 22.47 52.10
CA MET A 35 9.05 21.37 52.59
C MET A 35 9.31 20.33 51.51
N SER A 36 8.34 20.11 50.61
CA SER A 36 8.46 19.26 49.43
C SER A 36 8.74 17.79 49.80
N VAL A 37 8.13 17.32 50.88
CA VAL A 37 8.35 15.96 51.35
C VAL A 37 7.08 15.13 51.42
N PHE A 38 5.89 15.72 51.29
CA PHE A 38 4.65 15.03 51.57
C PHE A 38 3.86 14.85 50.29
N MET A 39 3.71 13.61 49.83
CA MET A 39 2.99 13.28 48.60
C MET A 39 1.56 12.93 48.97
N VAL A 40 0.63 13.86 48.67
CA VAL A 40 -0.76 13.70 49.08
C VAL A 40 -1.44 12.62 48.24
N MET A 41 -2.51 12.06 48.81
CA MET A 41 -3.35 11.08 48.12
C MET A 41 -4.80 11.52 48.20
N ASP A 42 -5.50 11.41 47.07
CA ASP A 42 -6.88 11.87 46.98
C ASP A 42 -7.78 10.91 47.75
N LEU A 43 -8.23 11.33 48.92
CA LEU A 43 -9.07 10.49 49.75
C LEU A 43 -10.50 10.42 49.23
N ASN A 44 -11.03 11.55 48.78
CA ASN A 44 -12.42 11.63 48.33
C ASN A 44 -12.50 11.45 46.81
N LYS A 45 -12.20 10.22 46.39
CA LYS A 45 -12.30 9.87 44.97
C LYS A 45 -13.75 9.74 44.52
N ASP A 46 -14.65 9.36 45.43
CA ASP A 46 -16.04 9.13 45.06
C ASP A 46 -16.80 10.43 44.83
N LEU A 47 -16.30 11.56 45.32
CA LEU A 47 -16.94 12.83 45.05
C LEU A 47 -16.69 13.25 43.59
N THR A 48 -17.60 14.05 43.06
CA THR A 48 -17.57 14.48 41.67
C THR A 48 -16.63 15.67 41.52
N ALA A 49 -16.69 16.33 40.36
CA ALA A 49 -15.86 17.51 40.13
C ALA A 49 -16.31 18.67 41.00
N PHE A 50 -17.62 18.83 41.18
CA PHE A 50 -18.16 19.75 42.17
C PHE A 50 -18.21 19.02 43.52
N GLN A 51 -18.87 19.64 44.50
CA GLN A 51 -19.07 19.17 45.89
C GLN A 51 -17.78 18.66 46.54
N ARG A 52 -16.65 19.31 46.24
CA ARG A 52 -15.36 18.94 46.78
C ARG A 52 -14.97 19.74 48.02
N GLY A 53 -15.66 20.83 48.32
CA GLY A 53 -15.35 21.61 49.50
C GLY A 53 -14.55 22.86 49.20
N TYR A 54 -13.59 22.74 48.29
CA TYR A 54 -12.77 23.87 47.85
C TYR A 54 -12.92 24.09 46.35
N VAL A 55 -14.16 24.05 45.87
CA VAL A 55 -14.41 24.21 44.45
C VAL A 55 -14.78 25.67 44.10
N ASN A 56 -15.41 26.40 45.03
CA ASN A 56 -15.69 27.81 44.83
C ASN A 56 -14.43 28.66 44.90
N GLN A 57 -13.38 28.16 45.53
CA GLN A 57 -12.09 28.83 45.56
C GLN A 57 -11.16 28.34 44.46
N LEU A 58 -11.53 27.31 43.71
CA LEU A 58 -10.71 26.83 42.61
C LEU A 58 -11.24 27.24 41.25
N ARG A 59 -12.56 27.38 41.09
CA ARG A 59 -13.07 27.98 39.86
C ARG A 59 -12.72 29.47 39.78
N ARG A 60 -12.52 30.12 40.93
CA ARG A 60 -12.06 31.50 40.97
C ARG A 60 -10.67 31.64 40.37
N PHE A 61 -9.73 30.81 40.80
CA PHE A 61 -8.37 30.86 40.28
C PHE A 61 -8.20 30.08 38.99
N ASP A 62 -9.26 29.44 38.49
CA ASP A 62 -9.33 29.09 37.08
C ASP A 62 -9.69 30.28 36.22
N GLU A 63 -10.69 31.06 36.64
CA GLU A 63 -11.06 32.28 35.93
C GLU A 63 -9.93 33.29 35.91
N VAL A 64 -9.24 33.47 37.05
CA VAL A 64 -8.14 34.42 37.12
C VAL A 64 -6.93 33.90 36.32
N GLU A 65 -6.77 32.58 36.24
CA GLU A 65 -5.76 32.02 35.33
C GLU A 65 -6.08 32.33 33.87
N ARG A 66 -7.36 32.26 33.51
CA ARG A 66 -7.78 32.66 32.15
C ARG A 66 -7.52 34.14 31.90
N MET A 67 -7.72 34.97 32.92
CA MET A 67 -7.51 36.42 32.76
C MET A 67 -6.02 36.75 32.66
N VAL A 68 -5.17 36.05 33.41
CA VAL A 68 -3.72 36.21 33.27
C VAL A 68 -3.25 35.71 31.90
N GLY A 69 -3.89 34.65 31.38
CA GLY A 69 -3.62 34.23 30.02
C GLY A 69 -4.03 35.26 28.97
N PHE A 70 -5.15 35.96 29.20
CA PHE A 70 -5.54 37.03 28.29
C PHE A 70 -4.56 38.21 28.34
N LEU A 71 -4.10 38.57 29.54
CA LEU A 71 -3.04 39.57 29.66
C LEU A 71 -1.74 39.13 29.03
N ASN A 72 -1.44 37.84 29.02
CA ASN A 72 -0.26 37.35 28.34
C ASN A 72 -0.43 37.33 26.82
N GLU A 73 -1.66 37.18 26.33
CA GLU A 73 -1.93 37.28 24.90
C GLU A 73 -1.95 38.71 24.38
N VAL A 74 -2.42 39.67 25.19
CA VAL A 74 -2.47 41.06 24.75
C VAL A 74 -1.07 41.64 24.61
N VAL A 75 -0.17 41.30 25.54
CA VAL A 75 1.21 41.78 25.48
C VAL A 75 1.93 41.16 24.29
N GLU A 76 1.67 39.88 24.00
CA GLU A 76 2.27 39.26 22.83
C GLU A 76 1.68 39.76 21.53
N LYS A 77 0.44 40.27 21.57
CA LYS A 77 -0.20 40.81 20.38
C LYS A 77 0.13 42.29 20.17
N HIS A 78 0.39 43.02 21.27
CA HIS A 78 0.55 44.48 21.32
C HIS A 78 -0.65 45.20 20.73
N LEU A 111 2.04 34.32 50.84
CA LEU A 111 1.12 35.45 50.88
C LEU A 111 -0.07 35.17 51.80
N SER A 112 -0.58 36.22 52.44
CA SER A 112 -1.78 36.10 53.25
C SER A 112 -3.01 36.09 52.35
N LEU A 113 -4.18 35.88 52.95
CA LEU A 113 -5.41 35.84 52.17
C LEU A 113 -5.84 37.23 51.71
N GLU A 114 -5.60 38.25 52.53
CA GLU A 114 -5.89 39.62 52.13
C GLU A 114 -4.92 40.11 51.06
N ASN A 115 -3.66 39.67 51.14
CA ASN A 115 -2.66 40.09 50.17
C ASN A 115 -2.88 39.42 48.81
N VAL A 116 -3.61 38.31 48.78
CA VAL A 116 -4.07 37.74 47.51
C VAL A 116 -5.38 38.42 47.09
N ASN A 117 -6.23 38.74 48.05
CA ASN A 117 -7.55 39.28 47.76
C ASN A 117 -7.49 40.72 47.22
N ASP A 118 -6.44 41.47 47.54
CA ASP A 118 -6.32 42.81 46.98
C ASP A 118 -5.47 42.86 45.72
N MET A 119 -4.78 41.77 45.37
CA MET A 119 -4.04 41.71 44.11
C MET A 119 -4.84 41.03 43.02
N VAL A 120 -5.77 40.14 43.38
CA VAL A 120 -6.75 39.67 42.40
C VAL A 120 -7.67 40.80 41.98
N LYS A 121 -7.87 41.81 42.84
CA LYS A 121 -8.65 42.98 42.49
C LYS A 121 -7.96 43.80 41.41
N GLU A 122 -6.64 43.97 41.50
CA GLU A 122 -5.92 44.70 40.47
C GLU A 122 -5.59 43.84 39.26
N ILE A 123 -5.75 42.52 39.36
CA ILE A 123 -5.79 41.72 38.13
C ILE A 123 -7.09 41.95 37.38
N THR A 124 -8.24 41.89 38.08
CA THR A 124 -9.53 42.04 37.42
C THR A 124 -9.77 43.45 36.92
N ASP A 125 -9.45 44.46 37.73
CA ASP A 125 -9.66 45.86 37.38
C ASP A 125 -8.79 46.29 36.20
N CYS A 126 -7.67 45.63 35.96
CA CYS A 126 -6.84 45.92 34.80
C CYS A 126 -7.18 45.05 33.60
N GLU A 127 -7.63 43.81 33.82
CA GLU A 127 -8.10 42.97 32.72
C GLU A 127 -9.34 43.58 32.07
N SER A 128 -10.23 44.19 32.86
CA SER A 128 -11.43 44.81 32.32
C SER A 128 -11.10 45.98 31.39
N ARG A 129 -10.21 46.87 31.84
CA ARG A 129 -9.86 48.03 31.02
C ARG A 129 -9.01 47.63 29.82
N ALA A 130 -8.16 46.59 29.96
CA ALA A 130 -7.37 46.14 28.83
C ALA A 130 -8.24 45.45 27.78
N ARG A 131 -9.25 44.68 28.22
CA ARG A 131 -10.15 44.03 27.28
C ARG A 131 -11.02 45.05 26.55
N GLN A 132 -11.56 46.04 27.28
CA GLN A 132 -12.39 47.02 26.60
C GLN A 132 -11.57 47.94 25.69
N LEU A 133 -10.31 48.21 26.04
CA LEU A 133 -9.48 49.04 25.17
C LEU A 133 -8.95 48.27 23.97
N ASP A 134 -8.81 46.95 24.08
CA ASP A 134 -8.43 46.14 22.91
C ASP A 134 -9.63 45.92 21.99
N GLU A 135 -10.82 45.77 22.57
CA GLU A 135 -12.04 45.61 21.79
C GLU A 135 -12.53 46.92 21.20
N SER A 136 -12.11 48.06 21.74
CA SER A 136 -12.31 49.35 21.11
C SER A 136 -11.17 49.74 20.18
N LEU A 137 -10.24 48.83 19.95
CA LEU A 137 -9.12 49.06 19.03
C LEU A 137 -9.17 48.18 17.80
N ASP A 138 -9.46 46.89 17.95
CA ASP A 138 -9.59 46.04 16.77
C ASP A 138 -10.86 46.33 15.97
N SER A 139 -11.98 46.63 16.65
CA SER A 139 -13.21 47.04 15.99
C SER A 139 -13.11 48.44 15.39
N LEU A 140 -12.09 49.21 15.75
CA LEU A 140 -11.79 50.49 15.13
C LEU A 140 -10.81 50.36 13.98
N ARG A 141 -9.88 49.40 14.07
CA ARG A 141 -9.03 49.04 12.93
C ARG A 141 -9.87 48.48 11.79
N SER A 142 -10.90 47.70 12.10
CA SER A 142 -11.81 47.21 11.07
C SER A 142 -12.58 48.34 10.40
N LYS A 143 -12.99 49.35 11.18
CA LYS A 143 -13.65 50.51 10.61
C LYS A 143 -12.69 51.37 9.77
N LEU A 144 -11.41 51.37 10.14
CA LEU A 144 -10.38 52.02 9.34
C LEU A 144 -10.18 51.32 8.00
N ASN A 145 -10.11 49.99 8.01
CA ASN A 145 -9.97 49.24 6.78
C ASN A 145 -11.22 49.30 5.92
N ASP A 146 -12.40 49.47 6.52
CA ASP A 146 -13.63 49.65 5.74
C ASP A 146 -13.66 50.97 4.98
N LEU A 147 -12.86 51.95 5.38
CA LEU A 147 -12.72 53.20 4.62
C LEU A 147 -11.53 53.17 3.67
N LEU A 148 -10.45 52.50 4.06
CA LEU A 148 -9.33 52.30 3.13
C LEU A 148 -9.68 51.36 1.99
N GLU A 149 -10.68 50.50 2.14
CA GLU A 149 -11.15 49.71 1.01
C GLU A 149 -12.13 50.50 0.16
N GLN A 150 -12.72 51.55 0.71
CA GLN A 150 -13.71 52.33 -0.04
C GLN A 150 -13.03 53.44 -0.82
N ARG A 151 -11.87 53.89 -0.34
CA ARG A 151 -11.07 54.84 -1.10
C ARG A 151 -10.49 54.20 -2.36
N GLN A 152 -10.08 52.93 -2.25
CA GLN A 152 -9.39 52.29 -3.35
C GLN A 152 -10.35 51.89 -4.46
N VAL A 153 -11.62 51.61 -4.14
CA VAL A 153 -12.57 51.21 -5.16
C VAL A 153 -13.14 52.44 -5.86
N ILE A 154 -12.83 53.63 -5.35
CA ILE A 154 -13.06 54.88 -6.07
C ILE A 154 -11.85 55.26 -6.91
N PHE A 155 -10.63 55.07 -6.37
CA PHE A 155 -9.42 55.33 -7.13
C PHE A 155 -9.25 54.38 -8.32
N GLU A 156 -9.72 53.13 -8.20
CA GLU A 156 -9.57 52.15 -9.26
C GLU A 156 -10.80 52.06 -10.16
N CYS A 157 -11.80 52.92 -9.95
CA CYS A 157 -12.96 52.98 -10.82
C CYS A 157 -13.20 54.37 -11.39
N SER A 158 -12.50 55.39 -10.92
CA SER A 158 -12.35 56.61 -11.71
C SER A 158 -11.31 56.41 -12.81
N LYS A 159 -10.27 55.62 -12.52
CA LYS A 159 -9.25 55.30 -13.52
C LYS A 159 -9.82 54.47 -14.67
N PHE A 160 -10.77 53.57 -14.38
CA PHE A 160 -11.37 52.77 -15.43
C PHE A 160 -12.24 53.61 -16.35
N ILE A 161 -12.84 54.68 -15.84
CA ILE A 161 -13.61 55.58 -16.69
C ILE A 161 -12.69 56.53 -17.45
N GLU A 162 -11.58 56.94 -16.83
CA GLU A 162 -10.63 57.81 -17.53
C GLU A 162 -9.88 57.07 -18.64
N VAL A 163 -9.72 55.75 -18.52
CA VAL A 163 -9.14 54.98 -19.63
C VAL A 163 -10.14 54.89 -20.78
N ASN A 164 -11.36 54.46 -20.48
CA ASN A 164 -12.39 54.34 -21.50
C ASN A 164 -13.00 55.70 -21.83
N TYR A 238 -25.81 52.23 -14.92
CA TYR A 238 -26.19 50.83 -14.75
C TYR A 238 -24.99 49.97 -14.37
N MET A 239 -23.97 50.61 -13.80
CA MET A 239 -22.75 49.94 -13.37
C MET A 239 -22.68 49.89 -11.85
N ILE A 240 -22.09 48.81 -11.34
CA ILE A 240 -22.01 48.55 -9.91
C ILE A 240 -20.55 48.46 -9.51
N THR A 241 -20.17 49.23 -8.48
CA THR A 241 -18.80 49.30 -7.99
C THR A 241 -18.79 48.91 -6.52
N GLY A 242 -17.88 48.00 -6.15
CA GLY A 242 -17.79 47.66 -4.76
C GLY A 242 -16.52 46.88 -4.43
N SER A 243 -16.43 46.47 -3.18
CA SER A 243 -15.34 45.67 -2.65
C SER A 243 -15.81 44.23 -2.48
N ILE A 244 -14.84 43.31 -2.48
CA ILE A 244 -15.10 41.89 -2.32
C ILE A 244 -13.80 41.23 -1.89
N ARG A 245 -13.90 40.14 -1.13
CA ARG A 245 -12.74 39.31 -0.87
C ARG A 245 -12.28 38.66 -2.17
N ARG A 246 -10.97 38.40 -2.27
CA ARG A 246 -10.40 37.98 -3.54
C ARG A 246 -10.73 36.52 -3.85
N THR A 247 -11.04 35.72 -2.83
CA THR A 247 -11.37 34.32 -3.04
C THR A 247 -12.79 34.11 -3.54
N LYS A 248 -13.59 35.17 -3.68
CA LYS A 248 -14.98 35.06 -4.09
C LYS A 248 -15.25 35.80 -5.40
N VAL A 249 -14.21 36.33 -6.04
CA VAL A 249 -14.36 37.09 -7.28
C VAL A 249 -14.79 36.18 -8.42
N ASP A 250 -14.16 35.01 -8.54
CA ASP A 250 -14.51 34.08 -9.60
C ASP A 250 -15.90 33.48 -9.41
N ILE A 251 -16.29 33.17 -8.17
CA ILE A 251 -17.62 32.62 -7.97
C ILE A 251 -18.69 33.69 -8.14
N LEU A 252 -18.41 34.96 -7.80
CA LEU A 252 -19.36 36.02 -8.12
C LEU A 252 -19.46 36.27 -9.62
N ASN A 253 -18.34 36.18 -10.35
CA ASN A 253 -18.37 36.27 -11.81
C ASN A 253 -19.22 35.15 -12.41
N ARG A 254 -19.04 33.92 -11.93
CA ARG A 254 -19.80 32.80 -12.48
C ARG A 254 -21.29 32.87 -12.12
N ILE A 255 -21.63 33.30 -10.90
CA ILE A 255 -23.03 33.41 -10.53
C ILE A 255 -23.72 34.54 -11.29
N LEU A 256 -23.03 35.66 -11.49
CA LEU A 256 -23.65 36.74 -12.28
C LEU A 256 -23.71 36.39 -13.77
N TRP A 257 -22.78 35.57 -14.25
CA TRP A 257 -22.87 35.13 -15.65
C TRP A 257 -23.95 34.08 -15.83
N ARG A 258 -24.25 33.29 -14.81
CA ARG A 258 -25.36 32.34 -14.92
C ARG A 258 -26.70 32.99 -14.63
N LEU A 259 -26.72 34.13 -13.95
CA LEU A 259 -27.97 34.84 -13.70
C LEU A 259 -28.33 35.70 -14.90
N LEU A 260 -27.50 36.69 -15.23
CA LEU A 260 -27.59 37.40 -16.49
C LEU A 260 -26.89 36.56 -17.55
N ARG A 261 -27.65 35.99 -18.49
CA ARG A 261 -27.07 35.14 -19.52
C ARG A 261 -26.23 36.02 -20.45
N GLY A 262 -24.92 36.02 -20.23
CA GLY A 262 -24.08 37.01 -20.87
C GLY A 262 -24.34 38.36 -20.23
N ASN A 263 -24.52 39.39 -21.06
CA ASN A 263 -25.17 40.65 -20.70
C ASN A 263 -24.39 41.44 -19.63
N LEU A 264 -23.08 41.21 -19.53
CA LEU A 264 -22.28 41.92 -18.54
C LEU A 264 -20.85 42.08 -19.02
N ILE A 265 -20.17 43.08 -18.45
CA ILE A 265 -18.75 43.34 -18.69
C ILE A 265 -18.11 43.39 -17.31
N PHE A 266 -17.56 42.26 -16.86
CA PHE A 266 -17.07 42.11 -15.49
C PHE A 266 -15.56 42.30 -15.45
N GLN A 267 -15.11 43.29 -14.68
CA GLN A 267 -13.70 43.52 -14.41
C GLN A 267 -13.38 43.29 -12.94
N ASN A 268 -12.09 43.25 -12.64
CA ASN A 268 -11.60 43.19 -11.26
C ASN A 268 -10.23 43.85 -11.19
N PHE A 269 -9.99 44.56 -10.10
CA PHE A 269 -8.73 45.27 -9.90
C PHE A 269 -8.31 45.11 -8.45
N PRO A 270 -7.14 44.49 -8.19
CA PRO A 270 -6.77 44.16 -6.81
C PRO A 270 -6.47 45.39 -5.98
N ILE A 271 -7.09 45.46 -4.81
CA ILE A 271 -6.91 46.58 -3.89
C ILE A 271 -5.53 46.45 -3.25
N GLU A 272 -4.66 47.42 -3.52
CA GLU A 272 -3.31 47.42 -2.98
C GLU A 272 -2.97 48.77 -2.37
N VAL A 282 -6.37 40.22 5.60
CA VAL A 282 -7.09 39.59 4.52
C VAL A 282 -6.92 40.43 3.25
N GLU A 283 -6.80 39.75 2.10
CA GLU A 283 -6.65 40.43 0.82
C GLU A 283 -8.00 40.57 0.14
N LYS A 284 -8.20 41.71 -0.53
CA LYS A 284 -9.48 41.98 -1.15
C LYS A 284 -9.34 42.40 -2.60
N ASP A 285 -10.46 42.78 -3.23
CA ASP A 285 -10.51 42.98 -4.66
C ASP A 285 -11.70 43.86 -4.98
N CYS A 286 -11.59 44.61 -6.07
CA CYS A 286 -12.68 45.44 -6.58
C CYS A 286 -13.37 44.76 -7.74
N PHE A 287 -14.52 45.29 -8.15
CA PHE A 287 -15.26 44.74 -9.27
C PHE A 287 -16.15 45.80 -9.88
N ILE A 288 -16.30 45.72 -11.22
CA ILE A 288 -17.24 46.54 -11.98
C ILE A 288 -18.05 45.57 -12.83
N ILE A 289 -19.36 45.78 -12.93
CA ILE A 289 -20.28 44.78 -13.46
C ILE A 289 -20.89 45.20 -14.80
N PHE A 290 -21.40 46.43 -14.89
CA PHE A 290 -22.15 46.96 -16.03
C PHE A 290 -23.36 46.07 -16.36
N THR A 291 -24.32 46.09 -15.44
CA THR A 291 -25.57 45.37 -15.64
C THR A 291 -26.38 46.07 -16.72
N HIS A 292 -26.22 45.60 -17.97
CA HIS A 292 -26.80 46.27 -19.13
C HIS A 292 -28.30 46.01 -19.19
N GLY A 293 -29.06 46.89 -18.55
CA GLY A 293 -30.51 46.79 -18.56
C GLY A 293 -31.13 47.12 -17.22
N GLU A 294 -32.19 46.40 -16.88
CA GLU A 294 -32.89 46.59 -15.61
C GLU A 294 -33.41 45.23 -15.15
N THR A 295 -34.30 45.26 -14.15
CA THR A 295 -35.14 44.18 -13.57
C THR A 295 -34.33 43.06 -12.90
N LEU A 296 -33.01 43.12 -12.97
CA LEU A 296 -32.13 42.24 -12.23
C LEU A 296 -31.16 43.01 -11.36
N LEU A 297 -31.30 44.35 -11.31
CA LEU A 297 -30.37 45.20 -10.59
C LEU A 297 -30.47 45.01 -9.08
N LYS A 298 -31.67 44.72 -8.58
CA LYS A 298 -31.84 44.36 -7.18
C LYS A 298 -31.56 42.88 -6.91
N LYS A 299 -31.24 42.11 -7.96
CA LYS A 299 -30.94 40.70 -7.86
C LYS A 299 -29.45 40.42 -7.97
N VAL A 300 -28.72 41.28 -8.68
CA VAL A 300 -27.26 41.28 -8.63
C VAL A 300 -26.79 41.64 -7.22
N LYS A 301 -27.47 42.58 -6.58
CA LYS A 301 -27.14 42.98 -5.23
C LYS A 301 -27.42 41.89 -4.20
N ARG A 302 -28.37 40.99 -4.47
CA ARG A 302 -28.55 39.82 -3.62
C ARG A 302 -27.51 38.73 -3.87
N VAL A 303 -26.74 38.83 -4.95
CA VAL A 303 -25.56 37.99 -5.12
C VAL A 303 -24.36 38.59 -4.40
N ILE A 304 -24.20 39.90 -4.53
CA ILE A 304 -23.05 40.58 -3.95
C ILE A 304 -23.14 40.60 -2.44
N ASP A 305 -24.30 40.96 -1.89
CA ASP A 305 -24.45 41.06 -0.45
C ASP A 305 -24.57 39.70 0.24
N SER A 306 -24.80 38.63 -0.52
CA SER A 306 -24.85 37.30 0.09
C SER A 306 -23.47 36.82 0.48
N LEU A 307 -22.51 36.88 -0.45
CA LEU A 307 -21.15 36.45 -0.18
C LEU A 307 -20.24 37.59 0.29
N ASN A 308 -20.83 38.57 1.00
CA ASN A 308 -20.12 39.62 1.75
C ASN A 308 -19.32 40.54 0.83
N GLY A 309 -19.99 41.07 -0.18
CA GLY A 309 -19.44 42.14 -1.00
C GLY A 309 -20.12 43.45 -0.64
N LYS A 310 -19.32 44.50 -0.53
CA LYS A 310 -19.79 45.81 -0.08
C LYS A 310 -19.79 46.75 -1.27
N ILE A 311 -20.98 47.00 -1.83
CA ILE A 311 -21.08 47.89 -2.99
C ILE A 311 -20.87 49.33 -2.53
N VAL A 312 -20.20 50.11 -3.39
CA VAL A 312 -19.92 51.52 -3.13
C VAL A 312 -20.58 52.30 -4.25
N SER A 313 -21.79 52.77 -3.99
CA SER A 313 -22.46 53.67 -4.92
C SER A 313 -22.08 55.11 -4.59
N LEU A 314 -21.76 55.89 -5.62
CA LEU A 314 -21.28 57.24 -5.43
C LEU A 314 -22.29 58.28 -5.87
N ASN A 315 -22.70 58.26 -7.14
CA ASN A 315 -23.78 59.05 -7.74
C ASN A 315 -23.61 60.56 -7.67
N THR A 316 -22.51 61.07 -7.11
CA THR A 316 -22.24 62.51 -7.10
C THR A 316 -20.98 62.87 -7.86
N ARG A 317 -19.83 62.31 -7.47
CA ARG A 317 -18.52 62.65 -8.02
C ARG A 317 -17.50 61.67 -7.46
N SER A 318 -16.42 61.48 -8.21
CA SER A 318 -15.27 60.72 -7.74
C SER A 318 -14.18 61.61 -7.16
N SER A 319 -14.49 62.87 -6.88
CA SER A 319 -13.55 63.81 -6.27
C SER A 319 -14.13 64.54 -5.07
N GLU A 320 -15.44 64.43 -4.83
CA GLU A 320 -16.07 65.05 -3.66
C GLU A 320 -16.24 64.08 -2.50
N LEU A 321 -16.42 62.79 -2.78
CA LEU A 321 -16.49 61.80 -1.71
C LEU A 321 -15.11 61.45 -1.19
N VAL A 322 -14.07 61.63 -2.02
CA VAL A 322 -12.71 61.31 -1.61
C VAL A 322 -12.23 62.29 -0.54
N ASP A 323 -12.65 63.55 -0.64
CA ASP A 323 -12.30 64.53 0.39
C ASP A 323 -13.02 64.25 1.70
N THR A 324 -14.32 63.97 1.65
CA THR A 324 -15.09 63.63 2.85
C THR A 324 -14.71 62.28 3.44
N LEU A 325 -14.02 61.43 2.68
CA LEU A 325 -13.56 60.14 3.18
C LEU A 325 -12.13 60.20 3.71
N ASN A 326 -11.27 61.05 3.12
CA ASN A 326 -9.97 61.33 3.70
C ASN A 326 -10.07 62.23 4.93
N ARG A 327 -11.17 62.96 5.08
CA ARG A 327 -11.44 63.68 6.32
C ARG A 327 -11.91 62.76 7.44
N GLN A 328 -12.17 61.48 7.13
CA GLN A 328 -12.45 60.47 8.14
C GLN A 328 -11.33 59.48 8.36
N ILE A 329 -10.53 59.18 7.34
CA ILE A 329 -9.39 58.26 7.48
C ILE A 329 -8.38 58.80 8.50
N ASP A 330 -7.95 60.05 8.33
CA ASP A 330 -7.00 60.62 9.28
C ASP A 330 -7.64 60.92 10.63
N ASP A 331 -8.93 61.29 10.64
CA ASP A 331 -9.63 61.57 11.90
C ASP A 331 -9.79 60.31 12.73
N LEU A 332 -9.85 59.15 12.09
CA LEU A 332 -9.92 57.88 12.81
C LEU A 332 -8.55 57.26 13.06
N GLN A 333 -7.57 57.57 12.20
CA GLN A 333 -6.18 57.17 12.44
C GLN A 333 -5.61 57.88 13.65
N ARG A 334 -6.03 59.12 13.92
CA ARG A 334 -5.61 59.79 15.15
C ARG A 334 -6.23 59.15 16.38
N ILE A 335 -7.45 58.60 16.28
CA ILE A 335 -8.03 57.86 17.40
C ILE A 335 -7.28 56.55 17.61
N LEU A 336 -6.84 55.90 16.52
CA LEU A 336 -5.91 54.78 16.64
C LEU A 336 -4.62 55.17 17.36
N ASP A 337 -4.02 56.29 16.97
CA ASP A 337 -2.76 56.72 17.60
C ASP A 337 -2.93 57.19 19.03
N THR A 338 -4.16 57.56 19.43
CA THR A 338 -4.43 57.84 20.84
C THR A 338 -4.62 56.57 21.66
N THR A 339 -5.50 55.68 21.19
CA THR A 339 -5.83 54.49 21.98
C THR A 339 -4.69 53.48 22.00
N GLU A 340 -3.89 53.40 20.93
CA GLU A 340 -2.75 52.49 20.95
C GLU A 340 -1.61 53.02 21.80
N GLN A 341 -1.47 54.36 21.88
CA GLN A 341 -0.54 54.96 22.83
C GLN A 341 -0.98 54.69 24.27
N THR A 342 -2.29 54.76 24.53
CA THR A 342 -2.80 54.40 25.86
C THR A 342 -2.60 52.91 26.15
N LEU A 343 -2.71 52.07 25.12
CA LEU A 343 -2.46 50.63 25.26
C LEU A 343 -1.01 50.36 25.63
N HIS A 344 -0.06 50.96 24.90
CA HIS A 344 1.35 50.76 25.21
C HIS A 344 1.76 51.46 26.51
N THR A 345 1.01 52.45 26.96
CA THR A 345 1.23 53.00 28.29
C THR A 345 0.78 52.01 29.36
N GLU A 346 -0.36 51.35 29.14
CA GLU A 346 -0.89 50.39 30.10
C GLU A 346 -0.02 49.12 30.17
N LEU A 347 0.52 48.68 29.04
CA LEU A 347 1.33 47.46 29.02
C LEU A 347 2.68 47.59 29.71
N LEU A 348 3.15 48.81 29.98
CA LEU A 348 4.43 48.98 30.66
C LEU A 348 4.37 48.53 32.12
N VAL A 349 3.25 48.80 32.79
CA VAL A 349 3.10 48.38 34.19
C VAL A 349 2.70 46.92 34.31
N ILE A 350 2.37 46.27 33.20
CA ILE A 350 1.90 44.89 33.22
C ILE A 350 2.98 43.91 32.79
N HIS A 351 3.79 44.28 31.78
CA HIS A 351 4.82 43.39 31.27
C HIS A 351 5.91 43.11 32.31
N ASP A 352 6.17 44.06 33.20
CA ASP A 352 7.10 43.86 34.30
C ASP A 352 6.42 43.36 35.56
N GLN A 353 5.17 42.90 35.47
CA GLN A 353 4.43 42.45 36.64
C GLN A 353 3.74 41.10 36.46
N LEU A 354 3.48 40.67 35.22
CA LEU A 354 2.96 39.33 34.90
C LEU A 354 3.71 38.13 35.47
N PRO A 355 5.05 38.12 35.66
CA PRO A 355 5.66 36.99 36.38
C PRO A 355 5.32 36.93 37.87
N VAL A 356 4.69 37.95 38.44
CA VAL A 356 4.20 37.85 39.82
C VAL A 356 2.75 37.41 39.85
N TRP A 357 1.91 38.03 39.00
CA TRP A 357 0.50 37.68 38.94
C TRP A 357 0.28 36.27 38.42
N SER A 358 1.13 35.82 37.49
CA SER A 358 1.01 34.46 37.00
C SER A 358 1.48 33.44 38.04
N ALA A 359 2.63 33.70 38.65
CA ALA A 359 3.19 32.77 39.63
C ALA A 359 2.41 32.75 40.94
N MET A 360 1.59 33.76 41.21
CA MET A 360 0.68 33.66 42.33
C MET A 360 -0.42 32.63 42.04
N THR A 361 -1.04 32.72 40.87
CA THR A 361 -2.14 31.84 40.51
C THR A 361 -1.69 30.40 40.27
N LYS A 362 -0.50 30.22 39.67
CA LYS A 362 -0.01 28.87 39.39
C LYS A 362 0.23 28.06 40.66
N ARG A 363 0.54 28.71 41.77
CA ARG A 363 0.68 28.00 43.03
C ARG A 363 -0.56 28.07 43.90
N GLU A 364 -1.43 29.08 43.70
CA GLU A 364 -2.65 29.14 44.49
C GLU A 364 -3.65 28.08 44.05
N LYS A 365 -3.80 27.90 42.73
CA LYS A 365 -4.59 26.79 42.19
C LYS A 365 -3.99 25.45 42.59
N TYR A 366 -2.66 25.37 42.68
CA TYR A 366 -1.99 24.16 43.13
C TYR A 366 -2.21 23.89 44.61
N VAL A 367 -2.39 24.93 45.42
CA VAL A 367 -2.78 24.77 46.81
C VAL A 367 -4.20 24.22 46.91
N TYR A 368 -5.15 24.83 46.18
CA TYR A 368 -6.54 24.39 46.33
C TYR A 368 -6.80 23.03 45.68
N THR A 369 -6.05 22.66 44.65
CA THR A 369 -6.18 21.33 44.07
C THR A 369 -5.75 20.26 45.06
N THR A 370 -4.72 20.55 45.86
CA THR A 370 -4.28 19.64 46.91
C THR A 370 -5.24 19.66 48.11
N LEU A 371 -5.81 20.82 48.42
CA LEU A 371 -6.80 20.88 49.50
C LEU A 371 -8.10 20.18 49.14
N ASN A 372 -8.39 20.00 47.86
CA ASN A 372 -9.51 19.13 47.47
C ASN A 372 -9.23 17.67 47.79
N LYS A 373 -7.97 17.26 47.91
CA LYS A 373 -7.61 15.87 48.16
C LYS A 373 -7.69 15.49 49.63
N PHE A 374 -8.17 16.37 50.50
CA PHE A 374 -8.19 16.08 51.92
C PHE A 374 -9.62 15.69 52.33
N GLN A 375 -9.81 15.37 53.60
CA GLN A 375 -10.98 14.61 54.03
C GLN A 375 -12.19 15.48 54.37
N GLN A 376 -12.01 16.50 55.21
CA GLN A 376 -13.07 17.38 55.73
C GLN A 376 -14.15 16.58 56.46
N GLU A 377 -13.72 15.97 57.56
CA GLU A 377 -14.57 15.07 58.34
C GLU A 377 -15.34 15.78 59.45
N SER A 378 -14.63 16.42 60.39
CA SER A 378 -15.25 16.93 61.62
C SER A 378 -14.76 18.35 61.90
N GLN A 379 -14.85 19.21 60.88
CA GLN A 379 -14.31 20.58 60.87
C GLN A 379 -12.80 20.56 61.12
N GLY A 380 -12.11 19.83 60.24
CA GLY A 380 -10.67 19.69 60.26
C GLY A 380 -10.26 18.74 59.14
N LEU A 381 -9.23 19.09 58.38
CA LEU A 381 -8.83 18.25 57.26
C LEU A 381 -7.88 17.17 57.72
N ILE A 382 -8.01 16.00 57.10
CA ILE A 382 -7.14 14.86 57.36
C ILE A 382 -6.32 14.62 56.09
N ALA A 383 -5.02 14.81 56.18
CA ALA A 383 -4.11 14.67 55.05
C ALA A 383 -3.37 13.34 55.19
N GLU A 384 -3.75 12.37 54.38
CA GLU A 384 -3.10 11.08 54.35
C GLU A 384 -2.24 10.99 53.09
N GLY A 385 -0.98 10.60 53.26
CA GLY A 385 -0.07 10.55 52.13
C GLY A 385 1.30 10.11 52.57
N TRP A 386 2.17 9.95 51.57
CA TRP A 386 3.43 9.26 51.75
C TRP A 386 4.58 10.24 51.96
N VAL A 387 5.55 9.83 52.76
CA VAL A 387 6.76 10.60 53.04
C VAL A 387 7.87 9.59 53.33
N PRO A 388 9.10 9.79 52.84
CA PRO A 388 10.17 8.85 53.18
C PRO A 388 10.54 8.89 54.66
N SER A 389 11.03 7.74 55.14
CA SER A 389 11.31 7.55 56.56
C SER A 389 12.43 8.44 57.07
N THR A 390 13.31 8.92 56.20
CA THR A 390 14.35 9.86 56.61
C THR A 390 13.75 11.20 56.98
N GLU A 391 12.63 11.58 56.34
CA GLU A 391 12.02 12.89 56.53
C GLU A 391 10.85 12.85 57.51
N LEU A 392 10.73 11.81 58.33
CA LEU A 392 9.68 11.77 59.34
C LEU A 392 9.97 12.73 60.48
N ILE A 393 11.20 12.69 60.99
CA ILE A 393 11.58 13.54 62.12
C ILE A 393 11.69 15.00 61.66
N HIS A 394 11.96 15.23 60.38
CA HIS A 394 11.96 16.58 59.85
C HIS A 394 10.54 17.15 59.79
N LEU A 395 9.55 16.34 59.43
CA LEU A 395 8.15 16.77 59.54
C LEU A 395 7.75 16.98 61.00
N GLN A 396 8.14 16.06 61.89
CA GLN A 396 7.75 16.19 63.28
C GLN A 396 8.51 17.29 64.02
N ASP A 397 9.56 17.85 63.42
CA ASP A 397 10.27 18.99 63.99
C ASP A 397 9.93 20.30 63.31
N SER A 398 9.44 20.27 62.07
CA SER A 398 9.07 21.49 61.39
C SER A 398 7.59 21.83 61.56
N LEU A 399 6.73 20.81 61.65
CA LEU A 399 5.32 21.05 61.90
C LEU A 399 5.09 21.43 63.36
N LYS A 400 5.92 20.91 64.26
CA LYS A 400 5.74 21.18 65.68
C LYS A 400 6.19 22.60 66.03
N ASP A 401 7.27 23.07 65.41
CA ASP A 401 7.76 24.41 65.71
C ASP A 401 6.89 25.48 65.05
N TYR A 402 6.23 25.14 63.94
CA TYR A 402 5.54 26.16 63.16
C TYR A 402 4.16 26.47 63.73
N ILE A 403 3.49 25.46 64.29
CA ILE A 403 2.15 25.68 64.82
C ILE A 403 2.23 26.37 66.18
N GLU A 404 3.40 26.33 66.82
CA GLU A 404 3.53 26.95 68.14
C GLU A 404 4.03 28.38 68.03
N THR A 405 4.74 28.70 66.94
CA THR A 405 5.36 30.03 66.84
C THR A 405 4.36 31.08 66.40
N LEU A 406 3.22 30.67 65.83
CA LEU A 406 2.21 31.62 65.37
C LEU A 406 1.03 31.75 66.32
N GLY A 407 1.13 31.20 67.54
CA GLY A 407 -0.03 31.18 68.42
C GLY A 407 -1.05 30.17 67.92
N SER A 408 -2.33 30.54 68.02
CA SER A 408 -3.47 29.78 67.50
C SER A 408 -3.52 28.38 68.11
N GLU A 409 -3.80 28.36 69.42
CA GLU A 409 -3.60 27.17 70.24
C GLU A 409 -4.60 26.06 69.92
N TYR A 410 -4.36 25.39 68.78
CA TYR A 410 -5.10 24.19 68.40
C TYR A 410 -4.11 23.33 67.62
N SER A 411 -3.47 22.40 68.32
CA SER A 411 -2.34 21.68 67.75
C SER A 411 -2.81 20.61 66.75
N THR A 412 -1.93 20.30 65.81
CA THR A 412 -2.19 19.27 64.82
C THR A 412 -1.82 17.89 65.37
N VAL A 413 -2.32 16.86 64.70
CA VAL A 413 -2.10 15.47 65.09
C VAL A 413 -1.42 14.77 63.92
N PHE A 414 -0.24 14.23 64.17
CA PHE A 414 0.58 13.60 63.13
C PHE A 414 0.75 12.13 63.48
N ASN A 415 -0.03 11.27 62.83
CA ASN A 415 0.02 9.83 63.07
C ASN A 415 0.75 9.14 61.93
N VAL A 416 1.19 7.90 62.19
CA VAL A 416 1.84 7.06 61.19
C VAL A 416 1.01 5.80 61.05
N ILE A 417 0.41 5.62 59.89
CA ILE A 417 -0.54 4.53 59.65
C ILE A 417 0.18 3.37 58.98
N LEU A 418 0.06 2.18 59.55
CA LEU A 418 0.58 0.96 58.93
C LEU A 418 -0.44 0.47 57.93
N THR A 419 -0.13 0.57 56.64
CA THR A 419 -1.04 0.23 55.56
C THR A 419 -0.39 -0.81 54.64
N ASN A 420 -1.13 -1.22 53.61
CA ASN A 420 -0.66 -2.28 52.73
C ASN A 420 -0.81 -1.96 51.24
N LYS A 421 -1.24 -0.76 50.87
CA LYS A 421 -1.22 -0.42 49.46
C LYS A 421 0.19 -0.01 49.04
N LEU A 422 0.39 0.05 47.72
CA LEU A 422 1.74 0.12 47.16
C LEU A 422 2.31 1.52 47.32
N PRO A 423 3.46 1.67 47.98
CA PRO A 423 4.04 2.99 48.19
C PRO A 423 4.69 3.52 46.92
N PRO A 424 4.97 4.81 46.83
CA PRO A 424 5.71 5.34 45.68
C PRO A 424 7.17 4.88 45.73
N THR A 425 7.84 5.04 44.60
CA THR A 425 9.26 4.75 44.51
C THR A 425 10.03 6.06 44.32
N TYR A 426 11.14 6.17 45.02
CA TYR A 426 11.94 7.40 45.01
C TYR A 426 13.40 7.02 45.08
N HIS A 427 14.10 7.20 43.98
CA HIS A 427 15.52 6.90 43.88
C HIS A 427 16.30 8.19 44.01
N ARG A 428 17.15 8.27 45.03
CA ARG A 428 17.88 9.50 45.34
C ARG A 428 19.08 9.59 44.41
N THR A 429 18.95 10.40 43.37
CA THR A 429 19.95 10.51 42.32
C THR A 429 20.65 11.84 42.40
N ASN A 430 21.98 11.81 42.32
CA ASN A 430 22.80 13.01 42.18
C ASN A 430 22.88 13.40 40.71
N LYS A 431 23.78 14.33 40.37
CA LYS A 431 23.89 14.78 38.99
C LYS A 431 24.52 13.75 38.07
N PHE A 432 25.14 12.71 38.62
CA PHE A 432 25.75 11.68 37.80
C PHE A 432 24.73 10.62 37.39
N THR A 433 23.89 10.19 38.33
CA THR A 433 22.94 9.11 38.08
C THR A 433 21.55 9.60 37.75
N GLN A 434 21.36 10.90 37.50
CA GLN A 434 20.03 11.41 37.19
C GLN A 434 19.62 11.08 35.77
N ALA A 435 20.55 11.19 34.83
CA ALA A 435 20.23 10.94 33.42
C ALA A 435 19.94 9.48 33.15
N PHE A 436 20.72 8.59 33.78
CA PHE A 436 20.44 7.16 33.70
C PHE A 436 19.11 6.80 34.35
N GLN A 437 18.74 7.50 35.43
CA GLN A 437 17.47 7.26 36.08
C GLN A 437 16.30 7.71 35.22
N SER A 438 16.43 8.87 34.56
CA SER A 438 15.38 9.33 33.66
C SER A 438 15.26 8.43 32.43
N ILE A 439 16.40 7.96 31.91
CA ILE A 439 16.42 7.01 30.80
C ILE A 439 15.72 5.70 31.18
N VAL A 440 15.97 5.19 32.39
CA VAL A 440 15.39 3.92 32.78
C VAL A 440 13.96 4.06 33.28
N ASP A 441 13.54 5.26 33.69
CA ASP A 441 12.17 5.50 34.12
C ASP A 441 11.26 5.95 32.99
N ALA A 442 11.83 6.30 31.83
CA ALA A 442 11.00 6.53 30.66
C ALA A 442 10.29 5.26 30.21
N TYR A 443 10.95 4.11 30.36
CA TYR A 443 10.35 2.85 29.96
C TYR A 443 9.32 2.38 30.98
N GLY A 444 9.74 2.16 32.21
CA GLY A 444 8.82 1.71 33.24
C GLY A 444 9.22 2.18 34.63
N ILE A 445 8.26 2.76 35.35
CA ILE A 445 8.47 3.09 36.75
C ILE A 445 8.50 1.79 37.56
N ALA A 446 9.57 1.60 38.32
CA ALA A 446 9.74 0.37 39.08
C ALA A 446 8.75 0.29 40.25
N THR A 447 8.49 -0.93 40.70
CA THR A 447 7.63 -1.10 41.86
C THR A 447 8.42 -0.81 43.14
N TYR A 448 7.72 -0.83 44.27
CA TYR A 448 8.29 -0.33 45.52
C TYR A 448 9.37 -1.26 46.06
N LYS A 449 10.56 -0.69 46.26
CA LYS A 449 11.77 -1.38 46.75
C LYS A 449 12.14 -2.58 45.88
N GLU A 450 11.93 -2.45 44.58
CA GLU A 450 12.50 -3.34 43.60
C GLU A 450 13.94 -2.91 43.33
N ILE A 451 14.74 -3.81 42.78
CA ILE A 451 16.10 -3.46 42.38
C ILE A 451 16.04 -2.46 41.23
N ASN A 452 16.71 -1.32 41.43
CA ASN A 452 16.81 -0.29 40.42
C ASN A 452 17.55 -0.81 39.19
N ALA A 453 16.95 -0.60 38.02
CA ALA A 453 17.61 -0.98 36.77
C ALA A 453 18.48 0.13 36.21
N GLY A 454 18.40 1.34 36.77
CA GLY A 454 19.26 2.44 36.40
C GLY A 454 20.50 2.56 37.25
N LEU A 455 20.89 1.50 37.95
CA LEU A 455 22.11 1.46 38.72
C LEU A 455 23.10 0.47 38.14
N ALA A 456 22.65 -0.47 37.33
CA ALA A 456 23.53 -1.22 36.44
C ALA A 456 23.62 -0.61 35.07
N THR A 457 22.68 0.28 34.73
CA THR A 457 22.68 1.00 33.46
C THR A 457 23.86 1.96 33.36
N VAL A 458 24.31 2.50 34.49
CA VAL A 458 25.31 3.58 34.54
C VAL A 458 26.67 3.19 33.98
N VAL A 459 26.95 1.89 33.83
CA VAL A 459 28.16 1.42 33.17
C VAL A 459 27.83 0.65 31.91
N THR A 460 26.77 -0.16 31.94
CA THR A 460 26.50 -1.10 30.87
C THR A 460 25.96 -0.39 29.62
N PHE A 461 25.14 0.65 29.80
CA PHE A 461 24.64 1.42 28.65
C PHE A 461 25.73 2.16 27.87
N PRO A 462 26.70 2.86 28.50
CA PRO A 462 27.83 3.36 27.70
C PRO A 462 28.73 2.26 27.17
N PHE A 463 28.82 1.12 27.85
CA PHE A 463 29.68 0.05 27.37
C PHE A 463 29.07 -0.74 26.23
N MET A 464 27.76 -1.05 26.31
CA MET A 464 27.09 -1.65 25.17
C MET A 464 26.98 -0.66 24.01
N PHE A 465 26.96 0.64 24.29
CA PHE A 465 27.15 1.64 23.25
C PHE A 465 28.52 1.50 22.60
N ALA A 466 29.57 1.40 23.42
CA ALA A 466 30.93 1.44 22.90
C ALA A 466 31.28 0.19 22.11
N ILE A 467 30.67 -0.94 22.43
CA ILE A 467 30.86 -2.15 21.61
C ILE A 467 30.35 -1.92 20.19
N MET A 468 29.24 -1.18 20.04
CA MET A 468 28.76 -0.80 18.72
C MET A 468 29.50 0.40 18.16
N PHE A 469 29.97 1.30 19.00
CA PHE A 469 30.62 2.53 18.55
C PHE A 469 32.09 2.42 18.96
N GLY A 470 32.85 1.67 18.18
CA GLY A 470 34.23 1.42 18.55
C GLY A 470 35.26 2.09 17.67
N ASP A 471 35.82 3.20 18.15
CA ASP A 471 36.80 4.00 17.43
C ASP A 471 37.43 5.02 18.37
N MET A 472 38.75 5.09 18.42
CA MET A 472 39.38 6.10 19.25
C MET A 472 39.29 7.51 18.68
N GLY A 473 38.96 7.66 17.41
CA GLY A 473 38.86 8.99 16.86
C GLY A 473 37.49 9.57 17.07
N HIS A 474 36.45 8.81 16.72
CA HIS A 474 35.09 9.28 16.97
C HIS A 474 34.76 9.27 18.45
N GLY A 475 35.31 8.30 19.18
CA GLY A 475 35.16 8.26 20.63
C GLY A 475 35.80 9.42 21.35
N PHE A 476 36.97 9.88 20.91
CA PHE A 476 37.58 11.05 21.51
C PHE A 476 36.83 12.33 21.16
N ILE A 477 36.25 12.41 19.95
CA ILE A 477 35.42 13.55 19.59
C ILE A 477 34.16 13.60 20.47
N LEU A 478 33.52 12.46 20.68
CA LEU A 478 32.33 12.43 21.53
C LEU A 478 32.66 12.68 23.00
N PHE A 479 33.79 12.14 23.49
CA PHE A 479 34.25 12.45 24.83
C PHE A 479 34.61 13.92 24.99
N LEU A 480 35.16 14.55 23.96
CA LEU A 480 35.55 15.95 24.03
C LEU A 480 34.32 16.86 24.02
N MET A 481 33.34 16.57 23.16
CA MET A 481 32.11 17.37 23.16
C MET A 481 31.20 17.04 24.32
N ALA A 482 31.46 15.97 25.07
CA ALA A 482 30.80 15.76 26.36
C ALA A 482 31.50 16.47 27.51
N LEU A 483 32.84 16.43 27.53
CA LEU A 483 33.62 17.13 28.53
C LEU A 483 33.53 18.65 28.39
N PHE A 484 33.21 19.15 27.19
CA PHE A 484 32.88 20.55 27.05
C PHE A 484 31.62 20.93 27.81
N LEU A 485 30.64 20.03 27.86
CA LEU A 485 29.40 20.28 28.62
C LEU A 485 29.57 19.99 30.10
N VAL A 486 30.46 19.08 30.47
CA VAL A 486 30.68 18.79 31.88
C VAL A 486 31.44 19.92 32.56
N LEU A 487 32.48 20.46 31.91
CA LEU A 487 33.22 21.56 32.49
C LEU A 487 32.47 22.88 32.46
N ASN A 488 31.43 23.01 31.64
CA ASN A 488 30.65 24.22 31.54
C ASN A 488 29.22 24.01 32.02
N GLU A 489 29.03 23.15 33.02
CA GLU A 489 27.71 22.79 33.49
C GLU A 489 27.09 23.85 34.40
N ARG A 490 27.86 24.85 34.83
CA ARG A 490 27.29 25.92 35.64
C ARG A 490 26.72 27.04 34.79
N LYS A 491 27.32 27.33 33.63
CA LYS A 491 26.78 28.34 32.73
C LYS A 491 25.58 27.81 31.96
N PHE A 492 25.53 26.50 31.73
CA PHE A 492 24.44 25.88 30.98
C PHE A 492 23.28 25.47 31.86
N GLY A 493 23.48 25.38 33.17
CA GLY A 493 22.38 25.02 34.06
C GLY A 493 21.38 26.14 34.23
N ALA A 494 21.87 27.37 34.41
CA ALA A 494 21.00 28.55 34.48
C ALA A 494 20.84 29.13 33.08
N MET A 495 20.12 28.38 32.26
CA MET A 495 19.93 28.72 30.85
C MET A 495 18.67 28.00 30.37
N HIS A 496 17.94 28.62 29.47
CA HIS A 496 16.80 27.99 28.83
C HIS A 496 17.31 27.00 27.79
N ARG A 497 16.96 25.72 27.96
CA ARG A 497 17.37 24.66 27.05
C ARG A 497 16.17 24.24 26.20
N ASP A 498 16.34 24.30 24.88
CA ASP A 498 15.38 23.65 23.99
C ASP A 498 15.58 22.14 24.02
N GLU A 499 14.57 21.42 23.53
CA GLU A 499 14.36 19.99 23.77
C GLU A 499 15.53 19.10 23.35
N ILE A 500 16.14 19.41 22.21
CA ILE A 500 17.30 18.63 21.76
C ILE A 500 18.51 18.89 22.63
N PHE A 501 18.81 20.16 22.90
CA PHE A 501 19.93 20.48 23.78
C PHE A 501 19.60 20.22 25.25
N ASP A 502 18.33 20.23 25.64
CA ASP A 502 17.97 19.75 26.97
C ASP A 502 18.21 18.25 27.10
N MET A 503 17.94 17.50 26.02
CA MET A 503 18.27 16.08 25.99
C MET A 503 19.78 15.87 26.05
N ALA A 504 20.54 16.69 25.35
CA ALA A 504 21.99 16.53 25.31
C ALA A 504 22.68 16.99 26.58
N PHE A 505 22.13 17.98 27.29
CA PHE A 505 22.72 18.47 28.52
C PHE A 505 22.21 17.75 29.75
N THR A 506 21.00 17.19 29.72
CA THR A 506 20.55 16.34 30.83
C THR A 506 21.42 15.10 30.93
N GLY A 507 21.88 14.59 29.80
CA GLY A 507 22.80 13.47 29.77
C GLY A 507 24.22 13.87 29.46
N ARG A 508 24.75 14.91 30.12
CA ARG A 508 26.15 15.23 29.86
C ARG A 508 27.11 14.25 30.52
N TYR A 509 26.63 13.41 31.44
CA TYR A 509 27.44 12.35 32.01
C TYR A 509 27.19 10.99 31.38
N VAL A 510 26.13 10.82 30.59
CA VAL A 510 26.04 9.58 29.84
C VAL A 510 26.99 9.65 28.64
N LEU A 511 27.19 10.83 28.05
CA LEU A 511 28.06 10.98 26.91
C LEU A 511 29.54 10.98 27.28
N LEU A 512 29.89 11.46 28.48
CA LEU A 512 31.28 11.36 28.94
C LEU A 512 31.71 9.92 29.10
N LEU A 513 30.84 9.08 29.67
CA LEU A 513 31.14 7.66 29.75
C LEU A 513 31.07 6.98 28.38
N MET A 514 30.15 7.42 27.52
CA MET A 514 30.09 6.86 26.18
C MET A 514 31.29 7.22 25.32
N GLY A 515 32.00 8.30 25.64
CA GLY A 515 33.25 8.58 24.97
C GLY A 515 34.42 7.87 25.61
N ALA A 516 34.42 7.81 26.95
CA ALA A 516 35.51 7.20 27.68
C ALA A 516 35.59 5.70 27.48
N PHE A 517 34.44 5.04 27.27
CA PHE A 517 34.49 3.62 26.94
C PHE A 517 34.78 3.40 25.47
N SER A 518 34.38 4.35 24.61
CA SER A 518 34.66 4.21 23.19
C SER A 518 36.15 4.34 22.88
N VAL A 519 36.87 5.17 23.63
CA VAL A 519 38.33 5.22 23.51
C VAL A 519 38.96 3.89 23.94
N TYR A 520 38.48 3.29 25.03
CA TYR A 520 39.00 2.01 25.50
C TYR A 520 38.78 0.90 24.48
N THR A 521 37.56 0.79 23.96
CA THR A 521 37.28 -0.29 23.03
C THR A 521 37.86 -0.03 21.65
N GLY A 522 38.05 1.23 21.24
CA GLY A 522 38.74 1.48 20.00
C GLY A 522 40.23 1.44 20.12
N LEU A 523 40.74 1.31 21.35
CA LEU A 523 42.11 0.88 21.57
C LEU A 523 42.22 -0.63 21.67
N LEU A 524 41.14 -1.32 22.01
CA LEU A 524 41.09 -2.78 21.86
C LEU A 524 41.07 -3.17 20.39
N TYR A 525 40.17 -2.59 19.61
CA TYR A 525 40.32 -2.69 18.16
C TYR A 525 41.48 -1.81 17.73
N ASN A 526 41.98 -2.03 16.53
CA ASN A 526 42.88 -1.06 15.93
C ASN A 526 42.04 -0.21 14.99
N ASP A 527 41.39 0.80 15.56
CA ASP A 527 40.43 1.59 14.79
C ASP A 527 40.54 3.03 15.31
N ILE A 528 41.42 3.80 14.69
CA ILE A 528 41.58 5.23 14.95
C ILE A 528 41.30 5.95 13.64
N PHE A 529 40.06 6.42 13.49
CA PHE A 529 39.49 6.88 12.21
C PHE A 529 39.68 5.82 11.12
N SER A 530 39.41 4.56 11.49
CA SER A 530 39.63 3.36 10.68
C SER A 530 41.08 3.21 10.24
N LYS A 531 41.99 3.33 11.21
CA LYS A 531 43.40 3.03 11.00
C LYS A 531 43.92 2.20 12.16
N SER A 532 45.07 1.59 11.98
CA SER A 532 45.66 0.74 13.00
C SER A 532 46.69 1.49 13.83
N MET A 533 47.00 0.92 14.99
CA MET A 533 47.98 1.48 15.91
C MET A 533 49.05 0.43 16.14
N THR A 534 50.28 0.75 15.76
CA THR A 534 51.41 -0.17 15.91
C THR A 534 52.12 0.07 17.25
N ILE A 535 51.33 -0.02 18.32
CA ILE A 535 51.82 0.29 19.65
C ILE A 535 52.67 -0.84 20.20
N PHE A 536 52.15 -2.06 20.18
CA PHE A 536 52.81 -3.20 20.77
C PHE A 536 53.54 -4.00 19.69
N LYS A 537 54.09 -5.14 20.10
CA LYS A 537 54.77 -6.04 19.19
C LYS A 537 53.76 -7.02 18.60
N SER A 538 53.83 -7.22 17.29
CA SER A 538 52.86 -8.06 16.60
C SER A 538 53.11 -9.53 16.88
N GLY A 539 52.05 -10.32 16.77
CA GLY A 539 52.15 -11.75 16.84
C GLY A 539 52.27 -12.42 15.50
N TRP A 540 52.34 -11.64 14.42
CA TRP A 540 52.42 -12.15 13.06
C TRP A 540 53.59 -11.47 12.36
N GLN A 541 54.45 -12.26 11.74
CA GLN A 541 55.50 -11.72 10.88
C GLN A 541 55.24 -12.12 9.44
N TRP A 542 55.52 -11.21 8.55
CA TRP A 542 55.39 -11.42 7.11
C TRP A 542 56.71 -11.92 6.53
N PRO A 543 56.67 -12.70 5.45
CA PRO A 543 57.93 -13.17 4.86
C PRO A 543 58.72 -12.05 4.21
N SER A 544 60.05 -12.15 4.29
CA SER A 544 60.91 -11.08 3.83
C SER A 544 61.08 -11.08 2.31
N THR A 545 61.22 -12.27 1.72
CA THR A 545 61.48 -12.40 0.29
C THR A 545 60.23 -12.98 -0.38
N PHE A 546 59.53 -12.15 -1.15
CA PHE A 546 58.35 -12.58 -1.88
C PHE A 546 58.20 -11.73 -3.13
N ARG A 547 57.56 -12.31 -4.14
CA ARG A 547 57.34 -11.61 -5.39
C ARG A 547 56.26 -10.55 -5.22
N LYS A 548 56.36 -9.49 -6.04
CA LYS A 548 55.42 -8.38 -5.94
C LYS A 548 54.07 -8.77 -6.53
N GLY A 549 53.00 -8.48 -5.78
CA GLY A 549 51.66 -8.69 -6.26
C GLY A 549 51.05 -10.05 -5.99
N GLU A 550 51.76 -10.93 -5.29
CA GLU A 550 51.23 -12.26 -4.99
C GLU A 550 50.64 -12.28 -3.58
N SER A 551 49.79 -13.28 -3.35
CA SER A 551 49.10 -13.43 -2.07
C SER A 551 49.99 -14.22 -1.11
N ILE A 552 50.27 -13.64 0.05
CA ILE A 552 51.14 -14.24 1.04
C ILE A 552 50.41 -14.34 2.37
N GLU A 553 50.86 -15.28 3.20
CA GLU A 553 50.36 -15.44 4.56
C GLU A 553 51.44 -15.03 5.55
N ALA A 554 51.01 -14.83 6.79
CA ALA A 554 51.91 -14.50 7.88
C ALA A 554 52.06 -15.69 8.82
N LYS A 555 53.25 -15.83 9.40
CA LYS A 555 53.55 -16.89 10.36
C LYS A 555 53.37 -16.35 11.76
N LYS A 556 52.71 -17.13 12.62
CA LYS A 556 52.44 -16.71 13.98
C LYS A 556 53.70 -16.78 14.83
N THR A 557 54.12 -15.64 15.37
CA THR A 557 55.24 -15.59 16.30
C THR A 557 54.75 -15.69 17.75
N GLY A 558 53.87 -14.77 18.14
CA GLY A 558 53.27 -14.81 19.46
C GLY A 558 51.83 -14.36 19.43
N VAL A 559 51.37 -13.73 20.51
CA VAL A 559 50.03 -13.19 20.62
C VAL A 559 50.14 -11.71 20.98
N TYR A 560 49.22 -10.92 20.45
CA TYR A 560 49.28 -9.47 20.64
C TYR A 560 48.83 -9.15 22.06
N PRO A 561 49.56 -8.28 22.79
CA PRO A 561 49.35 -8.13 24.24
C PRO A 561 48.01 -7.57 24.66
N PHE A 562 47.66 -6.38 24.15
CA PHE A 562 46.42 -5.72 24.54
C PHE A 562 45.64 -5.41 23.27
N GLY A 563 44.50 -6.06 23.11
CA GLY A 563 43.62 -5.76 22.01
C GLY A 563 43.86 -6.60 20.79
N LEU A 564 43.16 -6.24 19.73
CA LEU A 564 43.27 -6.93 18.45
C LEU A 564 44.57 -6.54 17.77
N ASP A 565 45.02 -7.38 16.84
CA ASP A 565 46.35 -7.27 16.24
C ASP A 565 46.31 -6.37 15.01
N PHE A 566 47.41 -5.66 14.77
CA PHE A 566 47.43 -4.67 13.69
C PHE A 566 47.86 -5.23 12.35
N ALA A 567 48.18 -6.53 12.27
CA ALA A 567 48.48 -7.15 10.99
C ALA A 567 47.24 -7.68 10.28
N TRP A 568 46.06 -7.27 10.75
CA TRP A 568 44.79 -7.62 10.11
C TRP A 568 44.20 -6.46 9.33
N HIS A 569 44.97 -5.39 9.09
CA HIS A 569 44.37 -4.15 8.59
C HIS A 569 44.12 -4.19 7.09
N GLY A 570 45.20 -4.27 6.30
CA GLY A 570 45.06 -4.32 4.86
C GLY A 570 45.01 -5.74 4.35
N THR A 571 44.13 -6.52 4.94
CA THR A 571 44.14 -7.97 4.84
C THR A 571 42.89 -8.45 4.14
N ASP A 572 43.05 -9.44 3.25
CA ASP A 572 41.91 -9.98 2.51
C ASP A 572 40.97 -10.75 3.42
N ASN A 573 41.51 -11.65 4.24
CA ASN A 573 40.68 -12.43 5.15
C ASN A 573 40.66 -11.86 6.57
N GLY A 574 41.00 -10.58 6.74
CA GLY A 574 40.91 -9.97 8.05
C GLY A 574 39.47 -9.75 8.49
N LEU A 575 38.58 -9.54 7.53
CA LEU A 575 37.19 -9.29 7.85
C LEU A 575 36.47 -10.55 8.30
N LEU A 576 36.89 -11.74 7.81
CA LEU A 576 36.37 -13.01 8.33
C LEU A 576 36.73 -13.20 9.80
N PHE A 577 37.98 -12.90 10.15
CA PHE A 577 38.42 -13.00 11.54
C PHE A 577 37.72 -11.99 12.43
N SER A 578 37.51 -10.77 11.93
CA SER A 578 36.76 -9.79 12.70
C SER A 578 35.29 -10.17 12.84
N ASN A 579 34.70 -10.81 11.83
CA ASN A 579 33.35 -11.33 11.96
C ASN A 579 33.25 -12.39 13.05
N SER A 580 34.17 -13.34 13.06
CA SER A 580 34.17 -14.39 14.08
C SER A 580 34.37 -13.82 15.48
N TYR A 581 35.37 -12.93 15.62
CA TYR A 581 35.64 -12.30 16.91
C TYR A 581 34.47 -11.45 17.41
N LYS A 582 33.90 -10.59 16.56
CA LYS A 582 32.83 -9.72 17.04
C LYS A 582 31.52 -10.46 17.26
N MET A 583 31.25 -11.53 16.49
CA MET A 583 30.07 -12.35 16.74
C MET A 583 30.17 -13.07 18.07
N LYS A 584 31.32 -13.69 18.34
CA LYS A 584 31.49 -14.38 19.62
C LYS A 584 31.61 -13.40 20.79
N LEU A 585 32.14 -12.20 20.54
CA LEU A 585 32.13 -11.12 21.52
C LEU A 585 30.72 -10.71 21.90
N SER A 586 29.85 -10.52 20.91
CA SER A 586 28.46 -10.17 21.17
C SER A 586 27.72 -11.28 21.89
N ILE A 587 27.99 -12.55 21.53
CA ILE A 587 27.37 -13.67 22.22
C ILE A 587 27.79 -13.72 23.70
N LEU A 588 29.09 -13.59 23.98
CA LEU A 588 29.54 -13.66 25.37
C LEU A 588 29.13 -12.45 26.19
N MET A 589 29.11 -11.24 25.61
CA MET A 589 28.69 -10.09 26.39
C MET A 589 27.18 -10.07 26.60
N GLY A 590 26.39 -10.58 25.65
CA GLY A 590 24.98 -10.73 25.87
C GLY A 590 24.66 -11.78 26.90
N TYR A 591 25.42 -12.88 26.89
CA TYR A 591 25.32 -13.89 27.93
C TYR A 591 25.64 -13.33 29.31
N ALA A 592 26.72 -12.54 29.41
CA ALA A 592 27.11 -11.94 30.68
C ALA A 592 26.07 -10.95 31.18
N HIS A 593 25.53 -10.11 30.29
CA HIS A 593 24.52 -9.14 30.66
C HIS A 593 23.22 -9.82 31.10
N MET A 594 22.80 -10.86 30.40
CA MET A 594 21.60 -11.61 30.77
C MET A 594 21.78 -12.41 32.06
N THR A 595 22.91 -13.08 32.26
CA THR A 595 23.08 -13.83 33.51
C THR A 595 23.43 -12.92 34.68
N TYR A 596 23.81 -11.68 34.44
CA TYR A 596 23.96 -10.72 35.53
C TYR A 596 22.61 -10.14 35.93
N SER A 597 21.79 -9.78 34.93
CA SER A 597 20.49 -9.22 35.25
C SER A 597 19.47 -10.29 35.66
N PHE A 598 19.79 -11.57 35.49
CA PHE A 598 18.88 -12.61 35.96
C PHE A 598 19.05 -12.91 37.44
N MET A 599 20.22 -12.58 38.03
CA MET A 599 20.42 -12.75 39.47
C MET A 599 19.64 -11.73 40.29
N PHE A 600 19.33 -10.56 39.70
CA PHE A 600 18.52 -9.56 40.37
C PHE A 600 17.10 -10.04 40.62
N SER A 601 16.60 -10.95 39.78
CA SER A 601 15.30 -11.56 40.04
C SER A 601 15.34 -12.43 41.30
N TYR A 602 16.42 -13.19 41.49
CA TYR A 602 16.59 -13.98 42.71
C TYR A 602 16.72 -13.09 43.93
N ILE A 603 17.43 -11.97 43.80
CA ILE A 603 17.54 -11.05 44.93
C ILE A 603 16.18 -10.40 45.24
N ASN A 604 15.36 -10.16 44.22
CA ASN A 604 14.00 -9.65 44.44
C ASN A 604 13.12 -10.69 45.14
N TYR A 605 13.17 -11.94 44.70
CA TYR A 605 12.31 -12.95 45.32
C TYR A 605 12.82 -13.35 46.70
N ARG A 606 14.11 -13.12 46.97
CA ARG A 606 14.64 -13.36 48.30
C ARG A 606 14.26 -12.22 49.24
N ALA A 607 14.24 -10.98 48.73
CA ALA A 607 13.82 -9.86 49.56
C ALA A 607 12.32 -9.89 49.83
N LYS A 608 11.55 -10.43 48.90
CA LYS A 608 10.13 -10.65 49.15
C LYS A 608 9.85 -11.88 50.01
N ASN A 609 10.89 -12.70 50.27
CA ASN A 609 10.83 -13.92 51.08
C ASN A 609 9.80 -14.89 50.52
N SER A 610 9.94 -15.19 49.23
CA SER A 610 9.04 -16.08 48.52
C SER A 610 9.86 -17.22 47.90
N LYS A 611 10.00 -18.31 48.65
CA LYS A 611 10.68 -19.49 48.13
C LYS A 611 9.88 -20.17 47.03
N VAL A 612 8.56 -19.98 47.01
CA VAL A 612 7.73 -20.51 45.94
C VAL A 612 8.08 -19.88 44.60
N ASP A 613 8.28 -18.56 44.58
CA ASP A 613 8.72 -17.87 43.37
C ASP A 613 10.15 -18.25 42.97
N ILE A 614 11.02 -18.50 43.95
CA ILE A 614 12.38 -18.93 43.65
C ILE A 614 12.38 -20.27 42.95
N ILE A 615 11.80 -21.29 43.59
CA ILE A 615 11.79 -22.65 43.03
C ILE A 615 10.89 -22.74 41.79
N GLY A 616 9.95 -21.81 41.60
CA GLY A 616 9.12 -21.85 40.42
C GLY A 616 9.62 -21.07 39.22
N ASN A 617 10.43 -20.02 39.44
CA ASN A 617 10.85 -19.18 38.33
C ASN A 617 12.35 -19.03 38.19
N PHE A 618 13.10 -18.91 39.29
CA PHE A 618 14.52 -18.62 39.16
C PHE A 618 15.33 -19.86 38.83
N ILE A 619 15.21 -20.91 39.66
CA ILE A 619 15.96 -22.14 39.41
C ILE A 619 15.60 -22.83 38.10
N PRO A 620 14.32 -23.02 37.72
CA PRO A 620 14.06 -23.58 36.37
C PRO A 620 14.42 -22.63 35.25
N GLY A 621 14.51 -21.33 35.52
CA GLY A 621 15.07 -20.42 34.55
C GLY A 621 16.58 -20.46 34.47
N LEU A 622 17.24 -20.60 35.62
CA LEU A 622 18.70 -20.62 35.66
C LEU A 622 19.25 -21.87 34.98
N VAL A 623 18.70 -23.05 35.28
CA VAL A 623 19.29 -24.25 34.71
C VAL A 623 18.64 -24.60 33.37
N PHE A 624 17.84 -23.67 32.83
CA PHE A 624 17.47 -23.70 31.42
C PHE A 624 18.35 -22.77 30.59
N MET A 625 18.64 -21.58 31.12
CA MET A 625 19.49 -20.63 30.41
C MET A 625 20.94 -21.10 30.37
N GLN A 626 21.47 -21.55 31.53
CA GLN A 626 22.87 -21.94 31.62
C GLN A 626 23.16 -23.27 30.95
N SER A 627 22.16 -24.13 30.83
CA SER A 627 22.38 -25.44 30.22
C SER A 627 22.39 -25.39 28.70
N ILE A 628 21.96 -24.28 28.10
CA ILE A 628 21.99 -24.15 26.65
C ILE A 628 22.97 -23.06 26.26
N PHE A 629 22.69 -21.82 26.66
CA PHE A 629 23.52 -20.74 26.16
C PHE A 629 24.70 -20.43 27.06
N GLY A 630 24.62 -20.81 28.34
CA GLY A 630 25.85 -20.93 29.13
C GLY A 630 26.81 -21.97 28.59
N TYR A 631 26.28 -23.09 28.08
CA TYR A 631 27.10 -24.09 27.42
C TYR A 631 27.68 -23.58 26.10
N LEU A 632 26.90 -22.81 25.34
CA LEU A 632 27.45 -22.17 24.13
C LEU A 632 28.57 -21.19 24.45
N SER A 633 28.37 -20.35 25.48
CA SER A 633 29.38 -19.38 25.84
C SER A 633 30.61 -20.03 26.46
N TRP A 634 30.43 -21.19 27.10
CA TRP A 634 31.59 -21.95 27.56
C TRP A 634 32.31 -22.60 26.40
N ALA A 635 31.57 -23.10 25.41
CA ALA A 635 32.17 -23.79 24.27
C ALA A 635 32.96 -22.85 23.39
N ILE A 636 32.54 -21.59 23.28
CA ILE A 636 33.35 -20.59 22.56
C ILE A 636 34.70 -20.39 23.23
N VAL A 637 34.71 -20.26 24.56
CA VAL A 637 35.95 -20.07 25.30
C VAL A 637 36.82 -21.32 25.24
N TYR A 638 36.20 -22.50 25.25
CA TYR A 638 36.98 -23.73 25.20
C TYR A 638 37.53 -24.01 23.82
N LYS A 639 36.85 -23.55 22.75
CA LYS A 639 37.45 -23.63 21.43
C LYS A 639 38.59 -22.65 21.28
N TRP A 640 38.46 -21.47 21.90
CA TRP A 640 39.58 -20.52 21.92
C TRP A 640 40.76 -21.03 22.74
N SER A 641 40.50 -21.89 23.73
CA SER A 641 41.57 -22.39 24.58
C SER A 641 42.40 -23.47 23.90
N LYS A 642 41.77 -24.34 23.11
CA LYS A 642 42.47 -25.40 22.43
C LYS A 642 43.11 -24.87 21.15
N ASP A 643 44.13 -25.59 20.68
CA ASP A 643 44.93 -25.12 19.55
C ASP A 643 44.37 -25.60 18.21
N TRP A 644 43.97 -26.88 18.13
CA TRP A 644 43.30 -27.57 17.02
C TRP A 644 44.17 -27.72 15.78
N ILE A 645 45.43 -27.27 15.79
CA ILE A 645 46.37 -27.48 14.70
C ILE A 645 47.59 -28.25 15.16
N LYS A 646 48.14 -27.89 16.32
CA LYS A 646 49.18 -28.69 16.96
C LYS A 646 48.64 -30.06 17.38
N ASP A 647 47.37 -30.12 17.77
CA ASP A 647 46.74 -31.38 18.16
C ASP A 647 46.36 -32.24 16.96
N ASP A 648 46.34 -31.67 15.75
CA ASP A 648 45.92 -32.33 14.51
C ASP A 648 44.50 -32.90 14.62
N LYS A 649 43.61 -32.12 15.23
CA LYS A 649 42.21 -32.46 15.39
C LYS A 649 41.35 -31.49 14.57
N PRO A 650 40.18 -31.91 14.09
CA PRO A 650 39.31 -30.97 13.40
C PRO A 650 38.66 -29.99 14.37
N ALA A 651 38.66 -28.72 14.00
CA ALA A 651 38.01 -27.69 14.80
C ALA A 651 36.51 -27.81 14.64
N PRO A 652 35.76 -28.01 15.72
CA PRO A 652 34.31 -28.22 15.59
C PRO A 652 33.57 -26.94 15.24
N GLY A 653 32.50 -27.09 14.47
CA GLY A 653 31.59 -25.99 14.25
C GLY A 653 30.60 -25.90 15.38
N LEU A 654 30.46 -24.73 15.98
CA LEU A 654 29.60 -24.56 17.14
C LEU A 654 28.16 -24.22 16.79
N LEU A 655 27.89 -23.83 15.54
CA LEU A 655 26.50 -23.64 15.14
C LEU A 655 25.80 -24.97 14.99
N ASN A 656 26.36 -25.87 14.19
CA ASN A 656 25.80 -27.20 14.01
C ASN A 656 26.20 -28.17 15.12
N MET A 657 26.83 -27.68 16.19
CA MET A 657 26.89 -28.42 17.44
C MET A 657 25.62 -28.20 18.25
N LEU A 658 25.17 -26.94 18.37
CA LEU A 658 23.91 -26.66 19.02
C LEU A 658 22.70 -27.03 18.17
N ILE A 659 22.85 -27.11 16.85
CA ILE A 659 21.78 -27.68 16.04
C ILE A 659 21.64 -29.18 16.32
N ASN A 660 22.75 -29.89 16.38
CA ASN A 660 22.73 -31.34 16.55
C ASN A 660 22.59 -31.76 18.01
N MET A 661 22.71 -30.83 18.95
CA MET A 661 22.44 -31.16 20.35
C MET A 661 20.95 -31.35 20.63
N PHE A 662 20.10 -30.68 19.85
CA PHE A 662 18.66 -30.81 19.98
C PHE A 662 18.04 -31.79 18.99
N LEU A 663 18.62 -31.95 17.81
CA LEU A 663 18.05 -32.84 16.80
C LEU A 663 18.51 -34.29 16.98
N ALA A 664 19.83 -34.50 16.99
CA ALA A 664 20.41 -35.85 17.04
C ALA A 664 21.30 -35.96 18.28
N PRO A 665 20.74 -36.28 19.45
CA PRO A 665 21.55 -36.34 20.67
C PRO A 665 22.44 -37.57 20.69
N GLY A 666 23.68 -37.38 21.15
CA GLY A 666 24.64 -38.45 21.27
C GLY A 666 25.54 -38.63 20.06
N THR A 667 25.21 -38.02 18.93
CA THR A 667 26.00 -38.14 17.72
C THR A 667 26.88 -36.90 17.59
N ILE A 668 28.20 -37.07 17.71
CA ILE A 668 29.16 -35.98 17.67
C ILE A 668 30.09 -36.23 16.49
N ASP A 669 29.97 -35.41 15.45
CA ASP A 669 30.81 -35.60 14.26
C ASP A 669 32.24 -35.10 14.50
N ASP A 670 32.40 -33.89 15.03
CA ASP A 670 33.69 -33.34 15.42
C ASP A 670 33.70 -33.20 16.93
N GLN A 671 34.51 -34.01 17.61
CA GLN A 671 34.53 -34.03 19.05
C GLN A 671 35.23 -32.78 19.59
N LEU A 672 34.57 -32.08 20.50
CA LEU A 672 35.10 -30.85 21.07
C LEU A 672 35.76 -31.06 22.42
N TYR A 673 35.28 -32.01 23.22
CA TYR A 673 35.92 -32.38 24.46
C TYR A 673 35.60 -33.83 24.79
N SER A 674 36.38 -34.40 25.70
CA SER A 674 36.17 -35.79 26.09
C SER A 674 34.92 -35.92 26.95
N GLY A 675 34.04 -36.85 26.57
CA GLY A 675 32.77 -36.97 27.25
C GLY A 675 31.71 -36.00 26.78
N GLN A 676 31.80 -35.56 25.52
CA GLN A 676 30.84 -34.60 25.00
C GLN A 676 29.48 -35.23 24.74
N ALA A 677 29.47 -36.43 24.14
CA ALA A 677 28.25 -37.07 23.69
C ALA A 677 27.34 -37.50 24.82
N LYS A 678 27.87 -37.72 26.01
CA LYS A 678 27.05 -38.10 27.15
C LYS A 678 26.76 -36.93 28.09
N LEU A 679 27.55 -35.86 28.05
CA LEU A 679 27.24 -34.68 28.85
C LEU A 679 26.22 -33.79 28.16
N GLN A 680 26.22 -33.75 26.82
CA GLN A 680 25.20 -32.98 26.12
C GLN A 680 23.81 -33.59 26.27
N VAL A 681 23.72 -34.91 26.45
CA VAL A 681 22.42 -35.53 26.74
C VAL A 681 21.92 -35.12 28.13
N VAL A 682 22.83 -35.01 29.10
CA VAL A 682 22.46 -34.57 30.44
C VAL A 682 22.03 -33.11 30.43
N LEU A 683 22.73 -32.27 29.67
CA LEU A 683 22.33 -30.86 29.57
C LEU A 683 21.02 -30.70 28.81
N LEU A 684 20.79 -31.53 27.78
CA LEU A 684 19.53 -31.49 27.05
C LEU A 684 18.35 -31.92 27.93
N LEU A 685 18.54 -32.97 28.73
CA LEU A 685 17.48 -33.38 29.65
C LEU A 685 17.27 -32.37 30.77
N ALA A 686 18.33 -31.70 31.22
CA ALA A 686 18.17 -30.65 32.23
C ALA A 686 17.46 -29.42 31.66
N ALA A 687 17.62 -29.15 30.37
CA ALA A 687 16.88 -28.06 29.75
C ALA A 687 15.44 -28.45 29.45
N LEU A 688 15.20 -29.69 29.03
CA LEU A 688 13.85 -30.13 28.69
C LEU A 688 13.01 -30.45 29.92
N VAL A 689 13.62 -30.71 31.06
CA VAL A 689 12.84 -30.99 32.26
C VAL A 689 12.29 -29.70 32.86
N CYS A 690 12.85 -28.55 32.51
CA CYS A 690 12.43 -27.27 33.07
C CYS A 690 11.37 -26.58 32.24
N VAL A 691 10.96 -27.15 31.13
CA VAL A 691 9.80 -26.65 30.38
C VAL A 691 8.51 -27.08 31.07
N PRO A 692 8.32 -28.36 31.56
CA PRO A 692 7.16 -28.60 32.41
C PRO A 692 7.32 -28.08 33.82
N TRP A 693 8.55 -28.00 34.34
CA TRP A 693 8.73 -27.62 35.74
C TRP A 693 8.46 -26.14 35.98
N LEU A 694 8.97 -25.26 35.12
CA LEU A 694 8.67 -23.83 35.25
C LEU A 694 7.21 -23.52 34.93
N LEU A 695 6.54 -24.38 34.19
CA LEU A 695 5.14 -24.19 33.82
C LEU A 695 4.18 -24.77 34.85
N LEU A 696 4.62 -25.77 35.62
CA LEU A 696 3.73 -26.51 36.51
C LEU A 696 4.09 -26.46 37.98
N TYR A 697 5.21 -25.87 38.38
CA TYR A 697 5.53 -25.85 39.81
C TYR A 697 4.66 -24.82 40.53
N LYS A 698 4.72 -23.56 40.12
CA LYS A 698 4.06 -22.48 40.85
C LYS A 698 2.52 -22.56 40.88
N PRO A 699 1.78 -22.81 39.78
CA PRO A 699 0.32 -22.92 39.95
C PRO A 699 -0.12 -24.11 40.77
N LEU A 700 0.54 -25.26 40.64
CA LEU A 700 0.15 -26.45 41.39
C LEU A 700 0.58 -26.41 42.85
N THR A 701 1.47 -25.50 43.23
CA THR A 701 1.77 -25.32 44.65
C THR A 701 1.13 -24.08 45.25
N LEU A 702 0.58 -23.19 44.42
CA LEU A 702 -0.36 -22.20 44.95
C LEU A 702 -1.74 -22.82 45.13
N ARG A 703 -2.10 -23.79 44.30
CA ARG A 703 -3.37 -24.48 44.49
C ARG A 703 -3.31 -25.40 45.70
N ARG A 704 -2.14 -25.95 46.00
CA ARG A 704 -2.00 -26.85 47.13
C ARG A 704 -2.04 -26.09 48.46
N LEU A 705 -1.68 -24.80 48.43
CA LEU A 705 -1.68 -24.00 49.66
C LEU A 705 -3.02 -23.33 49.91
N ASN A 706 -4.05 -23.73 49.16
CA ASN A 706 -5.43 -23.37 49.48
C ASN A 706 -6.24 -24.57 49.93
N LYS A 707 -5.58 -25.59 50.48
CA LYS A 707 -6.27 -26.77 50.99
C LYS A 707 -5.80 -27.09 52.41
N PHE A 766 -8.35 -16.13 45.19
CA PHE A 766 -7.44 -16.94 44.39
C PHE A 766 -8.14 -17.54 43.18
N ASN A 767 -7.65 -17.21 41.99
CA ASN A 767 -8.15 -17.76 40.74
C ASN A 767 -7.05 -18.64 40.15
N PHE A 768 -7.35 -19.93 40.01
CA PHE A 768 -6.37 -20.85 39.43
C PHE A 768 -6.22 -20.61 37.94
N GLY A 769 -7.28 -20.11 37.28
CA GLY A 769 -7.17 -19.75 35.88
C GLY A 769 -6.34 -18.51 35.62
N ASP A 770 -6.26 -17.60 36.59
CA ASP A 770 -5.43 -16.41 36.45
C ASP A 770 -3.98 -16.66 36.81
N VAL A 771 -3.67 -17.82 37.39
CA VAL A 771 -2.30 -18.19 37.72
C VAL A 771 -1.73 -19.17 36.71
N MET A 772 -2.54 -20.15 36.30
CA MET A 772 -2.07 -21.16 35.36
C MET A 772 -1.83 -20.58 33.97
N ILE A 773 -2.75 -19.74 33.49
CA ILE A 773 -2.58 -19.10 32.18
C ILE A 773 -1.42 -18.13 32.22
N HIS A 774 -1.26 -17.41 33.34
CA HIS A 774 -0.12 -16.50 33.49
C HIS A 774 1.20 -17.23 33.51
N GLN A 775 1.24 -18.42 34.12
CA GLN A 775 2.50 -19.16 34.15
C GLN A 775 2.79 -19.84 32.81
N VAL A 776 1.75 -20.22 32.06
CA VAL A 776 1.95 -20.71 30.70
C VAL A 776 2.51 -19.60 29.81
N ILE A 777 1.96 -18.38 29.93
CA ILE A 777 2.46 -17.24 29.16
C ILE A 777 3.88 -16.88 29.59
N HIS A 778 4.16 -16.96 30.88
CA HIS A 778 5.51 -16.69 31.39
C HIS A 778 6.52 -17.73 30.90
N THR A 779 6.11 -19.01 30.83
CA THR A 779 7.00 -20.06 30.35
C THR A 779 7.28 -19.92 28.87
N ILE A 780 6.23 -19.69 28.07
CA ILE A 780 6.40 -19.50 26.63
C ILE A 780 7.24 -18.26 26.34
N GLU A 781 6.99 -17.17 27.07
CA GLU A 781 7.72 -15.93 26.87
C GLU A 781 9.19 -16.07 27.26
N PHE A 782 9.47 -16.70 28.41
CA PHE A 782 10.84 -16.84 28.88
C PHE A 782 11.64 -17.79 27.99
N CYS A 783 11.05 -18.94 27.62
CA CYS A 783 11.76 -19.89 26.78
C CYS A 783 11.91 -19.38 25.35
N LEU A 784 11.00 -18.52 24.90
CA LEU A 784 11.20 -17.82 23.64
C LEU A 784 12.34 -16.82 23.75
N ASN A 785 12.34 -16.02 24.82
CA ASN A 785 13.27 -14.91 24.93
C ASN A 785 14.70 -15.35 25.22
N CYS A 786 14.91 -16.53 25.81
CA CYS A 786 16.27 -17.04 25.99
C CYS A 786 16.96 -17.28 24.64
N ILE A 787 16.21 -17.68 23.64
CA ILE A 787 16.75 -17.81 22.28
C ILE A 787 16.70 -16.48 21.55
N SER A 788 15.63 -15.71 21.73
CA SER A 788 15.41 -14.50 20.96
C SER A 788 16.27 -13.33 21.40
N HIS A 789 16.87 -13.37 22.58
CA HIS A 789 17.72 -12.26 22.98
C HIS A 789 19.21 -12.52 22.75
N THR A 790 19.65 -13.77 22.81
CA THR A 790 21.04 -14.06 22.50
C THR A 790 21.34 -13.92 21.02
N ALA A 791 20.32 -13.93 20.17
CA ALA A 791 20.45 -13.57 18.77
C ALA A 791 20.17 -12.09 18.52
N SER A 792 19.55 -11.40 19.47
CA SER A 792 19.32 -9.98 19.37
C SER A 792 20.49 -9.15 19.90
N TYR A 793 21.35 -9.75 20.72
CA TYR A 793 22.60 -9.11 21.09
C TYR A 793 23.65 -9.13 20.01
N LEU A 794 23.38 -9.76 18.86
CA LEU A 794 24.30 -9.71 17.73
C LEU A 794 24.26 -8.38 16.98
N ARG A 795 23.39 -7.46 17.37
CA ARG A 795 23.48 -6.09 16.89
C ARG A 795 24.70 -5.37 17.41
N LEU A 796 25.30 -5.85 18.50
CA LEU A 796 26.60 -5.37 18.94
C LEU A 796 27.71 -5.67 17.93
N TRP A 797 27.55 -6.73 17.15
CA TRP A 797 28.43 -7.02 16.02
C TRP A 797 27.96 -6.32 14.74
N ALA A 798 26.65 -6.24 14.54
CA ALA A 798 26.09 -5.59 13.34
C ALA A 798 26.48 -4.12 13.25
N LEU A 799 26.16 -3.34 14.29
CA LEU A 799 26.46 -1.91 14.23
C LEU A 799 27.94 -1.61 14.36
N SER A 800 28.72 -2.48 15.01
CA SER A 800 30.17 -2.32 15.01
C SER A 800 30.77 -2.55 13.64
N LEU A 801 30.30 -3.57 12.91
CA LEU A 801 30.72 -3.80 11.53
C LEU A 801 30.32 -2.61 10.65
N ALA A 802 29.11 -2.09 10.85
CA ALA A 802 28.64 -0.96 10.06
C ALA A 802 29.47 0.29 10.32
N HIS A 803 29.81 0.56 11.58
CA HIS A 803 30.62 1.72 11.93
C HIS A 803 32.04 1.59 11.39
N ALA A 804 32.67 0.41 11.55
CA ALA A 804 34.01 0.18 11.05
C ALA A 804 34.09 0.25 9.53
N GLN A 805 33.14 -0.36 8.82
CA GLN A 805 33.16 -0.32 7.37
C GLN A 805 32.81 1.05 6.80
N LEU A 806 31.89 1.79 7.43
CA LEU A 806 31.62 3.15 6.96
C LEU A 806 32.79 4.09 7.22
N SER A 807 33.45 3.96 8.39
CA SER A 807 34.64 4.76 8.64
C SER A 807 35.82 4.36 7.76
N SER A 808 35.84 3.13 7.27
CA SER A 808 36.86 2.74 6.30
C SER A 808 36.58 3.30 4.91
N VAL A 809 35.36 3.13 4.40
CA VAL A 809 35.04 3.54 3.04
C VAL A 809 34.76 5.03 2.94
N LEU A 810 34.73 5.76 4.04
CA LEU A 810 34.77 7.21 3.97
C LEU A 810 36.19 7.74 3.89
N TRP A 811 37.11 7.16 4.66
CA TRP A 811 38.53 7.46 4.53
C TRP A 811 39.04 7.17 3.13
N ASP A 812 38.70 5.99 2.60
CA ASP A 812 39.17 5.56 1.28
C ASP A 812 38.62 6.42 0.14
N MET A 813 37.46 7.05 0.33
CA MET A 813 36.91 7.93 -0.70
C MET A 813 37.35 9.37 -0.54
N THR A 814 37.69 9.81 0.68
CA THR A 814 38.03 11.22 0.89
C THR A 814 39.53 11.48 0.94
N ILE A 815 40.26 10.87 1.87
CA ILE A 815 41.66 11.29 2.06
C ILE A 815 42.65 10.29 1.48
N SER A 816 42.21 9.08 1.12
CA SER A 816 43.09 8.22 0.35
C SER A 816 43.34 8.75 -1.05
N ASN A 817 42.45 9.62 -1.53
CA ASN A 817 42.64 10.32 -2.80
C ASN A 817 43.59 11.51 -2.67
N ALA A 818 43.73 12.07 -1.46
CA ALA A 818 44.53 13.26 -1.25
C ALA A 818 46.00 12.96 -1.00
N PHE A 819 46.39 11.69 -0.98
CA PHE A 819 47.75 11.30 -0.65
C PHE A 819 48.48 10.92 -1.93
N SER A 820 49.43 11.75 -2.34
CA SER A 820 50.17 11.52 -3.57
C SER A 820 51.54 12.17 -3.46
N SER A 821 52.56 11.45 -3.92
CA SER A 821 53.94 11.93 -3.87
C SER A 821 54.29 12.81 -5.05
N LYS A 822 53.34 13.14 -5.91
CA LYS A 822 53.56 14.02 -7.04
C LYS A 822 53.05 15.42 -6.71
N ASN A 823 53.68 16.42 -7.32
CA ASN A 823 53.41 17.84 -7.10
C ASN A 823 53.57 18.21 -5.63
N SER A 824 54.66 17.76 -5.03
CA SER A 824 54.91 17.96 -3.60
C SER A 824 55.23 19.42 -3.34
N GLY A 825 54.31 20.11 -2.64
CA GLY A 825 54.45 21.52 -2.38
C GLY A 825 53.69 22.43 -3.32
N SER A 826 52.96 21.86 -4.29
CA SER A 826 52.20 22.67 -5.21
C SER A 826 50.96 23.25 -4.53
N PRO A 827 50.47 24.41 -4.98
CA PRO A 827 49.24 24.96 -4.39
C PRO A 827 48.00 24.15 -4.68
N LEU A 828 47.88 23.59 -5.88
CA LEU A 828 46.72 22.74 -6.20
C LEU A 828 46.75 21.45 -5.39
N ALA A 829 47.93 20.85 -5.23
CA ALA A 829 48.06 19.61 -4.47
C ALA A 829 47.92 19.80 -2.97
N VAL A 830 47.98 21.03 -2.46
CA VAL A 830 47.72 21.26 -1.04
C VAL A 830 46.29 21.74 -0.79
N MET A 831 45.69 22.48 -1.75
CA MET A 831 44.27 22.76 -1.64
C MET A 831 43.41 21.53 -1.86
N LYS A 832 43.92 20.55 -2.61
CA LYS A 832 43.31 19.23 -2.69
C LYS A 832 43.19 18.58 -1.32
N VAL A 833 44.28 18.60 -0.55
CA VAL A 833 44.32 18.02 0.80
C VAL A 833 43.42 18.79 1.77
N VAL A 834 43.41 20.13 1.66
CA VAL A 834 42.55 20.95 2.51
C VAL A 834 41.08 20.67 2.24
N PHE A 835 40.66 20.66 0.97
CA PHE A 835 39.26 20.42 0.64
C PHE A 835 38.83 19.00 0.98
N LEU A 836 39.70 18.01 0.74
CA LEU A 836 39.33 16.64 1.08
C LEU A 836 39.34 16.38 2.58
N PHE A 837 40.19 17.06 3.36
CA PHE A 837 40.08 16.93 4.81
C PHE A 837 38.80 17.58 5.32
N ALA A 838 38.40 18.72 4.75
CA ALA A 838 37.15 19.35 5.18
C ALA A 838 35.94 18.48 4.83
N MET A 839 35.93 17.90 3.62
CA MET A 839 34.86 17.00 3.21
C MET A 839 34.85 15.72 4.04
N TRP A 840 36.02 15.22 4.44
CA TRP A 840 36.07 14.06 5.32
C TRP A 840 35.56 14.39 6.71
N PHE A 841 35.98 15.52 7.27
CA PHE A 841 35.67 15.83 8.66
C PHE A 841 34.19 16.15 8.85
N VAL A 842 33.59 16.88 7.90
CA VAL A 842 32.17 17.18 8.06
C VAL A 842 31.32 15.92 7.86
N LEU A 843 31.80 14.98 7.03
CA LEU A 843 31.05 13.75 6.84
C LEU A 843 31.20 12.82 8.04
N THR A 844 32.39 12.78 8.66
CA THR A 844 32.56 12.00 9.88
C THR A 844 31.70 12.55 11.01
N VAL A 845 31.72 13.88 11.23
CA VAL A 845 30.93 14.48 12.30
C VAL A 845 29.43 14.32 12.03
N CYS A 846 29.00 14.57 10.78
CA CYS A 846 27.57 14.53 10.49
C CYS A 846 27.01 13.11 10.48
N ILE A 847 27.70 12.15 9.88
CA ILE A 847 27.22 10.78 9.85
C ILE A 847 27.75 9.97 11.02
N LEU A 848 29.06 9.72 11.04
CA LEU A 848 29.67 8.69 11.87
C LEU A 848 29.66 9.02 13.35
N VAL A 849 29.41 10.27 13.73
CA VAL A 849 29.20 10.64 15.12
C VAL A 849 27.71 10.88 15.39
N PHE A 850 27.14 11.92 14.81
CA PHE A 850 25.79 12.34 15.19
C PHE A 850 24.70 11.40 14.69
N MET A 851 24.81 10.87 13.48
CA MET A 851 23.72 10.11 12.90
C MET A 851 24.07 8.63 12.80
N GLU A 852 25.16 8.21 13.47
CA GLU A 852 25.51 6.81 13.68
C GLU A 852 25.60 6.44 15.15
N GLY A 853 26.26 7.26 15.97
CA GLY A 853 26.26 7.02 17.39
C GLY A 853 24.94 7.25 18.08
N THR A 854 24.04 8.03 17.48
CA THR A 854 22.67 8.08 18.01
C THR A 854 21.96 6.76 17.81
N SER A 855 22.20 6.09 16.68
CA SER A 855 21.63 4.76 16.45
C SER A 855 22.26 3.71 17.36
N ALA A 856 23.57 3.79 17.57
CA ALA A 856 24.22 2.91 18.54
C ALA A 856 23.74 3.17 19.97
N MET A 857 23.48 4.43 20.31
CA MET A 857 22.93 4.80 21.61
C MET A 857 21.55 4.20 21.81
N LEU A 858 20.67 4.35 20.81
CA LEU A 858 19.33 3.80 20.89
C LEU A 858 19.32 2.27 20.86
N HIS A 859 20.30 1.63 20.21
CA HIS A 859 20.35 0.17 20.25
C HIS A 859 20.88 -0.36 21.58
N ALA A 860 21.85 0.32 22.18
CA ALA A 860 22.25 -0.03 23.54
C ALA A 860 21.15 0.31 24.54
N LEU A 861 20.25 1.22 24.18
CA LEU A 861 19.10 1.53 25.01
C LEU A 861 18.05 0.42 24.95
N ARG A 862 17.74 -0.08 23.75
CA ARG A 862 16.74 -1.15 23.67
C ARG A 862 17.29 -2.48 24.19
N LEU A 863 18.61 -2.66 24.15
CA LEU A 863 19.20 -3.84 24.80
C LEU A 863 19.02 -3.80 26.31
N HIS A 864 18.86 -2.61 26.89
CA HIS A 864 18.51 -2.54 28.31
C HIS A 864 17.01 -2.66 28.52
N TRP A 865 16.22 -1.98 27.70
CA TRP A 865 14.77 -1.97 27.90
C TRP A 865 14.13 -3.32 27.68
N VAL A 866 14.69 -4.17 26.81
CA VAL A 866 14.05 -5.44 26.52
C VAL A 866 14.89 -6.60 27.00
N GLU A 867 16.15 -6.66 26.58
CA GLU A 867 17.00 -7.81 26.85
C GLU A 867 17.50 -7.88 28.29
N ALA A 868 17.46 -6.77 29.03
CA ALA A 868 17.94 -6.75 30.42
C ALA A 868 16.85 -6.49 31.43
N MET A 869 15.88 -5.62 31.11
CA MET A 869 14.77 -5.30 32.01
C MET A 869 13.56 -6.20 31.79
N SER A 870 13.78 -7.43 31.34
CA SER A 870 12.75 -8.45 31.34
C SER A 870 13.14 -9.69 32.11
N LYS A 871 14.39 -9.77 32.57
CA LYS A 871 14.82 -10.89 33.41
C LYS A 871 14.48 -10.66 34.87
N PHE A 872 14.46 -9.41 35.31
CA PHE A 872 14.24 -9.10 36.72
C PHE A 872 13.25 -7.98 36.96
N PHE A 873 12.88 -7.20 35.94
CA PHE A 873 12.20 -5.93 36.13
C PHE A 873 10.70 -6.12 35.98
N GLU A 874 9.97 -5.93 37.07
CA GLU A 874 8.51 -5.97 37.02
C GLU A 874 7.96 -4.67 36.47
N GLY A 875 8.22 -3.56 37.17
CA GLY A 875 7.87 -2.25 36.64
C GLY A 875 6.43 -1.85 36.80
N GLU A 876 5.79 -2.24 37.89
CA GLU A 876 4.41 -1.86 38.16
C GLU A 876 4.41 -0.99 39.42
N GLY A 877 4.69 0.29 39.22
CA GLY A 877 4.76 1.24 40.32
C GLY A 877 4.48 2.63 39.79
N TYR A 878 4.49 3.59 40.71
CA TYR A 878 4.23 4.97 40.37
C TYR A 878 5.21 5.88 41.09
N ALA A 879 5.52 7.01 40.45
CA ALA A 879 6.62 7.84 40.89
C ALA A 879 6.26 8.67 42.11
N TYR A 880 7.27 8.93 42.94
CA TYR A 880 7.13 9.81 44.09
C TYR A 880 7.21 11.25 43.61
N GLU A 881 6.07 11.92 43.56
CA GLU A 881 5.99 13.34 43.21
C GLU A 881 5.26 14.08 44.33
N PRO A 882 5.98 14.68 45.26
CA PRO A 882 5.34 15.26 46.44
C PRO A 882 4.72 16.61 46.15
N PHE A 883 3.92 17.07 47.11
CA PHE A 883 3.33 18.40 47.07
C PHE A 883 4.43 19.43 47.27
N SER A 884 4.87 20.04 46.17
CA SER A 884 6.06 20.87 46.16
C SER A 884 5.82 22.12 45.32
N PHE A 885 6.20 23.28 45.86
CA PHE A 885 6.08 24.53 45.13
C PHE A 885 7.22 24.74 44.15
N ARG A 886 8.30 23.97 44.27
CA ARG A 886 9.43 24.04 43.37
C ARG A 886 9.24 23.22 42.10
N ALA A 887 8.04 22.69 41.87
CA ALA A 887 7.73 21.92 40.68
C ALA A 887 6.46 22.40 39.99
N ILE A 888 5.96 23.57 40.35
CA ILE A 888 4.76 24.11 39.73
C ILE A 888 5.14 25.16 38.69
N ILE B 214 23.37 -29.23 -24.18
CA ILE B 214 23.14 -27.79 -24.09
C ILE B 214 21.67 -27.57 -23.76
N LEU B 215 21.37 -26.45 -23.09
CA LEU B 215 19.99 -26.14 -22.75
C LEU B 215 19.22 -25.71 -23.99
N SER B 216 19.69 -24.67 -24.65
CA SER B 216 19.16 -24.26 -25.95
C SER B 216 20.24 -23.48 -26.68
N SER B 217 19.93 -23.09 -27.91
CA SER B 217 20.82 -22.23 -28.69
C SER B 217 20.41 -20.77 -28.65
N ILE B 218 19.12 -20.49 -28.52
CA ILE B 218 18.62 -19.13 -28.39
C ILE B 218 18.48 -18.81 -26.91
N TRP B 219 17.67 -19.59 -26.21
CA TRP B 219 17.44 -19.40 -24.78
C TRP B 219 18.50 -20.15 -24.00
N THR B 220 19.71 -19.60 -24.01
CA THR B 220 20.86 -20.28 -23.46
C THR B 220 20.85 -20.20 -21.94
N GLU B 221 21.93 -20.70 -21.33
CA GLU B 221 22.04 -20.75 -19.88
C GLU B 221 22.28 -19.38 -19.29
N GLY B 222 22.78 -18.44 -20.07
CA GLY B 222 23.12 -17.12 -19.57
C GLY B 222 22.08 -16.06 -19.86
N LEU B 223 21.43 -16.15 -21.01
CA LEU B 223 20.34 -15.23 -21.33
C LEU B 223 19.15 -15.47 -20.42
N LEU B 224 18.84 -16.74 -20.16
CA LEU B 224 17.65 -17.10 -19.41
C LEU B 224 17.79 -16.82 -17.92
N MET B 225 19.02 -16.60 -17.43
CA MET B 225 19.21 -16.17 -16.06
C MET B 225 19.64 -14.71 -15.96
N CYS B 226 19.82 -14.03 -17.08
CA CYS B 226 19.73 -12.57 -17.08
C CYS B 226 18.29 -12.10 -17.08
N LEU B 227 17.40 -12.81 -17.78
CA LEU B 227 15.98 -12.48 -17.81
C LEU B 227 15.21 -12.92 -16.58
N ILE B 228 15.87 -13.56 -15.61
CA ILE B 228 15.28 -13.79 -14.29
C ILE B 228 15.70 -12.72 -13.30
N VAL B 229 16.98 -12.33 -13.35
CA VAL B 229 17.48 -11.23 -12.55
C VAL B 229 16.80 -9.93 -12.95
N SER B 230 16.74 -9.65 -14.25
CA SER B 230 16.08 -8.45 -14.74
C SER B 230 14.56 -8.56 -14.73
N ALA B 231 14.00 -9.70 -14.33
CA ALA B 231 12.58 -9.78 -14.02
C ALA B 231 12.28 -9.57 -12.54
N LEU B 232 13.14 -10.07 -11.66
CA LEU B 232 13.03 -9.80 -10.23
C LEU B 232 13.25 -8.31 -9.93
N LEU B 233 14.29 -7.72 -10.53
CA LEU B 233 14.56 -6.30 -10.35
C LEU B 233 13.44 -5.43 -10.91
N LEU B 234 12.90 -5.81 -12.07
CA LEU B 234 11.80 -5.06 -12.65
C LEU B 234 10.49 -5.26 -11.90
N PHE B 235 10.30 -6.41 -11.26
CA PHE B 235 9.17 -6.61 -10.34
C PHE B 235 9.26 -5.70 -9.13
N ILE B 236 10.46 -5.62 -8.51
CA ILE B 236 10.66 -4.71 -7.38
C ILE B 236 10.48 -3.26 -7.81
N LEU B 237 10.91 -2.93 -9.03
CA LEU B 237 10.72 -1.58 -9.58
C LEU B 237 9.25 -1.25 -9.78
N ILE B 238 8.47 -2.18 -10.35
CA ILE B 238 7.05 -1.94 -10.58
C ILE B 238 6.30 -1.81 -9.26
N VAL B 239 6.67 -2.62 -8.26
CA VAL B 239 6.05 -2.53 -6.95
C VAL B 239 6.36 -1.18 -6.30
N ALA B 240 7.64 -0.76 -6.32
CA ALA B 240 8.03 0.50 -5.71
C ALA B 240 7.44 1.72 -6.43
N LEU B 241 7.35 1.68 -7.75
CA LEU B 241 6.69 2.75 -8.48
C LEU B 241 5.19 2.76 -8.25
N SER B 242 4.55 1.63 -7.98
CA SER B 242 3.16 1.63 -7.58
C SER B 242 2.96 2.11 -6.14
N TRP B 243 3.99 2.00 -5.30
CA TRP B 243 3.95 2.63 -3.99
C TRP B 243 4.04 4.15 -4.10
N ILE B 244 4.99 4.65 -4.88
CA ILE B 244 5.19 6.09 -5.00
C ILE B 244 4.06 6.73 -5.83
N SER B 245 3.41 5.97 -6.72
CA SER B 245 2.30 6.50 -7.49
C SER B 245 1.07 6.74 -6.63
N ASN B 246 0.93 5.99 -5.53
CA ASN B 246 -0.21 6.10 -4.63
C ASN B 246 -0.02 7.16 -3.55
N LEU B 247 0.86 8.13 -3.79
CA LEU B 247 1.24 9.10 -2.77
C LEU B 247 0.49 10.40 -3.04
N ASP B 248 -0.41 10.76 -2.13
CA ASP B 248 -1.28 11.91 -2.30
C ASP B 248 -1.04 12.91 -1.17
N ILE B 249 -1.37 14.17 -1.44
CA ILE B 249 -1.10 15.28 -0.55
C ILE B 249 -2.37 15.63 0.22
N THR B 250 -2.24 15.90 1.51
CA THR B 250 -3.37 16.34 2.32
C THR B 250 -3.59 17.83 2.06
N TYR B 251 -4.50 18.14 1.14
CA TYR B 251 -4.69 19.52 0.71
C TYR B 251 -5.48 20.35 1.71
N GLY B 252 -6.23 19.72 2.61
CA GLY B 252 -7.03 20.48 3.55
C GLY B 252 -6.20 21.16 4.62
N ALA B 253 -5.01 20.64 4.89
CA ALA B 253 -4.09 21.25 5.85
C ALA B 253 -3.17 22.27 5.19
N LEU B 254 -3.45 22.65 3.94
CA LEU B 254 -2.68 23.67 3.24
C LEU B 254 -3.51 24.86 2.80
N GLU B 255 -4.84 24.75 2.85
CA GLU B 255 -5.74 25.81 2.42
C GLU B 255 -6.15 26.68 3.61
N LYS B 256 -6.85 27.77 3.31
CA LYS B 256 -7.28 28.70 4.35
C LYS B 256 -8.62 28.28 4.93
N SER B 257 -9.60 28.02 4.06
CA SER B 257 -10.99 27.62 4.41
C SER B 257 -11.66 28.61 5.36
N PHE C 17 -5.56 -3.81 -16.94
CA PHE C 17 -4.52 -4.06 -17.93
C PHE C 17 -3.57 -5.17 -17.47
N SER C 18 -3.39 -5.28 -16.15
CA SER C 18 -2.56 -6.33 -15.59
C SER C 18 -3.20 -7.70 -15.75
N HIS C 19 -4.53 -7.80 -15.68
CA HIS C 19 -5.21 -9.04 -15.98
C HIS C 19 -5.09 -9.44 -17.44
N PHE C 20 -5.04 -8.47 -18.35
CA PHE C 20 -4.80 -8.75 -19.76
C PHE C 20 -3.40 -9.32 -19.98
N LEU C 21 -2.38 -8.81 -19.30
CA LEU C 21 -1.05 -9.39 -19.39
C LEU C 21 -0.97 -10.75 -18.72
N TYR C 22 -1.68 -10.96 -17.59
CA TYR C 22 -1.70 -12.27 -16.95
C TYR C 22 -2.37 -13.31 -17.85
N TYR C 23 -3.37 -12.89 -18.63
CA TYR C 23 -3.99 -13.82 -19.57
C TYR C 23 -3.13 -14.02 -20.80
N LEU C 24 -2.43 -12.97 -21.24
CA LEU C 24 -1.60 -13.08 -22.45
C LEU C 24 -0.39 -13.96 -22.22
N VAL C 25 0.27 -13.81 -21.07
CA VAL C 25 1.41 -14.67 -20.74
C VAL C 25 0.96 -16.12 -20.59
N LEU C 26 -0.23 -16.33 -20.02
CA LEU C 26 -0.77 -17.68 -19.86
C LEU C 26 -1.08 -18.31 -21.22
N ILE C 27 -1.65 -17.53 -22.15
CA ILE C 27 -1.95 -18.03 -23.48
C ILE C 27 -0.67 -18.33 -24.26
N VAL C 28 0.35 -17.47 -24.13
CA VAL C 28 1.62 -17.73 -24.81
C VAL C 28 2.33 -18.96 -24.22
N VAL C 29 2.25 -19.17 -22.91
CA VAL C 29 2.83 -20.37 -22.30
C VAL C 29 2.09 -21.63 -22.75
N ILE C 30 0.75 -21.58 -22.84
CA ILE C 30 0.00 -22.76 -23.28
C ILE C 30 0.24 -23.05 -24.76
N VAL C 31 0.28 -22.02 -25.61
CA VAL C 31 0.53 -22.22 -27.03
C VAL C 31 1.94 -22.72 -27.28
N TYR C 32 2.93 -22.20 -26.54
CA TYR C 32 4.30 -22.66 -26.69
C TYR C 32 4.48 -24.08 -26.16
N GLY C 33 3.83 -24.42 -25.05
CA GLY C 33 3.93 -25.78 -24.53
C GLY C 33 3.24 -26.80 -25.41
N LEU C 34 2.09 -26.46 -25.96
CA LEU C 34 1.38 -27.39 -26.84
C LEU C 34 2.04 -27.49 -28.21
N TYR C 35 2.64 -26.40 -28.71
CA TYR C 35 3.43 -26.49 -29.94
C TYR C 35 4.68 -27.32 -29.75
N LYS C 36 5.33 -27.18 -28.58
CA LYS C 36 6.54 -27.95 -28.34
C LYS C 36 6.21 -29.40 -28.05
N LEU C 37 5.02 -29.68 -27.52
CA LEU C 37 4.63 -31.03 -27.18
C LEU C 37 4.08 -31.80 -28.37
N PHE C 38 3.31 -31.13 -29.23
CA PHE C 38 2.72 -31.79 -30.40
C PHE C 38 3.76 -32.19 -31.43
N THR C 39 4.83 -31.41 -31.58
CA THR C 39 5.85 -31.70 -32.57
C THR C 39 6.91 -32.68 -32.09
N GLY C 40 6.64 -33.43 -31.02
CA GLY C 40 7.55 -34.44 -30.55
C GLY C 40 8.80 -33.93 -29.88
N HIS C 41 8.85 -32.64 -29.54
CA HIS C 41 10.03 -32.02 -28.96
C HIS C 41 9.73 -31.51 -27.55
N GLY C 42 8.76 -32.11 -26.87
CA GLY C 42 8.27 -31.59 -25.59
C GLY C 42 9.27 -31.67 -24.45
N SER C 43 10.31 -32.48 -24.59
CA SER C 43 11.37 -32.56 -23.61
C SER C 43 12.39 -31.44 -23.76
N ASP C 44 12.26 -30.58 -24.78
CA ASP C 44 13.14 -29.44 -24.91
C ASP C 44 12.84 -28.36 -23.88
N ILE C 45 11.60 -28.30 -23.37
CA ILE C 45 11.31 -27.44 -22.24
C ILE C 45 11.78 -28.20 -21.01
N ASN C 46 13.05 -28.03 -20.67
CA ASN C 46 13.75 -28.92 -19.75
C ASN C 46 14.14 -28.10 -18.53
N PHE C 47 13.32 -28.17 -17.49
CA PHE C 47 13.60 -27.45 -16.25
C PHE C 47 14.72 -28.09 -15.45
N GLY C 48 14.90 -29.41 -15.57
CA GLY C 48 15.99 -30.06 -14.87
C GLY C 48 17.36 -29.70 -15.39
N LYS C 49 17.50 -29.61 -16.73
CA LYS C 49 18.75 -29.16 -17.31
C LYS C 49 19.00 -27.68 -17.06
N PHE C 50 17.92 -26.89 -16.96
CA PHE C 50 18.03 -25.51 -16.51
C PHE C 50 18.59 -25.43 -15.09
N LEU C 51 18.14 -26.32 -14.21
CA LEU C 51 18.69 -26.32 -12.86
C LEU C 51 20.13 -26.84 -12.82
N LEU C 52 20.46 -27.79 -13.69
CA LEU C 52 21.81 -28.33 -13.72
C LEU C 52 22.84 -27.38 -14.31
N ARG C 53 22.44 -26.50 -15.24
CA ARG C 53 23.41 -25.72 -15.99
C ARG C 53 23.49 -24.26 -15.59
N THR C 54 22.55 -23.73 -14.82
CA THR C 54 22.71 -22.40 -14.26
C THR C 54 23.71 -22.43 -13.11
N SER C 55 24.36 -21.30 -12.90
CA SER C 55 25.47 -21.23 -11.95
C SER C 55 24.93 -21.30 -10.52
N PRO C 56 25.56 -22.08 -9.63
CA PRO C 56 25.09 -22.14 -8.24
C PRO C 56 25.28 -20.84 -7.48
N TYR C 57 26.19 -19.98 -7.92
CA TYR C 57 26.37 -18.69 -7.28
C TYR C 57 25.19 -17.77 -7.47
N MET C 58 24.43 -17.93 -8.56
CA MET C 58 23.19 -17.20 -8.73
C MET C 58 22.21 -17.51 -7.62
N TRP C 59 21.96 -18.81 -7.40
CA TRP C 59 21.02 -19.23 -6.36
C TRP C 59 21.52 -18.85 -4.97
N ALA C 60 22.81 -18.99 -4.71
CA ALA C 60 23.37 -18.66 -3.40
C ALA C 60 23.29 -17.17 -3.11
N ASN C 61 23.83 -16.32 -4.00
CA ASN C 61 23.79 -14.88 -3.79
C ASN C 61 22.38 -14.32 -3.84
N LEU C 62 21.51 -14.88 -4.67
CA LEU C 62 20.12 -14.47 -4.72
C LEU C 62 19.38 -14.82 -3.43
N GLY C 63 19.67 -15.99 -2.84
CA GLY C 63 19.10 -16.36 -1.55
C GLY C 63 19.58 -15.49 -0.41
N ILE C 64 20.88 -15.17 -0.38
CA ILE C 64 21.41 -14.27 0.65
C ILE C 64 20.79 -12.87 0.55
N ALA C 65 20.77 -12.32 -0.66
CA ALA C 65 20.23 -10.99 -0.89
C ALA C 65 18.74 -10.92 -0.63
N LEU C 66 17.97 -11.93 -1.03
CA LEU C 66 16.54 -11.94 -0.73
C LEU C 66 16.24 -12.24 0.73
N CYS C 67 17.10 -12.97 1.43
CA CYS C 67 16.99 -13.12 2.88
C CYS C 67 17.08 -11.77 3.59
N VAL C 68 18.18 -11.05 3.36
CA VAL C 68 18.35 -9.77 4.05
C VAL C 68 17.45 -8.68 3.47
N GLY C 69 16.94 -8.85 2.25
CA GLY C 69 16.00 -7.89 1.72
C GLY C 69 14.61 -8.08 2.25
N LEU C 70 14.10 -9.31 2.21
CA LEU C 70 12.73 -9.58 2.63
C LEU C 70 12.58 -9.66 4.14
N SER C 71 13.66 -9.80 4.90
CA SER C 71 13.52 -9.56 6.33
C SER C 71 13.31 -8.08 6.63
N VAL C 72 14.02 -7.22 5.90
CA VAL C 72 13.95 -5.78 6.14
C VAL C 72 12.64 -5.20 5.61
N VAL C 73 12.11 -5.73 4.50
CA VAL C 73 10.83 -5.20 4.02
C VAL C 73 9.65 -5.67 4.84
N GLY C 74 9.85 -6.59 5.78
CA GLY C 74 8.82 -6.95 6.74
C GLY C 74 9.02 -6.21 8.04
N ALA C 75 10.29 -6.02 8.43
CA ALA C 75 10.61 -5.24 9.61
C ALA C 75 10.18 -3.79 9.47
N ALA C 76 10.54 -3.16 8.36
CA ALA C 76 10.13 -1.80 8.05
C ALA C 76 8.64 -1.67 7.80
N TRP C 77 8.00 -2.75 7.38
CA TRP C 77 6.55 -2.74 7.20
C TRP C 77 5.86 -2.65 8.56
N GLY C 78 6.22 -3.57 9.46
CA GLY C 78 5.70 -3.56 10.81
C GLY C 78 6.04 -2.30 11.59
N ILE C 79 7.22 -1.72 11.34
CA ILE C 79 7.62 -0.49 12.01
C ILE C 79 6.69 0.66 11.64
N PHE C 80 6.29 0.80 10.37
CA PHE C 80 5.36 1.89 10.12
C PHE C 80 3.94 1.57 10.57
N ILE C 81 3.53 0.29 10.54
CA ILE C 81 2.17 -0.03 10.99
C ILE C 81 2.00 0.25 12.48
N THR C 82 2.92 -0.20 13.32
CA THR C 82 2.79 0.13 14.74
C THR C 82 3.57 1.37 15.14
N GLY C 83 4.06 2.17 14.19
CA GLY C 83 4.61 3.45 14.51
C GLY C 83 3.63 4.57 14.27
N SER C 84 2.95 4.54 13.11
CA SER C 84 1.99 5.60 12.80
C SER C 84 0.79 5.58 13.73
N SER C 85 0.30 4.39 14.12
CA SER C 85 -0.77 4.30 15.09
C SER C 85 -0.32 4.56 16.52
N MET C 86 0.97 4.34 16.82
CA MET C 86 1.51 4.73 18.12
C MET C 86 1.56 6.25 18.25
N ILE C 87 1.96 6.92 17.18
CA ILE C 87 2.01 8.38 17.22
C ILE C 87 0.61 8.99 17.16
N GLY C 88 -0.31 8.36 16.42
CA GLY C 88 -1.69 8.83 16.44
C GLY C 88 -2.37 8.61 17.77
N ALA C 89 -2.13 7.45 18.39
CA ALA C 89 -2.72 7.14 19.68
C ALA C 89 -2.04 7.87 20.83
N GLY C 90 -0.83 8.39 20.62
CA GLY C 90 -0.12 9.12 21.63
C GLY C 90 -0.43 10.60 21.71
N VAL C 91 -1.35 11.11 20.89
CA VAL C 91 -1.70 12.53 20.91
C VAL C 91 -2.46 12.87 22.18
N ARG C 92 -3.47 12.07 22.51
CA ARG C 92 -4.22 12.27 23.74
C ARG C 92 -3.55 11.62 24.94
N ALA C 93 -2.93 10.45 24.75
CA ALA C 93 -2.25 9.72 25.82
C ALA C 93 -0.78 9.59 25.47
N PRO C 94 0.04 10.59 25.80
CA PRO C 94 1.46 10.53 25.47
C PRO C 94 2.30 9.66 26.38
N ARG C 95 1.69 8.99 27.35
CA ARG C 95 2.40 8.08 28.23
C ARG C 95 2.53 6.69 27.65
N ILE C 96 2.26 6.50 26.37
CA ILE C 96 2.55 5.24 25.70
C ILE C 96 3.81 5.31 24.85
N THR C 97 4.30 6.51 24.53
CA THR C 97 5.25 6.67 23.44
C THR C 97 6.65 6.13 23.73
N THR C 98 6.91 5.64 24.94
CA THR C 98 8.16 5.01 25.29
C THR C 98 7.99 3.58 25.77
N LYS C 99 6.92 3.30 26.53
CA LYS C 99 6.63 1.95 26.98
C LYS C 99 6.29 1.02 25.82
N ASN C 100 5.56 1.54 24.84
CA ASN C 100 5.03 0.74 23.76
C ASN C 100 6.01 0.59 22.60
N LEU C 101 7.25 1.04 22.78
CA LEU C 101 8.29 0.91 21.76
C LEU C 101 8.79 -0.54 21.66
N ILE C 102 8.40 -1.41 22.59
CA ILE C 102 8.68 -2.83 22.46
C ILE C 102 7.90 -3.46 21.29
N SER C 103 6.82 -2.82 20.83
CA SER C 103 6.17 -3.29 19.62
C SER C 103 6.96 -2.92 18.37
N ILE C 104 7.73 -1.83 18.42
CA ILE C 104 8.71 -1.56 17.36
C ILE C 104 9.84 -2.55 17.43
N ILE C 105 10.25 -2.90 18.65
CA ILE C 105 11.39 -3.78 18.88
C ILE C 105 11.10 -5.22 18.43
N PHE C 106 9.88 -5.71 18.70
CA PHE C 106 9.50 -7.06 18.31
C PHE C 106 9.40 -7.22 16.80
N CYS C 107 9.01 -6.18 16.07
CA CYS C 107 9.02 -6.24 14.63
C CYS C 107 10.34 -5.78 14.03
N GLU C 108 11.26 -5.28 14.85
CA GLU C 108 12.59 -4.95 14.38
C GLU C 108 13.57 -6.11 14.50
N VAL C 109 13.32 -7.05 15.41
CA VAL C 109 14.21 -8.20 15.57
C VAL C 109 14.17 -9.15 14.39
N VAL C 110 13.11 -9.10 13.55
CA VAL C 110 13.05 -9.96 12.38
C VAL C 110 14.01 -9.52 11.29
N ALA C 111 14.58 -8.32 11.39
CA ALA C 111 15.64 -7.90 10.49
C ALA C 111 17.01 -8.38 10.95
N ILE C 112 17.26 -8.40 12.27
CA ILE C 112 18.52 -8.93 12.76
C ILE C 112 18.56 -10.45 12.61
N TYR C 113 17.40 -11.12 12.57
CA TYR C 113 17.37 -12.55 12.22
C TYR C 113 17.88 -12.80 10.81
N GLY C 114 17.32 -12.08 9.82
CA GLY C 114 17.77 -12.17 8.45
C GLY C 114 19.19 -11.72 8.23
N LEU C 115 19.65 -10.73 8.99
CA LEU C 115 21.04 -10.31 8.90
C LEU C 115 22.01 -11.37 9.39
N ILE C 116 21.75 -11.95 10.58
CA ILE C 116 22.66 -12.96 11.10
C ILE C 116 22.52 -14.30 10.40
N ILE C 117 21.47 -14.50 9.61
CA ILE C 117 21.43 -15.66 8.72
C ILE C 117 22.12 -15.38 7.39
N ALA C 118 22.00 -14.17 6.86
CA ALA C 118 22.70 -13.80 5.63
C ALA C 118 24.21 -13.81 5.79
N ILE C 119 24.74 -13.43 6.95
CA ILE C 119 26.18 -13.47 7.13
C ILE C 119 26.69 -14.91 7.28
N VAL C 120 25.94 -15.75 7.99
CA VAL C 120 26.29 -17.17 8.11
C VAL C 120 26.20 -17.88 6.76
N PHE C 121 25.26 -17.45 5.90
CA PHE C 121 25.20 -18.01 4.56
C PHE C 121 26.34 -17.52 3.69
N SER C 122 26.71 -16.24 3.82
CA SER C 122 27.81 -15.70 3.03
C SER C 122 29.17 -16.20 3.48
N SER C 123 29.26 -16.80 4.67
CA SER C 123 30.47 -17.52 5.04
C SER C 123 30.69 -18.78 4.20
N LYS C 124 29.62 -19.35 3.65
CA LYS C 124 29.69 -20.53 2.80
C LYS C 124 29.83 -20.19 1.33
N LEU C 125 30.44 -19.06 1.00
CA LEU C 125 30.43 -18.51 -0.35
C LEU C 125 31.88 -18.23 -0.76
N THR C 126 32.53 -19.25 -1.29
CA THR C 126 33.92 -19.18 -1.71
C THR C 126 34.00 -19.42 -3.21
N VAL C 127 35.22 -19.48 -3.73
CA VAL C 127 35.45 -19.67 -5.16
C VAL C 127 35.63 -21.16 -5.43
N ALA C 128 34.74 -21.72 -6.25
CA ALA C 128 34.83 -23.13 -6.62
C ALA C 128 35.67 -23.29 -7.87
N THR C 129 36.44 -24.36 -7.91
CA THR C 129 37.27 -24.67 -9.06
C THR C 129 36.39 -25.07 -10.24
N ALA C 130 36.81 -24.69 -11.46
CA ALA C 130 36.00 -24.89 -12.64
C ALA C 130 35.87 -26.35 -13.05
N GLU C 131 36.80 -27.21 -12.63
CA GLU C 131 36.71 -28.63 -12.96
C GLU C 131 35.62 -29.33 -12.15
N ASN C 132 35.42 -28.92 -10.90
CA ASN C 132 34.28 -29.36 -10.10
C ASN C 132 33.49 -28.11 -9.69
N MET C 133 32.63 -27.68 -10.61
CA MET C 133 31.85 -26.45 -10.50
C MET C 133 30.36 -26.70 -10.51
N TYR C 134 29.89 -27.58 -11.39
CA TYR C 134 28.51 -28.04 -11.40
C TYR C 134 28.39 -29.41 -10.79
N SER C 135 29.15 -29.64 -9.73
CA SER C 135 29.21 -30.92 -9.05
C SER C 135 27.95 -31.14 -8.22
N LYS C 136 27.94 -32.24 -7.47
CA LYS C 136 26.79 -32.53 -6.61
C LYS C 136 26.71 -31.57 -5.44
N SER C 137 27.82 -31.38 -4.72
CA SER C 137 27.85 -30.53 -3.53
C SER C 137 27.75 -29.06 -3.84
N ASN C 138 28.39 -28.57 -4.90
CA ASN C 138 28.33 -27.16 -5.25
C ASN C 138 26.94 -26.74 -5.68
N LEU C 139 26.23 -27.62 -6.36
CA LEU C 139 24.87 -27.34 -6.80
C LEU C 139 23.88 -27.50 -5.65
N TYR C 140 24.15 -28.46 -4.76
CA TYR C 140 23.38 -28.61 -3.52
C TYR C 140 23.46 -27.36 -2.66
N THR C 141 24.67 -26.81 -2.48
CA THR C 141 24.81 -25.63 -1.63
C THR C 141 24.42 -24.34 -2.33
N GLY C 142 24.02 -24.40 -3.60
CA GLY C 142 23.38 -23.26 -4.23
C GLY C 142 21.90 -23.34 -3.98
N TYR C 143 21.33 -24.54 -4.18
CA TYR C 143 19.90 -24.77 -3.94
C TYR C 143 19.53 -24.53 -2.48
N SER C 144 20.38 -24.98 -1.56
CA SER C 144 20.09 -24.88 -0.13
C SER C 144 20.13 -23.45 0.34
N LEU C 145 21.14 -22.69 -0.09
CA LEU C 145 21.22 -21.28 0.28
C LEU C 145 20.13 -20.46 -0.37
N PHE C 146 19.70 -20.82 -1.59
CA PHE C 146 18.58 -20.12 -2.23
C PHE C 146 17.29 -20.30 -1.44
N TRP C 147 16.88 -21.55 -1.22
CA TRP C 147 15.60 -21.75 -0.54
C TRP C 147 15.67 -21.46 0.95
N ALA C 148 16.84 -21.57 1.58
CA ALA C 148 16.98 -21.18 2.96
C ALA C 148 17.16 -19.68 3.14
N GLY C 149 17.39 -18.94 2.06
CA GLY C 149 17.28 -17.51 2.15
C GLY C 149 15.85 -17.07 1.92
N ILE C 150 15.16 -17.77 1.03
CA ILE C 150 13.76 -17.48 0.75
C ILE C 150 12.89 -17.76 1.98
N THR C 151 13.08 -18.92 2.62
CA THR C 151 12.23 -19.29 3.74
C THR C 151 12.53 -18.50 5.01
N VAL C 152 13.61 -17.74 5.05
CA VAL C 152 13.89 -16.84 6.16
C VAL C 152 13.42 -15.43 5.86
N GLY C 153 13.67 -14.95 4.64
CA GLY C 153 13.20 -13.62 4.26
C GLY C 153 11.69 -13.53 4.21
N ALA C 154 11.03 -14.54 3.64
CA ALA C 154 9.57 -14.52 3.60
C ALA C 154 8.95 -14.72 4.97
N SER C 155 9.54 -15.57 5.80
CA SER C 155 9.01 -15.77 7.15
C SER C 155 9.19 -14.52 8.01
N ASN C 156 10.33 -13.84 7.88
CA ASN C 156 10.51 -12.60 8.62
C ASN C 156 9.68 -11.46 8.05
N LEU C 157 9.38 -11.49 6.75
CA LEU C 157 8.43 -10.55 6.15
C LEU C 157 7.06 -10.71 6.80
N ILE C 158 6.53 -11.94 6.78
CA ILE C 158 5.19 -12.20 7.28
C ILE C 158 5.13 -12.00 8.79
N CYS C 159 6.20 -12.33 9.51
CA CYS C 159 6.26 -12.11 10.95
C CYS C 159 6.33 -10.63 11.28
N GLY C 160 7.08 -9.85 10.51
CA GLY C 160 7.12 -8.41 10.74
C GLY C 160 5.79 -7.74 10.49
N ILE C 161 5.08 -8.17 9.45
CA ILE C 161 3.75 -7.59 9.18
C ILE C 161 2.75 -7.99 10.26
N ALA C 162 2.79 -9.26 10.72
CA ALA C 162 1.87 -9.70 11.77
C ALA C 162 2.14 -9.01 13.11
N VAL C 163 3.42 -8.87 13.48
CA VAL C 163 3.76 -8.17 14.71
C VAL C 163 3.45 -6.68 14.61
N GLY C 164 3.58 -6.10 13.41
CA GLY C 164 3.17 -4.71 13.24
C GLY C 164 1.68 -4.49 13.39
N ILE C 165 0.87 -5.43 12.86
CA ILE C 165 -0.58 -5.32 13.01
C ILE C 165 -1.00 -5.52 14.46
N THR C 166 -0.45 -6.54 15.12
CA THR C 166 -0.79 -6.79 16.52
C THR C 166 -0.10 -5.82 17.48
N GLY C 167 0.78 -4.96 16.99
CA GLY C 167 1.32 -3.88 17.79
C GLY C 167 0.56 -2.60 17.55
N ALA C 168 0.01 -2.44 16.35
CA ALA C 168 -0.86 -1.31 16.06
C ALA C 168 -2.17 -1.42 16.82
N THR C 169 -2.66 -2.63 17.03
CA THR C 169 -3.85 -2.78 17.88
C THR C 169 -3.49 -2.55 19.35
N ALA C 170 -2.30 -2.98 19.77
CA ALA C 170 -1.84 -2.78 21.13
C ALA C 170 -1.56 -1.32 21.46
N ALA C 171 -1.09 -0.53 20.50
CA ALA C 171 -0.81 0.89 20.74
C ALA C 171 -2.07 1.72 20.96
N ILE C 172 -3.21 1.26 20.47
CA ILE C 172 -4.47 1.94 20.68
C ILE C 172 -5.20 1.39 21.89
N SER C 173 -5.12 0.08 22.13
CA SER C 173 -5.66 -0.47 23.36
C SER C 173 -4.85 -0.07 24.60
N ASP C 174 -3.59 0.33 24.43
CA ASP C 174 -2.84 0.89 25.54
C ASP C 174 -3.34 2.28 25.90
N ALA C 175 -3.58 3.11 24.89
CA ALA C 175 -4.10 4.45 25.11
C ALA C 175 -5.55 4.43 25.60
N ALA C 176 -6.29 3.35 25.32
CA ALA C 176 -7.62 3.20 25.90
C ALA C 176 -7.54 2.98 27.39
N ASP C 177 -6.91 1.88 27.81
CA ASP C 177 -6.70 1.56 29.22
C ASP C 177 -5.29 1.00 29.38
N SER C 178 -4.66 1.31 30.51
CA SER C 178 -3.27 0.95 30.70
C SER C 178 -3.09 -0.55 30.95
N ALA C 179 -4.11 -1.21 31.50
CA ALA C 179 -4.01 -2.63 31.83
C ALA C 179 -4.25 -3.55 30.64
N LEU C 180 -4.46 -3.00 29.45
CA LEU C 180 -4.70 -3.81 28.26
C LEU C 180 -3.44 -4.13 27.48
N PHE C 181 -2.38 -3.31 27.66
CA PHE C 181 -1.14 -3.53 26.96
C PHE C 181 -0.46 -4.82 27.40
N VAL C 182 -0.57 -5.16 28.69
CA VAL C 182 -0.02 -6.41 29.19
C VAL C 182 -0.77 -7.60 28.61
N LYS C 183 -2.09 -7.46 28.43
CA LYS C 183 -2.89 -8.55 27.90
C LYS C 183 -2.72 -8.76 26.41
N ILE C 184 -2.43 -7.70 25.66
CA ILE C 184 -2.29 -7.79 24.21
C ILE C 184 -0.82 -7.84 23.76
N LEU C 185 0.12 -7.73 24.70
CA LEU C 185 1.52 -8.04 24.40
C LEU C 185 1.72 -9.53 24.14
N VAL C 186 0.84 -10.37 24.69
CA VAL C 186 0.90 -11.82 24.51
C VAL C 186 0.66 -12.20 23.05
N ILE C 187 -0.21 -11.46 22.37
CA ILE C 187 -0.48 -11.70 20.96
C ILE C 187 0.75 -11.33 20.13
N GLU C 188 1.50 -10.32 20.56
CA GLU C 188 2.75 -9.99 19.88
C GLU C 188 3.81 -11.07 20.11
N ILE C 189 3.78 -11.70 21.29
CA ILE C 189 4.69 -12.82 21.55
C ILE C 189 4.38 -14.01 20.63
N PHE C 190 3.10 -14.37 20.53
CA PHE C 190 2.71 -15.47 19.63
C PHE C 190 2.93 -15.10 18.16
N GLY C 191 2.88 -13.82 17.82
CA GLY C 191 3.22 -13.41 16.47
C GLY C 191 4.70 -13.41 16.19
N SER C 192 5.52 -13.17 17.21
CA SER C 192 6.97 -13.15 17.04
C SER C 192 7.60 -14.53 17.25
N ILE C 193 6.80 -15.56 17.54
CA ILE C 193 7.28 -16.94 17.40
C ILE C 193 7.75 -17.21 15.97
N LEU C 194 7.08 -16.62 14.97
CA LEU C 194 7.19 -17.03 13.57
C LEU C 194 8.56 -16.72 12.97
N GLY C 195 9.10 -15.53 13.24
CA GLY C 195 10.42 -15.20 12.74
C GLY C 195 11.52 -16.03 13.35
N LEU C 196 11.36 -16.42 14.62
CA LEU C 196 12.33 -17.31 15.26
C LEU C 196 12.22 -18.72 14.70
N LEU C 197 11.02 -19.16 14.33
CA LEU C 197 10.88 -20.46 13.69
C LEU C 197 11.49 -20.47 12.29
N GLY C 198 11.34 -19.37 11.55
CA GLY C 198 12.05 -19.24 10.29
C GLY C 198 13.56 -19.19 10.45
N LEU C 199 14.03 -18.52 11.51
CA LEU C 199 15.43 -18.52 11.89
C LEU C 199 15.95 -19.93 12.13
N ILE C 200 15.15 -20.77 12.78
CA ILE C 200 15.55 -22.17 13.03
C ILE C 200 15.58 -22.96 11.72
N VAL C 201 14.52 -22.84 10.91
CA VAL C 201 14.40 -23.68 9.71
C VAL C 201 15.46 -23.31 8.68
N GLY C 202 15.78 -22.03 8.53
CA GLY C 202 16.83 -21.66 7.59
C GLY C 202 18.23 -22.04 8.01
N LEU C 203 18.45 -22.28 9.30
CA LEU C 203 19.72 -22.83 9.75
C LEU C 203 19.76 -24.36 9.65
N LEU C 204 18.61 -25.02 9.79
CA LEU C 204 18.58 -26.46 9.55
C LEU C 204 18.70 -26.82 8.08
N MET C 205 18.19 -25.97 7.18
CA MET C 205 18.25 -26.28 5.76
C MET C 205 19.67 -26.17 5.21
N ALA C 206 20.39 -25.11 5.57
CA ALA C 206 21.78 -24.94 5.16
C ALA C 206 22.74 -25.39 6.26
N GLY C 207 22.37 -26.42 7.00
CA GLY C 207 23.22 -26.95 8.04
C GLY C 207 24.23 -27.95 7.50
N LYS C 208 23.82 -28.76 6.54
CA LYS C 208 24.70 -29.75 5.94
C LYS C 208 25.34 -29.27 4.66
N ALA C 209 25.02 -28.06 4.20
CA ALA C 209 25.60 -27.50 3.00
C ALA C 209 27.03 -27.07 3.26
N SER C 210 27.95 -27.46 2.39
CA SER C 210 29.34 -27.10 2.53
C SER C 210 29.62 -25.82 1.73
N GLU C 211 30.88 -25.40 1.70
CA GLU C 211 31.28 -24.25 0.92
C GLU C 211 31.33 -24.60 -0.56
N PHE C 212 31.57 -23.61 -1.41
CA PHE C 212 31.80 -23.85 -2.82
C PHE C 212 33.24 -24.29 -3.01
N GLN C 213 33.42 -25.49 -3.53
CA GLN C 213 34.75 -26.08 -3.68
C GLN C 213 35.02 -26.50 -5.11
N GLY D 3 -6.09 -4.75 6.70
CA GLY D 3 -5.33 -4.11 7.75
C GLY D 3 -3.84 -4.10 7.52
N VAL D 4 -3.43 -4.37 6.29
CA VAL D 4 -2.02 -4.47 5.93
C VAL D 4 -1.59 -3.22 5.17
N TYR D 5 -2.53 -2.58 4.46
CA TYR D 5 -2.29 -1.34 3.75
C TYR D 5 -3.01 -0.15 4.36
N PHE D 6 -3.53 -0.28 5.58
CA PHE D 6 -4.36 0.79 6.13
C PHE D 6 -3.52 1.97 6.61
N ASN D 7 -2.46 1.71 7.35
CA ASN D 7 -1.74 2.75 8.07
C ASN D 7 -0.77 3.55 7.20
N ILE D 8 -0.84 3.40 5.88
CA ILE D 8 -0.03 4.23 4.99
C ILE D 8 -0.51 5.67 5.03
N ASP D 9 -1.78 5.88 4.67
CA ASP D 9 -2.38 7.20 4.73
C ASP D 9 -3.32 7.39 5.92
N ASN D 10 -3.68 6.32 6.62
CA ASN D 10 -4.69 6.37 7.67
C ASN D 10 -4.15 5.93 9.02
N GLY D 11 -2.84 5.95 9.22
CA GLY D 11 -2.27 5.55 10.48
C GLY D 11 -2.47 6.58 11.56
N PHE D 12 -2.09 7.83 11.27
CA PHE D 12 -2.27 8.91 12.22
C PHE D 12 -3.75 9.28 12.37
N ILE D 13 -4.54 9.09 11.30
CA ILE D 13 -5.94 9.52 11.31
C ILE D 13 -6.76 8.67 12.27
N GLU D 14 -6.54 7.35 12.25
CA GLU D 14 -7.31 6.47 13.11
C GLU D 14 -6.96 6.64 14.58
N GLY D 15 -5.66 6.70 14.89
CA GLY D 15 -5.24 6.72 16.28
C GLY D 15 -5.64 7.99 17.02
N VAL D 16 -5.85 9.08 16.29
CA VAL D 16 -6.41 10.27 16.91
C VAL D 16 -7.92 10.14 17.08
N VAL D 17 -8.59 9.53 16.09
CA VAL D 17 -10.03 9.28 16.19
C VAL D 17 -10.31 8.23 17.26
N ARG D 18 -9.44 7.22 17.37
CA ARG D 18 -9.51 6.29 18.49
C ARG D 18 -9.24 6.98 19.81
N GLY D 19 -8.41 8.02 19.80
CA GLY D 19 -8.25 8.84 20.99
C GLY D 19 -9.46 9.70 21.25
N TYR D 20 -10.11 10.18 20.18
CA TYR D 20 -11.34 10.94 20.34
C TYR D 20 -12.47 10.06 20.85
N ARG D 21 -12.40 8.75 20.57
CA ARG D 21 -13.40 7.82 21.07
C ARG D 21 -13.33 7.70 22.59
N ASN D 22 -12.13 7.83 23.17
CA ASN D 22 -11.99 7.61 24.60
C ASN D 22 -12.55 8.78 25.40
N GLY D 23 -12.84 9.90 24.74
CA GLY D 23 -13.52 11.02 25.34
C GLY D 23 -15.02 10.94 25.32
N LEU D 24 -15.58 9.89 24.73
CA LEU D 24 -17.02 9.62 24.83
C LEU D 24 -17.37 9.37 26.29
N LEU D 25 -18.44 10.02 26.75
CA LEU D 25 -18.79 9.94 28.16
C LEU D 25 -19.42 8.59 28.45
N SER D 26 -18.97 7.94 29.52
CA SER D 26 -19.49 6.63 29.89
C SER D 26 -20.79 6.81 30.67
N ASN D 27 -21.30 5.71 31.23
CA ASN D 27 -22.56 5.80 31.97
C ASN D 27 -22.36 6.49 33.31
N ASN D 28 -21.21 6.29 33.95
CA ASN D 28 -20.93 6.97 35.22
C ASN D 28 -20.69 8.46 35.00
N GLN D 29 -20.06 8.84 33.90
CA GLN D 29 -19.89 10.26 33.58
C GLN D 29 -21.18 10.94 33.15
N TYR D 30 -22.21 10.16 32.81
CA TYR D 30 -23.55 10.71 32.60
C TYR D 30 -24.33 10.80 33.90
N ILE D 31 -24.19 9.82 34.79
CA ILE D 31 -24.82 9.88 36.11
C ILE D 31 -24.25 11.04 36.92
N ASN D 32 -22.95 11.31 36.78
CA ASN D 32 -22.36 12.47 37.44
C ASN D 32 -22.82 13.79 36.84
N LEU D 33 -23.32 13.79 35.61
CA LEU D 33 -23.94 14.97 35.05
C LEU D 33 -25.40 15.12 35.43
N THR D 34 -26.12 14.02 35.66
CA THR D 34 -27.51 14.13 36.08
C THR D 34 -27.67 14.53 37.55
N GLN D 35 -26.59 14.52 38.32
CA GLN D 35 -26.63 14.94 39.72
C GLN D 35 -26.39 16.43 39.90
N CYS D 36 -26.21 17.17 38.82
CA CYS D 36 -25.92 18.59 38.92
C CYS D 36 -27.18 19.39 39.25
N ASP D 37 -26.96 20.57 39.81
CA ASP D 37 -28.07 21.45 40.21
C ASP D 37 -28.14 22.72 39.38
N THR D 38 -27.04 23.13 38.76
CA THR D 38 -26.97 24.39 38.03
C THR D 38 -26.22 24.12 36.74
N LEU D 39 -26.48 24.96 35.71
CA LEU D 39 -25.70 24.90 34.48
C LEU D 39 -24.22 25.19 34.72
N GLU D 40 -23.90 25.99 35.74
CA GLU D 40 -22.51 26.22 36.13
C GLU D 40 -21.88 24.95 36.71
N ASP D 41 -22.63 24.22 37.54
CA ASP D 41 -22.15 22.94 38.04
C ASP D 41 -21.98 21.92 36.93
N LEU D 42 -22.86 21.94 35.93
CA LEU D 42 -22.70 21.07 34.77
C LEU D 42 -21.50 21.45 33.91
N LYS D 43 -21.21 22.75 33.79
CA LYS D 43 -19.99 23.19 33.12
C LYS D 43 -18.75 22.71 33.86
N LEU D 44 -18.74 22.83 35.18
CA LEU D 44 -17.58 22.40 35.95
C LEU D 44 -17.45 20.89 35.99
N GLN D 45 -18.56 20.16 35.85
CA GLN D 45 -18.49 18.70 35.74
C GLN D 45 -17.98 18.27 34.37
N LEU D 46 -18.38 18.98 33.31
CA LEU D 46 -17.82 18.70 31.98
C LEU D 46 -16.36 19.11 31.86
N SER D 47 -15.89 20.03 32.70
CA SER D 47 -14.50 20.47 32.62
C SER D 47 -13.51 19.41 33.07
N SER D 48 -13.95 18.39 33.79
CA SER D 48 -13.08 17.27 34.16
C SER D 48 -13.01 16.20 33.10
N THR D 49 -13.88 16.24 32.09
CA THR D 49 -13.85 15.30 30.99
C THR D 49 -12.92 15.84 29.90
N ASP D 50 -12.99 15.28 28.70
CA ASP D 50 -12.20 15.79 27.59
C ASP D 50 -12.82 16.99 26.90
N TYR D 51 -13.89 17.55 27.46
CA TYR D 51 -14.42 18.84 27.03
C TYR D 51 -13.66 20.03 27.61
N GLY D 52 -12.78 19.79 28.57
CA GLY D 52 -12.27 20.77 29.54
C GLY D 52 -11.96 22.18 29.09
N ASN D 53 -12.67 23.13 29.69
CA ASN D 53 -12.61 24.56 29.39
C ASN D 53 -12.94 24.85 27.92
N PHE D 54 -14.13 24.42 27.52
CA PHE D 54 -14.68 24.81 26.22
C PHE D 54 -15.70 25.92 26.37
N LEU D 55 -16.28 26.08 27.56
CA LEU D 55 -17.16 27.20 27.90
C LEU D 55 -16.44 28.23 28.77
N SER D 56 -15.14 28.40 28.58
CA SER D 56 -14.36 29.29 29.44
C SER D 56 -14.62 30.75 29.15
N SER D 57 -15.06 31.09 27.94
CA SER D 57 -15.31 32.47 27.55
C SER D 57 -16.77 32.87 27.72
N VAL D 58 -17.44 32.30 28.73
CA VAL D 58 -18.85 32.51 28.98
C VAL D 58 -19.09 33.16 30.35
N SER D 59 -18.52 32.57 31.40
CA SER D 59 -18.43 33.14 32.75
C SER D 59 -19.79 33.35 33.41
N SER D 60 -20.60 32.29 33.44
CA SER D 60 -21.71 32.05 34.37
C SER D 60 -22.91 32.98 34.21
N GLU D 61 -22.87 33.97 33.32
CA GLU D 61 -23.96 34.92 33.19
C GLU D 61 -24.77 34.73 31.92
N SER D 62 -24.11 34.62 30.78
CA SER D 62 -24.76 34.37 29.50
C SER D 62 -24.84 32.88 29.18
N LEU D 63 -24.72 32.01 30.18
CA LEU D 63 -24.67 30.58 29.96
C LEU D 63 -26.10 30.05 29.90
N THR D 64 -26.54 29.67 28.71
CA THR D 64 -27.84 29.06 28.49
C THR D 64 -27.65 27.63 28.01
N THR D 65 -28.77 26.91 27.91
CA THR D 65 -28.72 25.51 27.48
C THR D 65 -28.55 25.36 25.97
N SER D 66 -28.69 26.45 25.21
CA SER D 66 -28.41 26.43 23.78
C SER D 66 -26.96 26.79 23.47
N LEU D 67 -26.30 27.57 24.32
CA LEU D 67 -24.90 27.89 24.15
C LEU D 67 -24.00 26.68 24.40
N ILE D 68 -24.42 25.79 25.31
CA ILE D 68 -23.73 24.52 25.51
C ILE D 68 -23.83 23.65 24.26
N GLN D 69 -25.02 23.57 23.66
CA GLN D 69 -25.20 22.81 22.43
C GLN D 69 -24.46 23.46 21.26
N GLU D 70 -24.27 24.78 21.32
CA GLU D 70 -23.48 25.45 20.31
C GLU D 70 -22.00 25.11 20.42
N TYR D 71 -21.41 25.29 21.60
CA TYR D 71 -19.96 25.11 21.74
C TYR D 71 -19.54 23.65 21.77
N ALA D 72 -20.34 22.77 22.37
CA ALA D 72 -20.02 21.34 22.39
C ALA D 72 -20.07 20.73 21.00
N SER D 73 -20.98 21.21 20.14
CA SER D 73 -20.99 20.77 18.76
C SER D 73 -19.94 21.49 17.93
N SER D 74 -19.58 22.73 18.30
CA SER D 74 -18.55 23.46 17.58
C SER D 74 -17.19 22.79 17.71
N LYS D 75 -16.87 22.28 18.91
CA LYS D 75 -15.61 21.57 19.04
C LYS D 75 -15.64 20.19 18.36
N LEU D 76 -16.81 19.55 18.25
CA LEU D 76 -16.98 18.40 17.37
C LEU D 76 -16.63 18.75 15.93
N TYR D 77 -17.10 19.90 15.46
CA TYR D 77 -16.89 20.30 14.08
C TYR D 77 -15.43 20.66 13.82
N HIS D 78 -14.77 21.30 14.78
CA HIS D 78 -13.35 21.59 14.65
C HIS D 78 -12.48 20.34 14.73
N GLU D 79 -12.86 19.36 15.56
CA GLU D 79 -12.17 18.07 15.54
C GLU D 79 -12.38 17.33 14.24
N PHE D 80 -13.59 17.41 13.66
CA PHE D 80 -13.83 16.81 12.35
C PHE D 80 -13.01 17.49 11.26
N ASN D 81 -12.88 18.82 11.34
CA ASN D 81 -12.05 19.53 10.36
C ASN D 81 -10.57 19.20 10.53
N TYR D 82 -10.11 18.99 11.76
CA TYR D 82 -8.72 18.60 11.95
C TYR D 82 -8.46 17.20 11.39
N ILE D 83 -9.39 16.27 11.59
CA ILE D 83 -9.24 14.94 11.03
C ILE D 83 -9.34 14.98 9.50
N ARG D 84 -10.18 15.87 8.96
CA ARG D 84 -10.33 15.96 7.51
C ARG D 84 -9.14 16.62 6.84
N ASP D 85 -8.47 17.55 7.53
CA ASP D 85 -7.32 18.22 6.93
C ASP D 85 -6.12 17.30 6.80
N GLN D 86 -6.04 16.24 7.60
CA GLN D 86 -4.94 15.29 7.51
C GLN D 86 -5.27 14.12 6.60
N SER D 87 -6.42 14.15 5.94
CA SER D 87 -6.89 13.08 5.08
C SER D 87 -6.49 13.34 3.63
N SER D 88 -6.23 12.26 2.91
CA SER D 88 -5.84 12.37 1.52
C SER D 88 -6.35 11.16 0.74
N GLY D 89 -6.66 11.38 -0.52
CA GLY D 89 -7.01 10.28 -1.40
C GLY D 89 -8.45 9.85 -1.21
N SER D 90 -8.65 8.56 -0.99
CA SER D 90 -9.99 8.02 -0.79
C SER D 90 -10.56 8.42 0.56
N THR D 91 -9.69 8.65 1.55
CA THR D 91 -10.15 9.09 2.87
C THR D 91 -10.75 10.49 2.81
N ARG D 92 -10.08 11.42 2.13
CA ARG D 92 -10.58 12.79 2.02
C ARG D 92 -11.90 12.84 1.26
N LYS D 93 -12.04 11.97 0.26
CA LYS D 93 -13.30 11.87 -0.48
C LYS D 93 -14.40 11.28 0.41
N PHE D 94 -14.03 10.32 1.26
CA PHE D 94 -14.98 9.77 2.24
C PHE D 94 -15.40 10.82 3.25
N MET D 95 -14.49 11.73 3.62
CA MET D 95 -14.85 12.80 4.54
C MET D 95 -15.76 13.83 3.87
N ASP D 96 -15.55 14.07 2.58
CA ASP D 96 -16.42 14.98 1.84
C ASP D 96 -17.82 14.42 1.69
N TYR D 97 -17.92 13.10 1.43
CA TYR D 97 -19.22 12.47 1.29
C TYR D 97 -20.01 12.46 2.59
N ILE D 98 -19.35 12.60 3.73
CA ILE D 98 -20.10 12.74 4.98
C ILE D 98 -20.76 14.11 5.04
N THR D 99 -20.02 15.16 4.66
CA THR D 99 -20.52 16.52 4.73
C THR D 99 -21.56 16.84 3.68
N TYR D 100 -21.66 16.03 2.62
CA TYR D 100 -22.70 16.27 1.61
C TYR D 100 -24.11 16.17 2.19
N GLY D 101 -24.33 15.26 3.14
CA GLY D 101 -25.64 15.15 3.78
C GLY D 101 -25.99 16.31 4.69
N TYR D 102 -24.99 17.05 5.17
CA TYR D 102 -25.24 18.29 5.87
C TYR D 102 -25.40 19.46 4.92
N MET D 103 -24.73 19.42 3.77
CA MET D 103 -24.95 20.41 2.72
C MET D 103 -26.39 20.36 2.22
N ILE D 104 -26.97 19.17 2.12
CA ILE D 104 -28.36 19.04 1.68
C ILE D 104 -29.32 19.67 2.70
N ASP D 105 -29.08 19.43 3.99
CA ASP D 105 -29.91 20.06 5.03
C ASP D 105 -29.73 21.56 5.07
N ASN D 106 -28.52 22.08 4.81
CA ASN D 106 -28.34 23.52 4.76
C ASN D 106 -28.96 24.16 3.51
N VAL D 107 -28.98 23.45 2.39
CA VAL D 107 -29.73 23.91 1.22
C VAL D 107 -31.22 23.98 1.53
N ALA D 108 -31.76 22.92 2.11
CA ALA D 108 -33.19 22.90 2.41
C ALA D 108 -33.59 23.82 3.56
N LEU D 109 -32.63 24.24 4.40
CA LEU D 109 -32.89 25.24 5.42
C LEU D 109 -32.67 26.66 4.91
N MET D 110 -31.86 26.82 3.87
CA MET D 110 -31.59 28.15 3.33
C MET D 110 -32.68 28.62 2.38
N ILE D 111 -33.31 27.71 1.63
CA ILE D 111 -34.34 28.09 0.68
C ILE D 111 -35.73 28.08 1.29
N THR D 112 -35.86 27.75 2.58
CA THR D 112 -37.09 28.03 3.31
C THR D 112 -37.04 29.35 4.06
N GLY D 113 -35.86 29.89 4.30
CA GLY D 113 -35.72 31.20 4.89
C GLY D 113 -35.92 32.34 3.93
N THR D 114 -36.12 32.04 2.64
CA THR D 114 -36.41 33.06 1.64
C THR D 114 -37.87 33.05 1.21
N ILE D 115 -38.56 31.93 1.36
CA ILE D 115 -40.00 31.89 1.12
C ILE D 115 -40.73 32.67 2.21
N HIS D 116 -40.27 32.53 3.45
CA HIS D 116 -40.84 33.23 4.59
C HIS D 116 -40.29 34.63 4.75
N ASP D 117 -39.35 35.03 3.88
CA ASP D 117 -38.73 36.36 3.84
C ASP D 117 -38.03 36.71 5.16
N ARG D 118 -37.48 35.70 5.82
CA ARG D 118 -36.65 35.95 6.98
C ARG D 118 -35.26 36.38 6.50
N ASP D 119 -34.59 37.18 7.33
CA ASP D 119 -33.33 37.81 6.94
C ASP D 119 -32.22 36.80 6.74
N LYS D 120 -31.33 37.09 5.79
CA LYS D 120 -30.31 36.13 5.38
C LYS D 120 -29.19 35.97 6.39
N GLY D 121 -29.00 36.96 7.27
CA GLY D 121 -27.95 36.85 8.28
C GLY D 121 -28.32 36.00 9.47
N GLU D 122 -29.61 35.78 9.70
CA GLU D 122 -30.08 34.99 10.83
C GLU D 122 -30.54 33.59 10.43
N ILE D 123 -30.84 33.35 9.15
CA ILE D 123 -31.12 31.99 8.68
C ILE D 123 -29.86 31.24 8.32
N LEU D 124 -28.69 31.85 8.51
CA LEU D 124 -27.42 31.19 8.23
C LEU D 124 -26.66 30.84 9.50
N GLN D 125 -26.96 31.49 10.62
CA GLN D 125 -26.41 31.06 11.89
C GLN D 125 -27.07 29.79 12.39
N ARG D 126 -28.27 29.48 11.89
CA ARG D 126 -28.91 28.20 12.16
C ARG D 126 -28.44 27.10 11.22
N CYS D 127 -27.66 27.44 10.21
CA CYS D 127 -27.15 26.44 9.29
C CYS D 127 -26.03 25.62 9.95
N HIS D 128 -25.75 24.48 9.35
CA HIS D 128 -24.79 23.55 9.91
C HIS D 128 -23.39 23.91 9.41
N PRO D 129 -22.39 23.99 10.29
CA PRO D 129 -21.05 24.41 9.86
C PRO D 129 -20.31 23.39 9.01
N LEU D 130 -20.58 22.09 9.16
CA LEU D 130 -19.88 21.12 8.33
C LEU D 130 -20.43 21.06 6.92
N GLY D 131 -21.70 21.43 6.73
CA GLY D 131 -22.28 21.45 5.41
C GLY D 131 -22.17 22.81 4.76
N TRP D 132 -20.97 23.35 4.71
CA TRP D 132 -20.71 24.66 4.13
C TRP D 132 -20.08 24.49 2.75
N PHE D 133 -20.71 25.10 1.75
CA PHE D 133 -20.10 25.31 0.46
C PHE D 133 -20.14 26.80 0.17
N ASP D 134 -19.27 27.24 -0.75
CA ASP D 134 -18.97 28.66 -0.90
C ASP D 134 -20.14 29.47 -1.45
N THR D 135 -21.10 28.84 -2.12
CA THR D 135 -22.26 29.52 -2.65
C THR D 135 -23.52 29.25 -1.84
N LEU D 136 -23.37 28.89 -0.57
CA LEU D 136 -24.50 28.69 0.34
C LEU D 136 -25.28 29.97 0.68
N PRO D 137 -24.67 31.15 0.93
CA PRO D 137 -25.51 32.34 1.12
C PRO D 137 -26.22 32.81 -0.13
N THR D 138 -25.75 32.43 -1.32
CA THR D 138 -26.35 32.88 -2.57
C THR D 138 -27.55 32.04 -3.00
N LEU D 139 -28.07 31.19 -2.12
CA LEU D 139 -29.36 30.55 -2.37
C LEU D 139 -30.53 31.48 -2.05
N SER D 140 -30.26 32.69 -1.56
CA SER D 140 -31.27 33.71 -1.32
C SER D 140 -31.48 34.62 -2.52
N VAL D 141 -31.20 34.15 -3.72
CA VAL D 141 -31.31 34.97 -4.91
C VAL D 141 -32.53 34.64 -5.76
N ALA D 142 -33.03 33.41 -5.73
CA ALA D 142 -34.16 33.03 -6.54
C ALA D 142 -35.13 32.21 -5.71
N THR D 143 -36.32 31.97 -6.27
CA THR D 143 -37.39 31.27 -5.59
C THR D 143 -37.63 29.88 -6.17
N ASP D 144 -37.68 29.77 -7.49
CA ASP D 144 -37.95 28.49 -8.14
C ASP D 144 -36.70 27.60 -8.14
N LEU D 145 -36.94 26.31 -8.42
CA LEU D 145 -35.87 25.32 -8.32
C LEU D 145 -34.89 25.42 -9.49
N GLU D 146 -35.38 25.77 -10.68
CA GLU D 146 -34.51 25.78 -11.86
C GLU D 146 -33.50 26.92 -11.81
N SER D 147 -33.91 28.10 -11.37
CA SER D 147 -32.99 29.23 -11.24
C SER D 147 -32.12 29.17 -10.00
N LEU D 148 -32.37 28.22 -9.10
CA LEU D 148 -31.43 27.96 -8.01
C LEU D 148 -30.47 26.83 -8.34
N TYR D 149 -30.88 25.91 -9.20
CA TYR D 149 -29.94 24.91 -9.70
C TYR D 149 -28.99 25.52 -10.71
N GLU D 150 -29.52 26.05 -11.81
CA GLU D 150 -28.72 26.48 -12.95
C GLU D 150 -27.86 27.70 -12.68
N THR D 151 -28.06 28.40 -11.57
CA THR D 151 -27.24 29.54 -11.19
C THR D 151 -26.24 29.19 -10.10
N VAL D 152 -26.69 28.50 -9.05
CA VAL D 152 -25.88 28.25 -7.86
C VAL D 152 -25.44 26.79 -7.79
N LEU D 153 -26.37 25.85 -7.88
CA LEU D 153 -26.14 24.47 -7.49
C LEU D 153 -25.56 23.61 -8.60
N VAL D 154 -25.00 24.20 -9.66
CA VAL D 154 -24.29 23.42 -10.66
C VAL D 154 -22.84 23.20 -10.24
N ASP D 155 -22.19 24.23 -9.72
CA ASP D 155 -20.81 24.11 -9.28
C ASP D 155 -20.65 23.44 -7.93
N THR D 156 -21.76 23.17 -7.23
CA THR D 156 -21.71 22.46 -5.97
C THR D 156 -21.53 20.96 -6.23
N PRO D 157 -21.02 20.21 -5.25
CA PRO D 157 -21.02 18.74 -5.37
C PRO D 157 -22.39 18.09 -5.15
N LEU D 158 -23.44 18.88 -4.92
CA LEU D 158 -24.80 18.38 -4.86
C LEU D 158 -25.47 18.35 -6.23
N ALA D 159 -24.75 18.73 -7.27
CA ALA D 159 -25.24 18.78 -8.64
C ALA D 159 -25.62 17.44 -9.29
N PRO D 160 -24.93 16.31 -9.06
CA PRO D 160 -25.46 15.04 -9.60
C PRO D 160 -26.73 14.54 -8.91
N TYR D 161 -27.14 15.16 -7.81
CA TYR D 161 -28.25 14.68 -7.02
C TYR D 161 -29.58 15.28 -7.45
N PHE D 162 -29.56 16.22 -8.39
CA PHE D 162 -30.77 16.82 -8.98
C PHE D 162 -31.14 16.10 -10.27
N LYS D 163 -31.34 14.79 -10.17
CA LYS D 163 -31.64 13.97 -11.33
C LYS D 163 -33.11 13.64 -11.48
N ASN D 164 -33.89 13.70 -10.41
CA ASN D 164 -35.31 13.39 -10.47
C ASN D 164 -36.19 14.52 -9.97
N CYS D 165 -35.62 15.65 -9.56
CA CYS D 165 -36.39 16.79 -9.08
C CYS D 165 -37.02 17.50 -10.27
N PHE D 166 -38.29 17.20 -10.54
CA PHE D 166 -39.00 17.70 -11.71
C PHE D 166 -39.61 19.06 -11.36
N ASP D 167 -39.06 20.11 -11.95
CA ASP D 167 -39.54 21.47 -11.76
C ASP D 167 -40.64 21.77 -12.77
N THR D 168 -41.89 21.78 -12.31
CA THR D 168 -43.05 22.04 -13.16
C THR D 168 -43.40 23.53 -13.23
N ALA D 169 -42.41 24.41 -13.02
CA ALA D 169 -42.50 25.88 -13.03
C ALA D 169 -43.38 26.44 -11.92
N GLU D 170 -43.78 25.62 -10.94
CA GLU D 170 -44.25 26.14 -9.67
C GLU D 170 -43.03 26.42 -8.80
N GLU D 171 -42.96 27.65 -8.29
CA GLU D 171 -41.70 28.17 -7.75
C GLU D 171 -41.26 27.43 -6.48
N LEU D 172 -41.92 27.70 -5.35
CA LEU D 172 -41.66 27.00 -4.09
C LEU D 172 -42.75 27.29 -3.06
N ASP D 173 -43.41 26.26 -2.55
CA ASP D 173 -44.05 26.37 -1.24
C ASP D 173 -43.23 25.57 -0.23
N ASP D 174 -43.77 25.42 0.97
CA ASP D 174 -43.10 24.59 1.97
C ASP D 174 -43.35 23.11 1.73
N MET D 175 -44.28 22.75 0.84
CA MET D 175 -44.63 21.35 0.63
C MET D 175 -43.65 20.65 -0.30
N ASN D 176 -43.06 21.36 -1.27
CA ASN D 176 -42.17 20.72 -2.21
C ASN D 176 -40.70 20.88 -1.88
N ILE D 177 -40.34 21.80 -0.97
CA ILE D 177 -38.96 21.87 -0.52
C ILE D 177 -38.59 20.65 0.30
N GLU D 178 -39.55 20.11 1.07
CA GLU D 178 -39.33 18.85 1.76
C GLU D 178 -39.20 17.69 0.78
N ILE D 179 -39.92 17.75 -0.35
CA ILE D 179 -39.80 16.73 -1.39
C ILE D 179 -38.43 16.78 -2.03
N ILE D 180 -37.94 18.00 -2.34
CA ILE D 180 -36.60 18.18 -2.89
C ILE D 180 -35.53 17.73 -1.90
N ARG D 181 -35.74 18.00 -0.60
CA ARG D 181 -34.83 17.58 0.44
C ARG D 181 -34.73 16.06 0.54
N ASN D 182 -35.88 15.39 0.61
CA ASN D 182 -35.92 13.93 0.66
C ASN D 182 -35.36 13.28 -0.60
N LYS D 183 -35.57 13.89 -1.77
CA LYS D 183 -35.06 13.34 -3.01
C LYS D 183 -33.56 13.54 -3.20
N LEU D 184 -33.03 14.69 -2.77
CA LEU D 184 -31.59 14.90 -2.74
C LEU D 184 -30.92 13.94 -1.77
N TYR D 185 -31.52 13.73 -0.59
CA TYR D 185 -30.97 12.79 0.37
C TYR D 185 -31.07 11.35 -0.12
N LYS D 186 -32.10 11.04 -0.92
CA LYS D 186 -32.25 9.73 -1.55
C LYS D 186 -31.12 9.46 -2.54
N ALA D 187 -30.92 10.38 -3.50
CA ALA D 187 -29.83 10.27 -4.46
C ALA D 187 -28.45 10.29 -3.81
N TYR D 188 -28.30 11.05 -2.72
CA TYR D 188 -27.05 11.06 -1.96
C TYR D 188 -26.79 9.75 -1.26
N LEU D 189 -27.81 9.13 -0.65
CA LEU D 189 -27.63 7.83 -0.02
C LEU D 189 -27.27 6.76 -1.04
N GLU D 190 -27.89 6.82 -2.24
CA GLU D 190 -27.50 5.94 -3.34
C GLU D 190 -26.03 6.12 -3.71
N ASP D 191 -25.61 7.37 -3.93
CA ASP D 191 -24.25 7.64 -4.41
C ASP D 191 -23.21 7.27 -3.35
N PHE D 192 -23.48 7.57 -2.09
CA PHE D 192 -22.51 7.26 -1.04
C PHE D 192 -22.48 5.78 -0.69
N TYR D 193 -23.59 5.05 -0.87
CA TYR D 193 -23.53 3.59 -0.76
C TYR D 193 -22.72 2.99 -1.90
N ASN D 194 -22.88 3.50 -3.13
CA ASN D 194 -22.05 3.01 -4.23
C ASN D 194 -20.59 3.39 -4.06
N PHE D 195 -20.30 4.53 -3.44
CA PHE D 195 -18.91 4.88 -3.14
C PHE D 195 -18.30 3.96 -2.08
N VAL D 196 -19.06 3.63 -1.04
CA VAL D 196 -18.59 2.72 -0.01
C VAL D 196 -18.38 1.32 -0.59
N THR D 197 -19.31 0.85 -1.43
CA THR D 197 -19.18 -0.46 -2.05
C THR D 197 -18.04 -0.50 -3.06
N GLU D 198 -17.75 0.62 -3.71
CA GLU D 198 -16.77 0.65 -4.78
C GLU D 198 -15.33 0.76 -4.28
N GLU D 199 -15.00 1.82 -3.52
CA GLU D 199 -13.62 2.17 -3.28
C GLU D 199 -13.15 1.99 -1.84
N ILE D 200 -14.06 1.87 -0.88
CA ILE D 200 -13.68 1.70 0.52
C ILE D 200 -13.27 0.25 0.73
N PRO D 201 -12.19 -0.04 1.45
CA PRO D 201 -11.74 -1.43 1.62
C PRO D 201 -12.70 -2.24 2.47
N GLU D 202 -12.47 -3.56 2.46
CA GLU D 202 -13.43 -4.57 2.90
C GLU D 202 -13.82 -4.58 4.38
N PRO D 203 -12.91 -4.41 5.38
CA PRO D 203 -13.43 -4.32 6.76
C PRO D 203 -14.23 -3.06 7.02
N ALA D 204 -13.87 -1.94 6.39
CA ALA D 204 -14.64 -0.72 6.48
C ALA D 204 -15.73 -0.64 5.43
N LYS D 205 -16.02 -1.74 4.73
CA LYS D 205 -17.11 -1.79 3.77
C LYS D 205 -18.38 -2.38 4.36
N GLU D 206 -18.26 -3.57 4.99
CA GLU D 206 -19.44 -4.26 5.50
C GLU D 206 -20.03 -3.55 6.72
N CYS D 207 -19.19 -2.93 7.56
CA CYS D 207 -19.69 -2.23 8.72
C CYS D 207 -20.06 -0.78 8.42
N MET D 208 -19.80 -0.30 7.21
CA MET D 208 -20.26 1.00 6.77
C MET D 208 -21.52 0.92 5.91
N GLN D 209 -21.67 -0.16 5.14
CA GLN D 209 -22.92 -0.44 4.46
C GLN D 209 -24.08 -0.65 5.43
N THR D 210 -23.84 -1.23 6.60
CA THR D 210 -24.89 -1.33 7.61
C THR D 210 -25.20 0.01 8.27
N LEU D 211 -24.17 0.80 8.59
CA LEU D 211 -24.38 2.13 9.17
C LEU D 211 -25.05 3.08 8.20
N LEU D 212 -24.92 2.83 6.91
CA LEU D 212 -25.53 3.70 5.91
C LEU D 212 -26.90 3.19 5.46
N GLY D 213 -27.08 1.86 5.42
CA GLY D 213 -28.40 1.31 5.23
C GLY D 213 -29.33 1.58 6.40
N PHE D 214 -28.77 1.75 7.61
CA PHE D 214 -29.61 2.20 8.72
C PHE D 214 -30.09 3.62 8.53
N GLU D 215 -29.24 4.51 8.01
CA GLU D 215 -29.66 5.86 7.68
C GLU D 215 -30.76 5.86 6.64
N ALA D 216 -30.62 5.00 5.63
CA ALA D 216 -31.67 4.84 4.61
C ALA D 216 -32.96 4.27 5.19
N ASP D 217 -32.90 3.29 6.09
CA ASP D 217 -34.10 2.71 6.67
C ASP D 217 -34.82 3.69 7.60
N ARG D 218 -34.05 4.43 8.41
CA ARG D 218 -34.63 5.44 9.28
C ARG D 218 -35.26 6.57 8.47
N ARG D 219 -34.61 6.98 7.38
CA ARG D 219 -35.19 8.01 6.53
C ARG D 219 -36.42 7.51 5.79
N SER D 220 -36.44 6.22 5.40
CA SER D 220 -37.62 5.64 4.77
C SER D 220 -38.80 5.59 5.72
N ILE D 221 -38.58 5.17 6.97
CA ILE D 221 -39.66 5.11 7.94
C ILE D 221 -40.15 6.51 8.31
N ASN D 222 -39.23 7.48 8.40
CA ASN D 222 -39.65 8.84 8.73
C ASN D 222 -40.41 9.50 7.58
N ILE D 223 -40.03 9.25 6.33
CA ILE D 223 -40.79 9.77 5.20
C ILE D 223 -42.14 9.11 5.10
N ALA D 224 -42.19 7.78 5.25
CA ALA D 224 -43.45 7.04 5.15
C ALA D 224 -44.36 7.26 6.34
N LEU D 225 -43.86 7.81 7.45
CA LEU D 225 -44.70 8.08 8.61
C LEU D 225 -45.06 9.55 8.76
N ASN D 226 -44.22 10.48 8.29
CA ASN D 226 -44.58 11.89 8.25
C ASN D 226 -45.49 12.23 7.09
N SER D 227 -45.67 11.32 6.14
CA SER D 227 -46.57 11.55 5.01
C SER D 227 -48.03 11.30 5.35
N LEU D 228 -48.33 10.78 6.55
CA LEU D 228 -49.71 10.62 6.96
C LEU D 228 -50.35 11.96 7.31
N GLN D 229 -49.68 12.75 8.15
CA GLN D 229 -50.28 13.96 8.70
C GLN D 229 -50.24 15.15 7.75
N SER D 230 -49.06 15.48 7.22
CA SER D 230 -48.88 16.72 6.47
C SER D 230 -48.58 16.47 5.00
N SER D 231 -49.18 15.43 4.42
CA SER D 231 -48.98 15.14 3.01
C SER D 231 -50.17 14.34 2.49
N ASP D 232 -50.57 14.64 1.26
CA ASP D 232 -51.57 13.86 0.51
C ASP D 232 -50.99 13.61 -0.88
N ILE D 233 -50.19 12.55 -0.99
CA ILE D 233 -49.43 12.27 -2.21
C ILE D 233 -49.74 10.86 -2.69
N ASP D 234 -49.49 10.64 -3.98
CA ASP D 234 -49.65 9.33 -4.59
C ASP D 234 -48.45 8.44 -4.26
N PRO D 235 -48.65 7.11 -4.19
CA PRO D 235 -47.51 6.22 -3.91
C PRO D 235 -46.49 6.16 -5.04
N ASP D 236 -46.88 6.40 -6.29
CA ASP D 236 -45.92 6.42 -7.38
C ASP D 236 -45.01 7.63 -7.30
N LEU D 237 -45.48 8.72 -6.69
CA LEU D 237 -44.64 9.87 -6.41
C LEU D 237 -43.99 9.78 -5.03
N LYS D 238 -44.50 8.92 -4.16
CA LYS D 238 -43.90 8.74 -2.84
C LYS D 238 -42.71 7.80 -2.90
N SER D 239 -42.71 6.86 -3.85
CA SER D 239 -41.63 5.90 -4.00
C SER D 239 -40.34 6.50 -4.56
N ASP D 240 -40.39 7.73 -5.07
CA ASP D 240 -39.19 8.43 -5.49
C ASP D 240 -38.47 9.10 -4.32
N LEU D 241 -39.04 9.06 -3.12
CA LEU D 241 -38.45 9.66 -1.93
C LEU D 241 -37.78 8.64 -1.03
N LEU D 242 -38.06 7.35 -1.21
CA LEU D 242 -37.52 6.30 -0.36
C LEU D 242 -36.22 5.78 -0.94
N PRO D 243 -35.12 5.73 -0.17
CA PRO D 243 -33.85 5.23 -0.71
C PRO D 243 -33.89 3.73 -0.94
N ASN D 244 -33.13 3.29 -1.95
CA ASN D 244 -33.04 1.88 -2.29
C ASN D 244 -31.60 1.41 -2.15
N ILE D 245 -31.13 1.32 -0.91
CA ILE D 245 -29.82 0.72 -0.61
C ILE D 245 -29.95 -0.15 0.65
N GLY D 246 -31.02 0.05 1.41
CA GLY D 246 -31.05 -0.38 2.78
C GLY D 246 -31.41 -1.84 2.96
N LYS D 247 -31.66 -2.20 4.23
CA LYS D 247 -32.16 -3.52 4.55
C LYS D 247 -33.66 -3.61 4.29
N LEU D 248 -34.31 -2.47 4.11
CA LEU D 248 -35.76 -2.38 4.11
C LEU D 248 -36.35 -2.18 2.71
N TYR D 249 -35.51 -2.07 1.67
CA TYR D 249 -36.03 -1.63 0.38
C TYR D 249 -36.97 -2.63 -0.33
N PRO D 250 -36.51 -3.79 -0.81
CA PRO D 250 -37.17 -4.42 -1.97
C PRO D 250 -38.55 -4.96 -1.70
N LEU D 251 -38.87 -5.24 -0.44
CA LEU D 251 -40.17 -5.78 -0.08
C LEU D 251 -40.97 -4.86 0.84
N ALA D 252 -40.28 -4.09 1.69
CA ALA D 252 -40.97 -3.31 2.72
C ALA D 252 -41.16 -1.84 2.34
N THR D 253 -40.30 -1.26 1.50
CA THR D 253 -40.58 0.11 1.10
C THR D 253 -41.70 0.18 0.08
N PHE D 254 -41.99 -0.93 -0.60
CA PHE D 254 -43.21 -1.00 -1.41
C PHE D 254 -44.44 -0.87 -0.54
N HIS D 255 -44.47 -1.59 0.59
CA HIS D 255 -45.60 -1.50 1.50
C HIS D 255 -45.60 -0.22 2.32
N LEU D 256 -44.44 0.44 2.44
CA LEU D 256 -44.38 1.79 2.99
C LEU D 256 -44.78 2.85 1.98
N ALA D 257 -44.75 2.54 0.69
CA ALA D 257 -45.18 3.49 -0.33
C ALA D 257 -46.69 3.60 -0.40
N GLN D 258 -47.40 2.47 -0.38
CA GLN D 258 -48.85 2.45 -0.33
C GLN D 258 -49.39 2.37 1.08
N ALA D 259 -48.68 2.94 2.05
CA ALA D 259 -49.09 2.96 3.45
C ALA D 259 -49.94 4.20 3.68
N GLN D 260 -51.25 4.04 3.61
CA GLN D 260 -52.18 5.15 3.79
C GLN D 260 -52.53 5.42 5.25
N ASP D 261 -52.29 4.46 6.13
CA ASP D 261 -52.68 4.56 7.53
C ASP D 261 -51.45 4.26 8.38
N PHE D 262 -51.60 4.40 9.71
CA PHE D 262 -50.53 4.02 10.61
C PHE D 262 -50.32 2.51 10.63
N GLU D 263 -51.39 1.74 10.48
CA GLU D 263 -51.27 0.29 10.40
C GLU D 263 -50.64 -0.18 9.10
N GLY D 264 -50.70 0.62 8.04
CA GLY D 264 -50.00 0.30 6.81
C GLY D 264 -48.50 0.43 6.95
N VAL D 265 -48.06 1.26 7.91
CA VAL D 265 -46.65 1.33 8.26
C VAL D 265 -46.29 0.22 9.24
N ARG D 266 -47.16 -0.03 10.22
CA ARG D 266 -46.86 -0.97 11.30
C ARG D 266 -46.83 -2.41 10.81
N ALA D 267 -47.76 -2.79 9.93
CA ALA D 267 -47.75 -4.13 9.36
C ALA D 267 -46.66 -4.30 8.32
N ALA D 268 -46.17 -3.19 7.74
CA ALA D 268 -45.02 -3.27 6.86
C ALA D 268 -43.72 -3.45 7.61
N LEU D 269 -43.59 -2.84 8.79
CA LEU D 269 -42.40 -2.97 9.60
C LEU D 269 -42.47 -4.13 10.59
N ALA D 270 -43.55 -4.90 10.58
CA ALA D 270 -43.61 -6.12 11.38
C ALA D 270 -42.96 -7.30 10.68
N ASN D 271 -42.80 -7.22 9.35
CA ASN D 271 -42.17 -8.30 8.61
C ASN D 271 -40.66 -8.21 8.60
N VAL D 272 -40.10 -7.01 8.79
CA VAL D 272 -38.66 -6.86 8.95
C VAL D 272 -38.29 -7.18 10.40
N TYR D 273 -37.14 -7.82 10.59
CA TYR D 273 -36.85 -8.48 11.85
C TYR D 273 -36.26 -7.56 12.92
N GLU D 274 -35.43 -6.60 12.55
CA GLU D 274 -34.77 -5.77 13.55
C GLU D 274 -35.46 -4.44 13.78
N TYR D 275 -36.49 -4.12 13.00
CA TYR D 275 -37.26 -2.89 13.20
C TYR D 275 -38.65 -3.15 13.75
N ARG D 276 -39.03 -4.41 13.95
CA ARG D 276 -40.31 -4.71 14.57
C ARG D 276 -40.24 -4.40 16.06
N GLY D 277 -41.33 -3.85 16.59
CA GLY D 277 -41.37 -3.41 17.97
C GLY D 277 -40.94 -1.98 18.19
N PHE D 278 -40.40 -1.32 17.16
CA PHE D 278 -40.12 0.11 17.28
C PHE D 278 -41.40 0.93 17.30
N LEU D 279 -42.38 0.54 16.49
CA LEU D 279 -43.62 1.27 16.37
C LEU D 279 -44.69 0.82 17.35
N GLU D 280 -44.33 0.00 18.33
CA GLU D 280 -45.30 -0.47 19.31
C GLU D 280 -45.30 0.38 20.57
N THR D 281 -44.16 0.46 21.26
CA THR D 281 -44.07 1.14 22.55
C THR D 281 -42.89 2.10 22.54
N GLY D 282 -43.00 3.13 23.38
CA GLY D 282 -41.89 4.02 23.62
C GLY D 282 -41.72 5.09 22.56
N ASN D 283 -40.73 5.94 22.78
CA ASN D 283 -40.40 7.01 21.84
C ASN D 283 -39.65 6.41 20.66
N LEU D 284 -40.19 6.61 19.45
CA LEU D 284 -39.61 6.02 18.24
C LEU D 284 -38.24 6.64 17.91
N GLU D 285 -38.10 7.94 18.16
CA GLU D 285 -36.84 8.62 17.91
C GLU D 285 -35.74 8.08 18.83
N ASP D 286 -36.08 7.77 20.07
CA ASP D 286 -35.16 7.10 20.98
C ASP D 286 -34.83 5.68 20.53
N HIS D 287 -35.76 4.96 19.92
CA HIS D 287 -35.45 3.66 19.35
C HIS D 287 -34.44 3.75 18.21
N PHE D 288 -34.62 4.74 17.32
CA PHE D 288 -33.66 4.89 16.22
C PHE D 288 -32.31 5.36 16.72
N TYR D 289 -32.27 6.26 17.70
CA TYR D 289 -30.98 6.71 18.23
C TYR D 289 -30.27 5.61 19.01
N GLN D 290 -31.02 4.77 19.73
CA GLN D 290 -30.44 3.62 20.42
C GLN D 290 -29.88 2.60 19.44
N LEU D 291 -30.61 2.31 18.36
CA LEU D 291 -30.09 1.37 17.36
C LEU D 291 -28.91 1.96 16.60
N GLU D 292 -28.91 3.27 16.38
CA GLU D 292 -27.76 3.96 15.79
C GLU D 292 -26.52 3.81 16.66
N MET D 293 -26.68 3.98 17.97
CA MET D 293 -25.52 3.83 18.86
C MET D 293 -25.08 2.38 19.02
N GLU D 294 -26.01 1.43 18.95
CA GLU D 294 -25.60 0.03 18.99
C GLU D 294 -24.92 -0.41 17.70
N LEU D 295 -25.24 0.23 16.57
CA LEU D 295 -24.51 -0.02 15.34
C LEU D 295 -23.20 0.75 15.26
N CYS D 296 -23.07 1.86 15.97
CA CYS D 296 -21.80 2.58 16.01
C CYS D 296 -20.84 2.01 17.04
N ARG D 297 -21.35 1.32 18.06
CA ARG D 297 -20.49 0.71 19.08
C ARG D 297 -19.67 -0.43 18.50
N ASP D 298 -20.32 -1.34 17.77
CA ASP D 298 -19.63 -2.46 17.16
C ASP D 298 -19.00 -2.13 15.81
N ALA D 299 -18.84 -0.84 15.50
CA ALA D 299 -17.98 -0.39 14.41
C ALA D 299 -16.64 0.11 14.91
N PHE D 300 -16.51 0.38 16.21
CA PHE D 300 -15.21 0.59 16.82
C PHE D 300 -14.50 -0.71 17.14
N THR D 301 -15.22 -1.82 17.17
CA THR D 301 -14.60 -3.09 17.53
C THR D 301 -13.85 -3.73 16.36
N GLN D 302 -14.03 -3.23 15.15
CA GLN D 302 -13.20 -3.59 14.01
C GLN D 302 -12.13 -2.52 13.85
N GLN D 303 -10.86 -2.96 13.83
CA GLN D 303 -9.77 -2.02 14.04
C GLN D 303 -9.44 -1.19 12.81
N PHE D 304 -8.95 -1.83 11.75
CA PHE D 304 -8.36 -1.08 10.63
C PHE D 304 -9.45 -0.72 9.63
N ALA D 305 -10.28 0.24 10.05
CA ALA D 305 -11.45 0.63 9.31
C ALA D 305 -11.62 2.14 9.34
N ILE D 306 -11.97 2.71 8.19
CA ILE D 306 -12.28 4.14 8.11
C ILE D 306 -13.72 4.42 8.48
N SER D 307 -14.50 3.39 8.79
CA SER D 307 -15.84 3.58 9.34
C SER D 307 -15.81 4.06 10.79
N THR D 308 -14.66 4.01 11.45
CA THR D 308 -14.49 4.58 12.78
C THR D 308 -14.68 6.09 12.81
N VAL D 309 -14.46 6.80 11.70
CA VAL D 309 -14.76 8.22 11.64
C VAL D 309 -16.25 8.50 11.70
N TRP D 310 -17.03 7.75 10.90
CA TRP D 310 -18.49 7.85 10.95
C TRP D 310 -19.02 7.44 12.32
N ALA D 311 -18.53 6.31 12.84
CA ALA D 311 -18.94 5.81 14.14
C ALA D 311 -18.50 6.73 15.27
N TRP D 312 -17.45 7.52 15.07
CA TRP D 312 -17.05 8.49 16.08
C TRP D 312 -17.93 9.73 16.03
N MET D 313 -18.14 10.29 14.84
CA MET D 313 -18.86 11.56 14.80
C MET D 313 -20.35 11.38 15.07
N LYS D 314 -20.94 10.23 14.75
CA LYS D 314 -22.33 10.04 15.12
C LYS D 314 -22.48 9.78 16.63
N SER D 315 -21.52 9.10 17.23
CA SER D 315 -21.52 8.92 18.68
C SER D 315 -21.24 10.22 19.41
N LYS D 316 -20.39 11.07 18.87
CA LYS D 316 -20.11 12.37 19.48
C LYS D 316 -21.28 13.33 19.29
N GLU D 317 -22.01 13.22 18.18
CA GLU D 317 -23.26 13.97 18.04
C GLU D 317 -24.33 13.49 19.02
N GLN D 318 -24.42 12.19 19.25
CA GLN D 318 -25.33 11.69 20.29
C GLN D 318 -24.89 12.12 21.68
N GLU D 319 -23.59 12.25 21.90
CA GLU D 319 -23.09 12.77 23.17
C GLU D 319 -23.47 14.22 23.36
N VAL D 320 -23.38 15.04 22.30
CA VAL D 320 -23.80 16.42 22.39
C VAL D 320 -25.31 16.53 22.59
N ARG D 321 -26.07 15.63 21.96
CA ARG D 321 -27.52 15.58 22.19
C ARG D 321 -27.87 15.17 23.61
N ASN D 322 -27.12 14.24 24.20
CA ASN D 322 -27.38 13.82 25.58
C ASN D 322 -27.02 14.92 26.57
N ILE D 323 -25.89 15.60 26.34
CA ILE D 323 -25.51 16.73 27.18
C ILE D 323 -26.51 17.87 27.05
N THR D 324 -27.03 18.08 25.84
CA THR D 324 -28.04 19.12 25.63
C THR D 324 -29.35 18.76 26.32
N TRP D 325 -29.73 17.48 26.29
CA TRP D 325 -30.95 17.05 26.98
C TRP D 325 -30.80 17.17 28.50
N ILE D 326 -29.63 16.82 29.03
CA ILE D 326 -29.40 16.94 30.48
C ILE D 326 -29.38 18.41 30.90
N ALA D 327 -28.67 19.25 30.15
CA ALA D 327 -28.62 20.68 30.47
C ALA D 327 -29.95 21.37 30.22
N GLU D 328 -30.82 20.80 29.39
CA GLU D 328 -32.18 21.29 29.28
C GLU D 328 -33.02 20.84 30.46
N CYS D 329 -32.74 19.66 31.00
CA CYS D 329 -33.46 19.19 32.19
C CYS D 329 -33.06 19.94 33.45
N ILE D 330 -31.77 20.25 33.63
CA ILE D 330 -31.34 20.87 34.88
C ILE D 330 -31.44 22.39 34.85
N ALA D 331 -31.88 22.98 33.73
CA ALA D 331 -32.10 24.41 33.66
C ALA D 331 -33.57 24.80 33.71
N GLN D 332 -34.46 23.93 33.22
CA GLN D 332 -35.90 24.15 33.30
C GLN D 332 -36.52 23.44 34.50
N ASN D 333 -35.69 22.86 35.37
CA ASN D 333 -36.07 22.22 36.63
C ASN D 333 -37.02 21.03 36.44
N GLN D 334 -37.04 20.42 35.27
CA GLN D 334 -37.77 19.18 35.06
C GLN D 334 -36.78 18.02 35.11
N ARG D 335 -37.03 17.06 36.00
CA ARG D 335 -36.12 15.94 36.20
C ARG D 335 -36.85 14.61 36.16
N GLU D 336 -38.04 14.57 35.55
CA GLU D 336 -38.78 13.32 35.47
C GLU D 336 -38.19 12.39 34.41
N ARG D 337 -37.53 12.94 33.40
CA ARG D 337 -36.92 12.17 32.32
C ARG D 337 -35.50 12.63 32.05
N ILE D 338 -34.73 12.87 33.11
CA ILE D 338 -33.33 13.26 32.95
C ILE D 338 -32.47 12.06 32.53
N ASN D 339 -32.87 10.85 32.88
CA ASN D 339 -32.14 9.64 32.51
C ASN D 339 -32.58 9.08 31.17
N ASN D 340 -33.15 9.91 30.29
CA ASN D 340 -33.53 9.50 28.95
C ASN D 340 -32.38 9.63 27.95
N TYR D 341 -31.15 9.78 28.43
CA TYR D 341 -29.99 9.78 27.57
C TYR D 341 -29.72 8.38 27.02
N ILE D 342 -28.83 8.29 26.06
CA ILE D 342 -28.47 7.04 25.41
C ILE D 342 -26.97 6.85 25.53
N SER D 343 -26.55 5.82 26.24
CA SER D 343 -25.15 5.56 26.53
C SER D 343 -24.85 4.09 26.30
N VAL D 344 -24.07 3.80 25.25
CA VAL D 344 -23.56 2.47 25.01
C VAL D 344 -22.06 2.38 25.25
N TYR D 345 -21.45 3.49 25.68
CA TYR D 345 -20.01 3.54 25.87
C TYR D 345 -19.64 3.59 27.36
N PHE E 4 46.58 -19.44 28.08
CA PHE E 4 45.32 -19.19 28.77
C PHE E 4 45.58 -18.76 30.21
N TYR E 5 46.71 -19.15 30.77
CA TYR E 5 47.02 -18.81 32.14
C TYR E 5 47.40 -17.35 32.32
N THR E 6 47.72 -16.64 31.24
CA THR E 6 47.86 -15.20 31.25
C THR E 6 46.52 -14.47 31.09
N VAL E 7 45.42 -15.21 31.05
CA VAL E 7 44.10 -14.65 31.28
C VAL E 7 43.67 -14.85 32.73
N VAL E 8 43.99 -16.01 33.30
CA VAL E 8 43.71 -16.26 34.71
C VAL E 8 44.58 -15.37 35.59
N GLY E 9 45.82 -15.12 35.17
CA GLY E 9 46.70 -14.23 35.94
C GLY E 9 46.25 -12.78 35.91
N VAL E 10 45.52 -12.38 34.87
CA VAL E 10 44.93 -11.04 34.85
C VAL E 10 43.60 -11.03 35.61
N PHE E 11 42.87 -12.16 35.58
CA PHE E 11 41.64 -12.27 36.36
C PHE E 11 41.91 -12.20 37.86
N ILE E 12 43.06 -12.72 38.31
CA ILE E 12 43.41 -12.64 39.72
C ILE E 12 43.64 -11.20 40.15
N VAL E 13 44.41 -10.44 39.36
CA VAL E 13 44.72 -9.07 39.74
C VAL E 13 43.56 -8.11 39.46
N VAL E 14 42.57 -8.51 38.66
CA VAL E 14 41.37 -7.68 38.54
C VAL E 14 40.38 -8.02 39.65
N SER E 15 40.23 -9.30 39.99
CA SER E 15 39.29 -9.71 41.02
C SER E 15 39.74 -9.28 42.40
N ALA E 16 41.05 -9.36 42.67
CA ALA E 16 41.57 -8.89 43.95
C ALA E 16 41.44 -7.38 44.08
N MET E 17 41.61 -6.66 42.97
CA MET E 17 41.41 -5.21 42.97
C MET E 17 39.95 -4.84 43.22
N SER E 18 39.02 -5.61 42.63
CA SER E 18 37.60 -5.33 42.82
C SER E 18 37.15 -5.67 44.24
N VAL E 19 37.70 -6.73 44.83
CA VAL E 19 37.39 -7.07 46.22
C VAL E 19 38.01 -6.03 47.16
N LEU E 20 39.19 -5.54 46.83
CA LEU E 20 39.82 -4.50 47.65
C LEU E 20 39.11 -3.16 47.51
N PHE E 21 38.38 -2.96 46.41
CA PHE E 21 37.60 -1.74 46.28
C PHE E 21 36.21 -1.89 46.88
N TRP E 22 35.69 -3.12 46.97
CA TRP E 22 34.41 -3.34 47.64
C TRP E 22 34.46 -2.98 49.11
N ILE E 23 35.59 -3.19 49.77
CA ILE E 23 35.73 -2.88 51.18
C ILE E 23 36.30 -1.48 51.43
N MET E 24 36.86 -0.83 50.41
CA MET E 24 37.45 0.49 50.56
C MET E 24 36.71 1.54 49.74
N ALA E 25 35.43 1.29 49.46
CA ALA E 25 34.62 2.28 48.76
C ALA E 25 34.27 3.43 49.70
N PRO E 26 34.12 4.64 49.17
CA PRO E 26 33.74 5.78 50.02
C PRO E 26 32.31 5.64 50.54
N LYS E 27 32.10 6.06 51.79
CA LYS E 27 30.84 5.82 52.48
C LYS E 27 29.73 6.75 51.99
N ASN E 28 30.08 7.81 51.25
CA ASN E 28 29.08 8.79 50.83
C ASN E 28 28.12 8.21 49.80
N ASN E 29 28.64 7.50 48.81
CA ASN E 29 27.84 7.00 47.69
C ASN E 29 28.20 5.55 47.39
N GLN E 30 28.18 4.69 48.42
CA GLN E 30 28.66 3.31 48.35
C GLN E 30 28.04 2.51 47.20
N ALA E 31 26.72 2.54 47.08
CA ALA E 31 26.07 1.71 46.06
C ALA E 31 26.23 2.24 44.64
N VAL E 32 26.97 3.33 44.43
CA VAL E 32 27.38 3.73 43.08
C VAL E 32 28.90 3.82 42.94
N TRP E 33 29.66 3.84 44.04
CA TRP E 33 31.11 3.67 43.90
C TRP E 33 31.46 2.21 43.63
N ARG E 34 30.95 1.29 44.44
CA ARG E 34 31.31 -0.11 44.28
C ARG E 34 30.42 -0.80 43.24
N SER E 35 29.53 -0.05 42.61
CA SER E 35 28.76 -0.62 41.50
C SER E 35 29.29 -0.15 40.16
N THR E 36 29.75 1.10 40.07
CA THR E 36 30.34 1.56 38.81
C THR E 36 31.72 0.95 38.60
N VAL E 37 32.58 1.03 39.61
CA VAL E 37 33.99 0.69 39.43
C VAL E 37 34.18 -0.82 39.33
N ILE E 38 33.39 -1.58 40.09
CA ILE E 38 33.56 -3.03 40.07
C ILE E 38 32.97 -3.63 38.79
N LEU E 39 31.91 -3.04 38.27
CA LEU E 39 31.32 -3.55 37.03
C LEU E 39 32.14 -3.14 35.82
N THR E 40 32.76 -1.96 35.87
CA THR E 40 33.54 -1.53 34.70
C THR E 40 34.85 -2.31 34.59
N LEU E 41 35.42 -2.74 35.72
CA LEU E 41 36.59 -3.61 35.66
C LEU E 41 36.21 -4.97 35.12
N ALA E 42 35.02 -5.45 35.46
CA ALA E 42 34.52 -6.72 34.92
C ALA E 42 34.33 -6.64 33.41
N MET E 43 33.77 -5.55 32.90
CA MET E 43 33.51 -5.47 31.47
C MET E 43 34.78 -5.18 30.68
N MET E 44 35.70 -4.40 31.25
CA MET E 44 37.01 -4.22 30.61
C MET E 44 37.79 -5.53 30.56
N PHE E 45 37.75 -6.32 31.63
CA PHE E 45 38.41 -7.62 31.61
C PHE E 45 37.72 -8.58 30.66
N LEU E 46 36.39 -8.50 30.54
CA LEU E 46 35.69 -9.39 29.62
C LEU E 46 36.03 -9.09 28.17
N MET E 47 36.06 -7.81 27.78
CA MET E 47 36.44 -7.53 26.40
C MET E 47 37.92 -7.78 26.16
N TRP E 48 38.79 -7.59 27.17
CA TRP E 48 40.20 -7.95 27.00
C TRP E 48 40.37 -9.46 26.84
N ALA E 49 39.67 -10.25 27.64
CA ALA E 49 39.81 -11.70 27.55
C ALA E 49 39.25 -12.24 26.24
N ILE E 50 38.15 -11.65 25.75
CA ILE E 50 37.62 -12.06 24.46
C ILE E 50 38.54 -11.65 23.32
N THR E 51 39.14 -10.45 23.39
CA THR E 51 40.04 -10.06 22.31
C THR E 51 41.42 -10.69 22.44
N PHE E 52 41.73 -11.32 23.56
CA PHE E 52 42.99 -12.04 23.71
C PHE E 52 42.85 -13.52 23.33
N LEU E 53 41.73 -14.15 23.68
CA LEU E 53 41.55 -15.57 23.40
C LEU E 53 41.22 -15.85 21.94
N CYS E 54 40.73 -14.85 21.19
CA CYS E 54 40.51 -15.06 19.76
C CYS E 54 41.82 -15.10 18.99
N GLN E 55 42.91 -14.63 19.58
CA GLN E 55 44.22 -14.60 18.94
C GLN E 55 45.22 -15.50 19.62
N LEU E 56 44.81 -16.23 20.66
CA LEU E 56 45.74 -17.11 21.35
C LEU E 56 46.07 -18.33 20.51
N HIS E 57 45.04 -18.96 19.93
CA HIS E 57 45.20 -20.09 19.02
C HIS E 57 44.30 -19.85 17.82
N PRO E 58 44.74 -19.07 16.84
CA PRO E 58 43.87 -18.72 15.72
C PRO E 58 43.83 -19.82 14.67
N LEU E 59 42.69 -19.91 13.98
CA LEU E 59 42.51 -20.85 12.90
C LEU E 59 42.72 -20.21 11.53
N VAL E 60 42.61 -18.88 11.44
CA VAL E 60 42.74 -18.16 10.18
C VAL E 60 44.01 -17.33 10.25
N ALA E 61 44.86 -17.44 9.24
CA ALA E 61 46.06 -16.63 9.14
C ALA E 61 45.78 -15.37 8.33
N PRO E 62 46.43 -14.25 8.65
CA PRO E 62 46.23 -13.03 7.85
C PRO E 62 46.90 -13.16 6.49
N ARG E 63 46.12 -12.85 5.46
CA ARG E 63 46.53 -13.08 4.08
C ARG E 63 46.26 -11.83 3.27
N ARG E 64 47.31 -11.27 2.67
CA ARG E 64 47.16 -10.08 1.83
C ARG E 64 48.09 -10.19 0.64
N SER E 65 47.77 -9.42 -0.40
CA SER E 65 48.54 -9.41 -1.65
C SER E 65 49.45 -8.19 -1.75
N ASP E 66 48.92 -7.00 -1.48
CA ASP E 66 49.68 -5.76 -1.63
C ASP E 66 50.53 -5.51 -0.39
N LEU E 67 51.84 -5.67 -0.52
CA LEU E 67 52.76 -5.35 0.55
C LEU E 67 54.12 -4.99 -0.04
N CYS F 12 32.26 27.84 13.89
CA CYS F 12 32.54 26.40 13.91
C CYS F 12 33.78 26.08 13.11
N CYS F 13 34.31 27.08 12.41
CA CYS F 13 35.50 26.87 11.60
C CYS F 13 36.75 26.72 12.44
N THR F 14 36.76 27.26 13.66
CA THR F 14 37.91 27.11 14.55
C THR F 14 38.06 25.69 15.08
N VAL F 15 36.96 24.97 15.28
CA VAL F 15 37.01 23.57 15.72
C VAL F 15 37.56 22.67 14.62
N LEU F 16 37.00 22.82 13.42
CA LEU F 16 37.49 22.11 12.23
C LEU F 16 38.95 22.46 11.94
N SER F 17 39.35 23.70 12.18
CA SER F 17 40.73 24.10 11.96
C SER F 17 41.68 23.55 13.02
N ALA F 18 41.24 23.42 14.28
CA ALA F 18 42.07 22.81 15.30
C ALA F 18 42.27 21.32 15.04
N PHE F 19 41.20 20.63 14.66
CA PHE F 19 41.35 19.24 14.21
C PHE F 19 42.18 19.14 12.93
N GLY F 20 42.12 20.15 12.07
CA GLY F 20 42.97 20.17 10.89
C GLY F 20 44.43 20.36 11.19
N VAL F 21 44.74 21.09 12.27
CA VAL F 21 46.11 21.13 12.75
C VAL F 21 46.55 19.76 13.26
N VAL F 22 45.78 19.19 14.20
CA VAL F 22 46.23 18.02 14.94
C VAL F 22 46.29 16.78 14.05
N ILE F 23 45.19 16.47 13.36
CA ILE F 23 45.10 15.24 12.58
C ILE F 23 46.07 15.27 11.40
N LEU F 24 46.15 16.39 10.68
CA LEU F 24 47.05 16.45 9.54
C LEU F 24 48.50 16.54 9.96
N SER F 25 48.80 17.10 11.14
CA SER F 25 50.18 17.02 11.64
C SER F 25 50.59 15.60 11.99
N VAL F 26 49.68 14.83 12.61
CA VAL F 26 49.99 13.43 12.90
C VAL F 26 50.13 12.61 11.61
N ILE F 27 49.28 12.89 10.61
CA ILE F 27 49.36 12.18 9.33
C ILE F 27 50.66 12.53 8.60
N ALA F 28 51.07 13.81 8.64
CA ALA F 28 52.34 14.19 8.01
C ALA F 28 53.53 13.58 8.73
N HIS F 29 53.47 13.44 10.06
CA HIS F 29 54.55 12.77 10.78
C HIS F 29 54.58 11.28 10.48
N LEU F 30 53.42 10.65 10.29
CA LEU F 30 53.40 9.23 9.94
C LEU F 30 53.78 8.96 8.50
N PHE F 31 53.61 9.94 7.61
CA PHE F 31 54.22 9.82 6.28
C PHE F 31 55.71 10.08 6.30
N ASN F 32 56.19 10.94 7.20
CA ASN F 32 57.61 11.27 7.23
C ASN F 32 58.44 10.11 7.76
N THR F 33 57.92 9.39 8.75
CA THR F 33 58.66 8.29 9.36
C THR F 33 58.42 6.95 8.67
N ASN F 34 57.73 6.94 7.53
CA ASN F 34 57.44 5.75 6.72
C ASN F 34 56.68 4.69 7.52
N HIS F 35 55.58 5.11 8.14
CA HIS F 35 54.76 4.20 8.91
C HIS F 35 53.97 3.29 7.98
N GLU F 36 53.89 2.01 8.33
CA GLU F 36 53.38 1.00 7.41
C GLU F 36 51.86 1.00 7.29
N SER F 37 51.14 1.80 8.08
CA SER F 37 49.70 1.96 7.88
C SER F 37 49.39 3.04 6.86
N PHE F 38 50.40 3.69 6.29
CA PHE F 38 50.21 4.73 5.29
C PHE F 38 51.05 4.55 4.04
N VAL F 39 52.18 3.85 4.11
CA VAL F 39 53.11 3.74 2.98
C VAL F 39 53.24 2.26 2.62
N GLY F 40 52.95 1.39 3.58
CA GLY F 40 53.32 -0.02 3.55
C GLY F 40 52.65 -0.87 2.49
N SER F 41 51.65 -0.36 1.79
CA SER F 41 50.98 -1.13 0.75
C SER F 41 51.44 -0.69 -0.63
N ILE F 42 51.13 -1.53 -1.63
CA ILE F 42 51.48 -1.22 -3.01
C ILE F 42 50.63 -0.07 -3.53
N ASN F 43 49.35 -0.03 -3.15
CA ASN F 43 48.47 1.05 -3.56
C ASN F 43 48.76 2.35 -2.83
N ASP F 44 49.52 2.30 -1.73
CA ASP F 44 49.94 3.50 -1.03
C ASP F 44 50.97 4.28 -1.85
N PRO F 45 51.12 5.57 -1.59
CA PRO F 45 52.19 6.34 -2.27
C PRO F 45 53.58 5.84 -1.93
N GLU F 46 54.50 5.99 -2.89
CA GLU F 46 55.83 5.42 -2.76
C GLU F 46 56.72 6.28 -1.86
N ASP F 47 56.77 7.58 -2.11
CA ASP F 47 57.65 8.48 -1.37
C ASP F 47 56.90 9.04 -0.16
N GLY F 48 57.46 8.80 1.03
CA GLY F 48 56.89 9.29 2.26
C GLY F 48 56.96 10.78 2.48
N PRO F 49 58.18 11.35 2.56
CA PRO F 49 58.31 12.80 2.77
C PRO F 49 57.76 13.66 1.63
N ALA F 50 57.58 13.12 0.43
CA ALA F 50 56.92 13.89 -0.63
C ALA F 50 55.44 14.11 -0.32
N VAL F 51 54.81 13.14 0.36
CA VAL F 51 53.43 13.33 0.80
C VAL F 51 53.40 14.15 2.09
N ALA F 52 54.40 13.96 2.95
CA ALA F 52 54.48 14.72 4.19
C ALA F 52 54.68 16.21 3.94
N HIS F 53 55.39 16.58 2.88
CA HIS F 53 55.61 17.98 2.54
C HIS F 53 54.33 18.68 2.10
N THR F 54 53.38 17.95 1.50
CA THR F 54 52.13 18.57 1.08
C THR F 54 51.00 18.36 2.09
N VAL F 55 51.18 17.51 3.09
CA VAL F 55 50.22 17.45 4.20
C VAL F 55 50.59 18.44 5.31
N TYR F 56 51.90 18.67 5.52
CA TYR F 56 52.33 19.63 6.52
C TYR F 56 52.00 21.07 6.13
N LEU F 57 52.03 21.38 4.82
CA LEU F 57 51.59 22.70 4.39
C LEU F 57 50.09 22.88 4.57
N ALA F 58 49.31 21.82 4.42
CA ALA F 58 47.88 21.91 4.72
C ALA F 58 47.64 22.07 6.21
N ALA F 59 48.48 21.46 7.03
CA ALA F 59 48.43 21.70 8.48
C ALA F 59 48.72 23.16 8.82
N LEU F 60 49.70 23.77 8.15
CA LEU F 60 49.93 25.21 8.30
C LEU F 60 48.78 26.06 7.79
N VAL F 61 48.10 25.66 6.70
CA VAL F 61 46.95 26.40 6.21
C VAL F 61 45.80 26.37 7.21
N TYR F 62 45.52 25.19 7.76
CA TYR F 62 44.51 25.10 8.82
C TYR F 62 44.95 25.79 10.11
N LEU F 63 46.26 25.91 10.35
CA LEU F 63 46.70 26.72 11.49
C LEU F 63 46.47 28.20 11.25
N VAL F 64 46.61 28.66 10.01
CA VAL F 64 46.25 30.04 9.65
C VAL F 64 44.76 30.27 9.85
N PHE F 65 43.92 29.31 9.44
CA PHE F 65 42.49 29.42 9.69
C PHE F 65 42.15 29.36 11.18
N PHE F 66 42.94 28.62 11.97
CA PHE F 66 42.67 28.52 13.41
C PHE F 66 43.07 29.80 14.13
N VAL F 67 44.17 30.43 13.72
CA VAL F 67 44.60 31.68 14.33
C VAL F 67 43.67 32.82 13.92
N PHE F 68 43.25 32.87 12.65
CA PHE F 68 42.38 33.94 12.20
C PHE F 68 40.99 33.84 12.80
N CYS F 69 40.43 32.63 12.89
CA CYS F 69 39.13 32.45 13.52
C CYS F 69 39.23 32.31 15.04
N GLY F 70 40.45 32.29 15.59
CA GLY F 70 40.61 32.33 17.04
C GLY F 70 40.51 33.72 17.63
N PHE F 71 40.58 34.75 16.80
CA PHE F 71 40.36 36.13 17.23
C PHE F 71 38.98 36.63 16.80
N GLN F 72 37.98 35.75 16.82
CA GLN F 72 36.63 36.14 16.42
C GLN F 72 35.66 36.00 17.59
N LEU G 4 34.45 -19.93 -17.31
CA LEU G 4 34.47 -19.56 -15.89
C LEU G 4 34.17 -18.08 -15.73
N CYS G 5 34.74 -17.26 -16.62
CA CYS G 5 34.46 -15.82 -16.68
C CYS G 5 33.83 -15.51 -18.03
N PRO G 6 32.50 -15.64 -18.14
CA PRO G 6 31.85 -15.49 -19.45
C PRO G 6 31.74 -14.06 -19.94
N VAL G 7 31.09 -13.87 -21.08
CA VAL G 7 30.94 -12.54 -21.65
C VAL G 7 29.76 -11.79 -21.04
N TYR G 8 28.78 -12.50 -20.48
CA TYR G 8 27.62 -11.87 -19.87
C TYR G 8 27.78 -11.65 -18.38
N ALA G 9 28.96 -11.95 -17.82
CA ALA G 9 29.16 -11.83 -16.39
C ALA G 9 29.14 -10.39 -15.84
N PRO G 10 29.66 -9.33 -16.54
CA PRO G 10 29.44 -7.98 -16.00
C PRO G 10 28.06 -7.37 -16.23
N PHE G 11 27.07 -8.16 -16.66
CA PHE G 11 25.69 -7.66 -16.64
C PHE G 11 25.17 -7.56 -15.22
N PHE G 12 25.44 -8.59 -14.42
CA PHE G 12 24.90 -8.66 -13.07
C PHE G 12 25.54 -7.63 -12.15
N GLY G 13 26.82 -7.34 -12.35
CA GLY G 13 27.49 -6.32 -11.58
C GLY G 13 27.06 -4.92 -11.95
N ALA G 14 26.91 -4.66 -13.26
CA ALA G 14 26.41 -3.37 -13.70
C ALA G 14 24.97 -3.14 -13.31
N ILE G 15 24.12 -4.18 -13.37
CA ILE G 15 22.74 -4.02 -12.93
C ILE G 15 22.63 -3.99 -11.42
N GLY G 16 23.61 -4.54 -10.69
CA GLY G 16 23.64 -4.42 -9.25
C GLY G 16 24.04 -3.02 -8.82
N CYS G 17 25.04 -2.47 -9.51
CA CYS G 17 25.42 -1.08 -9.32
C CYS G 17 24.28 -0.12 -9.69
N ALA G 18 23.49 -0.49 -10.69
CA ALA G 18 22.31 0.29 -11.03
C ALA G 18 21.26 0.23 -9.93
N SER G 19 20.84 -0.98 -9.56
CA SER G 19 19.76 -1.18 -8.59
C SER G 19 20.11 -0.67 -7.20
N ALA G 20 21.39 -0.71 -6.81
CA ALA G 20 21.82 -0.21 -5.51
C ALA G 20 21.58 1.28 -5.32
N ILE G 21 21.58 2.07 -6.40
CA ILE G 21 21.20 3.47 -6.31
C ILE G 21 19.74 3.70 -6.74
N ILE G 22 19.19 2.87 -7.62
CA ILE G 22 17.81 3.06 -8.08
C ILE G 22 16.81 2.80 -6.96
N PHE G 23 16.88 1.63 -6.33
CA PHE G 23 15.90 1.28 -5.31
C PHE G 23 16.07 2.11 -4.05
N THR G 24 17.31 2.45 -3.72
CA THR G 24 17.62 3.30 -2.60
C THR G 24 17.13 4.73 -2.81
N SER G 25 17.28 5.27 -4.03
CA SER G 25 16.72 6.58 -4.33
C SER G 25 15.20 6.59 -4.42
N LEU G 26 14.59 5.48 -4.82
CA LEU G 26 13.12 5.37 -4.75
C LEU G 26 12.65 5.41 -3.31
N GLY G 27 13.30 4.65 -2.43
CA GLY G 27 12.95 4.68 -1.01
C GLY G 27 13.20 6.03 -0.37
N ALA G 28 14.35 6.65 -0.69
CA ALA G 28 14.67 7.99 -0.19
C ALA G 28 13.73 9.05 -0.73
N ALA G 29 13.24 8.90 -1.96
CA ALA G 29 12.29 9.85 -2.51
C ALA G 29 10.93 9.71 -1.85
N TYR G 30 10.50 8.49 -1.56
CA TYR G 30 9.27 8.31 -0.81
C TYR G 30 9.38 8.88 0.60
N GLY G 31 10.51 8.61 1.27
CA GLY G 31 10.75 9.15 2.59
C GLY G 31 10.92 10.65 2.65
N THR G 32 11.38 11.26 1.56
CA THR G 32 11.45 12.72 1.51
C THR G 32 10.10 13.33 1.19
N ALA G 33 9.39 12.81 0.18
CA ALA G 33 8.15 13.41 -0.27
C ALA G 33 7.02 13.23 0.73
N LYS G 34 6.80 12.02 1.23
CA LYS G 34 5.67 11.78 2.14
C LYS G 34 5.87 12.47 3.48
N SER G 35 7.10 12.50 3.98
CA SER G 35 7.38 13.22 5.21
C SER G 35 7.57 14.71 5.00
N GLY G 36 7.70 15.18 3.77
CA GLY G 36 7.77 16.61 3.50
C GLY G 36 6.39 17.20 3.35
N VAL G 37 5.44 16.38 2.90
CA VAL G 37 4.03 16.77 2.94
C VAL G 37 3.58 17.02 4.37
N GLY G 38 4.03 16.21 5.31
CA GLY G 38 3.70 16.44 6.71
C GLY G 38 4.35 17.67 7.30
N ILE G 39 5.56 17.99 6.84
CA ILE G 39 6.23 19.23 7.26
C ILE G 39 5.49 20.44 6.73
N CYS G 40 5.11 20.41 5.45
CA CYS G 40 4.41 21.55 4.86
C CYS G 40 2.99 21.69 5.40
N ALA G 41 2.35 20.58 5.76
CA ALA G 41 1.01 20.65 6.33
C ALA G 41 1.03 21.09 7.78
N THR G 42 2.07 20.70 8.52
CA THR G 42 2.18 21.06 9.93
C THR G 42 2.55 22.53 10.11
N CYS G 43 3.47 23.04 9.29
CA CYS G 43 4.09 24.35 9.53
C CYS G 43 3.34 25.49 8.87
N VAL G 44 2.03 25.35 8.66
CA VAL G 44 1.20 26.50 8.27
C VAL G 44 0.46 27.09 9.46
N LEU G 45 0.31 26.35 10.55
CA LEU G 45 -0.31 26.84 11.77
C LEU G 45 0.65 26.97 12.93
N ARG G 46 1.80 26.29 12.88
CA ARG G 46 2.81 26.37 13.93
C ARG G 46 4.17 26.32 13.24
N PRO G 47 4.64 27.46 12.71
CA PRO G 47 5.83 27.44 11.84
C PRO G 47 7.16 27.38 12.56
N ASP G 48 7.19 27.48 13.89
CA ASP G 48 8.46 27.44 14.61
C ASP G 48 8.99 26.02 14.79
N LEU G 49 8.24 25.01 14.38
CA LEU G 49 8.68 23.62 14.39
C LEU G 49 9.29 23.20 13.06
N LEU G 50 9.71 24.14 12.23
CA LEU G 50 10.08 23.82 10.86
C LEU G 50 11.43 23.12 10.79
N PHE G 51 12.39 23.52 11.62
CA PHE G 51 13.74 23.01 11.51
C PHE G 51 14.05 21.91 12.51
N LYS G 52 13.09 21.54 13.35
CA LYS G 52 13.22 20.30 14.12
C LYS G 52 12.41 19.17 13.51
N ASN G 53 11.41 19.48 12.67
CA ASN G 53 10.70 18.47 11.90
C ASN G 53 11.47 18.04 10.66
N ILE G 54 12.67 18.58 10.43
CA ILE G 54 13.42 18.30 9.20
C ILE G 54 14.19 16.99 9.27
N VAL G 55 14.13 16.30 10.41
CA VAL G 55 14.88 15.05 10.63
C VAL G 55 14.47 13.88 9.72
N PRO G 56 13.17 13.62 9.40
CA PRO G 56 12.89 12.51 8.47
C PRO G 56 13.48 12.64 7.07
N VAL G 57 13.52 13.84 6.48
CA VAL G 57 14.14 13.96 5.16
C VAL G 57 15.66 13.86 5.25
N ILE G 58 16.26 14.21 6.39
CA ILE G 58 17.69 14.00 6.59
C ILE G 58 18.00 12.51 6.69
N MET G 59 17.19 11.76 7.42
CA MET G 59 17.41 10.31 7.53
C MET G 59 17.17 9.61 6.19
N ALA G 60 16.20 10.08 5.41
CA ALA G 60 16.00 9.55 4.08
C ALA G 60 17.17 9.88 3.16
N GLY G 61 17.81 11.04 3.38
CA GLY G 61 19.03 11.34 2.64
C GLY G 61 20.20 10.46 3.03
N ILE G 62 20.27 10.08 4.32
CA ILE G 62 21.33 9.17 4.79
C ILE G 62 21.15 7.80 4.15
N ILE G 63 19.89 7.38 3.94
CA ILE G 63 19.62 6.14 3.21
C ILE G 63 20.21 6.18 1.81
N ALA G 64 19.96 7.26 1.07
CA ALA G 64 20.50 7.40 -0.28
C ALA G 64 22.02 7.50 -0.29
N ILE G 65 22.63 8.05 0.76
CA ILE G 65 24.08 8.01 0.88
C ILE G 65 24.57 6.57 1.07
N TYR G 66 23.84 5.77 1.87
CA TYR G 66 24.17 4.35 2.04
C TYR G 66 24.08 3.58 0.72
N GLY G 67 23.13 3.94 -0.13
CA GLY G 67 23.05 3.32 -1.45
C GLY G 67 24.12 3.79 -2.41
N LEU G 68 24.45 5.08 -2.37
CA LEU G 68 25.55 5.64 -3.16
C LEU G 68 26.88 4.99 -2.83
N VAL G 69 27.13 4.68 -1.56
CA VAL G 69 28.38 4.03 -1.15
C VAL G 69 28.51 2.65 -1.80
N VAL G 70 27.42 1.88 -1.82
CA VAL G 70 27.47 0.55 -2.41
C VAL G 70 27.60 0.62 -3.93
N SER G 71 26.92 1.59 -4.56
CA SER G 71 27.04 1.74 -6.01
C SER G 71 28.46 2.13 -6.43
N VAL G 72 29.08 3.05 -5.69
CA VAL G 72 30.46 3.43 -5.99
C VAL G 72 31.42 2.27 -5.73
N LEU G 73 31.22 1.53 -4.64
CA LEU G 73 32.12 0.43 -4.35
C LEU G 73 31.90 -0.79 -5.22
N VAL G 74 30.74 -0.93 -5.86
CA VAL G 74 30.57 -1.98 -6.85
C VAL G 74 31.18 -1.57 -8.18
N CYS G 75 31.04 -0.31 -8.59
CA CYS G 75 31.55 0.08 -9.90
C CYS G 75 33.07 0.23 -9.94
N TYR G 76 33.78 0.12 -8.82
CA TYR G 76 35.23 0.04 -8.85
C TYR G 76 35.75 -1.40 -8.90
N SER G 77 34.87 -2.39 -8.94
CA SER G 77 35.29 -3.78 -9.06
C SER G 77 34.80 -4.42 -10.35
N LEU G 78 34.20 -3.65 -11.25
CA LEU G 78 33.73 -4.17 -12.53
C LEU G 78 34.88 -4.27 -13.52
N GLY G 79 34.84 -5.31 -14.34
CA GLY G 79 35.82 -5.50 -15.39
C GLY G 79 35.17 -6.22 -16.55
N GLN G 80 35.90 -6.29 -17.67
CA GLN G 80 35.36 -6.97 -18.84
C GLN G 80 35.38 -8.48 -18.65
N LYS G 81 36.38 -8.99 -17.93
CA LYS G 81 36.63 -10.41 -17.84
C LYS G 81 36.55 -10.90 -16.40
N GLN G 82 35.52 -10.47 -15.68
CA GLN G 82 35.29 -10.97 -14.34
C GLN G 82 34.44 -12.24 -14.38
N ALA G 83 34.53 -13.01 -13.30
CA ALA G 83 33.83 -14.28 -13.25
C ALA G 83 32.36 -14.09 -12.94
N LEU G 84 31.60 -15.19 -13.01
CA LEU G 84 30.22 -15.16 -12.52
C LEU G 84 30.16 -15.05 -11.01
N TYR G 85 31.21 -15.46 -10.30
CA TYR G 85 31.27 -15.29 -8.85
C TYR G 85 31.24 -13.82 -8.47
N THR G 86 32.12 -13.02 -9.07
CA THR G 86 32.15 -11.57 -8.85
C THR G 86 30.86 -10.92 -9.32
N GLY G 87 30.32 -11.38 -10.45
CA GLY G 87 29.10 -10.78 -10.99
C GLY G 87 27.90 -10.99 -10.09
N PHE G 88 27.65 -12.23 -9.68
CA PHE G 88 26.52 -12.47 -8.79
C PHE G 88 26.75 -11.97 -7.38
N ILE G 89 28.00 -11.83 -6.93
CA ILE G 89 28.19 -11.27 -5.59
C ILE G 89 28.02 -9.75 -5.60
N GLN G 90 28.33 -9.07 -6.70
CA GLN G 90 27.95 -7.68 -6.89
C GLN G 90 26.45 -7.50 -7.06
N LEU G 91 25.78 -8.46 -7.70
CA LEU G 91 24.32 -8.46 -7.78
C LEU G 91 23.68 -8.58 -6.41
N GLY G 92 24.18 -9.50 -5.58
CA GLY G 92 23.69 -9.61 -4.21
C GLY G 92 23.95 -8.40 -3.36
N ALA G 93 25.14 -7.80 -3.48
CA ALA G 93 25.45 -6.54 -2.83
C ALA G 93 24.59 -5.39 -3.31
N GLY G 94 24.10 -5.43 -4.55
CA GLY G 94 23.15 -4.43 -5.01
C GLY G 94 21.74 -4.64 -4.50
N LEU G 95 21.24 -5.88 -4.61
CA LEU G 95 19.90 -6.25 -4.14
C LEU G 95 19.70 -6.03 -2.66
N SER G 96 20.73 -6.32 -1.84
CA SER G 96 20.62 -6.17 -0.39
C SER G 96 20.35 -4.73 0.00
N VAL G 97 21.25 -3.83 -0.38
CA VAL G 97 21.08 -2.42 -0.05
C VAL G 97 19.92 -1.80 -0.82
N GLY G 98 19.52 -2.34 -1.98
CA GLY G 98 18.38 -1.85 -2.69
C GLY G 98 17.07 -2.09 -1.97
N LEU G 99 16.78 -3.36 -1.65
CA LEU G 99 15.57 -3.68 -0.88
C LEU G 99 15.60 -3.06 0.51
N SER G 100 16.78 -2.97 1.13
CA SER G 100 16.83 -2.44 2.49
C SER G 100 16.64 -0.93 2.51
N GLY G 101 17.25 -0.20 1.57
CA GLY G 101 17.02 1.22 1.49
C GLY G 101 15.61 1.56 1.04
N LEU G 102 15.02 0.73 0.18
CA LEU G 102 13.64 0.93 -0.25
C LEU G 102 12.67 0.76 0.91
N ALA G 103 12.85 -0.32 1.70
CA ALA G 103 12.02 -0.57 2.87
C ALA G 103 12.20 0.50 3.94
N ALA G 104 13.45 0.85 4.24
CA ALA G 104 13.75 1.87 5.24
C ALA G 104 13.24 3.24 4.83
N GLY G 105 13.28 3.57 3.54
CA GLY G 105 12.73 4.84 3.10
C GLY G 105 11.22 4.89 3.12
N PHE G 106 10.56 3.77 2.77
CA PHE G 106 9.10 3.69 2.92
C PHE G 106 8.70 3.84 4.38
N ALA G 107 9.42 3.17 5.29
CA ALA G 107 9.11 3.25 6.71
C ALA G 107 9.36 4.64 7.28
N ILE G 108 10.47 5.29 6.89
CA ILE G 108 10.74 6.64 7.35
C ILE G 108 9.71 7.63 6.80
N GLY G 109 9.25 7.43 5.56
CA GLY G 109 8.22 8.30 5.01
C GLY G 109 6.88 8.16 5.70
N ILE G 110 6.46 6.93 5.98
CA ILE G 110 5.15 6.75 6.62
C ILE G 110 5.20 7.11 8.10
N VAL G 111 6.32 6.89 8.80
CA VAL G 111 6.41 7.30 10.19
C VAL G 111 6.61 8.81 10.32
N GLY G 112 7.30 9.45 9.36
CA GLY G 112 7.73 10.82 9.55
C GLY G 112 6.62 11.84 9.49
N ASP G 113 5.69 11.69 8.55
CA ASP G 113 4.60 12.66 8.47
C ASP G 113 3.63 12.51 9.64
N ALA G 114 3.34 11.27 10.06
CA ALA G 114 2.55 11.04 11.26
C ALA G 114 3.24 11.60 12.49
N GLY G 115 4.57 11.49 12.55
CA GLY G 115 5.31 12.01 13.69
C GLY G 115 5.33 13.52 13.75
N VAL G 116 5.54 14.18 12.61
CA VAL G 116 5.54 15.65 12.61
C VAL G 116 4.15 16.22 12.68
N ARG G 117 3.11 15.42 12.45
CA ARG G 117 1.75 15.85 12.76
C ARG G 117 1.38 15.65 14.21
N GLY G 118 1.81 14.55 14.83
CA GLY G 118 1.59 14.39 16.26
C GLY G 118 2.47 15.25 17.13
N SER G 119 3.57 15.77 16.59
CA SER G 119 4.47 16.61 17.36
C SER G 119 3.93 18.02 17.55
N SER G 120 3.06 18.48 16.65
CA SER G 120 2.48 19.80 16.79
C SER G 120 1.30 19.82 17.75
N GLN G 121 0.61 18.69 17.91
CA GLN G 121 -0.48 18.58 18.87
C GLN G 121 0.04 18.24 20.26
N GLN G 122 0.93 17.25 20.36
CA GLN G 122 1.55 16.86 21.62
C GLN G 122 3.05 17.07 21.50
N PRO G 123 3.67 17.93 22.32
CA PRO G 123 5.12 18.15 22.22
C PRO G 123 5.95 16.97 22.70
N ARG G 124 5.37 16.02 23.43
CA ARG G 124 6.09 14.86 23.92
C ARG G 124 6.29 13.77 22.87
N LEU G 125 5.82 13.99 21.64
CA LEU G 125 5.91 13.00 20.57
C LEU G 125 7.11 13.24 19.67
N PHE G 126 7.89 14.29 19.91
CA PHE G 126 9.11 14.49 19.14
C PHE G 126 10.15 13.43 19.47
N VAL G 127 10.37 13.17 20.76
CA VAL G 127 11.27 12.09 21.18
C VAL G 127 10.72 10.75 20.73
N GLY G 128 9.39 10.60 20.72
CA GLY G 128 8.78 9.37 20.23
C GLY G 128 9.02 9.11 18.76
N MET G 129 8.80 10.13 17.90
CA MET G 129 9.04 9.94 16.48
C MET G 129 10.53 9.78 16.17
N ILE G 130 11.42 10.43 16.92
CA ILE G 130 12.85 10.22 16.69
C ILE G 130 13.26 8.81 17.05
N LEU G 131 12.78 8.30 18.20
CA LEU G 131 13.12 6.94 18.61
C LEU G 131 12.47 5.89 17.73
N ILE G 132 11.35 6.19 17.07
CA ILE G 132 10.82 5.23 16.09
C ILE G 132 11.61 5.29 14.80
N LEU G 133 12.00 6.50 14.35
CA LEU G 133 12.69 6.63 13.08
C LEU G 133 14.13 6.13 13.14
N ILE G 134 14.71 6.03 14.33
CA ILE G 134 16.06 5.48 14.43
C ILE G 134 16.05 3.97 14.18
N PHE G 135 14.98 3.29 14.62
CA PHE G 135 14.84 1.87 14.29
C PHE G 135 14.63 1.66 12.80
N ALA G 136 13.95 2.58 12.13
CA ALA G 136 13.72 2.43 10.69
C ALA G 136 14.92 2.89 9.88
N GLU G 137 15.81 3.67 10.49
CA GLU G 137 17.01 4.13 9.79
C GLU G 137 18.02 3.01 9.61
N VAL G 138 18.17 2.15 10.62
CA VAL G 138 19.27 1.20 10.64
C VAL G 138 18.96 -0.04 9.82
N LEU G 139 17.76 -0.09 9.24
CA LEU G 139 17.45 -1.18 8.31
C LEU G 139 18.24 -1.02 7.02
N GLY G 140 18.46 0.23 6.60
CA GLY G 140 19.41 0.51 5.54
C GLY G 140 20.83 0.13 5.92
N LEU G 141 21.21 0.30 7.19
CA LEU G 141 22.46 -0.26 7.68
C LEU G 141 22.45 -1.78 7.64
N TYR G 142 21.30 -2.41 7.90
CA TYR G 142 21.26 -3.87 7.91
C TYR G 142 21.41 -4.44 6.51
N GLY G 143 21.02 -3.69 5.47
CA GLY G 143 21.39 -4.10 4.13
C GLY G 143 22.78 -3.68 3.71
N LEU G 144 23.26 -2.55 4.23
CA LEU G 144 24.60 -2.08 3.97
C LEU G 144 25.66 -3.04 4.51
N ILE G 145 25.37 -3.72 5.62
CA ILE G 145 26.30 -4.70 6.18
C ILE G 145 26.50 -5.86 5.21
N VAL G 146 25.41 -6.42 4.68
CA VAL G 146 25.52 -7.52 3.73
C VAL G 146 26.15 -7.05 2.42
N ALA G 147 25.84 -5.82 1.99
CA ALA G 147 26.47 -5.26 0.79
C ALA G 147 27.97 -5.08 0.95
N LEU G 148 28.43 -4.53 2.06
CA LEU G 148 29.85 -4.34 2.29
C LEU G 148 30.58 -5.62 2.66
N LEU G 149 29.86 -6.66 3.09
CA LEU G 149 30.49 -7.97 3.27
C LEU G 149 30.64 -8.70 1.95
N LEU G 150 29.62 -8.63 1.08
CA LEU G 150 29.73 -9.24 -0.24
C LEU G 150 30.69 -8.46 -1.15
N ASN G 151 30.94 -7.18 -0.85
CA ASN G 151 31.95 -6.45 -1.59
C ASN G 151 33.36 -6.95 -1.27
N SER G 152 33.60 -7.35 -0.01
CA SER G 152 34.93 -7.77 0.38
C SER G 152 35.29 -9.14 -0.18
N ARG G 153 34.30 -9.92 -0.60
CA ARG G 153 34.51 -11.20 -1.23
C ARG G 153 34.42 -11.12 -2.74
N ALA G 154 34.71 -9.96 -3.33
CA ALA G 154 34.54 -9.79 -4.77
C ALA G 154 35.63 -10.52 -5.55
N THR G 155 36.89 -10.15 -5.33
CA THR G 155 38.02 -10.77 -6.03
C THR G 155 38.90 -11.46 -4.99
N GLN G 156 38.55 -12.70 -4.66
CA GLN G 156 39.38 -13.53 -3.79
C GLN G 156 39.46 -14.95 -4.32
N GLU H 3 33.54 -12.60 -30.01
CA GLU H 3 32.83 -13.12 -28.86
C GLU H 3 32.77 -12.09 -27.74
N LEU H 4 33.91 -11.44 -27.50
CA LEU H 4 33.94 -10.36 -26.52
C LEU H 4 33.20 -9.13 -27.02
N CYS H 5 33.17 -8.93 -28.34
CA CYS H 5 32.51 -7.78 -28.97
C CYS H 5 31.44 -8.32 -29.94
N PRO H 6 30.28 -8.73 -29.43
CA PRO H 6 29.26 -9.31 -30.32
C PRO H 6 28.54 -8.27 -31.16
N VAL H 7 27.56 -8.74 -31.94
CA VAL H 7 26.85 -7.85 -32.85
C VAL H 7 25.68 -7.17 -32.16
N TYR H 8 25.02 -7.86 -31.23
CA TYR H 8 23.91 -7.32 -30.46
C TYR H 8 24.34 -6.44 -29.28
N ALA H 9 25.63 -6.15 -29.17
CA ALA H 9 26.19 -5.32 -28.10
C ALA H 9 25.80 -3.83 -28.13
N PRO H 10 25.62 -3.15 -29.27
CA PRO H 10 25.10 -1.77 -29.19
C PRO H 10 23.64 -1.64 -28.79
N PHE H 11 22.89 -2.73 -28.65
CA PHE H 11 21.49 -2.64 -28.22
C PHE H 11 21.39 -2.11 -26.80
N PHE H 12 22.16 -2.67 -25.89
CA PHE H 12 22.15 -2.23 -24.50
C PHE H 12 22.70 -0.83 -24.33
N GLY H 13 23.67 -0.45 -25.15
CA GLY H 13 24.17 0.91 -25.16
C GLY H 13 23.17 1.92 -25.68
N ALA H 14 22.42 1.57 -26.72
CA ALA H 14 21.38 2.47 -27.22
C ALA H 14 20.22 2.58 -26.25
N ILE H 15 19.86 1.48 -25.58
CA ILE H 15 18.82 1.55 -24.54
C ILE H 15 19.31 2.37 -23.34
N GLY H 16 20.60 2.29 -23.02
CA GLY H 16 21.14 3.15 -21.97
C GLY H 16 21.21 4.61 -22.36
N CYS H 17 21.45 4.90 -23.64
CA CYS H 17 21.41 6.28 -24.10
C CYS H 17 19.98 6.81 -24.14
N ALA H 18 19.01 5.94 -24.44
CA ALA H 18 17.62 6.37 -24.50
C ALA H 18 17.02 6.58 -23.12
N SER H 19 17.14 5.57 -22.24
CA SER H 19 16.48 5.57 -20.94
C SER H 19 16.96 6.67 -20.02
N ALA H 20 18.21 7.12 -20.16
CA ALA H 20 18.75 8.22 -19.37
C ALA H 20 18.00 9.52 -19.62
N ILE H 21 17.58 9.78 -20.85
CA ILE H 21 16.78 10.97 -21.12
C ILE H 21 15.28 10.68 -20.99
N ILE H 22 14.84 9.44 -21.21
CA ILE H 22 13.41 9.11 -21.14
C ILE H 22 12.91 9.19 -19.71
N PHE H 23 13.56 8.49 -18.79
CA PHE H 23 13.03 8.46 -17.42
C PHE H 23 13.34 9.73 -16.65
N THR H 24 14.40 10.46 -17.00
CA THR H 24 14.59 11.78 -16.40
C THR H 24 13.63 12.79 -16.99
N SER H 25 13.20 12.63 -18.24
CA SER H 25 12.14 13.49 -18.76
C SER H 25 10.80 13.15 -18.11
N LEU H 26 10.57 11.88 -17.78
CA LEU H 26 9.39 11.51 -17.00
C LEU H 26 9.43 12.12 -15.60
N GLY H 27 10.58 12.05 -14.93
CA GLY H 27 10.74 12.62 -13.60
C GLY H 27 10.61 14.13 -13.58
N ALA H 28 11.31 14.81 -14.48
CA ALA H 28 11.17 16.25 -14.66
C ALA H 28 9.78 16.66 -15.10
N ALA H 29 9.09 15.81 -15.87
CA ALA H 29 7.73 16.12 -16.29
C ALA H 29 6.76 16.04 -15.13
N TYR H 30 6.91 15.03 -14.28
CA TYR H 30 6.08 14.96 -13.08
C TYR H 30 6.40 16.10 -12.12
N GLY H 31 7.68 16.45 -11.98
CA GLY H 31 8.05 17.54 -11.10
C GLY H 31 7.60 18.90 -11.58
N THR H 32 7.61 19.13 -12.89
CA THR H 32 7.05 20.33 -13.48
C THR H 32 5.54 20.34 -13.39
N ALA H 33 4.91 19.20 -13.68
CA ALA H 33 3.45 19.10 -13.75
C ALA H 33 2.80 19.29 -12.39
N LYS H 34 3.15 18.42 -11.43
CA LYS H 34 2.48 18.41 -10.14
C LYS H 34 2.75 19.70 -9.37
N SER H 35 3.97 20.23 -9.45
CA SER H 35 4.29 21.46 -8.76
C SER H 35 4.04 22.70 -9.59
N GLY H 36 3.52 22.57 -10.82
CA GLY H 36 3.09 23.73 -11.57
C GLY H 36 1.61 23.92 -11.46
N VAL H 37 0.88 22.82 -11.23
CA VAL H 37 -0.53 22.91 -10.84
C VAL H 37 -0.68 23.72 -9.56
N GLY H 38 0.21 23.51 -8.58
CA GLY H 38 0.19 24.29 -7.36
C GLY H 38 0.52 25.76 -7.55
N ILE H 39 1.44 26.07 -8.47
CA ILE H 39 1.73 27.47 -8.80
C ILE H 39 0.52 28.13 -9.43
N CYS H 40 -0.08 27.47 -10.42
CA CYS H 40 -1.24 28.02 -11.10
C CYS H 40 -2.47 28.07 -10.21
N ALA H 41 -2.51 27.30 -9.13
CA ALA H 41 -3.62 27.38 -8.17
C ALA H 41 -3.39 28.44 -7.10
N THR H 42 -2.14 28.70 -6.71
CA THR H 42 -1.87 29.64 -5.63
C THR H 42 -1.38 30.99 -6.09
N CYS H 43 -1.24 31.22 -7.39
CA CYS H 43 -0.90 32.54 -7.91
C CYS H 43 -2.10 33.22 -8.57
N VAL H 44 -3.31 32.73 -8.31
CA VAL H 44 -4.52 33.47 -8.68
C VAL H 44 -4.98 34.38 -7.56
N LEU H 45 -4.44 34.19 -6.35
CA LEU H 45 -4.75 35.02 -5.19
C LEU H 45 -3.59 35.91 -4.78
N ARG H 46 -2.37 35.36 -4.75
CA ARG H 46 -1.17 36.14 -4.45
C ARG H 46 -0.19 35.97 -5.60
N PRO H 47 -0.35 36.78 -6.67
CA PRO H 47 0.56 36.67 -7.81
C PRO H 47 1.88 37.38 -7.63
N ASP H 48 2.09 38.05 -6.49
CA ASP H 48 3.36 38.75 -6.25
C ASP H 48 4.49 37.75 -6.03
N LEU H 49 4.17 36.59 -5.48
CA LEU H 49 5.13 35.51 -5.29
C LEU H 49 5.06 34.45 -6.38
N LEU H 50 4.78 34.88 -7.61
CA LEU H 50 4.84 33.97 -8.76
C LEU H 50 6.27 33.60 -9.12
N PHE H 51 7.20 34.54 -8.97
CA PHE H 51 8.57 34.29 -9.41
C PHE H 51 9.43 33.59 -8.37
N LYS H 52 8.91 33.35 -7.16
CA LYS H 52 9.64 32.57 -6.17
C LYS H 52 9.08 31.17 -5.98
N ASN H 53 7.84 30.93 -6.41
CA ASN H 53 7.31 29.57 -6.45
C ASN H 53 7.83 28.75 -7.61
N ILE H 54 8.63 29.35 -8.50
CA ILE H 54 9.12 28.68 -9.70
C ILE H 54 10.27 27.72 -9.42
N VAL H 55 10.79 27.71 -8.19
CA VAL H 55 11.95 26.91 -7.80
C VAL H 55 11.69 25.40 -7.84
N PRO H 56 10.51 24.85 -7.47
CA PRO H 56 10.26 23.43 -7.78
C PRO H 56 10.30 23.09 -9.26
N VAL H 57 9.85 23.99 -10.13
CA VAL H 57 9.91 23.73 -11.57
C VAL H 57 11.36 23.75 -12.07
N ILE H 58 12.19 24.66 -11.56
CA ILE H 58 13.58 24.73 -11.97
C ILE H 58 14.36 23.52 -11.44
N MET H 59 14.16 23.17 -10.18
CA MET H 59 14.82 22.00 -9.62
C MET H 59 14.32 20.70 -10.22
N ALA H 60 13.09 20.68 -10.75
CA ALA H 60 12.66 19.55 -11.54
C ALA H 60 13.35 19.52 -12.90
N GLY H 61 13.52 20.68 -13.54
CA GLY H 61 14.16 20.72 -14.84
C GLY H 61 15.66 20.47 -14.81
N ILE H 62 16.28 20.56 -13.63
CA ILE H 62 17.69 20.16 -13.50
C ILE H 62 17.85 18.65 -13.71
N ILE H 63 16.83 17.86 -13.36
CA ILE H 63 16.87 16.41 -13.53
C ILE H 63 16.95 16.04 -15.00
N ALA H 64 16.29 16.80 -15.87
CA ALA H 64 16.38 16.54 -17.30
C ALA H 64 17.76 16.88 -17.85
N ILE H 65 18.44 17.87 -17.28
CA ILE H 65 19.81 18.16 -17.67
C ILE H 65 20.75 17.06 -17.18
N TYR H 66 20.46 16.49 -16.00
CA TYR H 66 21.20 15.32 -15.52
C TYR H 66 21.05 14.15 -16.47
N GLY H 67 19.85 13.95 -17.02
CA GLY H 67 19.67 12.93 -18.04
C GLY H 67 20.35 13.26 -19.35
N LEU H 68 20.33 14.53 -19.76
CA LEU H 68 20.92 14.97 -21.02
C LEU H 68 22.44 14.79 -21.04
N VAL H 69 23.11 15.09 -19.94
CA VAL H 69 24.57 14.94 -19.86
C VAL H 69 24.98 13.48 -20.04
N VAL H 70 24.28 12.57 -19.35
CA VAL H 70 24.62 11.15 -19.43
C VAL H 70 24.21 10.58 -20.79
N SER H 71 23.12 11.09 -21.38
CA SER H 71 22.76 10.65 -22.72
C SER H 71 23.77 11.08 -23.78
N VAL H 72 24.31 12.29 -23.68
CA VAL H 72 25.36 12.73 -24.60
C VAL H 72 26.65 11.94 -24.38
N LEU H 73 27.02 11.69 -23.12
CA LEU H 73 28.27 10.98 -22.85
C LEU H 73 28.18 9.49 -23.18
N VAL H 74 26.99 8.91 -23.14
CA VAL H 74 26.82 7.53 -23.62
C VAL H 74 26.73 7.51 -25.15
N CYS H 75 26.13 8.54 -25.75
CA CYS H 75 26.00 8.61 -27.19
C CYS H 75 27.34 8.74 -27.89
N TYR H 76 28.26 9.51 -27.30
CA TYR H 76 29.60 9.65 -27.89
C TYR H 76 30.57 8.57 -27.46
N SER H 77 30.08 7.43 -26.96
CA SER H 77 30.91 6.26 -26.73
C SER H 77 30.35 5.02 -27.40
N LEU H 78 29.23 5.14 -28.11
CA LEU H 78 28.68 4.05 -28.89
C LEU H 78 29.51 3.79 -30.14
N GLY H 79 29.53 2.54 -30.56
CA GLY H 79 30.23 2.14 -31.77
C GLY H 79 29.66 0.84 -32.27
N GLN H 80 30.00 0.52 -33.52
CA GLN H 80 29.47 -0.70 -34.13
C GLN H 80 30.12 -1.94 -33.52
N LYS H 81 31.42 -1.88 -33.27
CA LYS H 81 32.21 -3.01 -32.79
C LYS H 81 32.62 -2.83 -31.34
N GLN H 82 31.74 -2.27 -30.52
CA GLN H 82 32.04 -2.12 -29.11
C GLN H 82 31.84 -3.44 -28.38
N ALA H 83 32.40 -3.52 -27.18
CA ALA H 83 32.30 -4.74 -26.40
C ALA H 83 30.91 -4.87 -25.78
N LEU H 84 30.56 -6.08 -25.35
CA LEU H 84 29.31 -6.28 -24.64
C LEU H 84 29.40 -5.70 -23.23
N TYR H 85 30.62 -5.64 -22.69
CA TYR H 85 30.88 -4.96 -21.43
C TYR H 85 30.52 -3.48 -21.52
N THR H 86 30.88 -2.83 -22.62
CA THR H 86 30.56 -1.42 -22.81
C THR H 86 29.05 -1.20 -22.88
N GLY H 87 28.34 -2.09 -23.56
CA GLY H 87 26.89 -1.99 -23.61
C GLY H 87 26.22 -2.23 -22.28
N PHE H 88 26.75 -3.17 -21.48
CA PHE H 88 26.22 -3.39 -20.13
C PHE H 88 26.47 -2.20 -19.22
N ILE H 89 27.65 -1.59 -19.30
CA ILE H 89 27.95 -0.42 -18.47
C ILE H 89 27.12 0.78 -18.90
N GLN H 90 26.90 0.96 -20.20
CA GLN H 90 26.07 2.06 -20.67
C GLN H 90 24.59 1.85 -20.34
N LEU H 91 24.12 0.59 -20.32
CA LEU H 91 22.78 0.30 -19.84
C LEU H 91 22.64 0.61 -18.36
N GLY H 92 23.64 0.21 -17.55
CA GLY H 92 23.63 0.53 -16.14
C GLY H 92 23.71 2.01 -15.83
N ALA H 93 24.52 2.75 -16.60
CA ALA H 93 24.63 4.20 -16.41
C ALA H 93 23.40 4.92 -16.92
N GLY H 94 22.70 4.38 -17.92
CA GLY H 94 21.44 4.97 -18.33
C GLY H 94 20.35 4.77 -17.29
N LEU H 95 20.23 3.54 -16.77
CA LEU H 95 19.24 3.27 -15.73
C LEU H 95 19.54 3.97 -14.41
N SER H 96 20.82 4.13 -14.06
CA SER H 96 21.19 4.77 -12.79
C SER H 96 20.85 6.25 -12.76
N VAL H 97 20.88 6.93 -13.90
CA VAL H 97 20.39 8.29 -13.97
C VAL H 97 18.89 8.34 -14.17
N GLY H 98 18.34 7.52 -15.05
CA GLY H 98 16.92 7.57 -15.34
C GLY H 98 16.01 7.19 -14.21
N LEU H 99 16.18 6.01 -13.62
CA LEU H 99 15.26 5.54 -12.60
C LEU H 99 15.55 6.14 -11.23
N SER H 100 16.64 6.89 -11.07
CA SER H 100 16.88 7.68 -9.87
C SER H 100 16.41 9.12 -10.02
N GLY H 101 16.57 9.72 -11.20
CA GLY H 101 15.97 11.01 -11.45
C GLY H 101 14.46 10.98 -11.59
N LEU H 102 13.90 9.83 -11.96
CA LEU H 102 12.46 9.63 -11.87
C LEU H 102 11.97 9.74 -10.42
N ALA H 103 12.70 9.13 -9.50
CA ALA H 103 12.38 9.24 -8.08
C ALA H 103 12.58 10.65 -7.56
N ALA H 104 13.68 11.29 -7.94
CA ALA H 104 13.94 12.67 -7.56
C ALA H 104 12.87 13.62 -8.11
N GLY H 105 12.39 13.38 -9.33
CA GLY H 105 11.33 14.20 -9.89
C GLY H 105 9.97 13.97 -9.26
N PHE H 106 9.67 12.72 -8.88
CA PHE H 106 8.49 12.45 -8.06
C PHE H 106 8.54 13.21 -6.75
N ALA H 107 9.69 13.17 -6.06
CA ALA H 107 9.82 13.85 -4.78
C ALA H 107 9.75 15.36 -4.93
N ILE H 108 10.36 15.92 -5.99
CA ILE H 108 10.29 17.35 -6.24
C ILE H 108 8.87 17.79 -6.59
N GLY H 109 8.13 17.00 -7.37
CA GLY H 109 6.75 17.35 -7.67
C GLY H 109 5.84 17.32 -6.46
N ILE H 110 5.96 16.27 -5.63
CA ILE H 110 5.13 16.15 -4.44
C ILE H 110 5.47 17.24 -3.42
N VAL H 111 6.76 17.45 -3.14
CA VAL H 111 7.18 18.47 -2.17
C VAL H 111 6.85 19.87 -2.67
N GLY H 112 7.04 20.14 -3.97
CA GLY H 112 6.72 21.43 -4.52
C GLY H 112 5.24 21.76 -4.53
N ASP H 113 4.39 20.78 -4.86
CA ASP H 113 2.96 21.02 -4.82
C ASP H 113 2.46 21.14 -3.38
N ALA H 114 3.04 20.41 -2.45
CA ALA H 114 2.66 20.56 -1.05
C ALA H 114 3.24 21.83 -0.44
N GLY H 115 4.29 22.39 -1.02
CA GLY H 115 4.98 23.51 -0.41
C GLY H 115 4.58 24.87 -0.94
N VAL H 116 4.30 25.00 -2.24
CA VAL H 116 3.85 26.29 -2.76
C VAL H 116 2.39 26.56 -2.39
N ARG H 117 1.64 25.54 -1.98
CA ARG H 117 0.29 25.76 -1.48
C ARG H 117 0.30 26.18 -0.03
N GLY H 118 1.31 25.76 0.74
CA GLY H 118 1.40 26.11 2.14
C GLY H 118 2.23 27.35 2.37
N SER H 119 2.95 27.81 1.35
CA SER H 119 3.80 28.99 1.51
C SER H 119 3.03 30.29 1.31
N SER H 120 1.83 30.23 0.75
CA SER H 120 1.01 31.43 0.64
C SER H 120 0.23 31.71 1.92
N GLN H 121 0.02 30.69 2.75
CA GLN H 121 -0.62 30.87 4.05
C GLN H 121 0.40 31.16 5.14
N GLN H 122 1.60 30.58 5.03
CA GLN H 122 2.69 30.81 5.96
C GLN H 122 3.94 31.13 5.16
N PRO H 123 4.42 32.37 5.17
CA PRO H 123 5.60 32.72 4.35
C PRO H 123 6.91 32.17 4.89
N ARG H 124 6.94 31.67 6.13
CA ARG H 124 8.15 31.08 6.69
C ARG H 124 8.38 29.65 6.21
N LEU H 125 7.40 29.04 5.56
CA LEU H 125 7.52 27.67 5.06
C LEU H 125 8.33 27.60 3.77
N PHE H 126 8.64 28.73 3.16
CA PHE H 126 9.38 28.74 1.90
C PHE H 126 10.81 28.24 2.08
N VAL H 127 11.47 28.63 3.17
CA VAL H 127 12.84 28.18 3.43
C VAL H 127 12.87 26.68 3.71
N GLY H 128 11.86 26.17 4.42
CA GLY H 128 11.74 24.75 4.62
C GLY H 128 11.46 23.99 3.34
N MET H 129 10.68 24.59 2.43
CA MET H 129 10.44 23.97 1.13
C MET H 129 11.71 23.87 0.32
N ILE H 130 12.52 24.94 0.31
CA ILE H 130 13.81 24.91 -0.39
C ILE H 130 14.73 23.87 0.23
N LEU H 131 14.72 23.75 1.56
CA LEU H 131 15.59 22.79 2.24
C LEU H 131 15.17 21.35 1.95
N ILE H 132 13.88 21.07 1.84
CA ILE H 132 13.44 19.72 1.50
C ILE H 132 13.71 19.43 0.02
N LEU H 133 13.55 20.43 -0.86
CA LEU H 133 13.82 20.22 -2.27
C LEU H 133 15.29 20.03 -2.59
N ILE H 134 16.20 20.55 -1.76
CA ILE H 134 17.61 20.23 -1.95
C ILE H 134 17.88 18.75 -1.67
N PHE H 135 17.30 18.20 -0.59
CA PHE H 135 17.41 16.76 -0.34
C PHE H 135 16.69 15.93 -1.39
N ALA H 136 15.67 16.47 -2.04
CA ALA H 136 15.03 15.77 -3.14
C ALA H 136 15.81 15.83 -4.43
N GLU H 137 16.61 16.88 -4.65
CA GLU H 137 17.38 17.03 -5.88
C GLU H 137 18.74 16.34 -5.79
N VAL H 138 19.28 16.15 -4.59
CA VAL H 138 20.53 15.39 -4.47
C VAL H 138 20.36 13.90 -4.74
N LEU H 139 19.12 13.40 -4.81
CA LEU H 139 18.90 12.03 -5.26
C LEU H 139 19.29 11.84 -6.71
N GLY H 140 18.77 12.71 -7.59
CA GLY H 140 19.22 12.76 -8.97
C GLY H 140 20.68 13.12 -9.13
N LEU H 141 21.21 13.95 -8.22
CA LEU H 141 22.65 14.21 -8.25
C LEU H 141 23.47 12.97 -7.93
N TYR H 142 23.01 12.13 -7.00
CA TYR H 142 23.70 10.89 -6.68
C TYR H 142 23.62 9.91 -7.84
N GLY H 143 22.48 9.86 -8.52
CA GLY H 143 22.37 9.06 -9.73
C GLY H 143 23.30 9.53 -10.83
N LEU H 144 23.48 10.84 -10.96
CA LEU H 144 24.45 11.40 -11.89
C LEU H 144 25.87 10.98 -11.54
N ILE H 145 26.21 10.98 -10.24
CA ILE H 145 27.55 10.56 -9.81
C ILE H 145 27.79 9.09 -10.13
N VAL H 146 26.79 8.24 -9.88
CA VAL H 146 26.92 6.80 -10.17
C VAL H 146 27.09 6.56 -11.67
N ALA H 147 26.32 7.29 -12.49
CA ALA H 147 26.43 7.08 -13.94
C ALA H 147 27.73 7.62 -14.51
N LEU H 148 28.26 8.73 -13.98
CA LEU H 148 29.57 9.19 -14.42
C LEU H 148 30.69 8.25 -14.00
N LEU H 149 30.60 7.65 -12.81
CA LEU H 149 31.61 6.68 -12.41
C LEU H 149 31.51 5.37 -13.18
N LEU H 150 30.31 5.00 -13.64
CA LEU H 150 30.21 3.88 -14.56
C LEU H 150 30.79 4.22 -15.93
N ASN H 151 30.42 5.37 -16.48
CA ASN H 151 30.80 5.74 -17.84
C ASN H 151 32.29 6.02 -17.96
N SER H 152 32.97 6.41 -16.88
CA SER H 152 34.43 6.48 -16.91
C SER H 152 35.04 5.09 -16.96
N ARG H 153 34.36 4.10 -16.39
CA ARG H 153 34.79 2.70 -16.36
C ARG H 153 34.37 1.94 -17.62
N ALA H 154 33.54 2.55 -18.48
CA ALA H 154 32.92 1.87 -19.62
C ALA H 154 33.96 1.36 -20.62
N THR H 155 34.74 2.26 -21.22
CA THR H 155 35.81 1.86 -22.13
C THR H 155 37.15 2.30 -21.54
N GLN H 156 37.70 1.46 -20.66
CA GLN H 156 38.97 1.73 -20.01
C GLN H 156 40.03 0.69 -20.38
N ASP H 157 39.76 -0.59 -20.14
CA ASP H 157 40.67 -1.68 -20.46
C ASP H 157 39.96 -2.73 -21.29
N VAL H 158 39.12 -2.27 -22.21
CA VAL H 158 38.31 -3.18 -23.02
C VAL H 158 39.17 -3.75 -24.14
N VAL H 159 38.80 -4.94 -24.60
CA VAL H 159 39.52 -5.61 -25.66
C VAL H 159 38.58 -5.87 -26.85
N GLU I 3 26.17 -11.31 -41.19
CA GLU I 3 26.32 -11.39 -39.74
C GLU I 3 26.30 -10.01 -39.12
N LEU I 4 27.18 -9.14 -39.59
CA LEU I 4 27.31 -7.80 -39.04
C LEU I 4 26.20 -6.88 -39.51
N CYS I 5 25.56 -7.20 -40.64
CA CYS I 5 24.39 -6.48 -41.15
C CYS I 5 23.31 -7.49 -41.52
N PRO I 6 22.61 -8.06 -40.52
CA PRO I 6 21.69 -9.17 -40.80
C PRO I 6 20.39 -8.75 -41.48
N VAL I 7 19.49 -9.71 -41.65
CA VAL I 7 18.28 -9.48 -42.42
C VAL I 7 17.21 -8.78 -41.57
N TYR I 8 17.13 -9.11 -40.29
CA TYR I 8 16.17 -8.50 -39.37
C TYR I 8 16.63 -7.14 -38.86
N ALA I 9 17.73 -6.60 -39.37
CA ALA I 9 18.28 -5.30 -38.99
C ALA I 9 17.39 -4.09 -39.26
N PRO I 10 16.65 -3.95 -40.37
CA PRO I 10 15.77 -2.79 -40.50
C PRO I 10 14.48 -2.85 -39.69
N PHE I 11 14.23 -3.93 -38.94
CA PHE I 11 13.05 -3.98 -38.07
C PHE I 11 13.14 -2.93 -36.98
N PHE I 12 14.30 -2.84 -36.32
CA PHE I 12 14.49 -1.88 -35.25
C PHE I 12 14.46 -0.45 -35.78
N GLY I 13 14.98 -0.21 -36.97
CA GLY I 13 14.91 1.09 -37.59
C GLY I 13 13.51 1.51 -37.97
N ALA I 14 12.74 0.59 -38.55
CA ALA I 14 11.36 0.89 -38.92
C ALA I 14 10.47 1.08 -37.69
N ILE I 15 10.68 0.28 -36.63
CA ILE I 15 9.90 0.48 -35.42
C ILE I 15 10.34 1.70 -34.64
N GLY I 16 11.59 2.16 -34.82
CA GLY I 16 12.00 3.43 -34.25
C GLY I 16 11.43 4.62 -34.97
N CYS I 17 11.40 4.54 -36.30
CA CYS I 17 10.75 5.55 -37.13
C CYS I 17 9.25 5.62 -36.85
N ALA I 18 8.64 4.48 -36.55
CA ALA I 18 7.24 4.49 -36.14
C ALA I 18 7.08 5.09 -34.75
N SER I 19 7.90 4.64 -33.78
CA SER I 19 7.80 5.04 -32.39
C SER I 19 8.01 6.53 -32.16
N ALA I 20 8.94 7.14 -32.91
CA ALA I 20 9.26 8.56 -32.78
C ALA I 20 8.10 9.47 -33.17
N ILE I 21 7.12 8.98 -33.92
CA ILE I 21 5.91 9.75 -34.19
C ILE I 21 4.71 9.22 -33.41
N ILE I 22 4.68 7.93 -33.06
CA ILE I 22 3.56 7.37 -32.31
C ILE I 22 3.51 7.94 -30.89
N PHE I 23 4.60 7.80 -30.12
CA PHE I 23 4.54 8.24 -28.75
C PHE I 23 4.59 9.75 -28.63
N THR I 24 5.22 10.41 -29.59
CA THR I 24 5.20 11.86 -29.69
C THR I 24 3.80 12.39 -29.95
N SER I 25 3.07 11.78 -30.89
CA SER I 25 1.71 12.21 -31.18
C SER I 25 0.77 11.86 -30.06
N LEU I 26 1.07 10.81 -29.29
CA LEU I 26 0.24 10.48 -28.14
C LEU I 26 0.42 11.51 -27.03
N GLY I 27 1.67 11.92 -26.78
CA GLY I 27 1.92 12.97 -25.80
C GLY I 27 1.36 14.32 -26.23
N ALA I 28 1.52 14.66 -27.51
CA ALA I 28 0.95 15.88 -28.05
C ALA I 28 -0.57 15.86 -28.07
N ALA I 29 -1.18 14.68 -28.22
CA ALA I 29 -2.63 14.58 -28.17
C ALA I 29 -3.15 14.75 -26.76
N TYR I 30 -2.43 14.23 -25.76
CA TYR I 30 -2.80 14.52 -24.38
C TYR I 30 -2.64 16.01 -24.08
N GLY I 31 -1.55 16.62 -24.54
CA GLY I 31 -1.33 18.04 -24.33
C GLY I 31 -2.33 18.93 -25.05
N THR I 32 -2.85 18.48 -26.19
CA THR I 32 -3.89 19.21 -26.91
C THR I 32 -5.25 19.03 -26.25
N ALA I 33 -5.65 17.79 -25.94
CA ALA I 33 -6.97 17.53 -25.39
C ALA I 33 -7.14 18.08 -23.98
N LYS I 34 -6.18 17.80 -23.09
CA LYS I 34 -6.30 18.18 -21.69
C LYS I 34 -6.31 19.69 -21.53
N SER I 35 -5.52 20.40 -22.34
CA SER I 35 -5.49 21.85 -22.28
C SER I 35 -6.50 22.52 -23.19
N GLY I 36 -7.17 21.76 -24.06
CA GLY I 36 -8.27 22.30 -24.82
C GLY I 36 -9.56 22.24 -24.04
N VAL I 37 -9.63 21.29 -23.10
CA VAL I 37 -10.72 21.29 -22.12
C VAL I 37 -10.74 22.59 -21.32
N GLY I 38 -9.57 23.06 -20.88
CA GLY I 38 -9.49 24.30 -20.13
C GLY I 38 -9.84 25.53 -20.94
N ILE I 39 -9.45 25.56 -22.23
CA ILE I 39 -9.81 26.66 -23.11
C ILE I 39 -11.31 26.68 -23.37
N CYS I 40 -11.89 25.50 -23.64
CA CYS I 40 -13.32 25.42 -23.86
C CYS I 40 -14.14 25.60 -22.60
N ALA I 41 -13.52 25.53 -21.42
CA ALA I 41 -14.22 25.81 -20.17
C ALA I 41 -14.11 27.26 -19.70
N THR I 42 -12.97 27.92 -19.92
CA THR I 42 -12.81 29.28 -19.42
C THR I 42 -13.14 30.36 -20.44
N CYS I 43 -13.07 30.06 -21.74
CA CYS I 43 -13.43 31.04 -22.75
C CYS I 43 -14.92 31.04 -23.06
N VAL I 44 -15.73 30.45 -22.18
CA VAL I 44 -17.16 30.71 -22.15
C VAL I 44 -17.45 31.97 -21.34
N LEU I 45 -16.75 32.13 -20.21
CA LEU I 45 -16.82 33.37 -19.43
C LEU I 45 -16.04 34.49 -20.11
N ARG I 46 -14.82 34.19 -20.58
CA ARG I 46 -13.91 35.18 -21.15
C ARG I 46 -13.59 34.80 -22.58
N PRO I 47 -14.47 35.11 -23.55
CA PRO I 47 -14.19 34.74 -24.95
C PRO I 47 -13.13 35.61 -25.60
N ASP I 48 -12.70 36.70 -24.95
CA ASP I 48 -11.65 37.55 -25.49
C ASP I 48 -10.27 36.93 -25.33
N LEU I 49 -10.15 35.83 -24.58
CA LEU I 49 -8.86 35.21 -24.28
C LEU I 49 -8.65 33.91 -25.06
N LEU I 50 -9.34 33.74 -26.20
CA LEU I 50 -9.15 32.55 -27.02
C LEU I 50 -7.76 32.52 -27.64
N PHE I 51 -7.38 33.60 -28.32
CA PHE I 51 -6.10 33.63 -29.02
C PHE I 51 -4.93 33.91 -28.08
N LYS I 52 -5.21 34.21 -26.81
CA LYS I 52 -4.18 34.36 -25.80
C LYS I 52 -3.90 33.05 -25.07
N ASN I 53 -4.94 32.27 -24.77
CA ASN I 53 -4.77 30.98 -24.11
C ASN I 53 -4.48 29.83 -25.07
N ILE I 54 -4.23 30.11 -26.36
CA ILE I 54 -3.95 29.06 -27.33
C ILE I 54 -2.49 28.60 -27.25
N VAL I 55 -1.72 29.14 -26.30
CA VAL I 55 -0.28 28.83 -26.21
C VAL I 55 0.03 27.38 -25.84
N PRO I 56 -0.65 26.74 -24.85
CA PRO I 56 -0.31 25.32 -24.58
C PRO I 56 -0.67 24.35 -25.71
N VAL I 57 -1.67 24.63 -26.53
CA VAL I 57 -1.97 23.78 -27.68
C VAL I 57 -0.87 23.90 -28.75
N ILE I 58 -0.34 25.11 -28.94
CA ILE I 58 0.75 25.31 -29.88
C ILE I 58 2.03 24.64 -29.37
N MET I 59 2.30 24.76 -28.07
CA MET I 59 3.47 24.11 -27.50
C MET I 59 3.31 22.60 -27.41
N ALA I 60 2.08 22.08 -27.43
CA ALA I 60 1.89 20.66 -27.64
C ALA I 60 2.15 20.26 -29.08
N GLY I 61 1.77 21.09 -30.05
CA GLY I 61 2.06 20.80 -31.44
C GLY I 61 3.53 20.87 -31.81
N ILE I 62 4.31 21.69 -31.12
CA ILE I 62 5.75 21.77 -31.38
C ILE I 62 6.43 20.46 -30.99
N ILE I 63 5.89 19.73 -30.01
CA ILE I 63 6.37 18.39 -29.68
C ILE I 63 6.17 17.45 -30.88
N ALA I 64 4.97 17.46 -31.47
CA ALA I 64 4.70 16.65 -32.66
C ALA I 64 5.56 17.04 -33.84
N ILE I 65 5.92 18.32 -33.96
CA ILE I 65 6.90 18.73 -34.97
C ILE I 65 8.28 18.13 -34.68
N TYR I 66 8.68 18.07 -33.39
CA TYR I 66 9.93 17.43 -33.01
C TYR I 66 9.93 15.94 -33.35
N GLY I 67 8.78 15.29 -33.21
CA GLY I 67 8.69 13.89 -33.59
C GLY I 67 8.69 13.67 -35.09
N LEU I 68 8.04 14.57 -35.83
CA LEU I 68 8.04 14.51 -37.29
C LEU I 68 9.44 14.70 -37.86
N VAL I 69 10.23 15.64 -37.33
CA VAL I 69 11.55 15.89 -37.90
C VAL I 69 12.56 14.81 -37.55
N VAL I 70 12.24 13.88 -36.66
CA VAL I 70 13.09 12.73 -36.41
C VAL I 70 12.58 11.50 -37.15
N SER I 71 11.26 11.38 -37.29
CA SER I 71 10.71 10.31 -38.13
C SER I 71 11.01 10.51 -39.61
N VAL I 72 11.32 11.74 -40.06
CA VAL I 72 11.73 11.92 -41.45
C VAL I 72 13.24 11.89 -41.61
N LEU I 73 14.01 11.80 -40.54
CA LEU I 73 15.46 11.61 -40.64
C LEU I 73 15.88 10.18 -40.38
N VAL I 74 15.14 9.43 -39.58
CA VAL I 74 15.37 8.01 -39.45
C VAL I 74 14.96 7.29 -40.74
N CYS I 75 13.90 7.78 -41.39
CA CYS I 75 13.33 7.12 -42.57
C CYS I 75 14.28 7.13 -43.76
N TYR I 76 14.95 8.25 -44.02
CA TYR I 76 15.88 8.30 -45.14
C TYR I 76 17.24 7.69 -44.82
N SER I 77 17.48 7.30 -43.56
CA SER I 77 18.67 6.54 -43.20
C SER I 77 18.40 5.05 -43.14
N LEU I 78 17.15 4.63 -43.35
CA LEU I 78 16.80 3.22 -43.45
C LEU I 78 17.29 2.64 -44.77
N GLY I 79 17.26 1.32 -44.84
CA GLY I 79 17.65 0.62 -46.05
C GLY I 79 17.79 -0.85 -45.81
N GLN I 80 17.56 -1.66 -46.85
CA GLN I 80 17.81 -3.08 -46.77
C GLN I 80 19.32 -3.30 -46.66
N LYS I 81 19.69 -4.41 -46.01
CA LYS I 81 21.06 -4.81 -45.65
C LYS I 81 21.86 -3.66 -45.02
N GLN I 82 21.19 -2.87 -44.19
CA GLN I 82 21.88 -1.95 -43.31
C GLN I 82 22.38 -2.72 -42.09
N ALA I 83 23.22 -2.06 -41.31
CA ALA I 83 23.81 -2.72 -40.15
C ALA I 83 22.79 -2.87 -39.03
N LEU I 84 23.06 -3.82 -38.13
CA LEU I 84 22.23 -3.97 -36.95
C LEU I 84 22.51 -2.86 -35.95
N TYR I 85 23.74 -2.35 -35.96
CA TYR I 85 24.09 -1.15 -35.19
C TYR I 85 23.25 0.05 -35.62
N THR I 86 23.05 0.22 -36.92
CA THR I 86 22.23 1.32 -37.42
C THR I 86 20.78 1.17 -36.98
N GLY I 87 20.26 -0.06 -37.00
CA GLY I 87 18.91 -0.29 -36.51
C GLY I 87 18.75 -0.05 -35.04
N PHE I 88 19.76 -0.42 -34.23
CA PHE I 88 19.71 -0.17 -32.80
C PHE I 88 19.79 1.32 -32.49
N ILE I 89 20.63 2.06 -33.24
CA ILE I 89 20.74 3.50 -33.04
C ILE I 89 19.45 4.21 -33.44
N GLN I 90 18.82 3.78 -34.54
CA GLN I 90 17.54 4.35 -34.96
C GLN I 90 16.41 3.99 -34.01
N LEU I 91 16.43 2.80 -33.40
CA LEU I 91 15.45 2.47 -32.38
C LEU I 91 15.64 3.33 -31.13
N GLY I 92 16.90 3.55 -30.71
CA GLY I 92 17.18 4.44 -29.61
C GLY I 92 16.80 5.89 -29.84
N ALA I 93 17.05 6.39 -31.05
CA ALA I 93 16.65 7.74 -31.42
C ALA I 93 15.15 7.88 -31.65
N GLY I 94 14.46 6.78 -31.96
CA GLY I 94 13.02 6.81 -32.00
C GLY I 94 12.46 6.92 -30.59
N LEU I 95 12.96 6.07 -29.69
CA LEU I 95 12.48 6.09 -28.31
C LEU I 95 12.82 7.36 -27.56
N SER I 96 13.99 7.96 -27.82
CA SER I 96 14.41 9.16 -27.11
C SER I 96 13.52 10.36 -27.43
N VAL I 97 13.07 10.48 -28.68
CA VAL I 97 12.10 11.51 -29.01
C VAL I 97 10.71 11.13 -28.52
N GLY I 98 10.27 9.90 -28.81
CA GLY I 98 8.88 9.55 -28.59
C GLY I 98 8.51 9.47 -27.12
N LEU I 99 9.28 8.71 -26.35
CA LEU I 99 8.87 8.43 -24.99
C LEU I 99 9.30 9.52 -24.02
N SER I 100 10.01 10.55 -24.50
CA SER I 100 10.23 11.77 -23.74
C SER I 100 9.32 12.91 -24.18
N GLY I 101 8.89 12.95 -25.44
CA GLY I 101 7.88 13.90 -25.87
C GLY I 101 6.52 13.49 -25.33
N LEU I 102 6.36 12.21 -25.03
CA LEU I 102 5.20 11.72 -24.28
C LEU I 102 5.12 12.36 -22.90
N ALA I 103 6.22 12.37 -22.16
CA ALA I 103 6.30 13.02 -20.86
C ALA I 103 6.13 14.53 -20.97
N ALA I 104 6.78 15.15 -21.97
CA ALA I 104 6.65 16.58 -22.18
C ALA I 104 5.23 16.99 -22.56
N GLY I 105 4.53 16.16 -23.32
CA GLY I 105 3.14 16.41 -23.61
C GLY I 105 2.21 16.24 -22.43
N PHE I 106 2.47 15.25 -21.56
CA PHE I 106 1.77 15.16 -20.29
C PHE I 106 1.96 16.43 -19.45
N ALA I 107 3.20 16.87 -19.31
CA ALA I 107 3.53 18.05 -18.52
C ALA I 107 3.10 19.35 -19.17
N ILE I 108 2.83 19.38 -20.47
CA ILE I 108 2.28 20.58 -21.09
C ILE I 108 0.77 20.59 -20.91
N GLY I 109 0.11 19.45 -21.08
CA GLY I 109 -1.34 19.42 -20.96
C GLY I 109 -1.84 19.67 -19.55
N ILE I 110 -1.27 18.97 -18.57
CA ILE I 110 -1.79 19.06 -17.21
C ILE I 110 -1.24 20.29 -16.47
N VAL I 111 -0.29 21.02 -17.06
CA VAL I 111 0.01 22.37 -16.59
C VAL I 111 -0.87 23.40 -17.30
N GLY I 112 -0.97 23.33 -18.61
CA GLY I 112 -1.68 24.30 -19.41
C GLY I 112 -3.17 24.37 -19.14
N ASP I 113 -3.80 23.25 -18.76
CA ASP I 113 -5.20 23.34 -18.38
C ASP I 113 -5.38 24.17 -17.11
N ALA I 114 -4.54 23.95 -16.09
CA ALA I 114 -4.61 24.73 -14.86
C ALA I 114 -4.19 26.18 -15.09
N GLY I 115 -3.25 26.40 -16.01
CA GLY I 115 -2.85 27.76 -16.33
C GLY I 115 -3.90 28.54 -17.08
N VAL I 116 -4.67 27.87 -17.93
CA VAL I 116 -5.80 28.53 -18.60
C VAL I 116 -6.96 28.74 -17.62
N ARG I 117 -7.16 27.80 -16.68
CA ARG I 117 -8.14 28.01 -15.62
C ARG I 117 -7.76 29.18 -14.72
N GLY I 118 -6.47 29.39 -14.49
CA GLY I 118 -6.01 30.41 -13.59
C GLY I 118 -5.81 31.79 -14.21
N SER I 119 -5.41 31.83 -15.48
CA SER I 119 -5.11 33.09 -16.15
C SER I 119 -6.35 33.81 -16.67
N SER I 120 -7.53 33.25 -16.48
CA SER I 120 -8.77 33.98 -16.71
C SER I 120 -9.19 34.77 -15.48
N GLN I 121 -8.72 34.37 -14.29
CA GLN I 121 -8.96 35.07 -13.04
C GLN I 121 -7.89 36.12 -12.76
N GLN I 122 -6.63 35.74 -12.92
CA GLN I 122 -5.49 36.61 -12.65
C GLN I 122 -4.72 36.84 -13.94
N PRO I 123 -4.65 38.08 -14.46
CA PRO I 123 -3.90 38.30 -15.70
C PRO I 123 -2.40 38.18 -15.55
N ARG I 124 -1.86 38.30 -14.34
CA ARG I 124 -0.43 38.20 -14.12
C ARG I 124 0.08 36.76 -14.08
N LEU I 125 -0.82 35.78 -14.13
CA LEU I 125 -0.46 34.37 -14.11
C LEU I 125 -0.13 33.83 -15.50
N PHE I 126 -0.38 34.63 -16.55
CA PHE I 126 -0.17 34.17 -17.93
C PHE I 126 1.32 34.03 -18.26
N VAL I 127 2.14 34.96 -17.77
CA VAL I 127 3.58 34.87 -18.01
C VAL I 127 4.18 33.69 -17.25
N GLY I 128 3.66 33.43 -16.04
CA GLY I 128 4.08 32.25 -15.31
C GLY I 128 3.65 30.95 -15.98
N MET I 129 2.47 30.95 -16.60
CA MET I 129 2.03 29.81 -17.39
C MET I 129 2.96 29.55 -18.56
N ILE I 130 3.33 30.60 -19.30
CA ILE I 130 4.24 30.46 -20.44
C ILE I 130 5.60 29.96 -19.97
N LEU I 131 6.07 30.42 -18.81
CA LEU I 131 7.40 30.05 -18.35
C LEU I 131 7.43 28.59 -17.87
N ILE I 132 6.37 28.13 -17.21
CA ILE I 132 6.29 26.71 -16.82
C ILE I 132 6.12 25.84 -18.06
N LEU I 133 5.40 26.32 -19.08
CA LEU I 133 5.24 25.53 -20.29
C LEU I 133 6.53 25.47 -21.10
N ILE I 134 7.38 26.51 -21.00
CA ILE I 134 8.70 26.46 -21.62
C ILE I 134 9.57 25.42 -20.91
N PHE I 135 9.52 25.39 -19.57
CA PHE I 135 10.20 24.33 -18.84
C PHE I 135 9.63 22.93 -19.11
N ALA I 136 8.37 22.82 -19.50
CA ALA I 136 7.80 21.53 -19.84
C ALA I 136 8.06 21.12 -21.28
N GLU I 137 8.29 22.08 -22.17
CA GLU I 137 8.55 21.82 -23.58
C GLU I 137 10.04 21.63 -23.87
N VAL I 138 10.91 22.14 -22.99
CA VAL I 138 12.35 21.87 -23.13
C VAL I 138 12.68 20.41 -22.84
N LEU I 139 11.78 19.64 -22.23
CA LEU I 139 11.98 18.21 -22.06
C LEU I 139 11.95 17.49 -23.40
N GLY I 140 10.91 17.77 -24.21
CA GLY I 140 10.86 17.28 -25.57
C GLY I 140 11.97 17.83 -26.44
N LEU I 141 12.40 19.06 -26.20
CA LEU I 141 13.57 19.57 -26.89
C LEU I 141 14.84 18.80 -26.53
N TYR I 142 14.99 18.38 -25.27
CA TYR I 142 16.13 17.58 -24.86
C TYR I 142 16.10 16.20 -25.50
N GLY I 143 14.92 15.58 -25.58
CA GLY I 143 14.78 14.34 -26.32
C GLY I 143 15.12 14.49 -27.80
N LEU I 144 14.74 15.62 -28.39
CA LEU I 144 15.13 15.95 -29.76
C LEU I 144 16.64 16.04 -29.91
N ILE I 145 17.32 16.69 -28.96
CA ILE I 145 18.77 16.85 -29.04
C ILE I 145 19.48 15.51 -28.90
N VAL I 146 19.00 14.66 -27.99
CA VAL I 146 19.60 13.33 -27.79
C VAL I 146 19.41 12.47 -29.04
N ALA I 147 18.22 12.52 -29.64
CA ALA I 147 18.00 11.74 -30.85
C ALA I 147 18.70 12.29 -32.08
N LEU I 148 18.90 13.60 -32.20
CA LEU I 148 19.70 14.11 -33.31
C LEU I 148 21.18 13.79 -33.17
N LEU I 149 21.73 13.91 -31.96
CA LEU I 149 23.12 13.49 -31.73
C LEU I 149 23.29 11.99 -31.88
N LEU I 150 22.23 11.22 -31.65
CA LEU I 150 22.30 9.77 -31.83
C LEU I 150 22.20 9.40 -33.29
N ASN I 151 21.25 9.99 -34.02
CA ASN I 151 21.06 9.74 -35.45
C ASN I 151 22.23 10.23 -36.28
N SER I 152 23.01 11.21 -35.79
CA SER I 152 24.23 11.60 -36.49
C SER I 152 25.28 10.50 -36.49
N ARG I 153 25.23 9.56 -35.55
CA ARG I 153 26.19 8.47 -35.47
C ARG I 153 25.63 7.15 -35.98
N ALA I 154 24.52 7.17 -36.72
CA ALA I 154 23.91 5.93 -37.17
C ALA I 154 24.69 5.32 -38.32
N THR I 155 25.06 6.12 -39.32
CA THR I 155 25.83 5.65 -40.46
C THR I 155 27.25 6.21 -40.47
N GLN I 156 27.68 6.85 -39.40
CA GLN I 156 29.05 7.36 -39.29
C GLN I 156 30.01 6.19 -39.14
N ASP I 157 30.91 6.05 -40.12
CA ASP I 157 31.91 5.00 -40.37
C ASP I 157 31.46 3.60 -39.93
N VAL I 158 30.33 3.17 -40.47
CA VAL I 158 29.71 1.89 -40.17
C VAL I 158 29.93 0.96 -41.36
N VAL I 159 30.58 -0.18 -41.12
CA VAL I 159 30.80 -1.16 -42.16
C VAL I 159 30.00 -2.43 -41.85
N LEU J 4 16.87 -13.45 -47.35
CA LEU J 4 16.79 -12.02 -47.59
C LEU J 4 15.37 -11.62 -47.95
N CYS J 5 14.67 -12.48 -48.68
CA CYS J 5 13.25 -12.33 -48.97
C CYS J 5 12.53 -13.62 -48.56
N PRO J 6 12.29 -13.80 -47.24
CA PRO J 6 11.77 -15.09 -46.76
C PRO J 6 10.28 -15.29 -47.03
N VAL J 7 9.75 -16.40 -46.51
CA VAL J 7 8.35 -16.74 -46.76
C VAL J 7 7.42 -16.01 -45.80
N TYR J 8 7.86 -15.79 -44.55
CA TYR J 8 7.06 -15.10 -43.55
C TYR J 8 7.13 -13.58 -43.67
N ALA J 9 7.66 -13.05 -44.77
CA ALA J 9 7.79 -11.62 -45.00
C ALA J 9 6.49 -10.86 -45.27
N PRO J 10 5.50 -11.35 -46.03
CA PRO J 10 4.24 -10.61 -46.13
C PRO J 10 3.35 -10.65 -44.90
N PHE J 11 3.72 -11.36 -43.84
CA PHE J 11 2.96 -11.27 -42.59
C PHE J 11 3.02 -9.88 -42.00
N PHE J 12 4.22 -9.28 -41.99
CA PHE J 12 4.40 -7.93 -41.48
C PHE J 12 3.71 -6.91 -42.37
N GLY J 13 3.65 -7.16 -43.68
CA GLY J 13 2.92 -6.29 -44.57
C GLY J 13 1.42 -6.39 -44.42
N ALA J 14 0.91 -7.58 -44.14
CA ALA J 14 -0.53 -7.74 -43.89
C ALA J 14 -0.92 -7.12 -42.56
N ILE J 15 -0.06 -7.21 -41.54
CA ILE J 15 -0.33 -6.55 -40.27
C ILE J 15 -0.21 -5.03 -40.42
N GLY J 16 0.69 -4.56 -41.27
CA GLY J 16 0.76 -3.13 -41.54
C GLY J 16 -0.40 -2.63 -42.37
N CYS J 17 -0.99 -3.47 -43.20
CA CYS J 17 -2.19 -3.08 -43.94
C CYS J 17 -3.41 -3.12 -43.05
N ALA J 18 -3.45 -4.04 -42.07
CA ALA J 18 -4.58 -4.10 -41.15
C ALA J 18 -4.53 -2.95 -40.16
N SER J 19 -3.38 -2.75 -39.50
CA SER J 19 -3.22 -1.78 -38.43
C SER J 19 -3.32 -0.33 -38.91
N ALA J 20 -3.18 -0.08 -40.21
CA ALA J 20 -3.38 1.27 -40.73
C ALA J 20 -4.84 1.68 -40.65
N ILE J 21 -5.76 0.76 -40.90
CA ILE J 21 -7.18 1.10 -40.85
C ILE J 21 -7.81 0.76 -39.49
N ILE J 22 -7.26 -0.22 -38.76
CA ILE J 22 -7.85 -0.64 -37.49
C ILE J 22 -7.73 0.45 -36.44
N PHE J 23 -6.52 0.97 -36.22
CA PHE J 23 -6.34 1.93 -35.14
C PHE J 23 -6.83 3.33 -35.52
N THR J 24 -6.79 3.69 -36.80
CA THR J 24 -7.43 4.93 -37.22
C THR J 24 -8.94 4.85 -37.12
N SER J 25 -9.53 3.68 -37.36
CA SER J 25 -10.96 3.52 -37.14
C SER J 25 -11.31 3.51 -35.66
N LEU J 26 -10.44 2.99 -34.79
CA LEU J 26 -10.64 3.11 -33.35
C LEU J 26 -10.59 4.57 -32.89
N GLY J 27 -9.64 5.34 -33.39
CA GLY J 27 -9.54 6.75 -33.07
C GLY J 27 -10.72 7.56 -33.57
N ALA J 28 -11.10 7.33 -34.83
CA ALA J 28 -12.27 7.96 -35.42
C ALA J 28 -13.57 7.57 -34.73
N ALA J 29 -13.66 6.33 -34.25
CA ALA J 29 -14.81 5.87 -33.48
C ALA J 29 -14.88 6.46 -32.09
N TYR J 30 -13.75 6.70 -31.44
CA TYR J 30 -13.78 7.43 -30.17
C TYR J 30 -14.19 8.88 -30.39
N GLY J 31 -13.65 9.50 -31.45
CA GLY J 31 -14.00 10.88 -31.74
C GLY J 31 -15.46 11.07 -32.11
N THR J 32 -15.99 10.16 -32.94
CA THR J 32 -17.39 10.22 -33.35
C THR J 32 -18.31 9.97 -32.16
N ALA J 33 -17.94 9.04 -31.27
CA ALA J 33 -18.78 8.75 -30.11
C ALA J 33 -18.82 9.90 -29.12
N LYS J 34 -17.65 10.44 -28.76
CA LYS J 34 -17.59 11.57 -27.82
C LYS J 34 -18.27 12.81 -28.39
N SER J 35 -17.97 13.13 -29.65
CA SER J 35 -18.60 14.28 -30.30
C SER J 35 -20.09 14.08 -30.52
N GLY J 36 -20.55 12.84 -30.74
CA GLY J 36 -21.97 12.62 -30.92
C GLY J 36 -22.75 12.72 -29.62
N VAL J 37 -22.15 12.26 -28.52
CA VAL J 37 -22.74 12.48 -27.19
C VAL J 37 -22.79 13.97 -26.88
N GLY J 38 -21.75 14.71 -27.26
CA GLY J 38 -21.79 16.16 -27.14
C GLY J 38 -22.87 16.86 -27.95
N ILE J 39 -23.00 16.50 -29.23
CA ILE J 39 -23.99 17.10 -30.12
C ILE J 39 -25.40 16.77 -29.67
N CYS J 40 -25.68 15.49 -29.42
CA CYS J 40 -27.01 15.06 -29.04
C CYS J 40 -27.41 15.47 -27.63
N ALA J 41 -26.52 16.10 -26.87
CA ALA J 41 -26.86 16.72 -25.61
C ALA J 41 -26.84 18.24 -25.65
N THR J 42 -26.21 18.84 -26.66
CA THR J 42 -26.22 20.30 -26.79
C THR J 42 -27.19 20.81 -27.84
N CYS J 43 -27.73 19.94 -28.70
CA CYS J 43 -28.64 20.36 -29.77
C CYS J 43 -30.08 19.98 -29.47
N VAL J 44 -30.37 19.53 -28.26
CA VAL J 44 -31.75 19.36 -27.82
C VAL J 44 -32.40 20.74 -27.64
N LEU J 45 -31.67 21.66 -27.01
CA LEU J 45 -32.18 22.99 -26.75
C LEU J 45 -31.80 24.00 -27.82
N ARG J 46 -30.74 23.73 -28.59
CA ARG J 46 -30.27 24.63 -29.64
C ARG J 46 -30.17 23.85 -30.95
N PRO J 47 -31.29 23.62 -31.64
CA PRO J 47 -31.25 22.81 -32.86
C PRO J 47 -30.78 23.57 -34.10
N ASP J 48 -30.65 24.90 -34.02
CA ASP J 48 -30.25 25.66 -35.20
C ASP J 48 -28.78 25.48 -35.51
N LEU J 49 -27.95 25.32 -34.48
CA LEU J 49 -26.53 25.06 -34.65
C LEU J 49 -26.20 23.56 -34.61
N LEU J 50 -27.12 22.72 -35.08
CA LEU J 50 -26.84 21.29 -35.21
C LEU J 50 -25.82 21.03 -36.30
N PHE J 51 -26.05 21.56 -37.51
CA PHE J 51 -25.13 21.34 -38.63
C PHE J 51 -23.85 22.16 -38.50
N LYS J 52 -23.77 23.07 -37.55
CA LYS J 52 -22.51 23.76 -37.27
C LYS J 52 -21.61 22.94 -36.37
N ASN J 53 -22.18 22.02 -35.58
CA ASN J 53 -21.43 21.22 -34.63
C ASN J 53 -20.95 19.88 -35.17
N ILE J 54 -21.19 19.57 -36.45
CA ILE J 54 -20.83 18.27 -36.99
C ILE J 54 -19.38 18.25 -37.43
N VAL J 55 -18.67 19.35 -37.22
CA VAL J 55 -17.28 19.50 -37.64
C VAL J 55 -16.31 18.61 -36.83
N PRO J 56 -16.45 18.40 -35.50
CA PRO J 56 -15.63 17.35 -34.86
C PRO J 56 -15.84 15.95 -35.42
N VAL J 57 -17.04 15.63 -35.87
CA VAL J 57 -17.30 14.31 -36.45
C VAL J 57 -16.63 14.19 -37.83
N ILE J 58 -16.61 15.29 -38.59
CA ILE J 58 -15.90 15.32 -39.86
C ILE J 58 -14.40 15.21 -39.65
N MET J 59 -13.87 15.93 -38.65
CA MET J 59 -12.46 15.83 -38.31
C MET J 59 -12.08 14.44 -37.82
N ALA J 60 -13.02 13.73 -37.19
CA ALA J 60 -12.80 12.34 -36.84
C ALA J 60 -12.79 11.45 -38.09
N GLY J 61 -13.70 11.68 -39.03
CA GLY J 61 -13.74 10.87 -40.24
C GLY J 61 -12.55 11.04 -41.17
N ILE J 62 -11.93 12.23 -41.17
CA ILE J 62 -10.73 12.44 -41.97
C ILE J 62 -9.56 11.61 -41.44
N ILE J 63 -9.55 11.28 -40.15
CA ILE J 63 -8.54 10.38 -39.59
C ILE J 63 -8.68 8.98 -40.16
N ALA J 64 -9.92 8.48 -40.27
CA ALA J 64 -10.16 7.19 -40.88
C ALA J 64 -9.87 7.20 -42.38
N ILE J 65 -10.09 8.34 -43.06
CA ILE J 65 -9.67 8.46 -44.45
C ILE J 65 -8.14 8.39 -44.57
N TYR J 66 -7.42 9.00 -43.62
CA TYR J 66 -5.96 8.91 -43.59
C TYR J 66 -5.49 7.48 -43.42
N GLY J 67 -6.16 6.72 -42.55
CA GLY J 67 -5.85 5.31 -42.41
C GLY J 67 -6.17 4.49 -43.64
N LEU J 68 -7.31 4.78 -44.29
CA LEU J 68 -7.72 4.11 -45.52
C LEU J 68 -6.71 4.30 -46.65
N VAL J 69 -6.17 5.51 -46.82
CA VAL J 69 -5.23 5.78 -47.91
C VAL J 69 -3.94 4.99 -47.72
N VAL J 70 -3.41 4.94 -46.50
CA VAL J 70 -2.18 4.21 -46.23
C VAL J 70 -2.41 2.71 -46.35
N SER J 71 -3.57 2.22 -45.90
CA SER J 71 -3.86 0.81 -46.04
C SER J 71 -4.04 0.37 -47.49
N VAL J 72 -4.62 1.22 -48.34
CA VAL J 72 -4.71 0.90 -49.77
C VAL J 72 -3.32 0.91 -50.43
N LEU J 73 -2.48 1.89 -50.08
CA LEU J 73 -1.15 1.95 -50.68
C LEU J 73 -0.24 0.82 -50.20
N VAL J 74 -0.43 0.34 -48.97
CA VAL J 74 0.31 -0.83 -48.49
C VAL J 74 -0.26 -2.10 -49.12
N CYS J 75 -1.58 -2.15 -49.33
CA CYS J 75 -2.21 -3.30 -49.97
C CYS J 75 -1.74 -3.50 -51.40
N TYR J 76 -1.56 -2.42 -52.15
CA TYR J 76 -1.10 -2.55 -53.53
C TYR J 76 0.41 -2.65 -53.67
N SER J 77 1.13 -2.87 -52.57
CA SER J 77 2.56 -3.17 -52.63
C SER J 77 2.91 -4.51 -52.00
N LEU J 78 1.91 -5.29 -51.60
CA LEU J 78 2.16 -6.62 -51.08
C LEU J 78 2.54 -7.58 -52.21
N GLY J 79 3.12 -8.70 -51.81
CA GLY J 79 3.50 -9.73 -52.75
C GLY J 79 3.96 -10.97 -51.99
N GLN J 80 3.99 -12.09 -52.71
CA GLN J 80 4.43 -13.33 -52.08
C GLN J 80 5.95 -13.33 -51.92
N LYS J 81 6.66 -13.07 -53.01
CA LYS J 81 8.13 -13.05 -53.00
C LYS J 81 8.64 -11.63 -52.84
N GLN J 82 8.26 -10.98 -51.76
CA GLN J 82 8.80 -9.67 -51.43
C GLN J 82 9.84 -9.80 -50.33
N ALA J 83 10.58 -8.72 -50.11
CA ALA J 83 11.66 -8.75 -49.13
C ALA J 83 11.11 -8.65 -47.71
N LEU J 84 11.98 -8.92 -46.74
CA LEU J 84 11.60 -8.73 -45.35
C LEU J 84 11.73 -7.27 -44.96
N TYR J 85 12.62 -6.54 -45.65
CA TYR J 85 12.70 -5.09 -45.51
C TYR J 85 11.40 -4.42 -45.92
N THR J 86 10.78 -4.88 -47.00
CA THR J 86 9.51 -4.31 -47.45
C THR J 86 8.40 -4.57 -46.44
N GLY J 87 8.37 -5.77 -45.85
CA GLY J 87 7.40 -6.07 -44.82
C GLY J 87 7.60 -5.25 -43.55
N PHE J 88 8.86 -5.03 -43.15
CA PHE J 88 9.13 -4.19 -41.99
C PHE J 88 8.77 -2.73 -42.22
N ILE J 89 9.03 -2.22 -43.42
CA ILE J 89 8.66 -0.84 -43.74
C ILE J 89 7.14 -0.68 -43.81
N GLN J 90 6.44 -1.68 -44.35
CA GLN J 90 4.99 -1.63 -44.39
C GLN J 90 4.37 -1.75 -43.00
N LEU J 91 4.97 -2.55 -42.12
CA LEU J 91 4.53 -2.59 -40.72
C LEU J 91 4.74 -1.26 -40.02
N GLY J 92 5.90 -0.63 -40.22
CA GLY J 92 6.15 0.69 -39.67
C GLY J 92 5.25 1.76 -40.21
N ALA J 93 4.94 1.74 -41.49
CA ALA J 93 4.02 2.67 -42.11
C ALA J 93 2.56 2.44 -41.70
N GLY J 94 2.20 1.20 -41.36
CA GLY J 94 0.88 0.97 -40.84
C GLY J 94 0.74 1.47 -39.41
N LEU J 95 1.73 1.16 -38.58
CA LEU J 95 1.68 1.60 -37.18
C LEU J 95 1.83 3.10 -37.03
N SER J 96 2.62 3.74 -37.91
CA SER J 96 2.84 5.18 -37.84
C SER J 96 1.56 5.96 -38.07
N VAL J 97 0.75 5.52 -39.03
CA VAL J 97 -0.51 6.22 -39.24
C VAL J 97 -1.57 5.73 -38.25
N GLY J 98 -1.54 4.47 -37.83
CA GLY J 98 -2.58 3.94 -36.99
C GLY J 98 -2.53 4.44 -35.55
N LEU J 99 -1.40 4.26 -34.89
CA LEU J 99 -1.30 4.65 -33.49
C LEU J 99 -1.09 6.15 -33.31
N SER J 100 -0.95 6.92 -34.39
CA SER J 100 -1.03 8.37 -34.30
C SER J 100 -2.41 8.91 -34.64
N GLY J 101 -3.13 8.27 -35.57
CA GLY J 101 -4.52 8.59 -35.77
C GLY J 101 -5.42 8.20 -34.62
N LEU J 102 -5.02 7.18 -33.85
CA LEU J 102 -5.72 6.86 -32.61
C LEU J 102 -5.61 7.99 -31.60
N ALA J 103 -4.41 8.55 -31.46
CA ALA J 103 -4.22 9.68 -30.55
C ALA J 103 -4.91 10.94 -31.06
N ALA J 104 -4.85 11.18 -32.37
CA ALA J 104 -5.57 12.30 -32.96
C ALA J 104 -7.07 12.17 -32.77
N GLY J 105 -7.61 10.94 -32.86
CA GLY J 105 -9.01 10.71 -32.59
C GLY J 105 -9.39 10.89 -31.14
N PHE J 106 -8.53 10.48 -30.21
CA PHE J 106 -8.74 10.77 -28.79
C PHE J 106 -8.82 12.27 -28.53
N ALA J 107 -7.86 13.03 -29.08
CA ALA J 107 -7.84 14.48 -28.92
C ALA J 107 -9.04 15.16 -29.57
N ILE J 108 -9.42 14.73 -30.77
CA ILE J 108 -10.58 15.30 -31.45
C ILE J 108 -11.87 14.99 -30.69
N GLY J 109 -12.00 13.80 -30.11
CA GLY J 109 -13.19 13.48 -29.33
C GLY J 109 -13.29 14.29 -28.05
N ILE J 110 -12.20 14.40 -27.31
CA ILE J 110 -12.23 15.16 -26.05
C ILE J 110 -12.43 16.65 -26.30
N VAL J 111 -11.68 17.23 -27.24
CA VAL J 111 -11.83 18.65 -27.57
C VAL J 111 -13.20 18.94 -28.16
N GLY J 112 -13.72 18.05 -29.01
CA GLY J 112 -15.01 18.27 -29.62
C GLY J 112 -16.17 18.17 -28.66
N ASP J 113 -16.12 17.22 -27.73
CA ASP J 113 -17.13 17.15 -26.68
C ASP J 113 -17.10 18.38 -25.80
N ALA J 114 -15.91 18.75 -25.31
CA ALA J 114 -15.79 19.92 -24.44
C ALA J 114 -16.08 21.24 -25.17
N GLY J 115 -15.96 21.27 -26.48
CA GLY J 115 -16.21 22.47 -27.24
C GLY J 115 -17.65 22.62 -27.69
N VAL J 116 -18.33 21.53 -28.02
CA VAL J 116 -19.73 21.66 -28.37
C VAL J 116 -20.63 21.71 -27.14
N ARG J 117 -20.15 21.26 -25.97
CA ARG J 117 -20.96 21.48 -24.78
C ARG J 117 -20.87 22.91 -24.26
N GLY J 118 -19.85 23.66 -24.66
CA GLY J 118 -19.69 25.02 -24.19
C GLY J 118 -19.85 26.05 -25.28
N SER J 119 -19.96 25.61 -26.54
CA SER J 119 -20.16 26.53 -27.64
C SER J 119 -21.61 26.96 -27.80
N SER J 120 -22.55 26.24 -27.17
CA SER J 120 -23.92 26.71 -27.15
C SER J 120 -24.09 27.86 -26.16
N GLN J 121 -23.30 27.86 -25.08
CA GLN J 121 -23.36 28.94 -24.11
C GLN J 121 -22.67 30.19 -24.65
N GLN J 122 -21.48 30.03 -25.20
CA GLN J 122 -20.73 31.16 -25.78
C GLN J 122 -20.59 30.94 -27.29
N PRO J 123 -21.22 31.78 -28.12
CA PRO J 123 -21.11 31.59 -29.58
C PRO J 123 -19.73 31.88 -30.13
N ARG J 124 -18.88 32.62 -29.41
CA ARG J 124 -17.55 32.94 -29.91
C ARG J 124 -16.56 31.79 -29.74
N LEU J 125 -16.93 30.74 -29.01
CA LEU J 125 -16.04 29.61 -28.75
C LEU J 125 -15.93 28.68 -29.95
N PHE J 126 -16.75 28.87 -30.99
CA PHE J 126 -16.70 27.98 -32.15
C PHE J 126 -15.41 28.15 -32.94
N VAL J 127 -14.96 29.40 -33.14
CA VAL J 127 -13.72 29.61 -33.87
C VAL J 127 -12.49 29.24 -33.05
N GLY J 128 -12.64 29.08 -31.74
CA GLY J 128 -11.57 28.49 -30.94
C GLY J 128 -11.58 26.98 -30.98
N MET J 129 -12.77 26.38 -31.00
CA MET J 129 -12.88 24.93 -31.12
C MET J 129 -12.34 24.43 -32.46
N ILE J 130 -12.66 25.14 -33.54
CA ILE J 130 -12.11 24.80 -34.86
C ILE J 130 -10.59 24.91 -34.85
N LEU J 131 -10.06 25.92 -34.17
CA LEU J 131 -8.61 26.13 -34.15
C LEU J 131 -7.90 25.05 -33.34
N ILE J 132 -8.52 24.57 -32.26
CA ILE J 132 -7.89 23.50 -31.49
C ILE J 132 -8.03 22.16 -32.23
N LEU J 133 -9.15 21.95 -32.92
CA LEU J 133 -9.32 20.72 -33.69
C LEU J 133 -8.42 20.67 -34.92
N ILE J 134 -7.98 21.82 -35.45
CA ILE J 134 -6.97 21.81 -36.49
C ILE J 134 -5.65 21.26 -35.95
N PHE J 135 -5.23 21.71 -34.76
CA PHE J 135 -4.03 21.16 -34.14
C PHE J 135 -4.19 19.70 -33.77
N ALA J 136 -5.42 19.26 -33.47
CA ALA J 136 -5.64 17.86 -33.15
C ALA J 136 -5.69 16.97 -34.39
N GLU J 137 -6.05 17.51 -35.55
CA GLU J 137 -6.09 16.77 -36.80
C GLU J 137 -4.76 16.75 -37.53
N VAL J 138 -3.92 17.77 -37.32
CA VAL J 138 -2.55 17.76 -37.82
C VAL J 138 -1.72 16.67 -37.13
N LEU J 139 -2.12 16.21 -35.93
CA LEU J 139 -1.48 15.07 -35.28
C LEU J 139 -1.63 13.79 -36.09
N GLY J 140 -2.77 13.60 -36.75
CA GLY J 140 -2.92 12.47 -37.65
C GLY J 140 -2.36 12.72 -39.03
N LEU J 141 -2.35 13.99 -39.47
CA LEU J 141 -1.68 14.34 -40.72
C LEU J 141 -0.18 14.06 -40.67
N TYR J 142 0.42 14.21 -39.49
CA TYR J 142 1.85 13.90 -39.32
C TYR J 142 2.12 12.40 -39.50
N GLY J 143 1.26 11.56 -38.92
CA GLY J 143 1.38 10.14 -39.13
C GLY J 143 1.13 9.73 -40.56
N LEU J 144 0.22 10.44 -41.25
CA LEU J 144 0.04 10.25 -42.69
C LEU J 144 1.31 10.57 -43.47
N ILE J 145 1.98 11.67 -43.12
CA ILE J 145 3.21 12.05 -43.82
C ILE J 145 4.32 11.03 -43.58
N VAL J 146 4.45 10.56 -42.33
CA VAL J 146 5.46 9.55 -42.02
C VAL J 146 5.16 8.23 -42.73
N ALA J 147 3.89 7.86 -42.80
CA ALA J 147 3.50 6.63 -43.50
C ALA J 147 3.73 6.71 -44.99
N LEU J 148 3.43 7.85 -45.61
CA LEU J 148 3.71 8.05 -47.03
C LEU J 148 5.19 8.07 -47.35
N LEU J 149 6.02 8.70 -46.51
CA LEU J 149 7.45 8.69 -46.74
C LEU J 149 8.09 7.34 -46.48
N LEU J 150 7.54 6.55 -45.55
CA LEU J 150 7.99 5.17 -45.41
C LEU J 150 7.61 4.34 -46.61
N ASN J 151 6.34 4.40 -47.03
CA ASN J 151 5.85 3.56 -48.12
C ASN J 151 6.43 3.96 -49.47
N SER J 152 6.95 5.18 -49.60
CA SER J 152 7.67 5.53 -50.82
C SER J 152 9.03 4.85 -50.90
N ARG J 153 9.55 4.32 -49.79
CA ARG J 153 10.84 3.65 -49.77
C ARG J 153 10.73 2.17 -49.43
N ALA J 154 9.52 1.59 -49.54
CA ALA J 154 9.36 0.17 -49.21
C ALA J 154 9.96 -0.71 -50.31
N THR J 155 9.86 -0.28 -51.56
CA THR J 155 10.53 -0.95 -52.68
C THR J 155 11.29 0.14 -53.43
N GLN J 156 12.50 0.43 -52.97
CA GLN J 156 13.35 1.43 -53.61
C GLN J 156 14.62 0.81 -54.18
N ASP J 157 15.43 0.16 -53.35
CA ASP J 157 16.60 -0.61 -53.78
C ASP J 157 16.46 -1.95 -53.08
N VAL J 158 15.71 -2.86 -53.69
CA VAL J 158 15.29 -4.09 -53.04
C VAL J 158 15.68 -5.27 -53.91
N VAL J 159 16.48 -6.18 -53.35
CA VAL J 159 16.86 -7.41 -54.02
C VAL J 159 16.40 -8.60 -53.20
N THR K 2 5.13 -27.57 -48.91
CA THR K 2 6.42 -27.13 -49.45
C THR K 2 7.02 -26.05 -48.54
N GLU K 3 7.61 -25.03 -49.16
CA GLU K 3 8.18 -23.91 -48.43
C GLU K 3 7.33 -22.65 -48.53
N LEU K 4 6.89 -22.31 -49.76
CA LEU K 4 5.99 -21.18 -49.93
C LEU K 4 4.59 -21.49 -49.44
N CYS K 5 4.23 -22.78 -49.41
CA CYS K 5 2.88 -23.22 -49.03
C CYS K 5 2.97 -24.36 -48.02
N PRO K 6 3.23 -24.06 -46.75
CA PRO K 6 3.38 -25.11 -45.75
C PRO K 6 2.04 -25.68 -45.32
N VAL K 7 2.09 -26.58 -44.35
CA VAL K 7 0.89 -27.28 -43.91
C VAL K 7 0.06 -26.42 -42.96
N TYR K 8 0.71 -25.58 -42.16
CA TYR K 8 0.02 -24.72 -41.21
C TYR K 8 -0.48 -23.41 -41.83
N ALA K 9 -0.43 -23.29 -43.15
CA ALA K 9 -0.89 -22.10 -43.85
C ALA K 9 -2.41 -21.84 -43.81
N PRO K 10 -3.33 -22.82 -43.88
CA PRO K 10 -4.74 -22.49 -43.68
C PRO K 10 -5.15 -22.15 -42.26
N PHE K 11 -4.25 -22.19 -41.28
CA PHE K 11 -4.58 -21.71 -39.93
C PHE K 11 -4.90 -20.23 -39.94
N PHE K 12 -4.02 -19.43 -40.54
CA PHE K 12 -4.24 -17.99 -40.63
C PHE K 12 -5.46 -17.66 -41.48
N GLY K 13 -5.77 -18.50 -42.48
CA GLY K 13 -6.98 -18.30 -43.24
C GLY K 13 -8.25 -18.61 -42.48
N ALA K 14 -8.23 -19.66 -41.66
CA ALA K 14 -9.39 -19.95 -40.82
C ALA K 14 -9.58 -18.93 -39.71
N ILE K 15 -8.48 -18.39 -39.17
CA ILE K 15 -8.59 -17.33 -38.18
C ILE K 15 -9.07 -16.03 -38.82
N GLY K 16 -8.65 -15.76 -40.06
CA GLY K 16 -9.19 -14.61 -40.78
C GLY K 16 -10.62 -14.77 -41.22
N CYS K 17 -11.07 -16.00 -41.46
CA CYS K 17 -12.47 -16.23 -41.75
C CYS K 17 -13.33 -16.17 -40.50
N ALA K 18 -12.76 -16.55 -39.35
CA ALA K 18 -13.51 -16.51 -38.10
C ALA K 18 -13.61 -15.08 -37.55
N SER K 19 -12.48 -14.37 -37.50
CA SER K 19 -12.40 -13.05 -36.85
C SER K 19 -13.26 -12.01 -37.55
N ALA K 20 -13.42 -12.11 -38.87
CA ALA K 20 -14.20 -11.15 -39.63
C ALA K 20 -15.67 -11.17 -39.24
N ILE K 21 -16.20 -12.33 -38.85
CA ILE K 21 -17.56 -12.38 -38.36
C ILE K 21 -17.63 -12.25 -36.83
N ILE K 22 -16.58 -12.68 -36.11
CA ILE K 22 -16.59 -12.61 -34.64
C ILE K 22 -16.57 -11.17 -34.16
N PHE K 23 -15.61 -10.37 -34.65
CA PHE K 23 -15.50 -9.02 -34.12
C PHE K 23 -16.57 -8.08 -34.66
N THR K 24 -17.05 -8.30 -35.89
CA THR K 24 -18.21 -7.56 -36.36
C THR K 24 -19.48 -7.96 -35.63
N SER K 25 -19.60 -9.22 -35.20
CA SER K 25 -20.76 -9.59 -34.38
C SER K 25 -20.69 -8.99 -33.00
N LEU K 26 -19.47 -8.87 -32.44
CA LEU K 26 -19.30 -8.15 -31.18
C LEU K 26 -19.65 -6.67 -31.31
N GLY K 27 -19.16 -6.01 -32.36
CA GLY K 27 -19.48 -4.61 -32.61
C GLY K 27 -20.95 -4.36 -32.89
N ALA K 28 -21.56 -5.19 -33.75
CA ALA K 28 -22.98 -5.10 -34.03
C ALA K 28 -23.85 -5.42 -32.82
N ALA K 29 -23.40 -6.32 -31.95
CA ALA K 29 -24.11 -6.61 -30.72
C ALA K 29 -24.06 -5.45 -29.74
N TYR K 30 -22.90 -4.79 -29.62
CA TYR K 30 -22.83 -3.60 -28.78
C TYR K 30 -23.70 -2.48 -29.35
N GLY K 31 -23.64 -2.26 -30.67
CA GLY K 31 -24.46 -1.25 -31.32
C GLY K 31 -25.94 -1.54 -31.29
N THR K 32 -26.33 -2.81 -31.20
CA THR K 32 -27.73 -3.16 -31.02
C THR K 32 -28.17 -2.99 -29.58
N ALA K 33 -27.40 -3.51 -28.63
CA ALA K 33 -27.81 -3.51 -27.22
C ALA K 33 -27.81 -2.11 -26.63
N LYS K 34 -26.70 -1.37 -26.80
CA LYS K 34 -26.57 -0.05 -26.18
C LYS K 34 -27.54 0.95 -26.77
N SER K 35 -27.82 0.85 -28.07
CA SER K 35 -28.78 1.74 -28.70
C SER K 35 -30.20 1.20 -28.66
N GLY K 36 -30.41 -0.02 -28.17
CA GLY K 36 -31.75 -0.52 -27.98
C GLY K 36 -32.25 -0.28 -26.58
N VAL K 37 -31.32 -0.10 -25.64
CA VAL K 37 -31.67 0.43 -24.32
C VAL K 37 -32.32 1.80 -24.45
N GLY K 38 -31.76 2.66 -25.31
CA GLY K 38 -32.34 3.98 -25.53
C GLY K 38 -33.68 3.94 -26.25
N ILE K 39 -33.89 2.93 -27.10
CA ILE K 39 -35.19 2.77 -27.76
C ILE K 39 -36.24 2.34 -26.75
N CYS K 40 -35.91 1.32 -25.95
CA CYS K 40 -36.84 0.79 -24.96
C CYS K 40 -37.03 1.73 -23.77
N ALA K 41 -36.17 2.73 -23.60
CA ALA K 41 -36.34 3.70 -22.53
C ALA K 41 -37.12 4.94 -22.97
N THR K 42 -37.02 5.31 -24.24
CA THR K 42 -37.72 6.48 -24.76
C THR K 42 -38.97 6.13 -25.54
N CYS K 43 -39.54 4.96 -25.30
CA CYS K 43 -40.80 4.56 -25.93
C CYS K 43 -41.94 4.49 -24.93
N VAL K 44 -41.65 4.44 -23.62
CA VAL K 44 -42.70 4.38 -22.63
C VAL K 44 -43.42 5.71 -22.48
N LEU K 45 -42.84 6.80 -22.97
CA LEU K 45 -43.51 8.09 -23.02
C LEU K 45 -43.80 8.56 -24.43
N ARG K 46 -43.00 8.15 -25.41
CA ARG K 46 -43.20 8.53 -26.81
C ARG K 46 -43.18 7.26 -27.67
N PRO K 47 -44.31 6.55 -27.77
CA PRO K 47 -44.34 5.32 -28.55
C PRO K 47 -44.57 5.49 -30.04
N ASP K 48 -44.95 6.69 -30.50
CA ASP K 48 -45.23 6.90 -31.91
C ASP K 48 -43.96 6.95 -32.74
N LEU K 49 -42.84 7.37 -32.16
CA LEU K 49 -41.54 7.24 -32.85
C LEU K 49 -40.81 6.00 -32.34
N LEU K 50 -41.25 4.87 -32.88
CA LEU K 50 -40.64 3.57 -32.62
C LEU K 50 -40.05 2.93 -33.86
N PHE K 51 -40.73 3.04 -35.00
CA PHE K 51 -40.20 2.51 -36.25
C PHE K 51 -39.21 3.45 -36.92
N LYS K 52 -39.00 4.65 -36.38
CA LYS K 52 -37.94 5.53 -36.86
C LYS K 52 -36.75 5.61 -35.93
N ASN K 53 -36.89 5.20 -34.67
CA ASN K 53 -35.75 5.12 -33.77
C ASN K 53 -34.95 3.84 -33.92
N ILE K 54 -35.32 2.96 -34.86
CA ILE K 54 -34.60 1.72 -35.10
C ILE K 54 -33.55 1.92 -36.19
N VAL K 55 -33.24 3.17 -36.49
CA VAL K 55 -32.08 3.47 -37.36
C VAL K 55 -30.75 3.00 -36.77
N PRO K 56 -30.42 3.27 -35.48
CA PRO K 56 -29.11 2.79 -35.00
C PRO K 56 -29.01 1.27 -34.79
N VAL K 57 -30.08 0.49 -34.89
CA VAL K 57 -29.92 -0.95 -34.90
C VAL K 57 -29.83 -1.52 -36.31
N ILE K 58 -30.44 -0.87 -37.31
CA ILE K 58 -30.22 -1.25 -38.69
C ILE K 58 -28.81 -0.89 -39.15
N MET K 59 -28.33 0.31 -38.78
CA MET K 59 -26.98 0.73 -39.14
C MET K 59 -25.93 -0.09 -38.40
N ALA K 60 -26.29 -0.70 -37.26
CA ALA K 60 -25.38 -1.61 -36.58
C ALA K 60 -25.46 -3.02 -37.17
N GLY K 61 -26.62 -3.45 -37.63
CA GLY K 61 -26.73 -4.73 -38.32
C GLY K 61 -26.13 -4.77 -39.70
N ILE K 62 -25.90 -3.59 -40.31
CA ILE K 62 -25.15 -3.55 -41.57
C ILE K 62 -23.68 -3.94 -41.33
N ILE K 63 -23.14 -3.65 -40.15
CA ILE K 63 -21.76 -4.02 -39.80
C ILE K 63 -21.60 -5.54 -39.78
N ALA K 64 -22.62 -6.24 -39.28
CA ALA K 64 -22.58 -7.70 -39.29
C ALA K 64 -22.67 -8.27 -40.70
N ILE K 65 -23.37 -7.58 -41.60
CA ILE K 65 -23.39 -8.00 -43.01
C ILE K 65 -22.04 -7.76 -43.65
N TYR K 66 -21.36 -6.67 -43.27
CA TYR K 66 -19.99 -6.42 -43.72
C TYR K 66 -19.04 -7.52 -43.27
N GLY K 67 -19.22 -8.02 -42.04
CA GLY K 67 -18.44 -9.16 -41.60
C GLY K 67 -18.80 -10.45 -42.31
N LEU K 68 -20.09 -10.67 -42.57
CA LEU K 68 -20.57 -11.87 -43.25
C LEU K 68 -20.05 -11.99 -44.67
N VAL K 69 -20.02 -10.88 -45.41
CA VAL K 69 -19.55 -10.90 -46.80
C VAL K 69 -18.08 -11.31 -46.88
N VAL K 70 -17.25 -10.72 -46.03
CA VAL K 70 -15.82 -11.03 -46.06
C VAL K 70 -15.54 -12.41 -45.49
N SER K 71 -16.35 -12.87 -44.52
CA SER K 71 -16.21 -14.25 -44.06
C SER K 71 -16.57 -15.27 -45.12
N VAL K 72 -17.63 -15.03 -45.91
CA VAL K 72 -17.97 -15.89 -47.03
C VAL K 72 -16.86 -15.87 -48.10
N LEU K 73 -16.31 -14.69 -48.38
CA LEU K 73 -15.30 -14.61 -49.45
C LEU K 73 -13.96 -15.21 -49.03
N VAL K 74 -13.60 -15.13 -47.74
CA VAL K 74 -12.41 -15.82 -47.28
C VAL K 74 -12.65 -17.31 -47.17
N CYS K 75 -13.89 -17.71 -46.83
CA CYS K 75 -14.23 -19.13 -46.75
C CYS K 75 -14.15 -19.81 -48.11
N TYR K 76 -14.59 -19.13 -49.17
CA TYR K 76 -14.52 -19.72 -50.50
C TYR K 76 -13.15 -19.55 -51.16
N SER K 77 -12.13 -19.11 -50.45
CA SER K 77 -10.77 -19.06 -50.97
C SER K 77 -9.80 -19.93 -50.19
N LEU K 78 -10.28 -20.69 -49.21
CA LEU K 78 -9.43 -21.58 -48.44
C LEU K 78 -9.14 -22.86 -49.22
N GLY K 79 -7.90 -23.33 -49.11
CA GLY K 79 -7.51 -24.58 -49.71
C GLY K 79 -6.50 -25.26 -48.81
N GLN K 80 -6.34 -26.56 -49.01
CA GLN K 80 -5.39 -27.30 -48.19
C GLN K 80 -3.96 -26.97 -48.58
N LYS K 81 -3.67 -27.00 -49.88
CA LYS K 81 -2.37 -26.61 -50.39
C LYS K 81 -2.40 -25.18 -50.90
N GLN K 82 -2.70 -24.25 -49.99
CA GLN K 82 -2.69 -22.84 -50.32
C GLN K 82 -1.41 -22.21 -49.82
N ALA K 83 -1.08 -21.05 -50.40
CA ALA K 83 0.14 -20.34 -50.07
C ALA K 83 0.06 -19.78 -48.66
N LEU K 84 1.23 -19.50 -48.08
CA LEU K 84 1.27 -18.85 -46.77
C LEU K 84 0.98 -17.37 -46.89
N TYR K 85 1.31 -16.78 -48.04
CA TYR K 85 0.90 -15.41 -48.36
C TYR K 85 -0.61 -15.27 -48.40
N THR K 86 -1.29 -16.28 -48.97
CA THR K 86 -2.75 -16.29 -49.01
C THR K 86 -3.35 -16.29 -47.61
N GLY K 87 -2.84 -17.15 -46.73
CA GLY K 87 -3.32 -17.18 -45.36
C GLY K 87 -2.99 -15.92 -44.59
N PHE K 88 -1.81 -15.33 -44.83
CA PHE K 88 -1.42 -14.08 -44.20
C PHE K 88 -2.37 -12.93 -44.56
N ILE K 89 -2.68 -12.74 -45.84
CA ILE K 89 -3.52 -11.60 -46.18
C ILE K 89 -5.00 -11.91 -46.09
N GLN K 90 -5.38 -13.19 -45.96
CA GLN K 90 -6.73 -13.50 -45.47
C GLN K 90 -6.90 -13.18 -43.99
N LEU K 91 -5.88 -13.46 -43.17
CA LEU K 91 -5.87 -12.97 -41.79
C LEU K 91 -5.92 -11.44 -41.74
N GLY K 92 -5.18 -10.79 -42.63
CA GLY K 92 -5.23 -9.33 -42.73
C GLY K 92 -6.58 -8.78 -43.11
N ALA K 93 -7.25 -9.38 -44.10
CA ALA K 93 -8.61 -9.00 -44.47
C ALA K 93 -9.60 -9.23 -43.34
N GLY K 94 -9.49 -10.37 -42.65
CA GLY K 94 -10.35 -10.65 -41.52
C GLY K 94 -10.19 -9.66 -40.38
N LEU K 95 -8.94 -9.33 -40.02
CA LEU K 95 -8.72 -8.33 -38.99
C LEU K 95 -9.13 -6.93 -39.43
N SER K 96 -8.96 -6.59 -40.71
CA SER K 96 -9.33 -5.27 -41.22
C SER K 96 -10.84 -5.07 -41.17
N VAL K 97 -11.62 -6.10 -41.51
CA VAL K 97 -13.07 -5.98 -41.34
C VAL K 97 -13.46 -6.04 -39.88
N GLY K 98 -12.92 -7.00 -39.12
CA GLY K 98 -13.36 -7.23 -37.76
C GLY K 98 -13.06 -6.12 -36.78
N LEU K 99 -11.79 -5.72 -36.65
CA LEU K 99 -11.44 -4.75 -35.63
C LEU K 99 -11.79 -3.32 -36.02
N SER K 100 -12.21 -3.08 -37.26
CA SER K 100 -12.79 -1.79 -37.63
C SER K 100 -14.30 -1.78 -37.55
N GLY K 101 -14.97 -2.90 -37.82
CA GLY K 101 -16.40 -3.00 -37.62
C GLY K 101 -16.75 -3.04 -36.15
N LEU K 102 -15.82 -3.53 -35.33
CA LEU K 102 -15.98 -3.45 -33.87
C LEU K 102 -16.01 -2.00 -33.41
N ALA K 103 -15.08 -1.18 -33.90
CA ALA K 103 -15.04 0.23 -33.56
C ALA K 103 -16.25 0.98 -34.11
N ALA K 104 -16.64 0.66 -35.35
CA ALA K 104 -17.87 1.20 -35.92
C ALA K 104 -19.10 0.82 -35.11
N GLY K 105 -19.15 -0.40 -34.57
CA GLY K 105 -20.25 -0.78 -33.71
C GLY K 105 -20.26 -0.07 -32.38
N PHE K 106 -19.08 0.17 -31.78
CA PHE K 106 -19.00 1.01 -30.58
C PHE K 106 -19.52 2.41 -30.84
N ALA K 107 -19.07 3.03 -31.93
CA ALA K 107 -19.50 4.39 -32.26
C ALA K 107 -20.99 4.46 -32.57
N ILE K 108 -21.53 3.50 -33.31
CA ILE K 108 -22.96 3.44 -33.61
C ILE K 108 -23.77 3.24 -32.33
N GLY K 109 -23.29 2.39 -31.41
CA GLY K 109 -24.02 2.18 -30.16
C GLY K 109 -24.05 3.40 -29.27
N ILE K 110 -22.90 4.05 -29.06
CA ILE K 110 -22.83 5.23 -28.20
C ILE K 110 -23.62 6.40 -28.81
N VAL K 111 -23.40 6.68 -30.09
CA VAL K 111 -24.08 7.78 -30.77
C VAL K 111 -25.57 7.53 -30.88
N GLY K 112 -25.97 6.29 -31.19
CA GLY K 112 -27.39 5.99 -31.33
C GLY K 112 -28.13 6.01 -30.02
N ASP K 113 -27.50 5.56 -28.94
CA ASP K 113 -28.09 5.69 -27.60
C ASP K 113 -28.29 7.16 -27.24
N ALA K 114 -27.23 7.97 -27.38
CA ALA K 114 -27.33 9.40 -27.06
C ALA K 114 -28.27 10.15 -28.00
N GLY K 115 -28.50 9.64 -29.20
CA GLY K 115 -29.36 10.30 -30.16
C GLY K 115 -30.83 9.94 -30.02
N VAL K 116 -31.14 8.67 -29.77
CA VAL K 116 -32.54 8.32 -29.51
C VAL K 116 -32.95 8.64 -28.09
N ARG K 117 -32.00 8.94 -27.20
CA ARG K 117 -32.37 9.44 -25.87
C ARG K 117 -32.84 10.89 -25.93
N GLY K 118 -32.24 11.70 -26.81
CA GLY K 118 -32.57 13.10 -26.88
C GLY K 118 -33.40 13.49 -28.09
N SER K 119 -33.66 12.54 -28.98
CA SER K 119 -34.51 12.80 -30.13
C SER K 119 -35.99 12.76 -29.78
N SER K 120 -36.35 12.13 -28.67
CA SER K 120 -37.71 12.20 -28.17
C SER K 120 -38.05 13.55 -27.57
N GLN K 121 -37.04 14.34 -27.22
CA GLN K 121 -37.23 15.68 -26.66
C GLN K 121 -37.26 16.74 -27.75
N GLN K 122 -36.29 16.70 -28.66
CA GLN K 122 -36.25 17.63 -29.78
C GLN K 122 -36.44 16.85 -31.08
N PRO K 123 -37.48 17.15 -31.86
CA PRO K 123 -37.71 16.39 -33.11
C PRO K 123 -36.75 16.74 -34.23
N ARG K 124 -35.98 17.82 -34.12
CA ARG K 124 -35.04 18.21 -35.16
C ARG K 124 -33.70 17.51 -35.05
N LEU K 125 -33.50 16.68 -34.03
CA LEU K 125 -32.26 15.95 -33.83
C LEU K 125 -32.26 14.62 -34.58
N PHE K 126 -33.39 14.25 -35.20
CA PHE K 126 -33.48 13.01 -35.94
C PHE K 126 -32.65 13.06 -37.22
N VAL K 127 -32.62 14.22 -37.88
CA VAL K 127 -31.77 14.37 -39.06
C VAL K 127 -30.31 14.57 -38.67
N GLY K 128 -30.04 14.86 -37.40
CA GLY K 128 -28.66 15.01 -36.97
C GLY K 128 -28.03 13.70 -36.57
N MET K 129 -28.78 12.85 -35.85
CA MET K 129 -28.18 11.60 -35.40
C MET K 129 -27.98 10.63 -36.56
N ILE K 130 -28.78 10.73 -37.63
CA ILE K 130 -28.55 9.91 -38.81
C ILE K 130 -27.28 10.34 -39.51
N LEU K 131 -27.05 11.66 -39.59
CA LEU K 131 -25.83 12.17 -40.21
C LEU K 131 -24.60 11.85 -39.40
N ILE K 132 -24.73 11.68 -38.08
CA ILE K 132 -23.57 11.24 -37.30
C ILE K 132 -23.38 9.72 -37.42
N LEU K 133 -24.47 8.95 -37.48
CA LEU K 133 -24.36 7.51 -37.65
C LEU K 133 -23.84 7.11 -39.02
N ILE K 134 -24.02 7.96 -40.04
CA ILE K 134 -23.38 7.70 -41.33
C ILE K 134 -21.87 7.77 -41.22
N PHE K 135 -21.34 8.78 -40.51
CA PHE K 135 -19.92 8.83 -40.24
C PHE K 135 -19.45 7.73 -39.31
N ALA K 136 -20.33 7.19 -38.47
CA ALA K 136 -19.97 6.06 -37.63
C ALA K 136 -20.02 4.73 -38.36
N GLU K 137 -20.77 4.63 -39.46
CA GLU K 137 -20.90 3.40 -40.23
C GLU K 137 -19.94 3.34 -41.42
N VAL K 138 -19.47 4.48 -41.92
CA VAL K 138 -18.40 4.46 -42.91
C VAL K 138 -17.08 3.99 -42.33
N LEU K 139 -16.93 3.97 -41.00
CA LEU K 139 -15.76 3.39 -40.37
C LEU K 139 -15.66 1.89 -40.64
N GLY K 140 -16.79 1.18 -40.59
CA GLY K 140 -16.82 -0.21 -40.98
C GLY K 140 -16.84 -0.41 -42.48
N LEU K 141 -17.42 0.54 -43.22
CA LEU K 141 -17.35 0.49 -44.69
C LEU K 141 -15.92 0.61 -45.19
N TYR K 142 -15.06 1.35 -44.49
CA TYR K 142 -13.65 1.45 -44.87
C TYR K 142 -12.93 0.13 -44.68
N GLY K 143 -13.18 -0.55 -43.56
CA GLY K 143 -12.61 -1.86 -43.35
C GLY K 143 -13.11 -2.89 -44.34
N LEU K 144 -14.38 -2.76 -44.77
CA LEU K 144 -14.89 -3.58 -45.86
C LEU K 144 -14.11 -3.35 -47.15
N ILE K 145 -13.82 -2.09 -47.47
CA ILE K 145 -13.05 -1.79 -48.69
C ILE K 145 -11.63 -2.34 -48.59
N VAL K 146 -11.00 -2.22 -47.42
CA VAL K 146 -9.64 -2.72 -47.22
C VAL K 146 -9.59 -4.25 -47.35
N ALA K 147 -10.57 -4.94 -46.79
CA ALA K 147 -10.59 -6.39 -46.92
C ALA K 147 -10.96 -6.85 -48.32
N LEU K 148 -11.84 -6.14 -49.04
CA LEU K 148 -12.10 -6.49 -50.42
C LEU K 148 -10.93 -6.20 -51.34
N LEU K 149 -10.04 -5.28 -50.97
CA LEU K 149 -8.81 -5.11 -51.74
C LEU K 149 -7.73 -6.11 -51.35
N LEU K 150 -7.72 -6.57 -50.10
CA LEU K 150 -6.79 -7.64 -49.72
C LEU K 150 -7.22 -8.98 -50.27
N ASN K 151 -8.53 -9.19 -50.43
CA ASN K 151 -9.03 -10.48 -50.89
C ASN K 151 -8.89 -10.63 -52.39
N SER K 152 -8.70 -9.54 -53.13
CA SER K 152 -8.43 -9.60 -54.56
C SER K 152 -6.98 -9.94 -54.87
N ARG K 153 -6.14 -10.06 -53.84
CA ARG K 153 -4.74 -10.40 -54.02
C ARG K 153 -4.37 -11.71 -53.33
N ALA K 154 -5.37 -12.46 -52.85
CA ALA K 154 -5.10 -13.66 -52.06
C ALA K 154 -4.51 -14.77 -52.91
N THR K 155 -5.10 -15.01 -54.08
CA THR K 155 -4.51 -15.91 -55.08
C THR K 155 -4.49 -15.16 -56.42
N GLN K 156 -3.46 -14.33 -56.59
CA GLN K 156 -3.30 -13.54 -57.79
C GLN K 156 -2.03 -13.92 -58.54
N ASP K 157 -0.87 -13.87 -57.89
CA ASP K 157 0.41 -14.27 -58.47
C ASP K 157 1.09 -15.29 -57.58
N VAL K 158 0.29 -16.17 -56.98
CA VAL K 158 0.81 -17.15 -56.04
C VAL K 158 1.38 -18.35 -56.80
N VAL K 159 2.39 -18.99 -56.20
CA VAL K 159 3.03 -20.14 -56.79
C VAL K 159 2.94 -21.33 -55.85
N GLU L 3 2.23 -35.90 -43.39
CA GLU L 3 2.55 -34.50 -43.13
C GLU L 3 1.32 -33.62 -43.25
N LEU L 4 0.50 -33.90 -44.27
CA LEU L 4 -0.74 -33.15 -44.43
C LEU L 4 -1.77 -33.55 -43.39
N CYS L 5 -1.72 -34.79 -42.90
CA CYS L 5 -2.59 -35.27 -41.83
C CYS L 5 -1.75 -35.72 -40.64
N PRO L 6 -1.36 -34.79 -39.77
CA PRO L 6 -0.47 -35.12 -38.65
C PRO L 6 -1.22 -35.87 -37.54
N VAL L 7 -0.49 -36.16 -36.47
CA VAL L 7 -1.08 -36.84 -35.33
C VAL L 7 -1.87 -35.85 -34.47
N TYR L 8 -1.36 -34.62 -34.34
CA TYR L 8 -2.03 -33.59 -33.54
C TYR L 8 -3.16 -32.89 -34.28
N ALA L 9 -3.56 -33.39 -35.45
CA ALA L 9 -4.63 -32.76 -36.20
C ALA L 9 -6.03 -32.84 -35.58
N PRO L 10 -6.47 -33.91 -34.91
CA PRO L 10 -7.80 -33.85 -34.26
C PRO L 10 -7.89 -32.92 -33.05
N PHE L 11 -6.79 -32.33 -32.58
CA PHE L 11 -6.85 -31.40 -31.47
C PHE L 11 -7.68 -30.18 -31.81
N PHE L 12 -7.44 -29.60 -33.00
CA PHE L 12 -8.14 -28.38 -33.38
C PHE L 12 -9.60 -28.66 -33.68
N GLY L 13 -9.89 -29.85 -34.21
CA GLY L 13 -11.27 -30.24 -34.44
C GLY L 13 -12.03 -30.48 -33.15
N ALA L 14 -11.37 -31.06 -32.14
CA ALA L 14 -12.03 -31.28 -30.86
C ALA L 14 -12.23 -29.97 -30.10
N ILE L 15 -11.26 -29.05 -30.19
CA ILE L 15 -11.42 -27.74 -29.58
C ILE L 15 -12.50 -26.94 -30.30
N GLY L 16 -12.64 -27.12 -31.62
CA GLY L 16 -13.72 -26.47 -32.34
C GLY L 16 -15.08 -27.05 -32.00
N CYS L 17 -15.16 -28.38 -31.85
CA CYS L 17 -16.41 -29.03 -31.50
C CYS L 17 -16.84 -28.68 -30.08
N ALA L 18 -15.89 -28.49 -29.18
CA ALA L 18 -16.23 -28.04 -27.84
C ALA L 18 -16.63 -26.56 -27.84
N SER L 19 -15.79 -25.71 -28.44
CA SER L 19 -15.98 -24.28 -28.49
C SER L 19 -17.23 -23.85 -29.27
N ALA L 20 -17.77 -24.73 -30.11
CA ALA L 20 -19.02 -24.42 -30.80
C ALA L 20 -20.19 -24.35 -29.84
N ILE L 21 -20.21 -25.23 -28.83
CA ILE L 21 -21.30 -25.25 -27.87
C ILE L 21 -20.97 -24.52 -26.57
N ILE L 22 -19.68 -24.38 -26.22
CA ILE L 22 -19.30 -23.74 -24.97
C ILE L 22 -19.66 -22.26 -24.96
N PHE L 23 -19.25 -21.51 -25.98
CA PHE L 23 -19.51 -20.07 -25.98
C PHE L 23 -20.95 -19.73 -26.33
N THR L 24 -21.63 -20.56 -27.12
CA THR L 24 -23.06 -20.35 -27.31
C THR L 24 -23.85 -20.66 -26.05
N SER L 25 -23.38 -21.59 -25.22
CA SER L 25 -24.03 -21.79 -23.92
C SER L 25 -23.77 -20.62 -22.99
N LEU L 26 -22.60 -19.97 -23.09
CA LEU L 26 -22.35 -18.78 -22.29
C LEU L 26 -23.21 -17.60 -22.73
N GLY L 27 -23.33 -17.39 -24.04
CA GLY L 27 -24.20 -16.35 -24.57
C GLY L 27 -25.67 -16.59 -24.27
N ALA L 28 -26.12 -17.83 -24.45
CA ALA L 28 -27.49 -18.20 -24.10
C ALA L 28 -27.75 -18.11 -22.61
N ALA L 29 -26.73 -18.37 -21.80
CA ALA L 29 -26.87 -18.23 -20.35
C ALA L 29 -27.02 -16.78 -19.94
N TYR L 30 -26.24 -15.88 -20.55
CA TYR L 30 -26.37 -14.46 -20.28
C TYR L 30 -27.73 -13.95 -20.75
N GLY L 31 -28.15 -14.33 -21.96
CA GLY L 31 -29.43 -13.93 -22.50
C GLY L 31 -30.63 -14.50 -21.77
N THR L 32 -30.48 -15.66 -21.16
CA THR L 32 -31.54 -16.23 -20.34
C THR L 32 -31.53 -15.61 -18.94
N ALA L 33 -30.35 -15.32 -18.40
CA ALA L 33 -30.24 -14.85 -17.03
C ALA L 33 -30.76 -13.43 -16.87
N LYS L 34 -30.30 -12.51 -17.73
CA LYS L 34 -30.78 -11.13 -17.61
C LYS L 34 -32.24 -11.00 -17.98
N SER L 35 -32.69 -11.74 -19.00
CA SER L 35 -34.11 -11.69 -19.37
C SER L 35 -34.98 -12.33 -18.30
N GLY L 36 -34.48 -13.36 -17.61
CA GLY L 36 -35.24 -13.95 -16.53
C GLY L 36 -35.34 -13.06 -15.31
N VAL L 37 -34.27 -12.33 -15.00
CA VAL L 37 -34.34 -11.30 -13.96
C VAL L 37 -35.32 -10.20 -14.34
N GLY L 38 -35.31 -9.80 -15.62
CA GLY L 38 -36.25 -8.78 -16.08
C GLY L 38 -37.70 -9.23 -16.01
N ILE L 39 -37.97 -10.48 -16.40
CA ILE L 39 -39.32 -11.04 -16.30
C ILE L 39 -39.75 -11.15 -14.85
N CYS L 40 -38.94 -11.80 -14.01
CA CYS L 40 -39.27 -11.99 -12.61
C CYS L 40 -39.30 -10.71 -11.79
N ALA L 41 -38.79 -9.60 -12.33
CA ALA L 41 -38.96 -8.30 -11.70
C ALA L 41 -40.04 -7.44 -12.35
N THR L 42 -40.53 -7.82 -13.54
CA THR L 42 -41.55 -7.00 -14.20
C THR L 42 -42.97 -7.52 -14.04
N CYS L 43 -43.17 -8.76 -13.60
CA CYS L 43 -44.51 -9.32 -13.52
C CYS L 43 -44.83 -9.86 -12.13
N VAL L 44 -44.29 -9.21 -11.09
CA VAL L 44 -44.85 -9.38 -9.75
C VAL L 44 -46.05 -8.47 -9.55
N LEU L 45 -46.26 -7.50 -10.44
CA LEU L 45 -47.40 -6.61 -10.42
C LEU L 45 -48.38 -6.89 -11.55
N ARG L 46 -47.88 -7.19 -12.75
CA ARG L 46 -48.70 -7.55 -13.90
C ARG L 46 -48.29 -8.93 -14.40
N PRO L 47 -48.77 -10.00 -13.76
CA PRO L 47 -48.39 -11.35 -14.20
C PRO L 47 -49.12 -11.85 -15.43
N ASP L 48 -49.98 -11.02 -16.05
CA ASP L 48 -50.62 -11.41 -17.29
C ASP L 48 -49.66 -11.43 -18.47
N LEU L 49 -48.52 -10.73 -18.34
CA LEU L 49 -47.53 -10.65 -19.40
C LEU L 49 -46.42 -11.69 -19.24
N LEU L 50 -46.73 -12.82 -18.59
CA LEU L 50 -45.70 -13.81 -18.29
C LEU L 50 -45.30 -14.61 -19.52
N PHE L 51 -46.28 -15.17 -20.21
CA PHE L 51 -46.01 -15.92 -21.43
C PHE L 51 -45.83 -15.01 -22.64
N LYS L 52 -46.14 -13.73 -22.51
CA LYS L 52 -45.87 -12.77 -23.57
C LYS L 52 -44.40 -12.36 -23.55
N ASN L 53 -43.83 -12.13 -22.38
CA ASN L 53 -42.46 -11.68 -22.23
C ASN L 53 -41.44 -12.81 -22.30
N ILE L 54 -41.85 -14.03 -22.67
CA ILE L 54 -40.93 -15.16 -22.73
C ILE L 54 -40.09 -15.17 -24.00
N VAL L 55 -40.36 -14.24 -24.92
CA VAL L 55 -39.68 -14.13 -26.22
C VAL L 55 -38.17 -13.88 -26.12
N PRO L 56 -37.62 -13.03 -25.21
CA PRO L 56 -36.16 -12.96 -25.10
C PRO L 56 -35.50 -14.25 -24.62
N VAL L 57 -36.16 -15.01 -23.74
CA VAL L 57 -35.59 -16.27 -23.29
C VAL L 57 -35.59 -17.30 -24.42
N ILE L 58 -36.63 -17.32 -25.26
CA ILE L 58 -36.67 -18.22 -26.40
C ILE L 58 -35.62 -17.84 -27.43
N MET L 59 -35.50 -16.54 -27.73
CA MET L 59 -34.52 -16.11 -28.72
C MET L 59 -33.09 -16.21 -28.21
N ALA L 60 -32.89 -16.24 -26.89
CA ALA L 60 -31.58 -16.58 -26.36
C ALA L 60 -31.34 -18.08 -26.37
N GLY L 61 -32.40 -18.89 -26.24
CA GLY L 61 -32.23 -20.32 -26.33
C GLY L 61 -32.05 -20.86 -27.73
N ILE L 62 -32.42 -20.09 -28.75
CA ILE L 62 -32.22 -20.52 -30.14
C ILE L 62 -30.73 -20.46 -30.51
N ILE L 63 -29.99 -19.46 -30.01
CA ILE L 63 -28.57 -19.36 -30.38
C ILE L 63 -27.70 -20.35 -29.64
N ALA L 64 -28.26 -21.18 -28.75
CA ALA L 64 -27.56 -22.36 -28.26
C ALA L 64 -27.85 -23.59 -29.10
N ILE L 65 -29.03 -23.66 -29.71
CA ILE L 65 -29.31 -24.68 -30.71
C ILE L 65 -28.45 -24.43 -31.95
N TYR L 66 -28.12 -23.15 -32.23
CA TYR L 66 -27.17 -22.82 -33.29
C TYR L 66 -25.79 -23.42 -33.02
N GLY L 67 -25.37 -23.49 -31.77
CA GLY L 67 -24.13 -24.16 -31.45
C GLY L 67 -24.27 -25.67 -31.42
N LEU L 68 -25.44 -26.17 -31.01
CA LEU L 68 -25.68 -27.61 -30.97
C LEU L 68 -25.74 -28.23 -32.36
N VAL L 69 -26.12 -27.45 -33.37
CA VAL L 69 -26.10 -27.96 -34.74
C VAL L 69 -24.67 -28.16 -35.23
N VAL L 70 -23.84 -27.12 -35.10
CA VAL L 70 -22.50 -27.17 -35.65
C VAL L 70 -21.58 -28.04 -34.79
N SER L 71 -21.85 -28.20 -33.50
CA SER L 71 -21.04 -29.10 -32.69
C SER L 71 -21.44 -30.55 -32.85
N VAL L 72 -22.48 -30.84 -33.63
CA VAL L 72 -22.75 -32.20 -34.07
C VAL L 72 -22.21 -32.42 -35.48
N LEU L 73 -22.31 -31.40 -36.34
CA LEU L 73 -21.79 -31.52 -37.70
C LEU L 73 -20.26 -31.51 -37.73
N VAL L 74 -19.61 -30.92 -36.73
CA VAL L 74 -18.16 -31.02 -36.60
C VAL L 74 -17.78 -32.34 -35.94
N CYS L 75 -18.61 -32.80 -34.99
CA CYS L 75 -18.36 -34.07 -34.30
C CYS L 75 -18.43 -35.26 -35.24
N TYR L 76 -19.33 -35.23 -36.22
CA TYR L 76 -19.42 -36.33 -37.19
C TYR L 76 -18.49 -36.16 -38.38
N SER L 77 -17.46 -35.33 -38.27
CA SER L 77 -16.39 -35.27 -39.25
C SER L 77 -15.02 -35.36 -38.59
N LEU L 78 -14.95 -35.88 -37.37
CA LEU L 78 -13.71 -36.06 -36.63
C LEU L 78 -13.19 -37.48 -36.81
N GLY L 79 -12.03 -37.62 -37.43
CA GLY L 79 -11.38 -38.90 -37.57
C GLY L 79 -9.99 -38.86 -36.96
N GLN L 80 -9.42 -40.05 -36.78
CA GLN L 80 -8.06 -40.13 -36.24
C GLN L 80 -7.04 -39.64 -37.26
N LYS L 81 -7.14 -40.14 -38.49
CA LYS L 81 -6.27 -39.72 -39.57
C LYS L 81 -7.00 -38.70 -40.45
N GLN L 82 -7.14 -37.50 -39.91
CA GLN L 82 -7.73 -36.40 -40.66
C GLN L 82 -6.68 -35.34 -40.92
N ALA L 83 -6.89 -34.57 -41.98
CA ALA L 83 -5.96 -33.54 -42.39
C ALA L 83 -5.95 -32.40 -41.38
N LEU L 84 -4.83 -31.65 -41.37
CA LEU L 84 -4.72 -30.49 -40.49
C LEU L 84 -5.58 -29.35 -40.99
N TYR L 85 -5.83 -29.30 -42.31
CA TYR L 85 -6.78 -28.37 -42.90
C TYR L 85 -8.18 -28.56 -42.35
N THR L 86 -8.58 -29.82 -42.16
CA THR L 86 -9.88 -30.12 -41.58
C THR L 86 -9.97 -29.65 -40.13
N GLY L 87 -8.90 -29.85 -39.35
CA GLY L 87 -8.89 -29.38 -37.98
C GLY L 87 -8.91 -27.86 -37.88
N PHE L 88 -8.19 -27.18 -38.78
CA PHE L 88 -8.22 -25.73 -38.82
C PHE L 88 -9.59 -25.19 -39.19
N ILE L 89 -10.27 -25.80 -40.16
CA ILE L 89 -11.62 -25.33 -40.51
C ILE L 89 -12.62 -25.64 -39.40
N GLN L 90 -12.50 -26.79 -38.75
CA GLN L 90 -13.41 -27.10 -37.65
C GLN L 90 -13.19 -26.19 -36.44
N LEU L 91 -11.94 -25.77 -36.19
CA LEU L 91 -11.69 -24.77 -35.16
C LEU L 91 -12.26 -23.41 -35.54
N GLY L 92 -12.07 -23.01 -36.80
CA GLY L 92 -12.66 -21.76 -37.28
C GLY L 92 -14.17 -21.75 -37.25
N ALA L 93 -14.80 -22.89 -37.54
CA ALA L 93 -16.25 -23.00 -37.49
C ALA L 93 -16.78 -22.98 -36.07
N GLY L 94 -16.11 -23.69 -35.15
CA GLY L 94 -16.48 -23.62 -33.75
C GLY L 94 -16.35 -22.23 -33.16
N LEU L 95 -15.26 -21.53 -33.47
CA LEU L 95 -15.12 -20.15 -33.03
C LEU L 95 -16.11 -19.21 -33.70
N SER L 96 -16.43 -19.43 -34.98
CA SER L 96 -17.34 -18.57 -35.72
C SER L 96 -18.76 -18.69 -35.20
N VAL L 97 -19.19 -19.87 -34.79
CA VAL L 97 -20.51 -19.96 -34.14
C VAL L 97 -20.42 -19.48 -32.70
N GLY L 98 -19.42 -19.92 -31.94
CA GLY L 98 -19.33 -19.60 -30.53
C GLY L 98 -19.18 -18.14 -30.17
N LEU L 99 -18.16 -17.46 -30.69
CA LEU L 99 -17.93 -16.09 -30.31
C LEU L 99 -18.86 -15.11 -31.02
N SER L 100 -19.68 -15.57 -31.96
CA SER L 100 -20.76 -14.75 -32.49
C SER L 100 -22.08 -14.97 -31.76
N GLY L 101 -22.37 -16.21 -31.35
CA GLY L 101 -23.53 -16.44 -30.50
C GLY L 101 -23.35 -15.90 -29.11
N LEU L 102 -22.11 -15.75 -28.65
CA LEU L 102 -21.84 -15.05 -27.40
C LEU L 102 -22.20 -13.58 -27.49
N ALA L 103 -21.86 -12.94 -28.60
CA ALA L 103 -22.24 -11.54 -28.82
C ALA L 103 -23.74 -11.41 -28.98
N ALA L 104 -24.36 -12.33 -29.74
CA ALA L 104 -25.82 -12.35 -29.88
C ALA L 104 -26.52 -12.56 -28.56
N GLY L 105 -25.95 -13.38 -27.67
CA GLY L 105 -26.51 -13.57 -26.34
C GLY L 105 -26.34 -12.37 -25.45
N PHE L 106 -25.22 -11.65 -25.56
CA PHE L 106 -25.06 -10.39 -24.85
C PHE L 106 -26.12 -9.37 -25.29
N ALA L 107 -26.31 -9.23 -26.60
CA ALA L 107 -27.28 -8.27 -27.13
C ALA L 107 -28.71 -8.65 -26.77
N ILE L 108 -29.07 -9.94 -26.87
CA ILE L 108 -30.39 -10.40 -26.48
C ILE L 108 -30.60 -10.23 -24.98
N GLY L 109 -29.58 -10.47 -24.16
CA GLY L 109 -29.75 -10.31 -22.72
C GLY L 109 -29.89 -8.87 -22.27
N ILE L 110 -29.26 -7.94 -22.96
CA ILE L 110 -29.45 -6.53 -22.60
C ILE L 110 -30.78 -5.99 -23.14
N VAL L 111 -31.09 -6.26 -24.42
CA VAL L 111 -32.34 -5.79 -25.00
C VAL L 111 -33.54 -6.47 -24.35
N GLY L 112 -33.38 -7.71 -23.86
CA GLY L 112 -34.50 -8.44 -23.30
C GLY L 112 -35.00 -7.85 -22.00
N ASP L 113 -34.10 -7.61 -21.03
CA ASP L 113 -34.62 -7.02 -19.80
C ASP L 113 -34.89 -5.54 -19.96
N ALA L 114 -34.15 -4.83 -20.83
CA ALA L 114 -34.49 -3.44 -21.10
C ALA L 114 -35.84 -3.29 -21.80
N GLY L 115 -36.30 -4.32 -22.50
CA GLY L 115 -37.60 -4.28 -23.15
C GLY L 115 -38.74 -4.84 -22.33
N VAL L 116 -38.48 -5.82 -21.45
CA VAL L 116 -39.57 -6.32 -20.62
C VAL L 116 -39.77 -5.49 -19.35
N ARG L 117 -38.78 -4.70 -18.93
CA ARG L 117 -39.03 -3.76 -17.84
C ARG L 117 -39.77 -2.53 -18.33
N GLY L 118 -39.73 -2.24 -19.63
CA GLY L 118 -40.42 -1.10 -20.18
C GLY L 118 -41.72 -1.45 -20.86
N SER L 119 -41.88 -2.72 -21.25
CA SER L 119 -43.11 -3.15 -21.91
C SER L 119 -44.25 -3.39 -20.94
N SER L 120 -43.98 -3.39 -19.63
CA SER L 120 -45.04 -3.38 -18.65
C SER L 120 -45.71 -2.03 -18.53
N GLN L 121 -45.04 -0.97 -18.98
CA GLN L 121 -45.60 0.38 -18.99
C GLN L 121 -46.30 0.67 -20.31
N GLN L 122 -45.56 0.58 -21.42
CA GLN L 122 -46.10 0.81 -22.74
C GLN L 122 -46.43 -0.53 -23.38
N PRO L 123 -47.69 -0.79 -23.73
CA PRO L 123 -48.01 -2.12 -24.29
C PRO L 123 -47.48 -2.34 -25.71
N ARG L 124 -47.24 -1.29 -26.48
CA ARG L 124 -46.74 -1.45 -27.84
C ARG L 124 -45.24 -1.22 -27.95
N LEU L 125 -44.51 -1.41 -26.86
CA LEU L 125 -43.06 -1.57 -26.93
C LEU L 125 -42.68 -3.04 -27.18
N PHE L 126 -43.65 -3.94 -27.10
CA PHE L 126 -43.41 -5.37 -27.36
C PHE L 126 -43.02 -5.63 -28.81
N VAL L 127 -43.67 -4.94 -29.75
CA VAL L 127 -43.35 -5.08 -31.17
C VAL L 127 -41.94 -4.57 -31.45
N GLY L 128 -41.58 -3.43 -30.86
CA GLY L 128 -40.22 -2.93 -30.96
C GLY L 128 -39.18 -3.81 -30.30
N MET L 129 -39.53 -4.45 -29.19
CA MET L 129 -38.61 -5.39 -28.55
C MET L 129 -38.35 -6.60 -29.43
N ILE L 130 -39.40 -7.16 -30.04
CA ILE L 130 -39.21 -8.26 -30.98
C ILE L 130 -38.40 -7.81 -32.19
N LEU L 131 -38.66 -6.59 -32.67
CA LEU L 131 -37.97 -6.09 -33.84
C LEU L 131 -36.48 -5.84 -33.59
N ILE L 132 -36.11 -5.48 -32.36
CA ILE L 132 -34.69 -5.33 -32.04
C ILE L 132 -34.05 -6.69 -31.76
N LEU L 133 -34.79 -7.60 -31.13
CA LEU L 133 -34.24 -8.93 -30.86
C LEU L 133 -34.05 -9.77 -32.12
N ILE L 134 -34.79 -9.49 -33.20
CA ILE L 134 -34.51 -10.14 -34.47
C ILE L 134 -33.15 -9.71 -35.01
N PHE L 135 -32.83 -8.41 -34.94
CA PHE L 135 -31.51 -7.94 -35.31
C PHE L 135 -30.41 -8.43 -34.37
N ALA L 136 -30.77 -8.74 -33.12
CA ALA L 136 -29.78 -9.31 -32.20
C ALA L 136 -29.60 -10.81 -32.36
N GLU L 137 -30.58 -11.51 -32.93
CA GLU L 137 -30.51 -12.96 -33.12
C GLU L 137 -29.98 -13.34 -34.50
N VAL L 138 -30.08 -12.45 -35.49
CA VAL L 138 -29.42 -12.71 -36.77
C VAL L 138 -27.91 -12.62 -36.68
N LEU L 139 -27.34 -12.14 -35.57
CA LEU L 139 -25.90 -12.23 -35.36
C LEU L 139 -25.48 -13.69 -35.21
N GLY L 140 -26.14 -14.43 -34.32
CA GLY L 140 -25.94 -15.86 -34.22
C GLY L 140 -26.32 -16.61 -35.47
N LEU L 141 -27.34 -16.14 -36.19
CA LEU L 141 -27.65 -16.73 -37.50
C LEU L 141 -26.52 -16.52 -38.51
N TYR L 142 -25.88 -15.36 -38.51
CA TYR L 142 -24.74 -15.11 -39.40
C TYR L 142 -23.56 -16.00 -39.05
N GLY L 143 -23.28 -16.15 -37.75
CA GLY L 143 -22.24 -17.07 -37.32
C GLY L 143 -22.52 -18.51 -37.69
N LEU L 144 -23.79 -18.92 -37.61
CA LEU L 144 -24.20 -20.24 -38.08
C LEU L 144 -23.96 -20.40 -39.58
N ILE L 145 -24.29 -19.37 -40.38
CA ILE L 145 -24.07 -19.44 -41.83
C ILE L 145 -22.59 -19.56 -42.15
N VAL L 146 -21.73 -18.80 -41.44
CA VAL L 146 -20.29 -18.85 -41.68
C VAL L 146 -19.73 -20.23 -41.34
N ALA L 147 -20.15 -20.82 -40.21
CA ALA L 147 -19.63 -22.13 -39.87
C ALA L 147 -20.21 -23.25 -40.73
N LEU L 148 -21.44 -23.12 -41.21
CA LEU L 148 -21.98 -24.11 -42.12
C LEU L 148 -21.34 -24.02 -43.50
N LEU L 149 -20.87 -22.85 -43.90
CA LEU L 149 -20.08 -22.75 -45.13
C LEU L 149 -18.66 -23.22 -44.96
N LEU L 150 -18.08 -23.08 -43.76
CA LEU L 150 -16.77 -23.65 -43.50
C LEU L 150 -16.83 -25.17 -43.49
N ASN L 151 -17.78 -25.74 -42.75
CA ASN L 151 -17.83 -27.18 -42.52
C ASN L 151 -18.21 -27.96 -43.78
N SER L 152 -18.75 -27.30 -44.79
CA SER L 152 -18.96 -27.91 -46.09
C SER L 152 -17.71 -27.88 -46.97
N ARG L 153 -16.57 -27.49 -46.41
CA ARG L 153 -15.31 -27.40 -47.13
C ARG L 153 -14.17 -28.09 -46.39
N ALA L 154 -14.42 -28.56 -45.15
CA ALA L 154 -13.37 -29.16 -44.34
C ALA L 154 -12.88 -30.49 -44.89
N THR L 155 -13.68 -31.18 -45.71
CA THR L 155 -13.28 -32.45 -46.28
C THR L 155 -13.66 -32.54 -47.76
N GLN L 156 -13.67 -31.40 -48.45
CA GLN L 156 -14.13 -31.37 -49.83
C GLN L 156 -13.12 -32.00 -50.77
N ASP L 157 -11.92 -31.43 -50.84
CA ASP L 157 -10.85 -31.93 -51.71
C ASP L 157 -9.58 -32.17 -50.90
N VAL L 158 -9.72 -32.83 -49.76
CA VAL L 158 -8.58 -33.11 -48.91
C VAL L 158 -7.93 -34.41 -49.35
N VAL L 159 -6.64 -34.55 -49.05
CA VAL L 159 -5.89 -35.75 -49.40
C VAL L 159 -5.33 -36.39 -48.14
N GLU M 3 4.05 -43.15 -32.27
CA GLU M 3 3.79 -41.79 -32.72
C GLU M 3 2.30 -41.51 -32.74
N LEU M 4 1.52 -42.49 -33.22
CA LEU M 4 0.09 -42.29 -33.34
C LEU M 4 -0.62 -42.45 -32.00
N CYS M 5 -0.03 -43.20 -31.08
CA CYS M 5 -0.50 -43.28 -29.69
C CYS M 5 0.68 -43.00 -28.77
N PRO M 6 1.00 -41.73 -28.54
CA PRO M 6 2.19 -41.38 -27.76
C PRO M 6 2.00 -41.63 -26.28
N VAL M 7 3.05 -41.33 -25.50
CA VAL M 7 3.03 -41.60 -24.07
C VAL M 7 2.24 -40.54 -23.34
N TYR M 8 2.29 -39.29 -23.79
CA TYR M 8 1.55 -38.19 -23.17
C TYR M 8 0.07 -38.16 -23.56
N ALA M 9 -0.39 -39.12 -24.34
CA ALA M 9 -1.78 -39.20 -24.79
C ALA M 9 -2.84 -39.35 -23.67
N PRO M 10 -2.61 -40.09 -22.56
CA PRO M 10 -3.63 -40.07 -21.50
C PRO M 10 -3.71 -38.79 -20.70
N PHE M 11 -2.84 -37.79 -20.92
CA PHE M 11 -2.93 -36.54 -20.18
C PHE M 11 -4.20 -35.79 -20.53
N PHE M 12 -4.52 -35.71 -21.81
CA PHE M 12 -5.72 -34.99 -22.25
C PHE M 12 -6.98 -35.73 -21.85
N GLY M 13 -6.92 -37.07 -21.83
CA GLY M 13 -8.05 -37.84 -21.33
C GLY M 13 -8.25 -37.69 -19.83
N ALA M 14 -7.15 -37.55 -19.08
CA ALA M 14 -7.27 -37.37 -17.64
C ALA M 14 -7.78 -35.98 -17.29
N ILE M 15 -7.36 -34.95 -18.02
CA ILE M 15 -7.84 -33.60 -17.73
C ILE M 15 -9.15 -33.34 -18.47
N GLY M 16 -9.63 -34.29 -19.26
CA GLY M 16 -11.00 -34.23 -19.72
C GLY M 16 -11.94 -34.99 -18.81
N CYS M 17 -11.44 -36.04 -18.16
CA CYS M 17 -12.20 -36.68 -17.09
C CYS M 17 -12.32 -35.78 -15.88
N ALA M 18 -11.29 -34.98 -15.61
CA ALA M 18 -11.31 -34.12 -14.44
C ALA M 18 -12.16 -32.87 -14.68
N SER M 19 -12.07 -32.28 -15.88
CA SER M 19 -12.74 -31.02 -16.16
C SER M 19 -14.26 -31.16 -16.19
N ALA M 20 -14.77 -32.30 -16.64
CA ALA M 20 -16.21 -32.54 -16.75
C ALA M 20 -16.91 -32.63 -15.42
N ILE M 21 -16.17 -32.77 -14.32
CA ILE M 21 -16.76 -32.61 -12.99
C ILE M 21 -16.32 -31.31 -12.30
N ILE M 22 -15.13 -30.78 -12.61
CA ILE M 22 -14.67 -29.54 -11.99
C ILE M 22 -15.52 -28.36 -12.46
N PHE M 23 -15.56 -28.11 -13.77
CA PHE M 23 -16.26 -26.93 -14.26
C PHE M 23 -17.76 -27.11 -14.25
N THR M 24 -18.22 -28.35 -14.06
CA THR M 24 -19.63 -28.62 -13.89
C THR M 24 -20.06 -28.37 -12.45
N SER M 25 -19.30 -28.87 -11.48
CA SER M 25 -19.62 -28.68 -10.08
C SER M 25 -19.41 -27.25 -9.63
N LEU M 26 -18.50 -26.49 -10.24
CA LEU M 26 -18.40 -25.08 -9.85
C LEU M 26 -19.37 -24.19 -10.62
N GLY M 27 -20.27 -24.76 -11.40
CA GLY M 27 -21.42 -24.04 -11.90
C GLY M 27 -22.65 -24.47 -11.14
N ALA M 28 -22.71 -25.76 -10.80
CA ALA M 28 -23.74 -26.28 -9.92
C ALA M 28 -23.68 -25.66 -8.54
N ALA M 29 -22.48 -25.35 -8.05
CA ALA M 29 -22.32 -24.67 -6.78
C ALA M 29 -22.80 -23.24 -6.84
N TYR M 30 -22.60 -22.56 -7.97
CA TYR M 30 -23.15 -21.21 -8.13
C TYR M 30 -24.67 -21.25 -8.18
N GLY M 31 -25.23 -22.21 -8.93
CA GLY M 31 -26.68 -22.35 -8.99
C GLY M 31 -27.31 -22.78 -7.68
N THR M 32 -26.55 -23.48 -6.84
CA THR M 32 -27.04 -23.83 -5.51
C THR M 32 -26.93 -22.66 -4.55
N ALA M 33 -25.77 -21.99 -4.50
CA ALA M 33 -25.53 -20.93 -3.53
C ALA M 33 -26.35 -19.68 -3.83
N LYS M 34 -26.33 -19.22 -5.08
CA LYS M 34 -27.00 -17.97 -5.45
C LYS M 34 -28.51 -18.10 -5.36
N SER M 35 -29.05 -19.30 -5.56
CA SER M 35 -30.47 -19.53 -5.40
C SER M 35 -30.85 -19.95 -3.99
N GLY M 36 -29.89 -20.41 -3.17
CA GLY M 36 -30.19 -20.80 -1.81
C GLY M 36 -30.18 -19.61 -0.88
N VAL M 37 -29.37 -18.59 -1.19
CA VAL M 37 -29.51 -17.32 -0.47
C VAL M 37 -30.79 -16.58 -0.84
N GLY M 38 -31.46 -16.97 -1.92
CA GLY M 38 -32.76 -16.44 -2.25
C GLY M 38 -33.89 -17.24 -1.65
N ILE M 39 -33.62 -18.49 -1.26
CA ILE M 39 -34.62 -19.27 -0.54
C ILE M 39 -34.58 -18.92 0.94
N CYS M 40 -33.39 -18.85 1.52
CA CYS M 40 -33.24 -18.56 2.94
C CYS M 40 -33.63 -17.13 3.30
N ALA M 41 -33.62 -16.22 2.34
CA ALA M 41 -34.05 -14.85 2.60
C ALA M 41 -35.53 -14.63 2.33
N THR M 42 -36.18 -15.56 1.63
CA THR M 42 -37.59 -15.43 1.30
C THR M 42 -38.50 -16.23 2.22
N CYS M 43 -38.06 -17.43 2.62
CA CYS M 43 -38.88 -18.31 3.45
C CYS M 43 -38.83 -17.95 4.94
N VAL M 44 -38.30 -16.78 5.30
CA VAL M 44 -38.46 -16.30 6.67
C VAL M 44 -39.85 -15.72 6.89
N LEU M 45 -40.56 -15.39 5.81
CA LEU M 45 -41.94 -14.90 5.89
C LEU M 45 -42.95 -15.83 5.24
N ARG M 46 -42.54 -16.61 4.25
CA ARG M 46 -43.38 -17.62 3.61
C ARG M 46 -42.69 -18.98 3.70
N PRO M 47 -42.73 -19.64 4.87
CA PRO M 47 -42.06 -20.94 4.99
C PRO M 47 -42.88 -22.10 4.45
N ASP M 48 -44.14 -21.87 4.07
CA ASP M 48 -44.94 -22.91 3.43
C ASP M 48 -44.52 -23.15 1.98
N LEU M 49 -43.74 -22.23 1.40
CA LEU M 49 -43.25 -22.37 0.04
C LEU M 49 -41.82 -22.92 0.00
N LEU M 50 -41.38 -23.53 1.10
CA LEU M 50 -39.98 -23.94 1.24
C LEU M 50 -39.65 -25.11 0.33
N PHE M 51 -40.52 -26.12 0.28
CA PHE M 51 -40.31 -27.26 -0.58
C PHE M 51 -40.83 -27.04 -1.99
N LYS M 52 -41.30 -25.84 -2.30
CA LYS M 52 -41.67 -25.47 -3.66
C LYS M 52 -40.65 -24.56 -4.31
N ASN M 53 -39.97 -23.71 -3.55
CA ASN M 53 -38.93 -22.85 -4.09
C ASN M 53 -37.58 -23.53 -4.24
N ILE M 54 -37.48 -24.83 -3.95
CA ILE M 54 -36.18 -25.49 -3.88
C ILE M 54 -35.87 -26.16 -5.22
N VAL M 55 -36.78 -25.98 -6.18
CA VAL M 55 -36.63 -26.49 -7.54
C VAL M 55 -35.43 -25.87 -8.29
N PRO M 56 -35.05 -24.59 -8.13
CA PRO M 56 -33.76 -24.16 -8.69
C PRO M 56 -32.54 -24.90 -8.14
N VAL M 57 -32.56 -25.28 -6.86
CA VAL M 57 -31.44 -26.03 -6.29
C VAL M 57 -31.42 -27.46 -6.86
N ILE M 58 -32.59 -28.04 -7.11
CA ILE M 58 -32.67 -29.37 -7.70
C ILE M 58 -32.20 -29.34 -9.14
N MET M 59 -32.63 -28.34 -9.92
CA MET M 59 -32.19 -28.23 -11.30
C MET M 59 -30.74 -27.78 -11.43
N ALA M 60 -30.16 -27.19 -10.39
CA ALA M 60 -28.73 -27.00 -10.35
C ALA M 60 -27.98 -28.26 -9.93
N GLY M 61 -28.63 -29.16 -9.20
CA GLY M 61 -27.98 -30.42 -8.86
C GLY M 61 -28.05 -31.43 -9.98
N ILE M 62 -29.01 -31.27 -10.89
CA ILE M 62 -29.14 -32.18 -12.03
C ILE M 62 -27.98 -32.02 -13.00
N ILE M 63 -27.47 -30.80 -13.19
CA ILE M 63 -26.37 -30.62 -14.13
C ILE M 63 -25.07 -31.19 -13.59
N ALA M 64 -24.92 -31.28 -12.26
CA ALA M 64 -23.78 -31.99 -11.70
C ALA M 64 -23.85 -33.49 -11.96
N ILE M 65 -25.05 -34.07 -12.00
CA ILE M 65 -25.21 -35.46 -12.41
C ILE M 65 -24.89 -35.60 -13.90
N TYR M 66 -25.24 -34.57 -14.70
CA TYR M 66 -24.85 -34.53 -16.11
C TYR M 66 -23.33 -34.53 -16.27
N GLY M 67 -22.62 -33.88 -15.36
CA GLY M 67 -21.16 -33.92 -15.36
C GLY M 67 -20.61 -35.25 -14.87
N LEU M 68 -21.27 -35.83 -13.87
CA LEU M 68 -20.85 -37.10 -13.30
C LEU M 68 -20.92 -38.25 -14.30
N VAL M 69 -21.99 -38.30 -15.10
CA VAL M 69 -22.17 -39.36 -16.10
C VAL M 69 -21.06 -39.30 -17.14
N VAL M 70 -20.74 -38.10 -17.62
CA VAL M 70 -19.72 -37.94 -18.65
C VAL M 70 -18.32 -38.17 -18.07
N SER M 71 -18.10 -37.78 -16.81
CA SER M 71 -16.82 -38.10 -16.17
C SER M 71 -16.62 -39.59 -15.97
N VAL M 72 -17.66 -40.34 -15.62
CA VAL M 72 -17.55 -41.79 -15.51
C VAL M 72 -17.32 -42.43 -16.88
N LEU M 73 -18.01 -41.96 -17.91
CA LEU M 73 -17.85 -42.58 -19.23
C LEU M 73 -16.52 -42.21 -19.87
N VAL M 74 -15.94 -41.06 -19.53
CA VAL M 74 -14.58 -40.75 -20.00
C VAL M 74 -13.56 -41.52 -19.17
N CYS M 75 -13.83 -41.72 -17.87
CA CYS M 75 -12.94 -42.47 -17.00
C CYS M 75 -12.78 -43.91 -17.43
N TYR M 76 -13.88 -44.59 -17.74
CA TYR M 76 -13.80 -46.00 -18.12
C TYR M 76 -13.36 -46.23 -19.57
N SER M 77 -12.90 -45.19 -20.28
CA SER M 77 -12.27 -45.37 -21.59
C SER M 77 -10.83 -44.91 -21.60
N LEU M 78 -10.21 -44.76 -20.42
CA LEU M 78 -8.81 -44.41 -20.32
C LEU M 78 -7.93 -45.66 -20.31
N GLY M 79 -6.78 -45.56 -20.95
CA GLY M 79 -5.82 -46.64 -20.96
C GLY M 79 -4.42 -46.09 -21.05
N GLN M 80 -3.44 -46.95 -20.76
CA GLN M 80 -2.05 -46.53 -20.82
C GLN M 80 -1.62 -46.30 -22.26
N LYS M 81 -2.02 -47.18 -23.17
CA LYS M 81 -1.68 -47.09 -24.57
C LYS M 81 -2.97 -46.84 -25.33
N GLN M 82 -3.37 -45.58 -25.40
CA GLN M 82 -4.54 -45.17 -26.15
C GLN M 82 -4.10 -44.12 -27.17
N ALA M 83 -4.92 -43.98 -28.21
CA ALA M 83 -4.62 -43.03 -29.28
C ALA M 83 -4.71 -41.60 -28.77
N LEU M 84 -3.93 -40.72 -29.37
CA LEU M 84 -3.98 -39.31 -29.02
C LEU M 84 -5.28 -38.68 -29.49
N TYR M 85 -5.87 -39.24 -30.55
CA TYR M 85 -7.23 -38.89 -30.96
C TYR M 85 -8.24 -39.13 -29.85
N THR M 86 -8.08 -40.24 -29.12
CA THR M 86 -8.99 -40.53 -28.01
C THR M 86 -8.82 -39.53 -26.88
N GLY M 87 -7.58 -39.12 -26.61
CA GLY M 87 -7.35 -38.09 -25.60
C GLY M 87 -7.90 -36.73 -25.99
N PHE M 88 -7.78 -36.38 -27.28
CA PHE M 88 -8.36 -35.13 -27.77
C PHE M 88 -9.88 -35.14 -27.70
N ILE M 89 -10.49 -36.27 -28.05
CA ILE M 89 -11.95 -36.39 -28.00
C ILE M 89 -12.45 -36.34 -26.55
N GLN M 90 -11.73 -36.99 -25.63
CA GLN M 90 -12.13 -36.96 -24.23
C GLN M 90 -11.93 -35.59 -23.60
N LEU M 91 -10.87 -34.86 -24.00
CA LEU M 91 -10.73 -33.48 -23.57
C LEU M 91 -11.85 -32.60 -24.11
N GLY M 92 -12.22 -32.79 -25.38
CA GLY M 92 -13.34 -32.06 -25.95
C GLY M 92 -14.67 -32.34 -25.29
N ALA M 93 -14.94 -33.59 -24.95
CA ALA M 93 -16.14 -33.96 -24.22
C ALA M 93 -16.16 -33.41 -22.80
N GLY M 94 -15.02 -33.44 -22.11
CA GLY M 94 -14.94 -32.86 -20.78
C GLY M 94 -15.14 -31.36 -20.76
N LEU M 95 -14.52 -30.65 -21.70
CA LEU M 95 -14.75 -29.22 -21.82
C LEU M 95 -16.18 -28.89 -22.25
N SER M 96 -16.77 -29.70 -23.14
CA SER M 96 -18.13 -29.46 -23.62
C SER M 96 -19.15 -29.63 -22.51
N VAL M 97 -18.94 -30.59 -21.62
CA VAL M 97 -19.82 -30.69 -20.45
C VAL M 97 -19.51 -29.60 -19.43
N GLY M 98 -18.23 -29.40 -19.10
CA GLY M 98 -17.89 -28.55 -17.97
C GLY M 98 -18.18 -27.08 -18.21
N LEU M 99 -17.69 -26.54 -19.33
CA LEU M 99 -17.82 -25.11 -19.56
C LEU M 99 -19.17 -24.72 -20.14
N SER M 100 -20.06 -25.68 -20.41
CA SER M 100 -21.45 -25.37 -20.70
C SER M 100 -22.38 -25.63 -19.52
N GLY M 101 -22.03 -26.56 -18.63
CA GLY M 101 -22.74 -26.73 -17.38
C GLY M 101 -22.41 -25.61 -16.42
N LEU M 102 -21.23 -25.00 -16.58
CA LEU M 102 -20.92 -23.76 -15.87
C LEU M 102 -21.84 -22.63 -16.30
N ALA M 103 -22.12 -22.54 -17.60
CA ALA M 103 -23.03 -21.52 -18.10
C ALA M 103 -24.46 -21.80 -17.65
N ALA M 104 -24.90 -23.06 -17.73
CA ALA M 104 -26.20 -23.45 -17.23
C ALA M 104 -26.36 -23.21 -15.74
N GLY M 105 -25.31 -23.43 -14.94
CA GLY M 105 -25.35 -23.11 -13.53
C GLY M 105 -25.38 -21.63 -13.23
N PHE M 106 -24.63 -20.81 -14.00
CA PHE M 106 -24.74 -19.36 -13.87
C PHE M 106 -26.16 -18.89 -14.18
N ALA M 107 -26.76 -19.41 -15.24
CA ALA M 107 -28.11 -19.02 -15.62
C ALA M 107 -29.15 -19.47 -14.60
N ILE M 108 -29.05 -20.70 -14.09
CA ILE M 108 -29.94 -21.16 -13.03
C ILE M 108 -29.76 -20.36 -11.75
N GLY M 109 -28.53 -20.01 -11.39
CA GLY M 109 -28.29 -19.20 -10.21
C GLY M 109 -28.83 -17.78 -10.30
N ILE M 110 -28.70 -17.15 -11.46
CA ILE M 110 -29.20 -15.79 -11.62
C ILE M 110 -30.73 -15.78 -11.76
N VAL M 111 -31.30 -16.77 -12.46
CA VAL M 111 -32.75 -16.81 -12.61
C VAL M 111 -33.46 -17.27 -11.33
N GLY M 112 -32.84 -18.17 -10.56
CA GLY M 112 -33.56 -18.83 -9.48
C GLY M 112 -33.85 -17.94 -8.29
N ASP M 113 -32.88 -17.14 -7.87
CA ASP M 113 -33.15 -16.23 -6.76
C ASP M 113 -34.06 -15.08 -7.17
N ALA M 114 -33.99 -14.65 -8.44
CA ALA M 114 -34.95 -13.67 -8.91
C ALA M 114 -36.35 -14.24 -9.01
N GLY M 115 -36.48 -15.55 -9.23
CA GLY M 115 -37.77 -16.18 -9.31
C GLY M 115 -38.37 -16.50 -7.96
N VAL M 116 -37.56 -16.93 -7.00
CA VAL M 116 -38.12 -17.28 -5.70
C VAL M 116 -38.39 -16.05 -4.83
N ARG M 117 -37.68 -14.94 -5.06
CA ARG M 117 -38.02 -13.69 -4.39
C ARG M 117 -39.26 -13.04 -4.97
N GLY M 118 -39.64 -13.42 -6.19
CA GLY M 118 -40.80 -12.85 -6.84
C GLY M 118 -42.02 -13.75 -6.76
N SER M 119 -41.82 -15.04 -6.50
CA SER M 119 -42.94 -15.97 -6.42
C SER M 119 -43.67 -15.91 -5.09
N SER M 120 -43.16 -15.16 -4.12
CA SER M 120 -43.87 -14.97 -2.86
C SER M 120 -44.70 -13.70 -2.85
N GLN M 121 -44.45 -12.76 -3.77
CA GLN M 121 -45.36 -11.65 -3.95
C GLN M 121 -46.49 -12.02 -4.89
N GLN M 122 -46.17 -12.72 -5.97
CA GLN M 122 -47.16 -13.19 -6.94
C GLN M 122 -47.02 -14.70 -7.11
N PRO M 123 -48.00 -15.50 -6.69
CA PRO M 123 -47.86 -16.96 -6.83
C PRO M 123 -48.02 -17.47 -8.24
N ARG M 124 -48.39 -16.63 -9.20
CA ARG M 124 -48.51 -17.05 -10.58
C ARG M 124 -47.21 -16.86 -11.36
N LEU M 125 -46.14 -16.48 -10.67
CA LEU M 125 -44.81 -16.39 -11.25
C LEU M 125 -44.00 -17.68 -11.09
N PHE M 126 -44.50 -18.64 -10.31
CA PHE M 126 -43.78 -19.91 -10.15
C PHE M 126 -43.76 -20.71 -11.46
N VAL M 127 -44.87 -20.70 -12.20
CA VAL M 127 -44.91 -21.42 -13.47
C VAL M 127 -44.10 -20.69 -14.54
N GLY M 128 -43.78 -19.41 -14.33
CA GLY M 128 -42.88 -18.70 -15.21
C GLY M 128 -41.44 -18.95 -14.83
N MET M 129 -41.18 -19.12 -13.53
CA MET M 129 -39.84 -19.45 -13.06
C MET M 129 -39.42 -20.82 -13.56
N ILE M 130 -40.34 -21.80 -13.50
CA ILE M 130 -40.07 -23.12 -14.05
C ILE M 130 -39.84 -23.05 -15.55
N LEU M 131 -40.57 -22.18 -16.24
CA LEU M 131 -40.46 -22.08 -17.70
C LEU M 131 -39.12 -21.46 -18.11
N ILE M 132 -38.68 -20.41 -17.42
CA ILE M 132 -37.38 -19.83 -17.72
C ILE M 132 -36.25 -20.78 -17.28
N LEU M 133 -36.48 -21.52 -16.20
CA LEU M 133 -35.45 -22.36 -15.62
C LEU M 133 -35.25 -23.64 -16.41
N ILE M 134 -36.26 -24.12 -17.16
CA ILE M 134 -36.06 -25.21 -18.10
C ILE M 134 -35.16 -24.80 -19.26
N PHE M 135 -35.35 -23.58 -19.78
CA PHE M 135 -34.45 -23.06 -20.80
C PHE M 135 -33.04 -22.85 -20.26
N ALA M 136 -32.93 -22.43 -19.00
CA ALA M 136 -31.62 -22.28 -18.38
C ALA M 136 -30.95 -23.61 -18.08
N GLU M 137 -31.73 -24.67 -17.89
CA GLU M 137 -31.21 -25.98 -17.53
C GLU M 137 -30.92 -26.87 -18.72
N VAL M 138 -31.56 -26.62 -19.87
CA VAL M 138 -31.29 -27.40 -21.08
C VAL M 138 -29.96 -27.04 -21.71
N LEU M 139 -29.32 -25.94 -21.28
CA LEU M 139 -28.01 -25.56 -21.78
C LEU M 139 -26.94 -26.57 -21.37
N GLY M 140 -27.10 -27.21 -20.21
CA GLY M 140 -26.20 -28.28 -19.84
C GLY M 140 -26.53 -29.60 -20.50
N LEU M 141 -27.81 -29.82 -20.80
CA LEU M 141 -28.21 -31.03 -21.53
C LEU M 141 -27.69 -31.02 -22.96
N TYR M 142 -27.61 -29.84 -23.58
CA TYR M 142 -26.98 -29.73 -24.89
C TYR M 142 -25.50 -30.10 -24.84
N GLY M 143 -24.78 -29.64 -23.81
CA GLY M 143 -23.40 -30.02 -23.64
C GLY M 143 -23.22 -31.50 -23.36
N LEU M 144 -24.16 -32.10 -22.61
CA LEU M 144 -24.13 -33.55 -22.41
C LEU M 144 -24.36 -34.31 -23.71
N ILE M 145 -25.25 -33.81 -24.58
CA ILE M 145 -25.46 -34.45 -25.88
C ILE M 145 -24.20 -34.37 -26.74
N VAL M 146 -23.53 -33.21 -26.74
CA VAL M 146 -22.30 -33.05 -27.51
C VAL M 146 -21.20 -33.95 -26.96
N ALA M 147 -21.09 -34.06 -25.63
CA ALA M 147 -20.04 -34.90 -25.06
C ALA M 147 -20.31 -36.38 -25.25
N LEU M 148 -21.57 -36.81 -25.20
CA LEU M 148 -21.87 -38.21 -25.49
C LEU M 148 -21.68 -38.55 -26.97
N LEU M 149 -22.00 -37.63 -27.88
CA LEU M 149 -21.70 -37.89 -29.28
C LEU M 149 -20.22 -37.85 -29.58
N LEU M 150 -19.43 -37.08 -28.81
CA LEU M 150 -17.98 -37.18 -28.91
C LEU M 150 -17.48 -38.52 -28.38
N ASN M 151 -17.93 -38.91 -27.18
CA ASN M 151 -17.42 -40.09 -26.52
C ASN M 151 -17.84 -41.38 -27.22
N SER M 152 -18.91 -41.33 -28.01
CA SER M 152 -19.22 -42.47 -28.86
C SER M 152 -18.27 -42.57 -30.05
N ARG M 153 -17.64 -41.46 -30.43
CA ARG M 153 -16.67 -41.41 -31.52
C ARG M 153 -15.24 -41.59 -31.06
N ALA M 154 -15.01 -41.86 -29.77
CA ALA M 154 -13.65 -41.79 -29.22
C ALA M 154 -12.80 -42.97 -29.67
N THR M 155 -13.29 -44.18 -29.46
CA THR M 155 -12.54 -45.40 -29.76
C THR M 155 -13.24 -46.22 -30.84
N GLN M 156 -13.80 -45.56 -31.85
CA GLN M 156 -14.57 -46.28 -32.86
C GLN M 156 -13.66 -46.95 -33.89
N ASP M 157 -12.90 -46.15 -34.63
CA ASP M 157 -12.01 -46.64 -35.66
C ASP M 157 -10.57 -46.24 -35.37
N VAL M 158 -10.16 -46.37 -34.11
CA VAL M 158 -8.79 -46.05 -33.73
C VAL M 158 -7.89 -47.25 -34.02
N VAL M 159 -6.66 -46.96 -34.43
CA VAL M 159 -5.65 -47.96 -34.69
C VAL M 159 -4.39 -47.59 -33.92
N CYS M 160 -3.42 -48.50 -33.95
CA CYS M 160 -2.10 -48.43 -33.29
C CYS M 160 -2.18 -48.35 -31.75
N GLU N 3 11.00 -44.64 -21.21
CA GLU N 3 10.27 -44.24 -22.40
C GLU N 3 8.79 -44.22 -22.10
N LEU N 4 8.34 -45.17 -21.30
CA LEU N 4 6.95 -45.29 -20.92
C LEU N 4 6.72 -45.09 -19.43
N CYS N 5 7.74 -45.34 -18.61
CA CYS N 5 7.74 -45.02 -17.18
C CYS N 5 8.94 -44.11 -16.92
N PRO N 6 8.84 -42.82 -17.24
CA PRO N 6 10.00 -41.93 -17.16
C PRO N 6 10.35 -41.58 -15.72
N VAL N 7 11.42 -40.80 -15.56
CA VAL N 7 11.90 -40.46 -14.23
C VAL N 7 11.13 -39.30 -13.63
N TYR N 8 10.59 -38.40 -14.46
CA TYR N 8 9.79 -37.28 -13.99
C TYR N 8 8.32 -37.64 -13.82
N ALA N 9 7.96 -38.90 -14.01
CA ALA N 9 6.59 -39.39 -13.90
C ALA N 9 5.92 -39.26 -12.52
N PRO N 10 6.57 -39.42 -11.37
CA PRO N 10 5.86 -39.15 -10.11
C PRO N 10 5.59 -37.69 -9.80
N PHE N 11 6.01 -36.74 -10.65
CA PHE N 11 5.69 -35.32 -10.42
C PHE N 11 4.20 -35.07 -10.51
N PHE N 12 3.54 -35.68 -11.49
CA PHE N 12 2.11 -35.47 -11.67
C PHE N 12 1.31 -36.12 -10.56
N GLY N 13 1.72 -37.31 -10.13
CA GLY N 13 1.10 -37.94 -8.97
C GLY N 13 1.34 -37.19 -7.68
N ALA N 14 2.51 -36.56 -7.54
CA ALA N 14 2.81 -35.79 -6.34
C ALA N 14 1.98 -34.52 -6.27
N ILE N 15 1.86 -33.80 -7.39
CA ILE N 15 1.00 -32.60 -7.37
C ILE N 15 -0.48 -32.96 -7.37
N GLY N 16 -0.86 -34.16 -7.80
CA GLY N 16 -2.21 -34.62 -7.62
C GLY N 16 -2.52 -34.97 -6.18
N CYS N 17 -1.54 -35.54 -5.47
CA CYS N 17 -1.70 -35.77 -4.04
C CYS N 17 -1.71 -34.47 -3.26
N ALA N 18 -0.99 -33.45 -3.76
CA ALA N 18 -0.99 -32.15 -3.11
C ALA N 18 -2.30 -31.40 -3.31
N SER N 19 -2.83 -31.40 -4.55
CA SER N 19 -4.00 -30.59 -4.90
C SER N 19 -5.26 -31.02 -4.17
N ALA N 20 -5.41 -32.32 -3.93
CA ALA N 20 -6.55 -32.87 -3.19
C ALA N 20 -6.55 -32.48 -1.71
N ILE N 21 -5.45 -31.93 -1.19
CA ILE N 21 -5.44 -31.29 0.11
C ILE N 21 -5.53 -29.78 -0.01
N ILE N 22 -4.83 -29.19 -0.98
CA ILE N 22 -4.75 -27.73 -1.14
C ILE N 22 -6.13 -27.14 -1.41
N PHE N 23 -6.77 -27.56 -2.52
CA PHE N 23 -8.00 -26.90 -2.92
C PHE N 23 -9.18 -27.36 -2.07
N THR N 24 -9.08 -28.58 -1.53
CA THR N 24 -10.14 -29.09 -0.69
C THR N 24 -10.14 -28.42 0.67
N SER N 25 -8.95 -28.19 1.25
CA SER N 25 -8.85 -27.47 2.50
C SER N 25 -9.17 -25.99 2.32
N LEU N 26 -8.90 -25.44 1.13
CA LEU N 26 -9.30 -24.07 0.84
C LEU N 26 -10.82 -23.93 0.79
N GLY N 27 -11.51 -24.85 0.11
CA GLY N 27 -12.96 -24.84 0.10
C GLY N 27 -13.58 -25.12 1.46
N ALA N 28 -13.04 -26.08 2.21
CA ALA N 28 -13.52 -26.36 3.55
C ALA N 28 -13.28 -25.20 4.50
N ALA N 29 -12.19 -24.47 4.31
CA ALA N 29 -11.90 -23.30 5.14
C ALA N 29 -12.86 -22.16 4.83
N TYR N 30 -13.18 -21.96 3.55
CA TYR N 30 -14.21 -20.98 3.20
C TYR N 30 -15.56 -21.36 3.79
N GLY N 31 -15.93 -22.64 3.71
CA GLY N 31 -17.21 -23.08 4.22
C GLY N 31 -17.32 -23.02 5.74
N THR N 32 -16.21 -23.25 6.45
CA THR N 32 -16.23 -23.05 7.89
C THR N 32 -16.20 -21.58 8.29
N ALA N 33 -15.38 -20.76 7.62
CA ALA N 33 -15.24 -19.36 8.00
C ALA N 33 -16.50 -18.55 7.74
N LYS N 34 -17.04 -18.63 6.51
CA LYS N 34 -18.18 -17.77 6.17
C LYS N 34 -19.45 -18.20 6.88
N SER N 35 -19.58 -19.49 7.18
CA SER N 35 -20.73 -19.92 7.97
C SER N 35 -20.56 -19.66 9.46
N GLY N 36 -19.32 -19.74 9.99
CA GLY N 36 -19.09 -19.41 11.38
C GLY N 36 -19.28 -17.95 11.68
N VAL N 37 -19.06 -17.07 10.69
CA VAL N 37 -19.43 -15.66 10.84
C VAL N 37 -20.93 -15.52 11.10
N GLY N 38 -21.76 -16.23 10.35
CA GLY N 38 -23.20 -16.20 10.58
C GLY N 38 -23.64 -16.84 11.87
N ILE N 39 -22.96 -17.92 12.30
CA ILE N 39 -23.25 -18.56 13.57
C ILE N 39 -22.95 -17.60 14.73
N CYS N 40 -21.77 -16.99 14.71
CA CYS N 40 -21.40 -16.06 15.76
C CYS N 40 -22.18 -14.75 15.69
N ALA N 41 -22.77 -14.43 14.54
CA ALA N 41 -23.57 -13.22 14.41
C ALA N 41 -25.03 -13.42 14.79
N THR N 42 -25.56 -14.65 14.71
CA THR N 42 -26.95 -14.88 15.05
C THR N 42 -27.18 -15.48 16.43
N CYS N 43 -26.17 -16.13 17.01
CA CYS N 43 -26.32 -16.69 18.35
C CYS N 43 -25.96 -15.68 19.44
N VAL N 44 -25.90 -14.40 19.09
CA VAL N 44 -25.84 -13.34 20.10
C VAL N 44 -27.16 -13.27 20.86
N LEU N 45 -28.27 -13.18 20.12
CA LEU N 45 -29.59 -13.11 20.73
C LEU N 45 -30.33 -14.43 20.66
N ARG N 46 -29.76 -15.45 20.03
CA ARG N 46 -30.34 -16.80 19.97
C ARG N 46 -29.31 -17.80 20.47
N PRO N 47 -29.10 -17.89 21.79
CA PRO N 47 -28.03 -18.76 22.29
C PRO N 47 -28.37 -20.23 22.23
N ASP N 48 -29.65 -20.60 22.26
CA ASP N 48 -30.05 -21.99 22.30
C ASP N 48 -29.88 -22.69 20.96
N LEU N 49 -29.76 -21.94 19.86
CA LEU N 49 -29.54 -22.50 18.54
C LEU N 49 -28.06 -22.62 18.21
N LEU N 50 -27.18 -22.63 19.21
CA LEU N 50 -25.75 -22.60 18.96
C LEU N 50 -25.23 -23.92 18.41
N PHE N 51 -25.86 -25.04 18.78
CA PHE N 51 -25.40 -26.36 18.33
C PHE N 51 -26.21 -26.91 17.17
N LYS N 52 -27.37 -26.33 16.87
CA LYS N 52 -28.06 -26.63 15.62
C LYS N 52 -27.39 -25.96 14.43
N ASN N 53 -26.66 -24.88 14.66
CA ASN N 53 -26.05 -24.11 13.57
C ASN N 53 -24.67 -24.63 13.17
N ILE N 54 -24.11 -25.60 13.88
CA ILE N 54 -22.79 -26.14 13.54
C ILE N 54 -22.83 -27.01 12.29
N VAL N 55 -24.03 -27.36 11.81
CA VAL N 55 -24.16 -28.30 10.69
C VAL N 55 -23.59 -27.78 9.38
N PRO N 56 -23.62 -26.47 9.06
CA PRO N 56 -22.75 -25.99 7.97
C PRO N 56 -21.25 -26.22 8.19
N VAL N 57 -20.75 -26.03 9.42
CA VAL N 57 -19.32 -26.19 9.67
C VAL N 57 -18.91 -27.66 9.62
N ILE N 58 -19.74 -28.54 10.18
CA ILE N 58 -19.50 -29.98 10.07
C ILE N 58 -19.63 -30.43 8.61
N MET N 59 -20.59 -29.85 7.89
CA MET N 59 -20.84 -30.16 6.49
C MET N 59 -19.66 -29.75 5.62
N ALA N 60 -18.96 -28.69 6.00
CA ALA N 60 -17.74 -28.28 5.32
C ALA N 60 -16.52 -29.08 5.76
N GLY N 61 -16.49 -29.56 7.01
CA GLY N 61 -15.41 -30.44 7.44
C GLY N 61 -15.42 -31.80 6.78
N ILE N 62 -16.60 -32.29 6.41
CA ILE N 62 -16.67 -33.57 5.68
C ILE N 62 -16.05 -33.42 4.28
N ILE N 63 -16.03 -32.21 3.71
CA ILE N 63 -15.33 -31.98 2.46
C ILE N 63 -13.83 -32.19 2.64
N ALA N 64 -13.23 -31.64 3.69
CA ALA N 64 -11.83 -31.87 3.97
C ALA N 64 -11.53 -33.33 4.30
N ILE N 65 -12.47 -34.03 4.92
CA ILE N 65 -12.30 -35.49 5.10
C ILE N 65 -12.31 -36.20 3.74
N TYR N 66 -13.17 -35.77 2.81
CA TYR N 66 -13.16 -36.30 1.44
C TYR N 66 -11.83 -36.08 0.75
N GLY N 67 -11.22 -34.92 0.95
CA GLY N 67 -9.93 -34.64 0.36
C GLY N 67 -8.81 -35.45 1.00
N LEU N 68 -8.90 -35.61 2.32
CA LEU N 68 -7.94 -36.40 3.09
C LEU N 68 -7.91 -37.85 2.64
N VAL N 69 -9.09 -38.46 2.44
CA VAL N 69 -9.16 -39.87 2.04
C VAL N 69 -8.54 -40.08 0.67
N VAL N 70 -8.87 -39.22 -0.29
CA VAL N 70 -8.38 -39.39 -1.66
C VAL N 70 -6.89 -39.10 -1.74
N SER N 71 -6.40 -38.13 -0.95
CA SER N 71 -4.98 -37.84 -0.97
C SER N 71 -4.16 -38.94 -0.32
N VAL N 72 -4.65 -39.55 0.76
CA VAL N 72 -3.97 -40.70 1.36
C VAL N 72 -3.98 -41.90 0.40
N LEU N 73 -5.10 -42.10 -0.29
CA LEU N 73 -5.19 -43.26 -1.17
C LEU N 73 -4.38 -43.07 -2.45
N VAL N 74 -4.13 -41.82 -2.86
CA VAL N 74 -3.17 -41.54 -3.92
C VAL N 74 -1.75 -41.73 -3.42
N CYS N 75 -1.47 -41.24 -2.20
CA CYS N 75 -0.15 -41.36 -1.56
C CYS N 75 0.32 -42.80 -1.45
N TYR N 76 -0.60 -43.72 -1.17
CA TYR N 76 -0.19 -45.13 -1.11
C TYR N 76 -0.14 -45.82 -2.47
N SER N 77 -0.06 -45.07 -3.57
CA SER N 77 0.20 -45.64 -4.88
C SER N 77 1.30 -44.91 -5.64
N LEU N 78 1.91 -43.90 -5.04
CA LEU N 78 3.08 -43.26 -5.63
C LEU N 78 4.28 -44.20 -5.58
N GLY N 79 4.97 -44.33 -6.71
CA GLY N 79 6.16 -45.16 -6.77
C GLY N 79 7.27 -44.43 -7.49
N GLN N 80 8.49 -44.93 -7.29
CA GLN N 80 9.64 -44.35 -7.97
C GLN N 80 9.64 -44.71 -9.44
N LYS N 81 9.46 -45.99 -9.74
CA LYS N 81 9.37 -46.48 -11.11
C LYS N 81 7.89 -46.57 -11.51
N GLN N 82 7.27 -45.39 -11.55
CA GLN N 82 5.85 -45.22 -11.77
C GLN N 82 5.59 -44.89 -13.23
N ALA N 83 4.48 -45.39 -13.76
CA ALA N 83 4.08 -45.06 -15.11
C ALA N 83 3.65 -43.61 -15.21
N LEU N 84 3.83 -43.03 -16.40
CA LEU N 84 3.37 -41.67 -16.64
C LEU N 84 1.86 -41.61 -16.77
N TYR N 85 1.26 -42.71 -17.24
CA TYR N 85 -0.19 -42.88 -17.18
C TYR N 85 -0.70 -42.81 -15.74
N THR N 86 0.03 -43.46 -14.82
CA THR N 86 -0.37 -43.45 -13.41
C THR N 86 -0.27 -42.05 -12.81
N GLY N 87 0.76 -41.30 -13.19
CA GLY N 87 0.86 -39.92 -12.73
C GLY N 87 -0.22 -39.03 -13.30
N PHE N 88 -0.59 -39.25 -14.57
CA PHE N 88 -1.69 -38.51 -15.18
C PHE N 88 -3.03 -38.81 -14.51
N ILE N 89 -3.27 -40.08 -14.18
CA ILE N 89 -4.51 -40.47 -13.52
C ILE N 89 -4.56 -39.91 -12.10
N GLN N 90 -3.43 -39.92 -11.40
CA GLN N 90 -3.42 -39.38 -10.04
C GLN N 90 -3.54 -37.85 -10.04
N LEU N 91 -3.01 -37.18 -11.08
CA LEU N 91 -3.21 -35.74 -11.22
C LEU N 91 -4.67 -35.42 -11.50
N GLY N 92 -5.32 -36.18 -12.38
CA GLY N 92 -6.73 -36.02 -12.63
C GLY N 92 -7.61 -36.30 -11.43
N ALA N 93 -7.30 -37.33 -10.65
CA ALA N 93 -8.02 -37.65 -9.43
C ALA N 93 -7.77 -36.64 -8.32
N GLY N 94 -6.62 -35.99 -8.30
CA GLY N 94 -6.39 -34.94 -7.32
C GLY N 94 -7.14 -33.68 -7.67
N LEU N 95 -7.11 -33.29 -8.95
CA LEU N 95 -7.88 -32.12 -9.39
C LEU N 95 -9.37 -32.35 -9.24
N SER N 96 -9.85 -33.56 -9.51
CA SER N 96 -11.27 -33.87 -9.44
C SER N 96 -11.83 -33.79 -8.03
N VAL N 97 -11.02 -34.07 -7.01
CA VAL N 97 -11.44 -33.85 -5.63
C VAL N 97 -11.23 -32.41 -5.20
N GLY N 98 -10.05 -31.84 -5.49
CA GLY N 98 -9.73 -30.51 -5.05
C GLY N 98 -10.61 -29.40 -5.58
N LEU N 99 -10.71 -29.30 -6.90
CA LEU N 99 -11.45 -28.19 -7.48
C LEU N 99 -12.95 -28.41 -7.50
N SER N 100 -13.43 -29.58 -7.06
CA SER N 100 -14.85 -29.79 -6.79
C SER N 100 -15.19 -29.62 -5.32
N GLY N 101 -14.27 -29.93 -4.41
CA GLY N 101 -14.46 -29.66 -3.01
C GLY N 101 -14.35 -28.19 -2.71
N LEU N 102 -13.54 -27.47 -3.50
CA LEU N 102 -13.54 -26.00 -3.46
C LEU N 102 -14.90 -25.44 -3.85
N ALA N 103 -15.54 -26.03 -4.85
CA ALA N 103 -16.85 -25.60 -5.29
C ALA N 103 -17.91 -25.88 -4.23
N ALA N 104 -17.91 -27.11 -3.70
CA ALA N 104 -18.84 -27.48 -2.62
C ALA N 104 -18.61 -26.66 -1.37
N GLY N 105 -17.37 -26.26 -1.09
CA GLY N 105 -17.10 -25.39 0.05
C GLY N 105 -17.58 -23.98 -0.16
N PHE N 106 -17.41 -23.44 -1.38
CA PHE N 106 -18.04 -22.16 -1.73
C PHE N 106 -19.55 -22.20 -1.54
N ALA N 107 -20.18 -23.29 -2.02
CA ALA N 107 -21.63 -23.41 -1.94
C ALA N 107 -22.11 -23.53 -0.51
N ILE N 108 -21.43 -24.33 0.31
CA ILE N 108 -21.80 -24.46 1.72
C ILE N 108 -21.53 -23.18 2.49
N GLY N 109 -20.44 -22.48 2.18
CA GLY N 109 -20.17 -21.23 2.86
C GLY N 109 -21.15 -20.11 2.54
N ILE N 110 -21.66 -20.09 1.31
CA ILE N 110 -22.63 -19.06 0.94
C ILE N 110 -24.05 -19.46 1.33
N VAL N 111 -24.38 -20.75 1.34
CA VAL N 111 -25.72 -21.17 1.77
C VAL N 111 -25.84 -21.09 3.30
N GLY N 112 -24.83 -21.56 4.02
CA GLY N 112 -24.98 -21.82 5.44
C GLY N 112 -25.11 -20.58 6.31
N ASP N 113 -24.42 -19.49 5.95
CA ASP N 113 -24.60 -18.29 6.75
C ASP N 113 -25.96 -17.66 6.55
N ALA N 114 -26.47 -17.65 5.31
CA ALA N 114 -27.85 -17.20 5.07
C ALA N 114 -28.86 -18.13 5.73
N GLY N 115 -28.57 -19.43 5.80
CA GLY N 115 -29.45 -20.37 6.44
C GLY N 115 -29.49 -20.23 7.95
N VAL N 116 -28.35 -19.93 8.57
CA VAL N 116 -28.36 -19.72 10.03
C VAL N 116 -28.80 -18.30 10.38
N ARG N 117 -28.77 -17.36 9.42
CA ARG N 117 -29.38 -16.06 9.64
C ARG N 117 -30.90 -16.09 9.48
N GLY N 118 -31.42 -16.94 8.59
CA GLY N 118 -32.85 -17.05 8.44
C GLY N 118 -33.49 -18.06 9.38
N SER N 119 -32.71 -19.04 9.85
CA SER N 119 -33.24 -20.05 10.75
C SER N 119 -33.35 -19.56 12.18
N SER N 120 -32.65 -18.49 12.53
CA SER N 120 -32.86 -17.84 13.81
C SER N 120 -34.15 -17.03 13.82
N GLN N 121 -34.61 -16.60 12.65
CA GLN N 121 -35.85 -15.84 12.51
C GLN N 121 -37.05 -16.72 12.21
N GLN N 122 -36.85 -17.86 11.54
CA GLN N 122 -37.92 -18.78 11.19
C GLN N 122 -37.47 -20.18 11.56
N PRO N 123 -38.13 -20.86 12.49
CA PRO N 123 -37.66 -22.19 12.90
C PRO N 123 -37.92 -23.28 11.88
N ARG N 124 -38.83 -23.07 10.92
CA ARG N 124 -39.11 -24.07 9.90
C ARG N 124 -38.17 -23.98 8.71
N LEU N 125 -37.22 -23.04 8.70
CA LEU N 125 -36.26 -22.93 7.63
C LEU N 125 -35.05 -23.83 7.84
N PHE N 126 -34.94 -24.48 9.01
CA PHE N 126 -33.80 -25.32 9.31
C PHE N 126 -33.76 -26.56 8.42
N VAL N 127 -34.92 -27.18 8.20
CA VAL N 127 -34.99 -28.37 7.34
C VAL N 127 -34.64 -28.03 5.90
N GLY N 128 -35.10 -26.87 5.41
CA GLY N 128 -34.68 -26.39 4.12
C GLY N 128 -33.20 -26.07 4.02
N MET N 129 -32.61 -25.51 5.08
CA MET N 129 -31.16 -25.29 5.10
C MET N 129 -30.40 -26.60 5.01
N ILE N 130 -30.83 -27.62 5.77
CA ILE N 130 -30.16 -28.93 5.75
C ILE N 130 -30.29 -29.57 4.37
N LEU N 131 -31.45 -29.40 3.72
CA LEU N 131 -31.62 -30.01 2.39
C LEU N 131 -30.78 -29.30 1.33
N ILE N 132 -30.68 -27.97 1.38
CA ILE N 132 -29.82 -27.25 0.44
C ILE N 132 -28.35 -27.57 0.71
N LEU N 133 -27.98 -27.77 1.98
CA LEU N 133 -26.60 -28.17 2.27
C LEU N 133 -26.30 -29.60 1.83
N ILE N 134 -27.29 -30.49 1.82
CA ILE N 134 -27.08 -31.81 1.23
C ILE N 134 -26.86 -31.71 -0.27
N PHE N 135 -27.66 -30.88 -0.95
CA PHE N 135 -27.44 -30.63 -2.38
C PHE N 135 -26.12 -29.92 -2.66
N ALA N 136 -25.58 -29.20 -1.68
CA ALA N 136 -24.29 -28.55 -1.88
C ALA N 136 -23.11 -29.48 -1.55
N GLU N 137 -23.29 -30.42 -0.62
CA GLU N 137 -22.23 -31.35 -0.25
C GLU N 137 -22.11 -32.47 -1.26
N VAL N 138 -23.20 -32.79 -1.97
CA VAL N 138 -23.16 -33.87 -2.95
C VAL N 138 -22.29 -33.53 -4.15
N LEU N 139 -21.93 -32.26 -4.35
CA LEU N 139 -20.96 -31.90 -5.38
C LEU N 139 -19.57 -32.44 -5.06
N GLY N 140 -19.10 -32.20 -3.83
CA GLY N 140 -17.85 -32.78 -3.39
C GLY N 140 -17.92 -34.29 -3.28
N LEU N 141 -19.11 -34.83 -2.97
CA LEU N 141 -19.28 -36.28 -3.03
C LEU N 141 -19.13 -36.82 -4.45
N TYR N 142 -19.65 -36.09 -5.45
CA TYR N 142 -19.45 -36.46 -6.86
C TYR N 142 -17.99 -36.42 -7.26
N GLY N 143 -17.27 -35.38 -6.80
CA GLY N 143 -15.84 -35.33 -7.06
C GLY N 143 -15.07 -36.47 -6.44
N LEU N 144 -15.44 -36.87 -5.22
CA LEU N 144 -14.84 -38.04 -4.59
C LEU N 144 -15.18 -39.33 -5.33
N ILE N 145 -16.41 -39.46 -5.83
CA ILE N 145 -16.80 -40.63 -6.61
C ILE N 145 -15.97 -40.74 -7.90
N VAL N 146 -15.78 -39.60 -8.59
CA VAL N 146 -14.99 -39.58 -9.81
C VAL N 146 -13.54 -39.93 -9.52
N ALA N 147 -12.98 -39.40 -8.43
CA ALA N 147 -11.58 -39.69 -8.14
C ALA N 147 -11.37 -41.10 -7.59
N LEU N 148 -12.36 -41.70 -6.94
CA LEU N 148 -12.18 -43.08 -6.50
C LEU N 148 -12.38 -44.06 -7.64
N LEU N 149 -13.27 -43.75 -8.60
CA LEU N 149 -13.36 -44.58 -9.80
C LEU N 149 -12.15 -44.38 -10.69
N LEU N 150 -11.51 -43.21 -10.64
CA LEU N 150 -10.36 -42.93 -11.47
C LEU N 150 -9.09 -43.54 -10.88
N ASN N 151 -8.89 -43.40 -9.56
CA ASN N 151 -7.71 -43.90 -8.88
C ASN N 151 -7.65 -45.43 -8.90
N SER N 152 -8.80 -46.09 -8.99
CA SER N 152 -8.82 -47.55 -9.10
C SER N 152 -8.34 -48.04 -10.46
N ARG N 153 -8.29 -47.17 -11.47
CA ARG N 153 -7.78 -47.54 -12.78
C ARG N 153 -6.28 -47.31 -12.93
N ALA N 154 -5.69 -46.44 -12.12
CA ALA N 154 -4.24 -46.37 -12.03
C ALA N 154 -3.72 -47.69 -11.49
N THR N 155 -2.72 -48.25 -12.18
CA THR N 155 -2.15 -49.59 -11.94
C THR N 155 -3.24 -50.66 -12.05
N GLN N 156 -3.78 -50.76 -13.27
CA GLN N 156 -4.54 -51.95 -13.69
C GLN N 156 -3.82 -52.68 -14.81
N ASP N 157 -3.50 -52.00 -15.90
CA ASP N 157 -2.79 -52.59 -17.02
C ASP N 157 -1.51 -51.81 -17.33
N VAL N 158 -0.88 -51.25 -16.31
CA VAL N 158 0.38 -50.55 -16.52
C VAL N 158 1.50 -51.56 -16.76
N VAL N 159 2.51 -51.12 -17.51
CA VAL N 159 3.56 -52.00 -17.99
C VAL N 159 4.84 -51.16 -18.07
N CYS N 160 5.96 -51.85 -18.33
CA CYS N 160 7.32 -51.28 -18.41
C CYS N 160 7.74 -50.58 -17.13
N ASN O 8 23.54 -42.31 -11.87
CA ASN O 8 22.21 -42.82 -11.57
C ASN O 8 21.17 -41.93 -12.23
N ILE O 9 20.33 -42.52 -13.08
CA ILE O 9 19.34 -41.75 -13.82
C ILE O 9 18.10 -41.43 -12.97
N TYR O 10 17.89 -42.15 -11.88
CA TYR O 10 16.77 -41.87 -10.99
C TYR O 10 17.10 -40.85 -9.91
N ALA O 11 18.38 -40.57 -9.68
CA ALA O 11 18.80 -39.57 -8.70
C ALA O 11 19.68 -38.53 -9.39
N PRO O 12 19.09 -37.59 -10.12
CA PRO O 12 19.88 -36.53 -10.74
C PRO O 12 20.29 -35.48 -9.72
N LEU O 13 21.21 -34.62 -10.12
CA LEU O 13 21.81 -33.69 -9.19
C LEU O 13 20.95 -32.47 -8.91
N TYR O 14 19.88 -32.25 -9.66
CA TYR O 14 18.97 -31.14 -9.39
C TYR O 14 17.82 -31.54 -8.48
N ALA O 15 17.85 -32.77 -7.94
CA ALA O 15 16.77 -33.22 -7.08
C ALA O 15 16.63 -32.50 -5.72
N PRO O 16 17.69 -32.05 -5.02
CA PRO O 16 17.45 -31.27 -3.80
C PRO O 16 16.79 -29.91 -4.00
N PHE O 17 16.69 -29.40 -5.23
CA PHE O 17 15.92 -28.18 -5.48
C PHE O 17 14.47 -28.36 -5.05
N PHE O 18 13.87 -29.48 -5.40
CA PHE O 18 12.48 -29.76 -5.05
C PHE O 18 12.32 -30.21 -3.60
N GLY O 19 13.40 -30.54 -2.91
CA GLY O 19 13.32 -30.86 -1.50
C GLY O 19 13.41 -29.62 -0.63
N PHE O 20 14.33 -28.72 -0.99
CA PHE O 20 14.37 -27.45 -0.29
C PHE O 20 13.20 -26.55 -0.65
N ALA O 21 12.63 -26.69 -1.85
CA ALA O 21 11.34 -26.08 -2.15
C ALA O 21 10.23 -26.63 -1.28
N GLY O 22 10.28 -27.91 -0.91
CA GLY O 22 9.33 -28.49 0.01
C GLY O 22 9.48 -27.95 1.42
N CYS O 23 10.74 -27.80 1.87
CA CYS O 23 11.03 -27.11 3.12
C CYS O 23 10.45 -25.70 3.16
N ALA O 24 10.72 -24.92 2.10
CA ALA O 24 10.27 -23.53 2.07
C ALA O 24 8.76 -23.41 1.95
N ALA O 25 8.13 -24.29 1.17
CA ALA O 25 6.67 -24.26 1.07
C ALA O 25 6.01 -24.76 2.34
N ALA O 26 6.67 -25.66 3.08
CA ALA O 26 6.15 -26.11 4.36
C ALA O 26 6.28 -25.05 5.44
N MET O 27 7.32 -24.21 5.38
CA MET O 27 7.48 -23.20 6.41
C MET O 27 6.80 -21.88 6.10
N VAL O 28 6.98 -21.33 4.89
CA VAL O 28 6.52 -19.98 4.57
C VAL O 28 5.00 -19.90 4.57
N LEU O 29 4.34 -20.85 3.91
CA LEU O 29 2.89 -20.79 3.83
C LEU O 29 2.21 -21.17 5.13
N SER O 30 2.81 -22.06 5.93
CA SER O 30 2.28 -22.35 7.25
C SER O 30 2.45 -21.21 8.23
N CYS O 31 3.58 -20.50 8.22
CA CYS O 31 3.68 -19.33 9.07
C CYS O 31 2.88 -18.15 8.52
N LEU O 32 2.60 -18.13 7.20
CA LEU O 32 1.65 -17.17 6.65
C LEU O 32 0.24 -17.41 7.16
N GLY O 33 -0.18 -18.67 7.18
CA GLY O 33 -1.47 -19.00 7.75
C GLY O 33 -1.55 -18.73 9.24
N ALA O 34 -0.49 -19.07 9.97
CA ALA O 34 -0.41 -18.77 11.40
C ALA O 34 -0.43 -17.26 11.67
N ALA O 35 0.20 -16.47 10.82
CA ALA O 35 0.23 -15.02 11.01
C ALA O 35 -1.10 -14.37 10.67
N ILE O 36 -1.77 -14.81 9.60
CA ILE O 36 -3.13 -14.35 9.32
C ILE O 36 -4.06 -14.71 10.47
N GLY O 37 -3.94 -15.95 10.97
CA GLY O 37 -4.78 -16.40 12.06
C GLY O 37 -4.52 -15.70 13.38
N THR O 38 -3.29 -15.28 13.66
CA THR O 38 -3.05 -14.54 14.89
C THR O 38 -3.31 -13.04 14.75
N ALA O 39 -3.04 -12.43 13.59
CA ALA O 39 -3.26 -11.01 13.40
C ALA O 39 -4.72 -10.64 13.22
N LYS O 40 -5.44 -11.35 12.36
CA LYS O 40 -6.85 -11.08 12.14
C LYS O 40 -7.67 -11.34 13.40
N SER O 41 -7.27 -12.33 14.21
CA SER O 41 -7.96 -12.60 15.46
C SER O 41 -7.54 -11.66 16.58
N GLY O 42 -6.28 -11.21 16.60
CA GLY O 42 -5.86 -10.21 17.56
C GLY O 42 -6.49 -8.86 17.33
N ILE O 43 -6.86 -8.56 16.07
CA ILE O 43 -7.69 -7.40 15.78
C ILE O 43 -9.03 -7.50 16.51
N GLY O 44 -9.67 -8.66 16.47
CA GLY O 44 -10.95 -8.83 17.15
C GLY O 44 -10.84 -8.92 18.66
N ILE O 45 -9.70 -9.40 19.16
CA ILE O 45 -9.49 -9.45 20.61
C ILE O 45 -9.21 -8.06 21.15
N ALA O 46 -8.40 -7.27 20.46
CA ALA O 46 -8.13 -5.91 20.91
C ALA O 46 -9.29 -4.96 20.63
N GLY O 47 -10.18 -5.31 19.71
CA GLY O 47 -11.35 -4.48 19.46
C GLY O 47 -12.31 -4.45 20.63
N ILE O 48 -12.38 -5.52 21.40
CA ILE O 48 -13.20 -5.57 22.60
C ILE O 48 -12.36 -5.23 23.84
N GLY O 49 -11.23 -4.56 23.65
CA GLY O 49 -10.37 -4.24 24.78
C GLY O 49 -11.00 -3.28 25.77
N THR O 50 -11.77 -2.31 25.27
CA THR O 50 -12.42 -1.40 26.20
C THR O 50 -13.76 -1.95 26.67
N PHE O 51 -14.61 -2.36 25.74
CA PHE O 51 -15.91 -2.95 26.08
C PHE O 51 -15.68 -4.33 26.68
N LYS O 52 -15.84 -4.44 28.00
CA LYS O 52 -15.66 -5.65 28.80
C LYS O 52 -14.24 -6.20 28.66
N PRO O 53 -13.24 -5.58 29.30
CA PRO O 53 -11.86 -6.06 29.19
C PRO O 53 -11.60 -7.42 29.82
N GLU O 54 -12.50 -7.92 30.67
CA GLU O 54 -12.29 -9.17 31.38
C GLU O 54 -12.45 -10.41 30.49
N LEU O 55 -12.91 -10.25 29.26
CA LEU O 55 -13.08 -11.36 28.34
C LEU O 55 -11.94 -11.49 27.35
N ILE O 56 -10.78 -10.89 27.66
CA ILE O 56 -9.66 -10.95 26.73
C ILE O 56 -8.80 -12.18 26.98
N MET O 57 -8.45 -12.42 28.25
CA MET O 57 -7.57 -13.54 28.59
C MET O 57 -8.24 -14.89 28.38
N LYS O 58 -9.57 -14.93 28.37
CA LYS O 58 -10.29 -16.13 27.99
C LYS O 58 -10.35 -16.31 26.48
N SER O 59 -10.21 -15.22 25.72
CA SER O 59 -10.37 -15.24 24.28
C SER O 59 -9.07 -15.38 23.52
N LEU O 60 -7.96 -15.72 24.20
CA LEU O 60 -6.68 -15.90 23.53
C LEU O 60 -6.54 -17.26 22.87
N ILE O 61 -7.59 -18.07 22.85
CA ILE O 61 -7.57 -19.41 22.23
C ILE O 61 -7.42 -19.37 20.71
N PRO O 62 -8.09 -18.50 19.93
CA PRO O 62 -7.76 -18.45 18.49
C PRO O 62 -6.38 -17.88 18.16
N VAL O 63 -5.64 -17.36 19.14
CA VAL O 63 -4.24 -17.02 18.92
C VAL O 63 -3.35 -18.24 19.15
N VAL O 64 -3.66 -19.04 20.18
CA VAL O 64 -2.90 -20.24 20.47
C VAL O 64 -3.11 -21.29 19.38
N MET O 65 -4.36 -21.49 18.96
CA MET O 65 -4.65 -22.43 17.89
C MET O 65 -4.12 -21.97 16.54
N SER O 66 -3.89 -20.67 16.37
CA SER O 66 -3.17 -20.19 15.19
C SER O 66 -1.68 -20.46 15.29
N GLY O 67 -1.10 -20.31 16.49
CA GLY O 67 0.31 -20.60 16.68
C GLY O 67 0.66 -22.08 16.56
N ILE O 68 -0.30 -22.96 16.82
CA ILE O 68 -0.07 -24.41 16.61
C ILE O 68 0.11 -24.72 15.12
N LEU O 69 -0.51 -23.92 14.25
CA LEU O 69 -0.35 -24.13 12.81
C LEU O 69 1.06 -23.84 12.31
N ALA O 70 1.83 -23.05 13.05
CA ALA O 70 3.24 -22.88 12.72
C ALA O 70 4.08 -24.06 13.21
N ILE O 71 3.66 -24.70 14.30
CA ILE O 71 4.32 -25.92 14.75
C ILE O 71 4.08 -27.06 13.75
N TYR O 72 2.90 -27.07 13.13
CA TYR O 72 2.59 -28.07 12.10
C TYR O 72 3.53 -27.95 10.91
N GLY O 73 3.82 -26.72 10.48
CA GLY O 73 4.82 -26.52 9.44
C GLY O 73 6.25 -26.71 9.89
N LEU O 74 6.54 -26.40 11.17
CA LEU O 74 7.87 -26.61 11.73
C LEU O 74 8.26 -28.07 11.74
N VAL O 75 7.34 -28.95 12.13
CA VAL O 75 7.63 -30.39 12.22
C VAL O 75 7.99 -30.95 10.85
N VAL O 76 7.19 -30.63 9.83
CA VAL O 76 7.48 -31.16 8.51
C VAL O 76 8.67 -30.47 7.86
N ALA O 77 8.96 -29.21 8.21
CA ALA O 77 10.17 -28.59 7.69
C ALA O 77 11.43 -29.21 8.28
N VAL O 78 11.42 -29.54 9.57
CA VAL O 78 12.52 -30.29 10.18
C VAL O 78 12.65 -31.68 9.56
N LEU O 79 11.53 -32.35 9.30
CA LEU O 79 11.60 -33.70 8.76
C LEU O 79 11.94 -33.75 7.27
N ILE O 80 11.74 -32.66 6.54
CA ILE O 80 12.26 -32.61 5.17
C ILE O 80 13.74 -32.26 5.18
N ALA O 81 14.14 -31.29 6.01
CA ALA O 81 15.52 -30.87 6.07
C ALA O 81 16.45 -31.91 6.69
N GLY O 82 15.91 -32.88 7.43
CA GLY O 82 16.73 -33.97 7.92
C GLY O 82 17.04 -35.04 6.90
N ASN O 83 16.34 -35.06 5.77
CA ASN O 83 16.57 -36.04 4.71
C ASN O 83 17.39 -35.48 3.56
N LEU O 84 18.09 -34.37 3.77
CA LEU O 84 18.82 -33.67 2.73
C LEU O 84 20.28 -33.55 3.12
N SER O 85 21.16 -34.23 2.36
CA SER O 85 22.59 -34.23 2.63
C SER O 85 23.32 -34.25 1.29
N PRO O 86 24.43 -33.53 1.16
CA PRO O 86 25.14 -33.49 -0.13
C PRO O 86 25.97 -34.74 -0.43
N THR O 87 26.13 -35.65 0.52
CA THR O 87 26.93 -36.85 0.32
C THR O 87 26.09 -38.08 0.03
N GLU O 88 24.85 -38.11 0.49
CA GLU O 88 24.00 -39.26 0.23
C GLU O 88 23.29 -39.10 -1.11
N ASP O 89 22.89 -40.23 -1.68
CA ASP O 89 22.10 -40.19 -2.91
C ASP O 89 20.66 -39.78 -2.60
N TYR O 90 20.07 -39.02 -3.50
CA TYR O 90 18.79 -38.37 -3.26
C TYR O 90 18.01 -38.40 -4.57
N THR O 91 17.01 -39.27 -4.64
CA THR O 91 16.29 -39.49 -5.88
C THR O 91 15.38 -38.32 -6.20
N LEU O 92 15.03 -38.20 -7.49
CA LEU O 92 14.09 -37.18 -7.92
C LEU O 92 12.69 -37.48 -7.44
N PHE O 93 12.38 -38.77 -7.27
CA PHE O 93 11.15 -39.20 -6.60
C PHE O 93 11.07 -38.63 -5.19
N ASN O 94 12.18 -38.67 -4.45
CA ASN O 94 12.22 -38.11 -3.10
C ASN O 94 12.05 -36.60 -3.13
N GLY O 95 12.62 -35.93 -4.14
CA GLY O 95 12.48 -34.48 -4.22
C GLY O 95 11.08 -34.03 -4.57
N PHE O 96 10.45 -34.69 -5.54
CA PHE O 96 9.04 -34.45 -5.86
C PHE O 96 8.15 -34.75 -4.68
N MET O 97 8.49 -35.78 -3.91
CA MET O 97 7.67 -36.13 -2.76
C MET O 97 7.80 -35.12 -1.63
N HIS O 98 9.01 -34.60 -1.40
CA HIS O 98 9.16 -33.53 -0.42
C HIS O 98 8.52 -32.23 -0.87
N LEU O 99 8.56 -31.92 -2.18
CA LEU O 99 7.84 -30.77 -2.70
C LEU O 99 6.34 -30.90 -2.45
N SER O 100 5.78 -32.08 -2.73
CA SER O 100 4.36 -32.31 -2.48
C SER O 100 3.99 -32.32 -1.00
N CYS O 101 4.83 -32.84 -0.11
CA CYS O 101 4.47 -32.86 1.30
C CYS O 101 4.68 -31.51 1.97
N GLY O 102 5.58 -30.68 1.46
CA GLY O 102 5.57 -29.30 1.91
C GLY O 102 4.44 -28.49 1.34
N LEU O 103 4.06 -28.76 0.10
CA LEU O 103 3.03 -28.01 -0.59
C LEU O 103 1.63 -28.34 -0.10
N CYS O 104 1.40 -29.55 0.40
CA CYS O 104 0.10 -29.95 0.92
C CYS O 104 -0.03 -29.68 2.41
N VAL O 105 1.02 -29.26 3.09
CA VAL O 105 0.89 -28.75 4.45
C VAL O 105 0.91 -27.22 4.48
N GLY O 106 1.56 -26.57 3.50
CA GLY O 106 1.61 -25.12 3.52
C GLY O 106 0.26 -24.49 3.21
N PHE O 107 -0.41 -24.96 2.16
CA PHE O 107 -1.73 -24.44 1.86
C PHE O 107 -2.80 -24.97 2.80
N ALA O 108 -2.61 -26.16 3.39
CA ALA O 108 -3.49 -26.64 4.44
C ALA O 108 -3.46 -25.74 5.67
N CYS O 109 -2.27 -25.41 6.18
CA CYS O 109 -2.15 -24.48 7.29
C CYS O 109 -2.51 -23.06 6.91
N LEU O 110 -2.33 -22.67 5.65
CA LEU O 110 -2.77 -21.35 5.19
C LEU O 110 -4.28 -21.22 5.21
N SER O 111 -4.98 -22.23 4.68
CA SER O 111 -6.44 -22.22 4.71
C SER O 111 -6.98 -22.34 6.13
N SER O 112 -6.34 -23.17 6.96
CA SER O 112 -6.77 -23.29 8.36
C SER O 112 -6.52 -21.99 9.13
N GLY O 113 -5.45 -21.27 8.81
CA GLY O 113 -5.22 -19.98 9.45
C GLY O 113 -6.17 -18.90 8.99
N TYR O 114 -6.52 -18.90 7.70
CA TYR O 114 -7.58 -18.01 7.22
C TYR O 114 -8.91 -18.30 7.90
N ALA O 115 -9.24 -19.58 8.08
CA ALA O 115 -10.48 -19.96 8.72
C ALA O 115 -10.50 -19.58 10.21
N ILE O 116 -9.40 -19.82 10.92
CA ILE O 116 -9.31 -19.41 12.33
C ILE O 116 -9.34 -17.89 12.47
N GLY O 117 -8.67 -17.17 11.58
CA GLY O 117 -8.69 -15.72 11.64
C GLY O 117 -10.06 -15.12 11.34
N MET O 118 -10.79 -15.68 10.38
CA MET O 118 -12.13 -15.17 10.09
C MET O 118 -13.16 -15.60 11.13
N VAL O 119 -12.98 -16.76 11.76
CA VAL O 119 -13.95 -17.20 12.77
C VAL O 119 -13.69 -16.53 14.11
N GLY O 120 -12.47 -16.63 14.62
CA GLY O 120 -12.14 -16.22 15.96
C GLY O 120 -11.87 -14.77 16.18
N ASP O 121 -12.21 -13.89 15.24
CA ASP O 121 -12.37 -12.49 15.58
C ASP O 121 -13.81 -12.04 15.57
N VAL O 122 -14.61 -12.58 14.64
CA VAL O 122 -16.05 -12.35 14.66
C VAL O 122 -16.66 -12.96 15.91
N GLY O 123 -16.19 -14.14 16.31
CA GLY O 123 -16.71 -14.77 17.51
C GLY O 123 -16.32 -14.02 18.77
N VAL O 124 -15.07 -13.61 18.86
CA VAL O 124 -14.61 -12.85 20.02
C VAL O 124 -15.24 -11.47 20.05
N ARG O 125 -15.55 -10.92 18.88
CA ARG O 125 -16.11 -9.58 18.78
C ARG O 125 -17.60 -9.58 19.08
N LYS O 126 -18.27 -10.71 18.83
CA LYS O 126 -19.67 -10.84 19.23
C LYS O 126 -19.80 -11.43 20.63
N TYR O 127 -18.70 -11.94 21.18
CA TYR O 127 -18.71 -12.57 22.50
C TYR O 127 -18.87 -11.58 23.63
N MET O 128 -18.61 -10.29 23.39
CA MET O 128 -18.84 -9.29 24.44
C MET O 128 -20.32 -9.03 24.68
N HIS O 129 -21.20 -9.44 23.77
CA HIS O 129 -22.63 -9.31 23.96
C HIS O 129 -23.23 -10.55 24.61
N GLN O 130 -22.92 -11.72 24.06
CA GLN O 130 -23.46 -12.99 24.55
C GLN O 130 -22.33 -13.83 25.15
N PRO O 131 -22.31 -14.05 26.46
CA PRO O 131 -21.26 -14.87 27.07
C PRO O 131 -21.43 -16.37 26.86
N ARG O 132 -22.51 -16.82 26.20
CA ARG O 132 -22.72 -18.22 25.91
C ARG O 132 -22.17 -18.64 24.56
N LEU O 133 -21.48 -17.74 23.86
CA LEU O 133 -20.94 -18.06 22.55
C LEU O 133 -19.68 -18.90 22.62
N PHE O 134 -19.01 -18.94 23.77
CA PHE O 134 -17.62 -19.40 23.86
C PHE O 134 -17.45 -20.87 23.51
N VAL O 135 -18.42 -21.72 23.87
CA VAL O 135 -18.35 -23.13 23.53
C VAL O 135 -18.48 -23.35 22.04
N GLY O 136 -19.41 -22.63 21.40
CA GLY O 136 -19.53 -22.70 19.95
C GLY O 136 -18.34 -22.12 19.22
N ILE O 137 -17.72 -21.08 19.78
CA ILE O 137 -16.52 -20.48 19.18
C ILE O 137 -15.37 -21.48 19.21
N VAL O 138 -15.14 -22.10 20.37
CA VAL O 138 -14.09 -23.12 20.51
C VAL O 138 -14.37 -24.32 19.61
N LEU O 139 -15.65 -24.69 19.44
CA LEU O 139 -15.99 -25.83 18.58
C LEU O 139 -15.70 -25.53 17.11
N ILE O 140 -16.09 -24.34 16.63
CA ILE O 140 -15.81 -23.97 15.24
C ILE O 140 -14.31 -23.80 15.02
N LEU O 141 -13.57 -23.32 16.04
CA LEU O 141 -12.12 -23.26 15.93
C LEU O 141 -11.47 -24.64 15.87
N ILE O 142 -12.02 -25.63 16.56
CA ILE O 142 -11.49 -26.99 16.44
C ILE O 142 -11.76 -27.55 15.04
N PHE O 143 -12.98 -27.34 14.51
CA PHE O 143 -13.28 -27.79 13.15
C PHE O 143 -12.46 -27.07 12.11
N SER O 144 -12.04 -25.83 12.38
CA SER O 144 -11.24 -25.11 11.40
C SER O 144 -9.75 -25.28 11.65
N GLU O 145 -9.38 -25.93 12.76
CA GLU O 145 -7.97 -26.14 13.06
C GLU O 145 -7.54 -27.56 12.73
N VAL O 146 -8.50 -28.48 12.57
CA VAL O 146 -8.14 -29.82 12.12
C VAL O 146 -7.84 -29.84 10.63
N LEU O 147 -8.11 -28.73 9.92
CA LEU O 147 -7.81 -28.59 8.50
C LEU O 147 -6.31 -28.66 8.25
N GLY O 148 -5.51 -28.06 9.13
CA GLY O 148 -4.07 -28.18 9.04
C GLY O 148 -3.53 -29.48 9.57
N LEU O 149 -4.23 -30.10 10.52
CA LEU O 149 -3.85 -31.41 11.00
C LEU O 149 -3.99 -32.47 9.91
N TYR O 150 -5.03 -32.35 9.08
CA TYR O 150 -5.20 -33.22 7.91
C TYR O 150 -4.02 -33.11 6.95
N GLY O 151 -3.59 -31.88 6.65
CA GLY O 151 -2.43 -31.68 5.80
C GLY O 151 -1.14 -32.16 6.40
N MET O 152 -0.98 -32.02 7.72
CA MET O 152 0.22 -32.55 8.37
C MET O 152 0.24 -34.07 8.36
N ILE O 153 -0.93 -34.71 8.52
CA ILE O 153 -1.01 -36.17 8.43
C ILE O 153 -0.64 -36.65 7.03
N VAL O 154 -1.15 -35.96 6.00
CA VAL O 154 -0.78 -36.29 4.63
C VAL O 154 0.72 -36.07 4.39
N ALA O 155 1.27 -34.99 4.92
CA ALA O 155 2.70 -34.69 4.79
C ALA O 155 3.58 -35.73 5.48
N LEU O 156 3.19 -36.21 6.67
CA LEU O 156 3.98 -37.22 7.37
C LEU O 156 3.93 -38.56 6.66
N ILE O 157 2.73 -38.97 6.22
CA ILE O 157 2.60 -40.22 5.47
C ILE O 157 3.36 -40.14 4.15
N LEU O 158 3.35 -38.97 3.52
CA LEU O 158 4.01 -38.77 2.24
C LEU O 158 5.53 -38.72 2.39
N ASN O 159 6.03 -38.15 3.49
CA ASN O 159 7.45 -38.17 3.81
C ASN O 159 7.94 -39.59 4.06
N THR O 160 7.19 -40.38 4.85
CA THR O 160 7.60 -41.76 5.10
C THR O 160 7.46 -42.63 3.86
N ARG O 161 6.55 -42.29 2.94
CA ARG O 161 6.42 -43.04 1.70
C ARG O 161 7.56 -42.73 0.74
N GLY O 162 7.95 -41.46 0.63
CA GLY O 162 8.90 -41.05 -0.38
C GLY O 162 10.36 -41.28 -0.06
N SER O 163 10.68 -41.88 1.09
CA SER O 163 12.08 -42.09 1.47
C SER O 163 12.36 -43.57 1.71
#